data_7R06
#
_entry.id   7R06
#
_cell.length_a   1.00
_cell.length_b   1.00
_cell.length_c   1.00
_cell.angle_alpha   90.00
_cell.angle_beta   90.00
_cell.angle_gamma   90.00
#
_symmetry.space_group_name_H-M   'P 1'
#
loop_
_entity.id
_entity.type
_entity.pdbx_description
1 polymer AbiK
2 polymer "DNA (5'-D(*CP*CP*CP*CP*CP*CP*CP*CP*CP*CP*CP*C)-3')"
#
loop_
_entity_poly.entity_id
_entity_poly.type
_entity_poly.pdbx_seq_one_letter_code
_entity_poly.pdbx_strand_id
1 'polypeptide(L)'
;GSMKKEFTELYDFIFDPIFLVRYGYYDRSIKNKKMNTAKVELDNE(PTR)GKSDSFYFKVFNMESFADYLRSHDLKTHFN
GKKPLSTDPVYFNIPKNIEARRQYKMPNLYSYMALNYYICDNKKEFIEVFIDNKFSTSKFFNQLNFDYPKTQEITQTLLY
GGIKKLHLDLSNFYHTLYTHSIPWMIDGKSASKQNRKKGFSNTLDTLITACQYDETHGIPTGNLLSRIITELYMCHFDKQ
MEYKKFVYSRYVDDFIFPFTFENEKQEFLNEFNLICRENNLIINDNKTKVDNFPFVDKSSKSDIFSFFENITSTNSNDKW
IKEISNFIDYCVNEEHLGNKGAIKCIFPVITNTLKQKKVDTKNIDNIFSKRNMVTNFNVFEKILDLSLKDSRLTNKFLTF
FENINEFGFSSLSASNIVKKYFSNNSKGLKEKIDHYRKNNFNQELYQILLYMVVFEIDDLLNQEELLNLIDLNIDDYSLI
LGTILYLKNSSYKLEKLLKKIDQLFINTHANYDVKTSRMAEKLWLFRYFFYFLNCKNIFSQKEINSYCQSQNYNSGQNGY
QTELNWNYIKGQGKDLRANNFFNELIVKEVWLISCGENEDFKYLN
;
A,B,C,D,E,F
2 'polydeoxyribonucleotide' (DC)(DC)(DC)(DC)(DC)(DC)(DC)(DC)(DC)(DC)(DC)(DC) G,H,I,J,K,L
#
loop_
_chem_comp.id
_chem_comp.type
_chem_comp.name
_chem_comp.formula
DC DNA linking 2'-DEOXYCYTIDINE-5'-MONOPHOSPHATE 'C9 H14 N3 O7 P'
#
# COMPACT_ATOMS: atom_id res chain seq x y z
N SER A 2 -6.55 -18.35 -49.43
CA SER A 2 -5.52 -18.80 -48.50
C SER A 2 -5.00 -17.66 -47.64
N MET A 3 -4.42 -18.01 -46.49
CA MET A 3 -3.80 -17.03 -45.62
C MET A 3 -2.63 -16.35 -46.33
N LYS A 4 -1.74 -17.15 -46.92
CA LYS A 4 -0.61 -16.62 -47.67
C LYS A 4 -1.07 -15.64 -48.74
N LYS A 5 -2.17 -15.95 -49.42
CA LYS A 5 -2.59 -15.15 -50.56
C LYS A 5 -3.25 -13.84 -50.12
N GLU A 6 -3.96 -13.84 -48.99
CA GLU A 6 -4.39 -12.57 -48.41
C GLU A 6 -3.21 -11.70 -48.01
N PHE A 7 -2.21 -12.28 -47.33
CA PHE A 7 -1.00 -11.54 -47.00
C PHE A 7 -0.38 -10.94 -48.25
N THR A 8 -0.27 -11.74 -49.31
CA THR A 8 0.40 -11.29 -50.52
C THR A 8 -0.37 -10.16 -51.17
N GLU A 9 -1.70 -10.27 -51.24
CA GLU A 9 -2.50 -9.16 -51.76
C GLU A 9 -2.23 -7.88 -50.98
N LEU A 10 -2.26 -7.97 -49.65
CA LEU A 10 -2.08 -6.77 -48.85
C LEU A 10 -0.70 -6.15 -49.06
N TYR A 11 0.34 -6.99 -49.15
CA TYR A 11 1.69 -6.44 -49.29
C TYR A 11 1.99 -5.95 -50.70
N ASP A 12 1.40 -6.54 -51.75
CA ASP A 12 1.56 -5.90 -53.06
C ASP A 12 0.76 -4.61 -53.15
N PHE A 13 -0.33 -4.48 -52.39
CA PHE A 13 -0.96 -3.17 -52.32
C PHE A 13 -0.05 -2.17 -51.64
N ILE A 14 0.52 -2.55 -50.49
CA ILE A 14 1.21 -1.59 -49.64
C ILE A 14 2.54 -1.16 -50.26
N PHE A 15 3.31 -2.10 -50.80
CA PHE A 15 4.67 -1.79 -51.22
C PHE A 15 4.68 -1.19 -52.63
N ASP A 16 4.06 -0.02 -52.74
CA ASP A 16 4.00 0.75 -53.97
C ASP A 16 4.45 2.16 -53.62
N PRO A 17 5.36 2.76 -54.39
CA PRO A 17 5.87 4.09 -54.02
C PRO A 17 4.78 5.14 -53.88
N ILE A 18 3.81 5.13 -54.80
CA ILE A 18 2.74 6.12 -54.74
C ILE A 18 1.87 5.89 -53.52
N PHE A 19 1.56 4.63 -53.19
CA PHE A 19 0.88 4.34 -51.94
C PHE A 19 1.69 4.83 -50.75
N LEU A 20 2.99 4.55 -50.77
CA LEU A 20 3.84 4.79 -49.62
C LEU A 20 4.07 6.27 -49.36
N VAL A 21 3.84 7.13 -50.33
CA VAL A 21 3.87 8.56 -50.08
C VAL A 21 2.48 9.15 -49.88
N ARG A 22 1.49 8.69 -50.64
CA ARG A 22 0.15 9.28 -50.57
C ARG A 22 -0.52 9.00 -49.22
N TYR A 23 -0.32 7.81 -48.66
CA TYR A 23 -0.80 7.52 -47.31
C TYR A 23 0.31 7.27 -46.31
N GLY A 24 1.50 6.89 -46.76
CA GLY A 24 2.57 6.55 -45.85
C GLY A 24 3.24 7.73 -45.17
N TYR A 25 3.39 8.85 -45.87
CA TYR A 25 4.16 9.96 -45.32
C TYR A 25 3.53 10.48 -44.03
N TYR A 26 2.22 10.64 -44.02
CA TYR A 26 1.50 11.13 -42.86
C TYR A 26 0.84 10.00 -42.07
N ASP A 27 1.22 8.75 -42.34
CA ASP A 27 0.74 7.57 -41.62
C ASP A 27 -0.79 7.47 -41.69
N ARG A 28 -1.31 7.39 -42.90
CA ARG A 28 -2.73 7.25 -43.14
C ARG A 28 -3.07 5.79 -43.48
N SER A 29 -4.27 5.38 -43.10
CA SER A 29 -4.75 4.05 -43.39
C SER A 29 -6.07 4.14 -44.16
N ILE A 30 -6.25 3.22 -45.11
CA ILE A 30 -7.49 3.09 -45.86
C ILE A 30 -7.99 1.66 -45.71
N LYS A 31 -9.31 1.50 -45.70
CA LYS A 31 -9.91 0.20 -45.45
C LYS A 31 -10.23 -0.58 -46.72
N ASN A 32 -10.12 0.03 -47.89
CA ASN A 32 -10.47 -0.62 -49.14
C ASN A 32 -9.56 -0.14 -50.25
N LYS A 33 -9.18 -1.06 -51.14
CA LYS A 33 -8.26 -0.69 -52.22
C LYS A 33 -8.88 0.34 -53.15
N LYS A 34 -10.20 0.33 -53.29
CA LYS A 34 -10.86 1.28 -54.17
C LYS A 34 -10.83 2.71 -53.66
N MET A 35 -10.48 2.90 -52.39
CA MET A 35 -10.26 4.24 -51.86
C MET A 35 -9.04 4.90 -52.49
N ASN A 36 -8.14 4.10 -53.07
CA ASN A 36 -6.89 4.59 -53.66
C ASN A 36 -7.18 5.06 -55.10
N THR A 37 -7.94 6.14 -55.18
CA THR A 37 -8.41 6.64 -56.47
C THR A 37 -7.29 7.31 -57.25
N ALA A 38 -7.47 7.37 -58.56
CA ALA A 38 -6.51 7.97 -59.47
C ALA A 38 -6.75 9.47 -59.68
N LYS A 39 -7.34 10.14 -58.71
CA LYS A 39 -7.60 11.56 -58.78
C LYS A 39 -7.17 12.21 -57.47
N VAL A 40 -7.02 13.53 -57.51
CA VAL A 40 -6.71 14.28 -56.29
C VAL A 40 -7.96 14.33 -55.42
N GLU A 41 -7.82 13.89 -54.17
CA GLU A 41 -8.90 13.96 -53.20
C GLU A 41 -8.75 15.23 -52.38
N LEU A 42 -9.76 16.10 -52.41
CA LEU A 42 -9.73 17.29 -51.59
C LEU A 42 -10.91 17.40 -50.63
N ASP A 43 -12.14 17.25 -51.12
CA ASP A 43 -13.30 17.61 -50.31
C ASP A 43 -13.59 16.56 -49.24
N ASN A 44 -13.25 15.31 -49.49
CA ASN A 44 -13.49 14.24 -48.55
C ASN A 44 -12.17 13.61 -48.13
N GLU A 45 -12.25 12.75 -47.13
CA GLU A 45 -11.10 11.96 -46.72
C GLU A 45 -11.49 10.51 -46.56
N PTR A 46 -10.86 9.64 -47.35
CA PTR A 46 -11.01 8.21 -47.18
C PTR A 46 -10.12 7.74 -46.05
O PTR A 46 -10.46 6.82 -45.30
CB PTR A 46 -10.66 7.47 -48.47
CG PTR A 46 -11.45 7.89 -49.67
CD1 PTR A 46 -12.82 7.72 -49.72
CD2 PTR A 46 -10.82 8.45 -50.76
CE1 PTR A 46 -13.55 8.12 -50.83
CE2 PTR A 46 -11.53 8.85 -51.87
CZ PTR A 46 -12.89 8.67 -51.91
OH PTR A 46 -13.54 9.07 -52.97
P PTR A 46 -14.67 8.21 -53.74
O1P PTR A 46 -14.16 6.80 -54.09
O2P PTR A 46 -15.95 8.15 -52.86
O3P PTR A 46 -14.98 8.92 -54.99
N GLY A 47 -8.97 8.37 -45.95
CA GLY A 47 -7.95 7.94 -45.02
C GLY A 47 -8.26 8.16 -43.56
N LYS A 48 -7.55 7.42 -42.72
CA LYS A 48 -7.63 7.55 -41.28
C LYS A 48 -6.23 7.85 -40.78
N SER A 49 -6.07 8.99 -40.11
CA SER A 49 -4.77 9.42 -39.63
C SER A 49 -4.92 10.05 -38.25
N ASP A 50 -3.84 9.99 -37.47
CA ASP A 50 -3.86 10.51 -36.11
C ASP A 50 -2.87 11.64 -35.87
N SER A 51 -2.17 12.12 -36.89
CA SER A 51 -1.08 13.06 -36.68
C SER A 51 -1.37 14.44 -37.26
N PHE A 52 -1.62 14.54 -38.56
CA PHE A 52 -1.63 15.83 -39.24
C PHE A 52 -2.95 16.02 -39.98
N TYR A 53 -3.43 17.27 -39.96
CA TYR A 53 -4.69 17.60 -40.61
C TYR A 53 -4.56 17.51 -42.12
N PHE A 54 -5.35 16.63 -42.73
CA PHE A 54 -5.22 16.41 -44.17
C PHE A 54 -5.69 17.62 -44.99
N LYS A 55 -6.70 18.34 -44.51
CA LYS A 55 -7.15 19.45 -45.34
C LYS A 55 -6.13 20.57 -45.46
N VAL A 56 -5.07 20.56 -44.67
CA VAL A 56 -3.97 21.50 -44.81
C VAL A 56 -2.71 20.80 -45.32
N PHE A 57 -2.34 19.69 -44.70
CA PHE A 57 -1.11 18.97 -44.99
C PHE A 57 -1.45 17.60 -45.56
N ASN A 58 -1.11 17.36 -46.81
CA ASN A 58 -1.37 16.06 -47.43
C ASN A 58 -0.45 15.91 -48.64
N MET A 59 -0.46 14.69 -49.19
CA MET A 59 0.42 14.33 -50.30
C MET A 59 -0.36 14.10 -51.59
N GLU A 60 -1.59 14.59 -51.68
CA GLU A 60 -2.43 14.31 -52.83
C GLU A 60 -1.87 14.91 -54.11
N SER A 61 -1.41 16.16 -54.06
CA SER A 61 -0.81 16.77 -55.25
C SER A 61 0.48 16.06 -55.66
N PHE A 62 1.32 15.71 -54.68
CA PHE A 62 2.52 14.95 -54.99
C PHE A 62 2.19 13.59 -55.59
N ALA A 63 1.20 12.89 -55.03
CA ALA A 63 0.82 11.58 -55.55
C ALA A 63 0.26 11.68 -56.97
N ASP A 64 -0.52 12.73 -57.23
CA ASP A 64 -0.99 12.98 -58.59
C ASP A 64 0.18 13.23 -59.54
N TYR A 65 1.18 13.98 -59.09
CA TYR A 65 2.38 14.19 -59.90
C TYR A 65 3.08 12.86 -60.20
N LEU A 66 3.24 12.02 -59.18
CA LEU A 66 3.93 10.74 -59.35
C LEU A 66 3.17 9.84 -60.30
N ARG A 67 1.84 9.92 -60.29
CA ARG A 67 1.00 9.04 -61.09
C ARG A 67 1.23 9.18 -62.59
N SER A 68 1.77 10.30 -63.04
CA SER A 68 1.99 10.52 -64.47
C SER A 68 3.44 10.73 -64.85
N HIS A 69 4.28 11.22 -63.93
CA HIS A 69 5.69 11.47 -64.20
C HIS A 69 6.54 10.61 -63.29
N ASP A 70 7.70 10.21 -63.79
CA ASP A 70 8.59 9.30 -63.10
C ASP A 70 9.79 10.06 -62.55
N LEU A 71 9.99 9.99 -61.23
CA LEU A 71 11.13 10.63 -60.59
C LEU A 71 12.25 9.65 -60.24
N LYS A 72 12.30 8.50 -60.92
CA LYS A 72 13.43 7.60 -60.76
C LYS A 72 14.76 8.27 -61.08
N THR A 73 14.78 9.14 -62.10
CA THR A 73 16.03 9.73 -62.56
C THR A 73 16.73 10.55 -61.49
N HIS A 74 16.00 11.13 -60.55
CA HIS A 74 16.60 11.93 -59.49
C HIS A 74 17.31 11.09 -58.46
N PHE A 75 17.12 9.76 -58.49
CA PHE A 75 17.44 8.83 -57.42
C PHE A 75 18.33 7.71 -57.94
N ASN A 76 19.36 8.08 -58.69
CA ASN A 76 20.33 7.13 -59.18
C ASN A 76 21.73 7.36 -58.65
N GLY A 77 22.02 8.55 -58.12
CA GLY A 77 23.31 8.82 -57.51
C GLY A 77 23.60 7.88 -56.35
N LYS A 78 24.81 7.34 -56.29
CA LYS A 78 25.12 6.28 -55.33
C LYS A 78 24.98 6.77 -53.89
N LYS A 79 25.63 7.88 -53.56
CA LYS A 79 25.60 8.40 -52.20
C LYS A 79 24.31 9.19 -52.00
N PRO A 80 23.43 8.77 -51.09
CA PRO A 80 22.20 9.53 -50.87
C PRO A 80 22.49 10.86 -50.18
N LEU A 81 21.80 11.90 -50.65
CA LEU A 81 21.99 13.23 -50.10
C LEU A 81 21.47 13.30 -48.67
N SER A 82 22.23 13.92 -47.79
CA SER A 82 21.83 14.10 -46.40
C SER A 82 20.95 15.33 -46.24
N THR A 83 19.86 15.18 -45.48
CA THR A 83 18.90 16.25 -45.28
C THR A 83 18.45 16.28 -43.83
N ASP A 84 17.92 17.41 -43.43
CA ASP A 84 17.35 17.59 -42.09
C ASP A 84 15.85 17.36 -42.14
N PRO A 85 15.29 16.59 -41.19
CA PRO A 85 13.83 16.43 -41.14
C PRO A 85 13.16 17.54 -40.35
N VAL A 86 11.84 17.55 -40.40
CA VAL A 86 11.05 18.40 -39.53
C VAL A 86 10.93 17.72 -38.17
N TYR A 87 11.50 18.33 -37.15
CA TYR A 87 11.37 17.83 -35.78
C TYR A 87 10.03 18.29 -35.24
N PHE A 88 9.23 17.35 -34.75
CA PHE A 88 7.87 17.67 -34.32
C PHE A 88 7.57 16.83 -33.08
N ASN A 89 7.65 17.47 -31.92
CA ASN A 89 7.54 16.80 -30.64
C ASN A 89 6.07 16.76 -30.20
N ILE A 90 5.61 15.60 -29.76
CA ILE A 90 4.21 15.41 -29.38
C ILE A 90 4.17 14.84 -27.98
N PRO A 91 3.03 15.01 -27.28
CA PRO A 91 2.90 14.41 -25.95
C PRO A 91 2.88 12.88 -26.03
N LYS A 92 3.61 12.26 -25.10
CA LYS A 92 3.47 10.83 -24.88
C LYS A 92 2.33 10.53 -23.93
N ASN A 93 2.16 11.39 -22.93
CA ASN A 93 1.06 11.40 -21.99
C ASN A 93 0.97 12.81 -21.43
N ILE A 94 0.27 12.98 -20.31
CA ILE A 94 0.16 14.31 -19.73
C ILE A 94 1.50 14.82 -19.20
N GLU A 95 2.48 13.93 -19.03
CA GLU A 95 3.80 14.33 -18.54
C GLU A 95 4.90 14.23 -19.59
N ALA A 96 5.05 13.07 -20.23
CA ALA A 96 6.21 12.77 -21.06
C ALA A 96 6.01 13.24 -22.50
N ARG A 97 7.10 13.22 -23.26
CA ARG A 97 7.14 13.67 -24.65
C ARG A 97 7.62 12.56 -25.58
N ARG A 98 7.29 12.72 -26.86
CA ARG A 98 7.71 11.79 -27.90
C ARG A 98 8.06 12.57 -29.15
N GLN A 99 9.19 12.24 -29.74
CA GLN A 99 9.74 12.99 -30.87
C GLN A 99 9.40 12.32 -32.19
N TYR A 100 8.75 13.07 -33.08
CA TYR A 100 8.63 12.69 -34.47
C TYR A 100 9.68 13.42 -35.30
N LYS A 101 10.01 12.82 -36.43
CA LYS A 101 10.97 13.41 -37.38
C LYS A 101 10.39 13.15 -38.76
N MET A 102 9.80 14.18 -39.36
CA MET A 102 9.19 14.05 -40.66
C MET A 102 10.26 14.32 -41.71
N PRO A 103 10.71 13.30 -42.45
CA PRO A 103 11.87 13.50 -43.33
C PRO A 103 11.58 14.44 -44.48
N ASN A 104 12.63 15.15 -44.89
CA ASN A 104 12.66 15.79 -46.21
C ASN A 104 12.05 14.88 -47.26
N LEU A 105 11.15 15.44 -48.06
CA LEU A 105 10.42 14.65 -49.05
C LEU A 105 11.38 13.96 -50.02
N TYR A 106 12.50 14.60 -50.35
CA TYR A 106 13.50 14.00 -51.22
C TYR A 106 14.09 12.72 -50.61
N SER A 107 14.50 12.79 -49.34
CA SER A 107 15.05 11.63 -48.65
C SER A 107 13.98 10.56 -48.45
N TYR A 108 12.77 10.97 -48.09
CA TYR A 108 11.66 10.04 -48.03
C TYR A 108 11.52 9.25 -49.33
N MET A 109 11.54 9.95 -50.47
CA MET A 109 11.31 9.28 -51.74
C MET A 109 12.49 8.39 -52.11
N ALA A 110 13.71 8.77 -51.76
CA ALA A 110 14.85 7.87 -51.97
C ALA A 110 14.66 6.56 -51.20
N LEU A 111 14.35 6.65 -49.90
CA LEU A 111 14.06 5.47 -49.11
C LEU A 111 12.88 4.69 -49.68
N ASN A 112 11.87 5.42 -50.15
CA ASN A 112 10.64 4.82 -50.65
C ASN A 112 10.92 3.95 -51.86
N TYR A 113 11.62 4.49 -52.85
CA TYR A 113 11.93 3.68 -54.03
C TYR A 113 12.88 2.54 -53.70
N TYR A 114 13.82 2.75 -52.77
CA TYR A 114 14.70 1.64 -52.44
C TYR A 114 13.91 0.49 -51.82
N ILE A 115 12.97 0.82 -50.94
CA ILE A 115 12.20 -0.20 -50.25
C ILE A 115 11.25 -0.92 -51.21
N CYS A 116 10.61 -0.17 -52.11
CA CYS A 116 9.76 -0.84 -53.09
C CYS A 116 10.56 -1.63 -54.11
N ASP A 117 11.82 -1.25 -54.36
CA ASP A 117 12.66 -2.03 -55.26
C ASP A 117 13.12 -3.33 -54.61
N ASN A 118 13.22 -3.36 -53.29
CA ASN A 118 13.63 -4.54 -52.54
C ASN A 118 12.48 -5.11 -51.71
N LYS A 119 11.24 -4.92 -52.18
CA LYS A 119 10.06 -5.30 -51.40
C LYS A 119 10.05 -6.77 -51.01
N LYS A 120 10.69 -7.64 -51.80
CA LYS A 120 10.67 -9.07 -51.47
C LYS A 120 11.46 -9.35 -50.18
N GLU A 121 12.53 -8.58 -49.92
CA GLU A 121 13.23 -8.64 -48.64
C GLU A 121 12.26 -8.51 -47.47
N PHE A 122 11.24 -7.66 -47.63
CA PHE A 122 10.28 -7.41 -46.57
C PHE A 122 9.17 -8.44 -46.59
N ILE A 123 8.67 -8.77 -47.77
CA ILE A 123 7.46 -9.55 -47.92
C ILE A 123 7.69 -11.01 -47.54
N GLU A 124 8.84 -11.59 -47.92
CA GLU A 124 9.11 -12.96 -47.50
C GLU A 124 9.10 -13.11 -45.99
N VAL A 125 9.74 -12.17 -45.29
CA VAL A 125 9.79 -12.25 -43.83
C VAL A 125 8.41 -11.99 -43.23
N PHE A 126 7.70 -10.97 -43.72
CA PHE A 126 6.38 -10.67 -43.15
C PHE A 126 5.41 -11.83 -43.33
N ILE A 127 5.43 -12.45 -44.51
CA ILE A 127 4.50 -13.53 -44.79
C ILE A 127 4.90 -14.80 -44.02
N ASP A 128 6.19 -15.03 -43.84
CA ASP A 128 6.64 -16.16 -43.03
C ASP A 128 6.44 -15.94 -41.53
N ASN A 129 6.23 -14.71 -41.09
CA ASN A 129 6.12 -14.39 -39.68
C ASN A 129 4.78 -14.83 -39.10
N LYS A 130 4.80 -15.32 -37.85
CA LYS A 130 3.58 -15.74 -37.18
C LYS A 130 3.25 -14.99 -35.90
N PHE A 131 4.20 -14.27 -35.30
CA PHE A 131 3.97 -13.69 -33.99
C PHE A 131 3.53 -12.23 -34.02
N SER A 132 3.71 -11.53 -35.14
CA SER A 132 3.45 -10.11 -35.21
C SER A 132 1.99 -9.82 -35.55
N THR A 133 1.35 -9.04 -34.70
CA THR A 133 0.07 -8.43 -35.02
C THR A 133 0.23 -6.99 -35.50
N SER A 134 1.48 -6.53 -35.64
CA SER A 134 1.78 -5.18 -36.11
C SER A 134 2.21 -5.12 -37.57
N LYS A 135 2.36 -6.27 -38.22
CA LYS A 135 2.88 -6.34 -39.58
C LYS A 135 1.81 -6.09 -40.64
N PHE A 136 0.63 -5.60 -40.24
CA PHE A 136 -0.40 -5.17 -41.16
C PHE A 136 -0.56 -3.67 -41.22
N PHE A 137 0.02 -2.94 -40.26
CA PHE A 137 0.02 -1.48 -40.22
C PHE A 137 -1.37 -0.87 -40.36
N ASN A 138 -2.36 -1.52 -39.75
CA ASN A 138 -3.74 -1.03 -39.69
C ASN A 138 -4.32 -0.77 -41.07
N GLN A 139 -3.79 -1.51 -42.07
CA GLN A 139 -4.21 -1.21 -43.46
C GLN A 139 -5.33 -2.14 -43.91
N LEU A 140 -6.11 -1.70 -44.90
CA LEU A 140 -7.21 -2.52 -45.47
C LEU A 140 -8.15 -3.07 -44.41
N ASN A 141 -8.27 -4.39 -44.32
CA ASN A 141 -9.24 -5.05 -43.46
C ASN A 141 -8.59 -5.69 -42.25
N PHE A 142 -7.32 -5.41 -41.99
CA PHE A 142 -6.61 -5.98 -40.86
C PHE A 142 -6.66 -4.98 -39.71
N ASP A 143 -7.87 -4.78 -39.22
CA ASP A 143 -8.15 -3.81 -38.18
C ASP A 143 -8.03 -4.47 -36.80
N TYR A 144 -8.47 -3.74 -35.77
CA TYR A 144 -8.14 -4.12 -34.39
C TYR A 144 -8.74 -5.46 -33.98
N PRO A 145 -10.03 -5.76 -34.21
CA PRO A 145 -10.53 -7.09 -33.81
C PRO A 145 -9.83 -8.25 -34.48
N LYS A 146 -9.41 -8.13 -35.76
CA LYS A 146 -8.69 -9.21 -36.41
C LYS A 146 -7.32 -9.45 -35.76
N THR A 147 -6.60 -8.37 -35.44
CA THR A 147 -5.31 -8.53 -34.78
C THR A 147 -5.48 -9.13 -33.39
N GLN A 148 -6.55 -8.76 -32.69
CA GLN A 148 -6.82 -9.38 -31.40
C GLN A 148 -7.16 -10.84 -31.54
N GLU A 149 -7.85 -11.21 -32.63
CA GLU A 149 -8.11 -12.61 -32.92
C GLU A 149 -6.81 -13.39 -33.08
N ILE A 150 -5.86 -12.83 -33.83
CA ILE A 150 -4.56 -13.47 -34.01
C ILE A 150 -3.84 -13.60 -32.67
N THR A 151 -3.85 -12.54 -31.88
CA THR A 151 -3.20 -12.59 -30.56
C THR A 151 -3.82 -13.67 -29.68
N GLN A 152 -5.15 -13.75 -29.67
CA GLN A 152 -5.82 -14.77 -28.86
C GLN A 152 -5.40 -16.17 -29.29
N THR A 153 -5.32 -16.41 -30.60
CA THR A 153 -4.84 -17.71 -31.06
C THR A 153 -3.42 -17.97 -30.59
N LEU A 154 -2.56 -16.96 -30.64
CA LEU A 154 -1.16 -17.15 -30.23
C LEU A 154 -1.03 -17.41 -28.73
N LEU A 155 -1.97 -16.94 -27.93
CA LEU A 155 -1.86 -17.10 -26.48
C LEU A 155 -2.48 -18.39 -25.95
N TYR A 156 -2.81 -19.34 -26.83
CA TYR A 156 -3.42 -20.59 -26.39
C TYR A 156 -2.46 -21.43 -25.55
N GLY A 157 -3.03 -22.20 -24.64
CA GLY A 157 -2.30 -23.16 -23.85
C GLY A 157 -1.61 -22.59 -22.63
N GLY A 158 -1.67 -21.29 -22.41
CA GLY A 158 -0.91 -20.64 -21.36
C GLY A 158 -1.77 -20.30 -20.17
N ILE A 159 -1.29 -20.68 -18.99
CA ILE A 159 -1.95 -20.31 -17.75
C ILE A 159 -1.45 -18.98 -17.21
N LYS A 160 -0.36 -18.46 -17.74
CA LYS A 160 0.22 -17.20 -17.31
C LYS A 160 0.67 -16.44 -18.56
N LYS A 161 0.67 -15.12 -18.46
CA LYS A 161 1.17 -14.25 -19.50
C LYS A 161 2.29 -13.39 -18.94
N LEU A 162 3.41 -13.36 -19.64
CA LEU A 162 4.49 -12.44 -19.34
C LEU A 162 4.46 -11.30 -20.33
N HIS A 163 4.42 -10.08 -19.80
CA HIS A 163 4.43 -8.86 -20.61
C HIS A 163 5.81 -8.23 -20.55
N LEU A 164 6.41 -7.99 -21.72
CA LEU A 164 7.68 -7.30 -21.84
C LEU A 164 7.56 -6.16 -22.83
N ASP A 165 8.24 -5.07 -22.52
CA ASP A 165 8.33 -3.90 -23.39
C ASP A 165 9.79 -3.50 -23.56
N LEU A 166 10.09 -2.92 -24.71
CA LEU A 166 11.38 -2.31 -24.95
C LEU A 166 11.25 -0.82 -24.66
N SER A 167 12.21 -0.27 -23.93
CA SER A 167 12.14 1.13 -23.54
C SER A 167 12.70 2.02 -24.64
N ASN A 168 11.94 3.05 -25.02
CA ASN A 168 12.38 4.07 -25.98
C ASN A 168 12.86 3.43 -27.28
N PHE A 169 12.07 2.48 -27.78
CA PHE A 169 12.55 1.59 -28.84
C PHE A 169 12.86 2.34 -30.12
N TYR A 170 11.89 3.11 -30.63
CA TYR A 170 12.09 3.82 -31.89
C TYR A 170 13.16 4.89 -31.77
N HIS A 171 13.21 5.57 -30.63
CA HIS A 171 13.95 6.81 -30.49
C HIS A 171 15.40 6.60 -30.06
N THR A 172 15.76 5.41 -29.60
CA THR A 172 17.14 5.10 -29.24
C THR A 172 17.71 3.94 -30.05
N LEU A 173 16.96 3.44 -31.03
CA LEU A 173 17.43 2.32 -31.84
C LEU A 173 18.72 2.69 -32.55
N TYR A 174 19.77 1.92 -32.31
CA TYR A 174 21.03 2.11 -33.01
C TYR A 174 20.86 1.61 -34.45
N THR A 175 21.01 2.52 -35.41
CA THR A 175 20.67 2.19 -36.79
C THR A 175 21.66 1.21 -37.41
N HIS A 176 22.90 1.18 -36.94
CA HIS A 176 23.84 0.17 -37.43
C HIS A 176 23.56 -1.21 -36.86
N SER A 177 22.66 -1.32 -35.88
CA SER A 177 22.22 -2.63 -35.43
C SER A 177 21.17 -3.24 -36.35
N ILE A 178 20.63 -2.47 -37.31
CA ILE A 178 19.70 -3.04 -38.28
C ILE A 178 20.36 -4.11 -39.14
N PRO A 179 21.54 -3.88 -39.74
CA PRO A 179 22.21 -4.99 -40.44
C PRO A 179 22.60 -6.15 -39.53
N TRP A 180 22.85 -5.90 -38.24
CA TRP A 180 23.06 -7.01 -37.31
C TRP A 180 21.83 -7.89 -37.21
N MET A 181 20.67 -7.27 -37.01
CA MET A 181 19.44 -8.04 -36.87
C MET A 181 19.10 -8.78 -38.16
N ILE A 182 19.28 -8.11 -39.30
CA ILE A 182 18.93 -8.72 -40.59
C ILE A 182 19.92 -9.82 -40.98
N ASP A 183 21.22 -9.56 -40.82
CA ASP A 183 22.24 -10.44 -41.38
C ASP A 183 23.09 -11.18 -40.36
N GLY A 184 23.00 -10.84 -39.07
CA GLY A 184 23.91 -11.39 -38.09
C GLY A 184 24.95 -10.36 -37.69
N LYS A 185 25.17 -10.19 -36.39
CA LYS A 185 26.08 -9.15 -35.93
C LYS A 185 27.53 -9.43 -36.36
N SER A 186 27.94 -10.70 -36.37
CA SER A 186 29.30 -11.07 -36.73
C SER A 186 29.56 -10.98 -38.23
N ALA A 187 28.57 -10.53 -39.00
CA ALA A 187 28.75 -10.28 -40.43
C ALA A 187 28.75 -8.79 -40.75
N SER A 188 28.56 -7.94 -39.74
CA SER A 188 28.73 -6.50 -39.94
C SER A 188 30.17 -6.17 -40.33
N LYS A 189 31.11 -6.82 -39.67
CA LYS A 189 32.52 -6.72 -40.02
C LYS A 189 32.76 -7.50 -41.31
N GLN A 190 33.32 -6.83 -42.31
CA GLN A 190 33.45 -7.38 -43.66
C GLN A 190 34.03 -8.80 -43.70
N LYS A 193 29.85 -3.66 -46.69
CA LYS A 193 28.70 -2.90 -47.18
C LYS A 193 28.23 -3.40 -48.53
N LYS A 194 27.57 -2.53 -49.29
CA LYS A 194 27.00 -2.77 -50.61
C LYS A 194 25.83 -3.73 -50.58
N GLY A 195 25.47 -4.28 -49.43
CA GLY A 195 24.33 -5.15 -49.33
C GLY A 195 23.03 -4.39 -49.13
N PHE A 196 21.94 -5.15 -49.04
CA PHE A 196 20.62 -4.54 -48.92
C PHE A 196 20.46 -3.81 -47.59
N SER A 197 20.79 -4.48 -46.49
CA SER A 197 20.55 -3.90 -45.17
C SER A 197 21.47 -2.72 -44.89
N ASN A 198 22.71 -2.77 -45.36
CA ASN A 198 23.63 -1.64 -45.19
C ASN A 198 23.15 -0.41 -45.95
N THR A 199 22.70 -0.59 -47.19
CA THR A 199 22.15 0.53 -47.94
C THR A 199 20.87 1.07 -47.30
N LEU A 200 20.05 0.18 -46.75
CA LEU A 200 18.85 0.61 -46.05
C LEU A 200 19.21 1.50 -44.86
N ASP A 201 20.19 1.05 -44.07
CA ASP A 201 20.67 1.86 -42.95
C ASP A 201 21.19 3.21 -43.41
N THR A 202 21.93 3.23 -44.53
CA THR A 202 22.46 4.48 -45.05
C THR A 202 21.35 5.45 -45.45
N LEU A 203 20.31 4.94 -46.11
CA LEU A 203 19.20 5.82 -46.50
C LEU A 203 18.42 6.32 -45.28
N ILE A 204 18.26 5.49 -44.24
CA ILE A 204 17.61 5.95 -43.02
C ILE A 204 18.40 7.10 -42.40
N THR A 205 19.72 6.93 -42.26
CA THR A 205 20.52 7.99 -41.67
C THR A 205 20.51 9.23 -42.55
N ALA A 206 20.44 9.07 -43.88
CA ALA A 206 20.28 10.21 -44.76
C ALA A 206 18.97 10.94 -44.49
N CYS A 207 17.93 10.20 -44.11
CA CYS A 207 16.67 10.85 -43.75
C CYS A 207 16.80 11.67 -42.46
N GLN A 208 17.75 11.32 -41.58
CA GLN A 208 17.91 12.10 -40.35
C GLN A 208 19.29 12.73 -40.23
N TYR A 209 19.87 13.13 -41.36
CA TYR A 209 21.09 13.93 -41.42
C TYR A 209 22.31 13.16 -40.89
N ASP A 210 22.46 11.92 -41.35
CA ASP A 210 23.53 11.00 -40.93
C ASP A 210 23.60 10.85 -39.41
N GLU A 211 22.44 10.85 -38.77
CA GLU A 211 22.36 10.62 -37.34
C GLU A 211 22.03 9.14 -37.16
N THR A 212 22.81 8.45 -36.33
CA THR A 212 22.64 7.02 -36.14
C THR A 212 21.84 6.68 -34.91
N HIS A 213 21.38 7.69 -34.17
CA HIS A 213 20.66 7.50 -32.93
C HIS A 213 19.16 7.57 -33.23
N GLY A 214 18.50 6.42 -33.23
CA GLY A 214 17.07 6.35 -33.43
C GLY A 214 16.67 6.29 -34.89
N ILE A 215 15.37 6.08 -35.09
CA ILE A 215 14.73 5.92 -36.40
C ILE A 215 13.81 7.11 -36.61
N PRO A 216 13.70 7.68 -37.82
CA PRO A 216 12.80 8.83 -38.01
C PRO A 216 11.34 8.43 -37.91
N THR A 217 10.72 8.79 -36.79
CA THR A 217 9.42 8.27 -36.40
C THR A 217 8.29 9.17 -36.89
N GLY A 218 7.18 8.54 -37.29
CA GLY A 218 5.99 9.27 -37.64
C GLY A 218 5.47 8.99 -39.04
N ASN A 219 6.07 8.02 -39.72
CA ASN A 219 5.71 7.71 -41.10
C ASN A 219 5.72 6.20 -41.28
N LEU A 220 5.13 5.76 -42.40
CA LEU A 220 4.92 4.34 -42.62
C LEU A 220 6.19 3.59 -43.01
N LEU A 221 7.14 4.24 -43.69
CA LEU A 221 8.40 3.55 -44.01
C LEU A 221 9.16 3.19 -42.74
N SER A 222 9.15 4.08 -41.75
CA SER A 222 9.80 3.76 -40.48
C SER A 222 9.13 2.57 -39.83
N ARG A 223 7.80 2.51 -39.88
CA ARG A 223 7.08 1.37 -39.32
C ARG A 223 7.43 0.08 -40.05
N ILE A 224 7.58 0.13 -41.37
CA ILE A 224 7.93 -1.06 -42.13
C ILE A 224 9.36 -1.53 -41.79
N ILE A 225 10.30 -0.60 -41.69
CA ILE A 225 11.67 -0.98 -41.35
C ILE A 225 11.73 -1.55 -39.93
N THR A 226 11.05 -0.91 -38.98
CA THR A 226 11.00 -1.41 -37.61
C THR A 226 10.36 -2.79 -37.56
N GLU A 227 9.33 -3.01 -38.38
CA GLU A 227 8.69 -4.32 -38.42
C GLU A 227 9.61 -5.38 -39.00
N LEU A 228 10.41 -5.04 -40.00
CA LEU A 228 11.42 -5.98 -40.50
C LEU A 228 12.41 -6.34 -39.40
N TYR A 229 12.95 -5.32 -38.72
CA TYR A 229 13.85 -5.54 -37.60
C TYR A 229 13.23 -6.49 -36.57
N MET A 230 11.98 -6.22 -36.20
CA MET A 230 11.36 -7.00 -35.14
C MET A 230 10.97 -8.39 -35.62
N CYS A 231 10.62 -8.56 -36.90
CA CYS A 231 10.33 -9.89 -37.41
C CYS A 231 11.60 -10.75 -37.51
N HIS A 232 12.76 -10.12 -37.66
CA HIS A 232 13.99 -10.89 -37.58
C HIS A 232 14.32 -11.26 -36.14
N PHE A 233 14.02 -10.36 -35.19
CA PHE A 233 14.04 -10.73 -33.78
C PHE A 233 13.13 -11.94 -33.53
N ASP A 234 11.91 -11.90 -34.09
CA ASP A 234 10.98 -13.01 -33.97
C ASP A 234 11.52 -14.29 -34.60
N LYS A 235 12.21 -14.18 -35.73
CA LYS A 235 12.79 -15.38 -36.32
C LYS A 235 13.83 -16.00 -35.39
N GLN A 236 14.65 -15.17 -34.75
CA GLN A 236 15.59 -15.72 -33.78
C GLN A 236 14.88 -16.40 -32.62
N MET A 237 13.80 -15.80 -32.11
CA MET A 237 13.10 -16.44 -30.99
C MET A 237 12.33 -17.68 -31.41
N GLU A 238 11.87 -17.74 -32.67
CA GLU A 238 11.13 -18.90 -33.14
C GLU A 238 12.06 -20.08 -33.39
N TYR A 239 13.27 -19.81 -33.88
CA TYR A 239 14.23 -20.89 -34.04
C TYR A 239 14.58 -21.54 -32.71
N LYS A 240 14.45 -20.81 -31.61
CA LYS A 240 14.61 -21.38 -30.28
C LYS A 240 13.29 -21.94 -29.74
N LYS A 241 12.28 -22.05 -30.60
CA LYS A 241 11.02 -22.75 -30.30
C LYS A 241 10.23 -22.04 -29.20
N PHE A 242 10.00 -20.74 -29.37
CA PHE A 242 9.10 -20.04 -28.47
C PHE A 242 7.93 -19.45 -29.24
N VAL A 243 6.82 -19.30 -28.54
CA VAL A 243 5.58 -18.78 -29.10
C VAL A 243 5.15 -17.58 -28.27
N TYR A 244 4.86 -16.47 -28.93
CA TYR A 244 4.38 -15.27 -28.25
C TYR A 244 3.67 -14.39 -29.26
N SER A 245 2.98 -13.43 -28.84
CA SER A 245 2.37 -12.30 -29.54
C SER A 245 3.23 -11.05 -29.41
N ARG A 246 3.53 -10.38 -30.42
CA ARG A 246 4.14 -9.08 -30.47
C ARG A 246 3.38 -8.03 -31.24
N TYR A 247 3.06 -6.96 -30.57
CA TYR A 247 2.65 -5.73 -31.24
C TYR A 247 3.83 -4.70 -31.17
N VAL A 248 4.64 -4.60 -32.23
CA VAL A 248 5.80 -3.64 -32.29
C VAL A 248 6.85 -4.04 -31.25
N ASP A 249 6.61 -3.73 -29.97
CA ASP A 249 7.61 -4.02 -28.90
C ASP A 249 6.87 -4.57 -27.67
N ASP A 250 5.56 -4.75 -27.77
CA ASP A 250 4.76 -5.31 -26.64
C ASP A 250 4.75 -6.84 -26.77
N PHE A 251 5.55 -7.53 -25.95
CA PHE A 251 5.66 -9.01 -26.04
C PHE A 251 4.70 -9.66 -25.05
N ILE A 252 3.80 -10.54 -25.53
CA ILE A 252 2.88 -11.28 -24.62
C ILE A 252 3.31 -12.75 -24.65
N PHE A 253 4.05 -13.19 -23.63
CA PHE A 253 4.58 -14.59 -23.63
C PHE A 253 3.61 -15.54 -22.89
N PRO A 254 2.90 -16.50 -23.55
CA PRO A 254 2.07 -17.45 -22.81
C PRO A 254 2.90 -18.60 -22.25
N PHE A 255 2.66 -18.98 -21.00
CA PHE A 255 3.47 -20.02 -20.39
C PHE A 255 2.72 -20.61 -19.21
N THR A 256 3.17 -21.77 -18.76
CA THR A 256 2.52 -22.47 -17.66
C THR A 256 3.47 -22.72 -16.50
N PHE A 257 4.69 -23.17 -16.76
CA PHE A 257 5.67 -23.48 -15.74
C PHE A 257 6.75 -22.40 -15.75
N GLU A 258 7.29 -22.14 -14.56
CA GLU A 258 8.26 -21.07 -14.40
C GLU A 258 9.56 -21.32 -15.17
N ASN A 259 9.89 -22.58 -15.45
CA ASN A 259 11.09 -22.86 -16.23
C ASN A 259 10.95 -22.31 -17.65
N GLU A 260 9.75 -22.42 -18.23
CA GLU A 260 9.50 -21.84 -19.56
C GLU A 260 9.74 -20.33 -19.53
N LYS A 261 9.17 -19.67 -18.52
CA LYS A 261 9.33 -18.23 -18.38
C LYS A 261 10.79 -17.84 -18.22
N GLN A 262 11.53 -18.56 -17.39
CA GLN A 262 12.93 -18.22 -17.16
C GLN A 262 13.77 -18.44 -18.40
N GLU A 263 13.53 -19.53 -19.13
CA GLU A 263 14.30 -19.78 -20.35
C GLU A 263 13.99 -18.73 -21.41
N PHE A 264 12.71 -18.34 -21.53
CA PHE A 264 12.33 -17.25 -22.43
C PHE A 264 13.02 -15.95 -22.04
N LEU A 265 13.02 -15.63 -20.75
CA LEU A 265 13.64 -14.39 -20.30
C LEU A 265 15.13 -14.38 -20.59
N ASN A 266 15.82 -15.50 -20.35
CA ASN A 266 17.25 -15.57 -20.67
C ASN A 266 17.50 -15.36 -22.16
N GLU A 267 16.73 -16.05 -23.02
CA GLU A 267 16.95 -15.89 -24.46
C GLU A 267 16.66 -14.46 -24.92
N PHE A 268 15.57 -13.88 -24.42
CA PHE A 268 15.17 -12.54 -24.81
C PHE A 268 16.20 -11.52 -24.34
N ASN A 269 16.68 -11.65 -23.10
CA ASN A 269 17.76 -10.81 -22.59
C ASN A 269 19.00 -10.93 -23.46
N LEU A 270 19.31 -12.15 -23.89
CA LEU A 270 20.52 -12.38 -24.69
C LEU A 270 20.43 -11.64 -26.03
N ILE A 271 19.31 -11.76 -26.72
CA ILE A 271 19.17 -11.08 -28.00
C ILE A 271 19.14 -9.56 -27.81
N CYS A 272 18.47 -9.08 -26.76
CA CYS A 272 18.44 -7.65 -26.49
C CYS A 272 19.84 -7.11 -26.22
N ARG A 273 20.64 -7.86 -25.47
CA ARG A 273 22.02 -7.44 -25.20
C ARG A 273 22.85 -7.47 -26.46
N GLU A 274 22.62 -8.45 -27.34
CA GLU A 274 23.37 -8.50 -28.59
C GLU A 274 23.07 -7.30 -29.48
N ASN A 275 21.84 -6.80 -29.45
CA ASN A 275 21.45 -5.75 -30.38
C ASN A 275 21.26 -4.39 -29.73
N ASN A 276 21.82 -4.18 -28.54
CA ASN A 276 21.70 -2.92 -27.80
C ASN A 276 20.26 -2.49 -27.61
N LEU A 277 19.40 -3.46 -27.28
CA LEU A 277 18.01 -3.20 -26.95
C LEU A 277 17.85 -3.27 -25.44
N ILE A 278 17.01 -2.39 -24.90
CA ILE A 278 16.85 -2.27 -23.45
C ILE A 278 15.39 -2.54 -23.09
N ILE A 279 15.19 -3.46 -22.17
CA ILE A 279 13.86 -3.77 -21.68
C ILE A 279 13.39 -2.70 -20.71
N ASN A 280 12.14 -2.28 -20.83
CA ASN A 280 11.52 -1.39 -19.87
C ASN A 280 11.07 -2.23 -18.68
N ASP A 281 11.91 -2.31 -17.64
CA ASP A 281 11.63 -3.19 -16.51
C ASP A 281 10.41 -2.77 -15.72
N ASN A 282 9.95 -1.53 -15.87
CA ASN A 282 8.74 -1.08 -15.20
C ASN A 282 7.51 -1.81 -15.71
N LYS A 283 7.45 -2.07 -17.00
CA LYS A 283 6.30 -2.68 -17.65
C LYS A 283 6.30 -4.21 -17.59
N THR A 284 7.30 -4.82 -16.98
CA THR A 284 7.35 -6.28 -16.88
C THR A 284 6.37 -6.75 -15.82
N LYS A 285 5.49 -7.67 -16.19
CA LYS A 285 4.49 -8.17 -15.26
C LYS A 285 4.00 -9.52 -15.74
N VAL A 286 3.69 -10.39 -14.79
CA VAL A 286 3.06 -11.67 -15.05
C VAL A 286 1.61 -11.57 -14.64
N ASP A 287 0.71 -11.97 -15.53
CA ASP A 287 -0.72 -12.04 -15.25
C ASP A 287 -1.13 -13.48 -15.11
N ASN A 288 -1.81 -13.80 -14.02
CA ASN A 288 -2.29 -15.14 -13.74
C ASN A 288 -3.75 -15.26 -14.15
N PHE A 289 -4.12 -16.42 -14.67
CA PHE A 289 -5.52 -16.67 -14.94
C PHE A 289 -6.26 -16.94 -13.63
N PRO A 290 -7.48 -16.38 -13.46
CA PRO A 290 -8.26 -15.62 -14.45
C PRO A 290 -7.63 -14.28 -14.85
N PHE A 291 -7.57 -14.05 -16.16
CA PHE A 291 -6.83 -12.92 -16.70
C PHE A 291 -7.65 -11.64 -16.61
N VAL A 292 -6.96 -10.55 -16.30
CA VAL A 292 -7.58 -9.23 -16.30
C VAL A 292 -7.64 -8.71 -17.73
N ASP A 293 -8.75 -8.09 -18.09
CA ASP A 293 -8.89 -7.41 -19.38
C ASP A 293 -9.56 -6.07 -19.14
N LYS A 294 -8.79 -4.99 -19.21
CA LYS A 294 -9.30 -3.66 -18.93
C LYS A 294 -9.75 -2.91 -20.18
N SER A 295 -9.62 -3.50 -21.37
CA SER A 295 -9.84 -2.78 -22.62
C SER A 295 -11.12 -3.19 -23.32
N SER A 296 -12.05 -3.83 -22.61
CA SER A 296 -13.35 -4.10 -23.19
C SER A 296 -14.07 -2.80 -23.54
N LYS A 297 -14.49 -2.69 -24.80
CA LYS A 297 -15.15 -1.50 -25.31
C LYS A 297 -16.64 -1.69 -25.52
N SER A 298 -17.22 -2.76 -24.97
CA SER A 298 -18.61 -3.10 -25.26
C SER A 298 -19.58 -2.08 -24.68
N ASP A 299 -19.39 -1.72 -23.41
CA ASP A 299 -20.22 -0.69 -22.81
C ASP A 299 -20.08 0.64 -23.53
N ILE A 300 -18.86 0.96 -23.98
CA ILE A 300 -18.63 2.24 -24.65
C ILE A 300 -19.42 2.29 -25.96
N PHE A 301 -19.32 1.27 -26.81
CA PHE A 301 -20.00 1.41 -28.08
C PHE A 301 -21.50 1.16 -27.95
N SER A 302 -21.95 0.67 -26.80
CA SER A 302 -23.37 0.49 -26.53
C SER A 302 -23.91 1.51 -25.54
N PHE A 303 -23.30 2.69 -25.44
CA PHE A 303 -23.82 3.71 -24.55
C PHE A 303 -25.22 4.17 -24.99
N PHE A 304 -25.45 4.27 -26.30
CA PHE A 304 -26.56 4.97 -26.92
C PHE A 304 -27.67 4.06 -27.39
N GLU A 305 -27.81 2.86 -26.81
CA GLU A 305 -28.76 1.89 -27.34
C GLU A 305 -30.20 2.38 -27.21
N ASN A 306 -30.50 3.03 -26.09
CA ASN A 306 -31.87 3.36 -25.71
C ASN A 306 -32.24 4.80 -25.98
N ILE A 307 -31.50 5.48 -26.85
CA ILE A 307 -31.86 6.81 -27.32
C ILE A 307 -32.25 6.69 -28.79
N THR A 308 -33.24 7.47 -29.19
CA THR A 308 -33.75 7.44 -30.55
C THR A 308 -33.89 8.88 -31.06
N SER A 309 -34.18 8.99 -32.35
CA SER A 309 -34.45 10.30 -32.92
C SER A 309 -35.76 10.90 -32.40
N THR A 310 -36.62 10.09 -31.80
CA THR A 310 -37.81 10.62 -31.15
C THR A 310 -37.48 11.25 -29.80
N ASN A 311 -36.31 10.97 -29.23
CA ASN A 311 -35.91 11.66 -28.01
C ASN A 311 -35.64 13.14 -28.31
N SER A 312 -35.88 13.96 -27.29
CA SER A 312 -35.72 15.40 -27.44
C SER A 312 -34.25 15.76 -27.66
N ASN A 313 -34.03 16.94 -28.24
CA ASN A 313 -32.67 17.41 -28.44
C ASN A 313 -31.94 17.63 -27.12
N ASP A 314 -32.67 18.01 -26.07
CA ASP A 314 -32.06 18.19 -24.77
C ASP A 314 -31.54 16.87 -24.21
N LYS A 315 -32.29 15.79 -24.39
CA LYS A 315 -31.80 14.50 -23.93
C LYS A 315 -30.59 14.05 -24.74
N TRP A 316 -30.57 14.34 -26.04
CA TRP A 316 -29.38 14.04 -26.83
C TRP A 316 -28.17 14.82 -26.32
N ILE A 317 -28.36 16.09 -25.98
CA ILE A 317 -27.26 16.90 -25.47
C ILE A 317 -26.73 16.31 -24.18
N LYS A 318 -27.62 16.04 -23.23
CA LYS A 318 -27.19 15.53 -21.94
C LYS A 318 -26.58 14.14 -22.06
N GLU A 319 -27.12 13.31 -22.95
CA GLU A 319 -26.60 11.97 -23.17
C GLU A 319 -25.19 12.02 -23.74
N ILE A 320 -24.94 12.92 -24.69
CA ILE A 320 -23.61 13.08 -25.25
C ILE A 320 -22.62 13.58 -24.19
N SER A 321 -23.05 14.52 -23.36
CA SER A 321 -22.19 15.01 -22.29
C SER A 321 -21.82 13.90 -21.31
N ASN A 322 -22.81 13.12 -20.87
CA ASN A 322 -22.53 11.98 -20.00
C ASN A 322 -21.63 10.98 -20.70
N PHE A 323 -21.79 10.82 -22.01
CA PHE A 323 -20.94 9.91 -22.76
C PHE A 323 -19.48 10.32 -22.68
N ILE A 324 -19.22 11.62 -22.87
CA ILE A 324 -17.86 12.13 -22.80
C ILE A 324 -17.26 11.88 -21.43
N ASP A 325 -18.03 12.19 -20.37
CA ASP A 325 -17.52 11.95 -19.03
C ASP A 325 -17.25 10.48 -18.80
N TYR A 326 -18.12 9.61 -19.29
CA TYR A 326 -17.98 8.18 -19.09
C TYR A 326 -16.73 7.64 -19.78
N CYS A 327 -16.46 8.07 -21.01
CA CYS A 327 -15.26 7.57 -21.68
C CYS A 327 -13.99 8.16 -21.08
N VAL A 328 -14.01 9.41 -20.61
CA VAL A 328 -12.84 9.94 -19.94
C VAL A 328 -12.55 9.15 -18.67
N ASN A 329 -13.59 8.78 -17.93
CA ASN A 329 -13.39 7.95 -16.75
C ASN A 329 -12.87 6.56 -17.12
N GLU A 330 -13.40 5.99 -18.21
CA GLU A 330 -12.91 4.70 -18.69
C GLU A 330 -11.42 4.76 -19.00
N GLU A 331 -10.98 5.81 -19.68
CA GLU A 331 -9.55 5.96 -19.97
C GLU A 331 -8.73 6.15 -18.70
N HIS A 332 -9.28 6.89 -17.72
CA HIS A 332 -8.58 7.02 -16.46
C HIS A 332 -8.40 5.66 -15.78
N LEU A 333 -9.39 4.79 -15.91
CA LEU A 333 -9.34 3.48 -15.27
C LEU A 333 -8.45 2.49 -16.00
N GLY A 334 -7.91 2.83 -17.16
CA GLY A 334 -7.03 1.96 -17.90
C GLY A 334 -7.59 1.39 -19.18
N ASN A 335 -8.77 1.82 -19.60
CA ASN A 335 -9.35 1.39 -20.87
C ASN A 335 -8.68 2.18 -21.98
N LYS A 336 -7.68 1.56 -22.63
CA LYS A 336 -6.86 2.25 -23.60
C LYS A 336 -7.65 2.55 -24.87
N GLY A 337 -7.59 3.80 -25.32
CA GLY A 337 -8.29 4.21 -26.52
C GLY A 337 -9.73 4.60 -26.32
N ALA A 338 -10.21 4.70 -25.08
CA ALA A 338 -11.60 5.06 -24.82
C ALA A 338 -11.89 6.49 -25.26
N ILE A 339 -10.96 7.42 -24.98
CA ILE A 339 -11.15 8.80 -25.39
C ILE A 339 -11.16 8.90 -26.92
N LYS A 340 -10.30 8.14 -27.59
CA LYS A 340 -10.36 8.09 -29.05
C LYS A 340 -11.74 7.65 -29.53
N CYS A 341 -12.38 6.74 -28.79
CA CYS A 341 -13.67 6.20 -29.21
C CYS A 341 -14.79 7.22 -29.19
N ILE A 342 -14.67 8.31 -28.41
CA ILE A 342 -15.78 9.24 -28.25
C ILE A 342 -16.28 9.75 -29.60
N PHE A 343 -15.37 10.25 -30.43
CA PHE A 343 -15.79 10.93 -31.64
C PHE A 343 -16.39 9.98 -32.67
N PRO A 344 -15.73 8.86 -33.05
CA PRO A 344 -16.34 7.97 -34.03
C PRO A 344 -17.69 7.43 -33.60
N VAL A 345 -17.86 7.08 -32.32
CA VAL A 345 -19.12 6.45 -31.96
C VAL A 345 -20.22 7.50 -31.82
N ILE A 346 -19.90 8.73 -31.44
CA ILE A 346 -20.93 9.77 -31.47
C ILE A 346 -21.39 9.99 -32.90
N THR A 347 -20.43 10.07 -33.84
CA THR A 347 -20.78 10.29 -35.25
C THR A 347 -21.61 9.12 -35.79
N ASN A 348 -21.22 7.89 -35.47
CA ASN A 348 -21.94 6.73 -35.96
C ASN A 348 -23.30 6.58 -35.30
N THR A 349 -23.44 6.97 -34.04
CA THR A 349 -24.75 6.97 -33.40
C THR A 349 -25.66 8.01 -34.05
N LEU A 350 -25.14 9.19 -34.35
CA LEU A 350 -25.95 10.21 -34.99
C LEU A 350 -26.40 9.75 -36.36
N LYS A 351 -25.52 9.09 -37.10
CA LYS A 351 -25.88 8.54 -38.41
C LYS A 351 -26.88 7.40 -38.29
N GLN A 352 -26.68 6.49 -37.32
CA GLN A 352 -27.49 5.28 -37.24
C GLN A 352 -28.86 5.54 -36.63
N LYS A 353 -28.92 6.39 -35.60
CA LYS A 353 -30.21 6.80 -35.07
C LYS A 353 -31.00 7.61 -36.08
N LYS A 354 -30.34 8.05 -37.15
CA LYS A 354 -30.97 8.71 -38.28
C LYS A 354 -31.58 10.04 -37.85
N VAL A 355 -30.79 10.82 -37.11
CA VAL A 355 -31.23 12.13 -36.64
C VAL A 355 -31.18 13.12 -37.79
N ASP A 356 -32.21 13.95 -37.88
CA ASP A 356 -32.34 14.86 -39.02
C ASP A 356 -31.32 16.00 -38.91
N THR A 357 -31.01 16.61 -40.05
CA THR A 357 -29.94 17.59 -40.13
C THR A 357 -30.21 18.80 -39.23
N LYS A 358 -31.45 19.29 -39.26
CA LYS A 358 -31.85 20.41 -38.41
C LYS A 358 -31.85 20.02 -36.93
N ASN A 359 -32.14 18.76 -36.61
CA ASN A 359 -32.00 18.32 -35.23
C ASN A 359 -30.54 18.30 -34.80
N ILE A 360 -29.64 17.89 -35.69
CA ILE A 360 -28.21 17.90 -35.38
C ILE A 360 -27.71 19.32 -35.18
N ASP A 361 -28.15 20.24 -36.05
CA ASP A 361 -27.85 21.65 -35.87
C ASP A 361 -28.30 22.14 -34.50
N ASN A 362 -29.51 21.76 -34.07
CA ASN A 362 -29.99 22.18 -32.76
C ASN A 362 -29.16 21.55 -31.64
N ILE A 363 -28.81 20.27 -31.77
CA ILE A 363 -28.05 19.60 -30.71
C ILE A 363 -26.71 20.28 -30.50
N PHE A 364 -25.97 20.56 -31.56
CA PHE A 364 -24.62 21.06 -31.38
C PHE A 364 -24.51 22.59 -31.37
N SER A 365 -25.56 23.31 -31.75
CA SER A 365 -25.50 24.77 -31.75
C SER A 365 -26.22 25.40 -30.57
N LYS A 366 -26.93 24.62 -29.77
CA LYS A 366 -27.75 25.20 -28.71
C LYS A 366 -26.89 25.66 -27.54
N ARG A 367 -27.08 26.91 -27.14
CA ARG A 367 -26.52 27.44 -25.91
C ARG A 367 -27.63 27.53 -24.87
N ASN A 368 -27.53 26.72 -23.82
CA ASN A 368 -28.48 26.79 -22.72
C ASN A 368 -28.33 28.14 -22.03
N MET A 369 -29.46 28.83 -21.86
CA MET A 369 -29.39 30.23 -21.43
C MET A 369 -28.95 30.36 -19.97
N VAL A 370 -29.46 29.49 -19.10
CA VAL A 370 -29.11 29.57 -17.69
C VAL A 370 -27.66 29.14 -17.47
N THR A 371 -27.26 28.02 -18.06
CA THR A 371 -25.98 27.40 -17.76
C THR A 371 -24.87 27.78 -18.72
N ASN A 372 -25.19 28.45 -19.83
CA ASN A 372 -24.22 28.81 -20.87
C ASN A 372 -23.51 27.58 -21.45
N PHE A 373 -24.12 26.41 -21.34
CA PHE A 373 -23.49 25.17 -21.78
C PHE A 373 -23.81 24.88 -23.23
N ASN A 374 -22.78 24.46 -23.96
CA ASN A 374 -22.90 24.03 -25.35
C ASN A 374 -22.01 22.80 -25.51
N VAL A 375 -22.52 21.79 -26.20
CA VAL A 375 -21.84 20.49 -26.17
C VAL A 375 -20.65 20.45 -27.14
N PHE A 376 -20.72 21.18 -28.26
CA PHE A 376 -19.53 21.41 -29.08
C PHE A 376 -18.40 22.06 -28.30
N GLU A 377 -18.71 23.03 -27.44
CA GLU A 377 -17.63 23.63 -26.66
C GLU A 377 -16.99 22.62 -25.72
N LYS A 378 -17.80 21.74 -25.12
CA LYS A 378 -17.25 20.70 -24.26
C LYS A 378 -16.34 19.76 -25.04
N ILE A 379 -16.76 19.38 -26.25
CA ILE A 379 -15.94 18.48 -27.05
C ILE A 379 -14.65 19.15 -27.51
N LEU A 380 -14.74 20.43 -27.88
CA LEU A 380 -13.53 21.21 -28.21
C LEU A 380 -12.57 21.29 -27.04
N ASP A 381 -13.08 21.52 -25.83
CA ASP A 381 -12.21 21.59 -24.66
C ASP A 381 -11.59 20.24 -24.34
N LEU A 382 -12.37 19.16 -24.51
CA LEU A 382 -11.81 17.82 -24.42
C LEU A 382 -10.65 17.63 -25.39
N SER A 383 -10.83 18.06 -26.64
CA SER A 383 -9.75 17.89 -27.62
C SER A 383 -8.53 18.71 -27.25
N LEU A 384 -8.74 19.92 -26.72
CA LEU A 384 -7.61 20.72 -26.29
C LEU A 384 -6.92 20.14 -25.06
N LYS A 385 -7.58 19.24 -24.33
CA LYS A 385 -6.91 18.55 -23.25
C LYS A 385 -5.81 17.60 -23.72
N ASP A 386 -5.83 17.14 -24.97
CA ASP A 386 -4.78 16.27 -25.49
C ASP A 386 -4.61 16.55 -26.98
N SER A 387 -3.45 17.09 -27.36
CA SER A 387 -3.24 17.52 -28.73
C SER A 387 -3.16 16.36 -29.72
N ARG A 388 -3.00 15.12 -29.24
CA ARG A 388 -3.09 13.97 -30.13
C ARG A 388 -4.51 13.75 -30.65
N LEU A 389 -5.48 14.47 -30.11
CA LEU A 389 -6.89 14.36 -30.48
C LEU A 389 -7.30 15.37 -31.54
N THR A 390 -6.35 16.17 -32.06
CA THR A 390 -6.69 17.25 -32.98
C THR A 390 -7.37 16.72 -34.23
N ASN A 391 -6.79 15.68 -34.83
CA ASN A 391 -7.35 15.14 -36.07
C ASN A 391 -8.71 14.52 -35.82
N LYS A 392 -8.88 13.79 -34.73
CA LYS A 392 -10.16 13.17 -34.43
C LYS A 392 -11.24 14.24 -34.21
N PHE A 393 -10.89 15.31 -33.50
CA PHE A 393 -11.85 16.39 -33.30
C PHE A 393 -12.23 17.05 -34.61
N LEU A 394 -11.26 17.33 -35.48
CA LEU A 394 -11.59 18.01 -36.72
C LEU A 394 -12.35 17.10 -37.68
N THR A 395 -12.05 15.81 -37.68
CA THR A 395 -12.84 14.85 -38.44
C THR A 395 -14.27 14.78 -37.92
N PHE A 396 -14.43 14.81 -36.61
CA PHE A 396 -15.78 14.77 -36.00
C PHE A 396 -16.54 16.02 -36.44
N PHE A 397 -15.87 17.20 -36.39
CA PHE A 397 -16.52 18.42 -36.83
C PHE A 397 -16.92 18.34 -38.30
N GLU A 398 -16.02 17.81 -39.14
CA GLU A 398 -16.33 17.64 -40.55
C GLU A 398 -17.57 16.77 -40.74
N ASN A 399 -17.65 15.67 -39.98
CA ASN A 399 -18.77 14.74 -40.12
C ASN A 399 -20.09 15.39 -39.71
N ILE A 400 -20.14 16.03 -38.54
CA ILE A 400 -21.42 16.60 -38.12
C ILE A 400 -21.77 17.83 -38.96
N ASN A 401 -20.76 18.55 -39.46
CA ASN A 401 -21.03 19.63 -40.38
C ASN A 401 -21.68 19.10 -41.66
N GLU A 402 -21.21 17.95 -42.15
CA GLU A 402 -21.91 17.26 -43.22
C GLU A 402 -23.31 16.82 -42.79
N PHE A 403 -23.45 16.38 -41.53
CA PHE A 403 -24.76 15.99 -40.99
C PHE A 403 -25.73 17.15 -40.85
N GLY A 404 -25.28 18.39 -40.98
CA GLY A 404 -26.20 19.51 -40.93
C GLY A 404 -25.82 20.60 -39.97
N PHE A 405 -24.82 20.36 -39.11
CA PHE A 405 -24.37 21.39 -38.19
C PHE A 405 -23.67 22.51 -38.94
N SER A 406 -24.20 23.72 -38.81
CA SER A 406 -23.70 24.85 -39.58
C SER A 406 -22.26 25.18 -39.22
N SER A 407 -21.48 25.56 -40.25
CA SER A 407 -20.08 25.91 -40.02
C SER A 407 -19.94 27.30 -39.41
N LEU A 408 -20.84 28.22 -39.73
CA LEU A 408 -20.81 29.54 -39.09
C LEU A 408 -21.10 29.42 -37.59
N SER A 409 -22.04 28.57 -37.22
CA SER A 409 -22.33 28.34 -35.81
C SER A 409 -21.12 27.75 -35.09
N ALA A 410 -20.45 26.79 -35.73
CA ALA A 410 -19.24 26.21 -35.15
C ALA A 410 -18.15 27.27 -34.98
N SER A 411 -17.99 28.13 -35.99
CA SER A 411 -17.00 29.19 -35.91
C SER A 411 -17.29 30.13 -34.76
N ASN A 412 -18.57 30.52 -34.58
CA ASN A 412 -18.92 31.40 -33.48
C ASN A 412 -18.70 30.72 -32.13
N ILE A 413 -19.02 29.43 -32.03
CA ILE A 413 -18.82 28.71 -30.78
C ILE A 413 -17.33 28.65 -30.42
N VAL A 414 -16.49 28.34 -31.40
CA VAL A 414 -15.06 28.25 -31.13
C VAL A 414 -14.48 29.63 -30.83
N LYS A 415 -14.98 30.66 -31.52
CA LYS A 415 -14.57 32.03 -31.25
C LYS A 415 -14.91 32.43 -29.82
N LYS A 416 -16.13 32.11 -29.38
CA LYS A 416 -16.55 32.42 -28.02
C LYS A 416 -15.69 31.68 -27.00
N TYR A 417 -15.41 30.40 -27.28
CA TYR A 417 -14.57 29.62 -26.38
C TYR A 417 -13.21 30.30 -26.25
N PHE A 418 -12.65 30.72 -27.38
CA PHE A 418 -11.29 31.25 -27.40
C PHE A 418 -11.23 32.60 -26.71
N SER A 419 -12.30 33.40 -26.85
CA SER A 419 -12.36 34.68 -26.15
C SER A 419 -12.48 34.49 -24.64
N ASN A 420 -13.31 33.52 -24.20
CA ASN A 420 -13.43 33.29 -22.76
C ASN A 420 -12.14 32.78 -22.15
N ASN A 421 -11.36 32.02 -22.90
CA ASN A 421 -10.13 31.41 -22.38
C ASN A 421 -8.88 32.02 -22.97
N SER A 422 -8.96 33.25 -23.46
CA SER A 422 -7.84 33.87 -24.18
C SER A 422 -6.60 33.99 -23.31
N LYS A 423 -6.75 34.34 -22.03
CA LYS A 423 -5.58 34.54 -21.19
C LYS A 423 -4.83 33.24 -20.93
N GLY A 424 -5.54 32.20 -20.52
CA GLY A 424 -4.91 30.90 -20.34
C GLY A 424 -4.37 30.34 -21.64
N LEU A 425 -5.03 30.64 -22.75
CA LEU A 425 -4.57 30.14 -24.04
C LEU A 425 -3.29 30.84 -24.48
N LYS A 426 -3.15 32.13 -24.16
CA LYS A 426 -1.92 32.84 -24.47
C LYS A 426 -0.77 32.36 -23.59
N GLU A 427 -1.05 32.10 -22.31
CA GLU A 427 -0.03 31.48 -21.46
C GLU A 427 0.36 30.10 -21.97
N LYS A 428 -0.60 29.33 -22.45
CA LYS A 428 -0.29 28.02 -23.03
C LYS A 428 0.60 28.15 -24.26
N ILE A 429 0.27 29.10 -25.14
CA ILE A 429 1.05 29.31 -26.34
C ILE A 429 2.49 29.67 -25.98
N ASP A 430 2.64 30.56 -25.00
CA ASP A 430 3.99 30.91 -24.54
C ASP A 430 4.72 29.71 -23.95
N HIS A 431 4.02 28.90 -23.16
CA HIS A 431 4.63 27.70 -22.60
C HIS A 431 5.17 26.80 -23.70
N TYR A 432 4.32 26.46 -24.68
CA TYR A 432 4.78 25.55 -25.73
C TYR A 432 5.82 26.19 -26.62
N ARG A 433 5.86 27.51 -26.73
CA ARG A 433 6.90 28.14 -27.52
C ARG A 433 8.25 28.06 -26.82
N LYS A 434 8.28 28.33 -25.50
CA LYS A 434 9.55 28.21 -24.77
C LYS A 434 10.03 26.77 -24.69
N ASN A 435 9.12 25.81 -24.52
CA ASN A 435 9.52 24.45 -24.21
C ASN A 435 9.44 23.50 -25.40
N ASN A 436 9.27 24.03 -26.61
CA ASN A 436 9.22 23.22 -27.84
C ASN A 436 8.16 22.12 -27.76
N PHE A 437 6.97 22.45 -27.27
CA PHE A 437 5.84 21.52 -27.32
C PHE A 437 5.18 21.74 -28.67
N ASN A 438 5.63 21.02 -29.69
CA ASN A 438 5.26 21.37 -31.06
C ASN A 438 3.78 21.08 -31.35
N GLN A 439 3.28 19.90 -30.96
CA GLN A 439 1.93 19.53 -31.35
C GLN A 439 0.87 20.40 -30.68
N GLU A 440 1.10 20.81 -29.44
CA GLU A 440 0.14 21.68 -28.75
C GLU A 440 0.00 23.03 -29.44
N LEU A 441 1.14 23.68 -29.72
CA LEU A 441 1.11 24.92 -30.48
C LEU A 441 0.45 24.71 -31.83
N TYR A 442 0.77 23.60 -32.50
CA TYR A 442 0.18 23.30 -33.79
C TYR A 442 -1.34 23.18 -33.68
N GLN A 443 -1.83 22.52 -32.64
CA GLN A 443 -3.27 22.36 -32.44
C GLN A 443 -3.95 23.71 -32.25
N ILE A 444 -3.36 24.59 -31.44
CA ILE A 444 -3.98 25.89 -31.19
C ILE A 444 -4.01 26.71 -32.49
N LEU A 445 -2.89 26.77 -33.20
CA LEU A 445 -2.86 27.57 -34.42
C LEU A 445 -3.75 26.96 -35.51
N LEU A 446 -3.85 25.63 -35.56
CA LEU A 446 -4.71 25.01 -36.55
C LEU A 446 -6.18 25.28 -36.25
N TYR A 447 -6.57 25.29 -34.98
CA TYR A 447 -7.94 25.70 -34.68
C TYR A 447 -8.17 27.14 -35.07
N MET A 448 -7.20 28.03 -34.82
CA MET A 448 -7.37 29.42 -35.21
C MET A 448 -7.50 29.56 -36.73
N VAL A 449 -6.73 28.78 -37.49
CA VAL A 449 -6.83 28.81 -38.94
C VAL A 449 -8.18 28.27 -39.41
N VAL A 450 -8.61 27.14 -38.85
CA VAL A 450 -9.80 26.46 -39.35
C VAL A 450 -11.07 27.23 -39.00
N PHE A 451 -11.19 27.69 -37.75
CA PHE A 451 -12.42 28.33 -37.30
C PHE A 451 -12.36 29.86 -37.35
N GLU A 452 -11.41 30.42 -38.10
CA GLU A 452 -11.34 31.86 -38.38
C GLU A 452 -11.21 32.68 -37.11
N ILE A 453 -10.32 32.28 -36.23
CA ILE A 453 -10.03 33.02 -35.01
C ILE A 453 -8.97 34.07 -35.33
N ASP A 454 -9.37 35.34 -35.31
CA ASP A 454 -8.46 36.43 -35.60
C ASP A 454 -8.32 37.42 -34.45
N ASP A 455 -8.75 37.05 -33.24
CA ASP A 455 -8.72 37.95 -32.09
C ASP A 455 -7.74 37.52 -31.01
N LEU A 456 -7.25 36.28 -31.05
CA LEU A 456 -6.39 35.79 -29.98
C LEU A 456 -5.04 36.51 -29.96
N LEU A 457 -4.38 36.58 -31.11
CA LEU A 457 -3.05 37.14 -31.21
C LEU A 457 -3.04 38.29 -32.20
N ASN A 458 -2.46 39.41 -31.79
CA ASN A 458 -2.31 40.56 -32.66
C ASN A 458 -1.07 40.38 -33.54
N GLN A 459 -0.76 41.41 -34.32
CA GLN A 459 0.35 41.33 -35.28
C GLN A 459 1.66 40.97 -34.59
N GLU A 460 1.91 41.57 -33.42
CA GLU A 460 3.19 41.40 -32.74
C GLU A 460 3.42 39.94 -32.34
N GLU A 461 2.44 39.31 -31.70
CA GLU A 461 2.61 37.92 -31.30
C GLU A 461 2.70 37.00 -32.52
N LEU A 462 1.94 37.30 -33.57
CA LEU A 462 2.03 36.51 -34.78
C LEU A 462 3.43 36.55 -35.37
N LEU A 463 4.06 37.73 -35.37
CA LEU A 463 5.45 37.81 -35.84
C LEU A 463 6.42 37.15 -34.87
N ASN A 464 6.10 37.13 -33.58
CA ASN A 464 6.90 36.35 -32.64
C ASN A 464 6.78 34.85 -32.87
N LEU A 465 5.74 34.41 -33.58
CA LEU A 465 5.66 33.00 -33.96
C LEU A 465 6.75 32.63 -34.94
N ILE A 466 7.12 33.54 -35.84
CA ILE A 466 8.09 33.23 -36.89
C ILE A 466 9.50 33.40 -36.33
N ASP A 467 10.03 32.35 -35.72
CA ASP A 467 11.35 32.39 -35.12
C ASP A 467 11.88 30.97 -35.01
N LEU A 468 13.09 30.85 -34.49
CA LEU A 468 13.74 29.56 -34.36
C LEU A 468 13.10 28.72 -33.27
N ASN A 469 13.30 27.41 -33.35
CA ASN A 469 12.72 26.39 -32.49
C ASN A 469 11.22 26.23 -32.69
N ILE A 470 10.66 26.78 -33.76
CA ILE A 470 9.29 26.51 -34.17
C ILE A 470 9.31 25.52 -35.32
N ASP A 471 8.49 24.48 -35.22
CA ASP A 471 8.44 23.46 -36.27
C ASP A 471 7.87 24.06 -37.55
N ASP A 472 8.12 23.36 -38.67
CA ASP A 472 7.64 23.85 -39.96
C ASP A 472 6.13 24.02 -39.99
N TYR A 473 5.39 23.05 -39.46
CA TYR A 473 3.94 23.10 -39.53
C TYR A 473 3.38 24.31 -38.78
N SER A 474 3.91 24.59 -37.60
CA SER A 474 3.48 25.78 -36.87
C SER A 474 3.89 27.06 -37.59
N LEU A 475 5.08 27.08 -38.21
CA LEU A 475 5.51 28.24 -38.98
C LEU A 475 4.55 28.51 -40.14
N ILE A 476 4.18 27.46 -40.86
CA ILE A 476 3.18 27.56 -41.92
C ILE A 476 1.85 28.07 -41.37
N LEU A 477 1.40 27.53 -40.24
CA LEU A 477 0.10 27.92 -39.74
C LEU A 477 0.09 29.38 -39.27
N GLY A 478 1.16 29.82 -38.62
CA GLY A 478 1.27 31.22 -38.23
C GLY A 478 1.34 32.15 -39.43
N THR A 479 2.09 31.76 -40.46
CA THR A 479 2.14 32.56 -41.68
C THR A 479 0.77 32.63 -42.34
N ILE A 480 0.03 31.52 -42.33
CA ILE A 480 -1.33 31.51 -42.87
C ILE A 480 -2.23 32.44 -42.09
N LEU A 481 -2.13 32.40 -40.76
CA LEU A 481 -2.90 33.32 -39.93
C LEU A 481 -2.59 34.77 -40.27
N TYR A 482 -1.31 35.06 -40.55
CA TYR A 482 -0.92 36.42 -40.87
C TYR A 482 -1.44 36.85 -42.24
N LEU A 483 -1.37 35.96 -43.24
CA LEU A 483 -1.89 36.30 -44.57
C LEU A 483 -3.41 36.37 -44.59
N LYS A 484 -4.08 35.67 -43.69
CA LYS A 484 -5.54 35.71 -43.67
C LYS A 484 -6.07 37.06 -43.22
N ASN A 485 -5.28 37.84 -42.50
CA ASN A 485 -5.68 39.17 -42.03
C ASN A 485 -5.23 40.19 -43.06
N SER A 486 -6.18 40.78 -43.77
CA SER A 486 -5.86 41.74 -44.82
C SER A 486 -5.42 43.09 -44.29
N SER A 487 -5.72 43.41 -43.04
CA SER A 487 -5.32 44.70 -42.49
C SER A 487 -3.81 44.83 -42.41
N TYR A 488 -3.12 43.80 -41.93
CA TYR A 488 -1.67 43.85 -41.83
C TYR A 488 -1.00 43.81 -43.19
N LYS A 489 0.11 44.52 -43.30
CA LYS A 489 0.91 44.59 -44.52
C LYS A 489 2.11 43.66 -44.42
N LEU A 490 2.63 43.28 -45.59
CA LEU A 490 3.46 42.10 -45.75
C LEU A 490 4.95 42.34 -45.49
N GLU A 491 5.37 43.60 -45.33
CA GLU A 491 6.81 43.86 -45.15
C GLU A 491 7.33 43.25 -43.85
N LYS A 492 6.55 43.32 -42.78
CA LYS A 492 7.00 42.79 -41.50
C LYS A 492 7.16 41.27 -41.54
N LEU A 493 6.21 40.57 -42.16
CA LEU A 493 6.37 39.13 -42.38
C LEU A 493 7.58 38.83 -43.25
N LEU A 494 7.78 39.59 -44.32
CA LEU A 494 8.93 39.34 -45.18
C LEU A 494 10.23 39.48 -44.38
N LYS A 495 10.29 40.49 -43.51
CA LYS A 495 11.46 40.68 -42.67
C LYS A 495 11.66 39.50 -41.72
N LYS A 496 10.58 39.06 -41.07
CA LYS A 496 10.67 37.92 -40.15
C LYS A 496 11.14 36.66 -40.86
N ILE A 497 10.55 36.38 -42.03
CA ILE A 497 10.86 35.16 -42.77
C ILE A 497 12.30 35.21 -43.28
N ASP A 498 12.72 36.37 -43.78
CA ASP A 498 14.11 36.53 -44.21
C ASP A 498 15.08 36.30 -43.07
N GLN A 499 14.80 36.88 -41.90
CA GLN A 499 15.67 36.66 -40.76
C GLN A 499 15.75 35.19 -40.40
N LEU A 500 14.61 34.51 -40.40
CA LEU A 500 14.59 33.08 -40.07
C LEU A 500 15.43 32.30 -41.07
N PHE A 501 15.28 32.60 -42.37
CA PHE A 501 16.01 31.86 -43.40
C PHE A 501 17.51 32.05 -43.28
N ILE A 502 17.95 33.30 -43.09
CA ILE A 502 19.38 33.57 -42.94
C ILE A 502 19.93 32.91 -41.69
N ASN A 503 19.20 33.01 -40.58
CA ASN A 503 19.69 32.39 -39.35
C ASN A 503 19.77 30.88 -39.46
N THR A 504 18.84 30.27 -40.20
CA THR A 504 18.88 28.82 -40.37
C THR A 504 20.07 28.42 -41.23
N HIS A 505 20.28 29.12 -42.35
CA HIS A 505 21.45 28.83 -43.16
C HIS A 505 22.76 29.13 -42.45
N ALA A 506 22.75 30.00 -41.44
CA ALA A 506 24.00 30.27 -40.74
C ALA A 506 24.53 29.08 -39.94
N ASN A 507 23.69 28.08 -39.66
CA ASN A 507 24.06 26.90 -38.88
C ASN A 507 24.70 25.81 -39.72
N TYR A 508 25.02 26.10 -40.97
CA TYR A 508 25.36 25.16 -42.02
C TYR A 508 26.60 25.61 -42.77
N ASP A 509 27.26 24.66 -43.44
CA ASP A 509 28.34 25.02 -44.34
C ASP A 509 27.77 25.86 -45.47
N VAL A 510 28.55 26.85 -45.91
CA VAL A 510 28.07 27.80 -46.91
C VAL A 510 27.81 27.15 -48.26
N LYS A 511 28.29 25.93 -48.48
CA LYS A 511 27.99 25.18 -49.69
C LYS A 511 26.83 24.22 -49.51
N THR A 512 26.13 24.27 -48.38
CA THR A 512 24.98 23.42 -48.17
C THR A 512 23.76 24.02 -48.85
N SER A 513 23.07 23.21 -49.65
CA SER A 513 21.87 23.67 -50.35
C SER A 513 20.73 23.94 -49.37
N ARG A 514 19.88 24.89 -49.73
CA ARG A 514 18.83 25.33 -48.80
C ARG A 514 17.83 24.23 -48.52
N MET A 515 17.50 23.42 -49.52
CA MET A 515 16.41 22.47 -49.37
C MET A 515 16.87 21.15 -48.80
N ALA A 516 18.16 21.03 -48.48
CA ALA A 516 18.68 19.95 -47.65
C ALA A 516 18.77 20.35 -46.19
N GLU A 517 18.31 21.54 -45.84
CA GLU A 517 18.49 22.10 -44.52
C GLU A 517 17.22 21.99 -43.70
N LYS A 518 17.29 22.47 -42.46
CA LYS A 518 16.08 22.63 -41.65
C LYS A 518 15.16 23.66 -42.30
N LEU A 519 13.86 23.48 -42.05
CA LEU A 519 12.79 24.33 -42.58
C LEU A 519 12.61 24.17 -44.08
N TRP A 520 12.82 22.96 -44.61
CA TRP A 520 12.60 22.72 -46.03
C TRP A 520 11.13 22.88 -46.38
N LEU A 521 10.22 22.47 -45.49
CA LEU A 521 8.80 22.52 -45.79
C LEU A 521 8.27 23.95 -45.76
N PHE A 522 8.71 24.75 -44.76
CA PHE A 522 8.32 26.16 -44.73
C PHE A 522 8.87 26.86 -45.97
N ARG A 523 10.11 26.55 -46.35
CA ARG A 523 10.72 27.18 -47.51
C ARG A 523 9.94 26.84 -48.78
N TYR A 524 9.53 25.58 -48.92
CA TYR A 524 8.69 25.20 -50.04
C TYR A 524 7.35 25.93 -50.01
N PHE A 525 6.76 26.08 -48.82
CA PHE A 525 5.52 26.82 -48.72
C PHE A 525 5.71 28.23 -49.28
N PHE A 526 6.77 28.89 -48.81
CA PHE A 526 7.06 30.28 -49.19
C PHE A 526 7.28 30.40 -50.69
N TYR A 527 8.15 29.56 -51.24
CA TYR A 527 8.50 29.62 -52.65
C TYR A 527 7.31 29.26 -53.52
N PHE A 528 6.46 28.36 -53.06
CA PHE A 528 5.26 28.03 -53.82
C PHE A 528 4.26 29.17 -53.80
N LEU A 529 4.10 29.84 -52.65
CA LEU A 529 3.20 30.99 -52.60
C LEU A 529 3.72 32.11 -53.50
N ASN A 530 5.02 32.37 -53.44
CA ASN A 530 5.63 33.42 -54.26
C ASN A 530 5.51 33.10 -55.74
N CYS A 531 5.60 31.82 -56.10
CA CYS A 531 5.46 31.41 -57.48
C CYS A 531 4.05 31.66 -58.02
N LYS A 532 3.05 31.82 -57.15
CA LYS A 532 1.69 32.09 -57.57
C LYS A 532 1.16 33.41 -57.03
N ASN A 533 2.04 34.30 -56.59
CA ASN A 533 1.75 35.70 -56.34
C ASN A 533 0.75 35.94 -55.21
N ILE A 534 0.57 35.01 -54.28
CA ILE A 534 -0.01 35.39 -53.00
C ILE A 534 0.97 36.30 -52.26
N PHE A 535 2.24 35.93 -52.28
CA PHE A 535 3.35 36.75 -51.82
C PHE A 535 3.75 37.63 -53.00
N SER A 536 3.13 38.80 -53.10
CA SER A 536 3.22 39.60 -54.31
C SER A 536 4.67 39.92 -54.65
N GLN A 537 5.04 39.71 -55.92
CA GLN A 537 6.42 39.90 -56.34
C GLN A 537 6.84 41.36 -56.20
N LYS A 538 5.90 42.28 -56.41
CA LYS A 538 6.18 43.71 -56.26
C LYS A 538 6.60 44.04 -54.84
N GLU A 539 5.90 43.48 -53.84
CA GLU A 539 6.22 43.82 -52.47
C GLU A 539 7.48 43.11 -51.98
N ILE A 540 7.80 41.96 -52.55
CA ILE A 540 9.11 41.35 -52.28
C ILE A 540 10.23 42.21 -52.86
N ASN A 541 10.03 42.73 -54.07
CA ASN A 541 10.99 43.66 -54.64
C ASN A 541 11.15 44.89 -53.75
N SER A 542 10.04 45.42 -53.23
CA SER A 542 10.12 46.57 -52.34
C SER A 542 10.89 46.25 -51.07
N TYR A 543 10.61 45.10 -50.46
CA TYR A 543 11.32 44.70 -49.26
C TYR A 543 12.82 44.56 -49.52
N CYS A 544 13.18 43.89 -50.62
CA CYS A 544 14.58 43.62 -50.87
C CYS A 544 15.33 44.88 -51.29
N GLN A 545 14.65 45.82 -51.96
CA GLN A 545 15.22 47.15 -52.15
C GLN A 545 15.47 47.82 -50.81
N SER A 546 14.54 47.67 -49.87
CA SER A 546 14.73 48.24 -48.54
C SER A 546 15.93 47.60 -47.84
N GLN A 547 16.23 46.34 -48.12
CA GLN A 547 17.35 45.67 -47.50
C GLN A 547 18.66 45.84 -48.26
N ASN A 548 18.61 46.45 -49.45
CA ASN A 548 19.80 46.73 -50.27
C ASN A 548 20.46 45.46 -50.80
N TYR A 549 19.66 44.48 -51.19
CA TYR A 549 20.22 43.29 -51.81
C TYR A 549 20.63 43.59 -53.24
N ASN A 550 21.75 43.01 -53.67
CA ASN A 550 22.24 43.23 -55.02
C ASN A 550 21.47 42.35 -56.00
N SER A 551 21.01 42.94 -57.09
CA SER A 551 20.31 42.18 -58.12
C SER A 551 21.30 41.31 -58.88
N GLY A 552 20.80 40.59 -59.86
CA GLY A 552 21.67 39.70 -60.62
C GLY A 552 20.92 39.04 -61.76
N GLN A 553 21.56 37.99 -62.29
CA GLN A 553 21.02 37.29 -63.45
C GLN A 553 19.67 36.65 -63.17
N ASN A 554 19.51 36.05 -61.99
CA ASN A 554 18.24 35.43 -61.62
C ASN A 554 17.31 36.37 -60.89
N GLY A 555 17.83 37.38 -60.21
CA GLY A 555 16.99 38.26 -59.42
C GLY A 555 17.78 38.88 -58.28
N TYR A 556 17.11 38.98 -57.13
CA TYR A 556 17.53 39.89 -56.08
C TYR A 556 18.40 39.24 -55.01
N GLN A 557 18.93 38.04 -55.27
CA GLN A 557 20.03 37.47 -54.48
C GLN A 557 19.71 37.42 -52.99
N THR A 558 18.56 36.86 -52.66
CA THR A 558 18.08 36.80 -51.28
C THR A 558 17.58 35.39 -50.98
N GLU A 559 17.43 35.10 -49.69
CA GLU A 559 16.86 33.84 -49.28
C GLU A 559 15.40 33.71 -49.70
N LEU A 560 14.77 34.81 -50.09
CA LEU A 560 13.37 34.82 -50.48
C LEU A 560 13.16 34.59 -51.97
N ASN A 561 14.23 34.47 -52.74
CA ASN A 561 14.16 34.33 -54.19
C ASN A 561 14.58 32.91 -54.57
N TRP A 562 13.60 32.06 -54.88
CA TRP A 562 13.88 30.70 -55.30
C TRP A 562 14.69 30.65 -56.59
N ASN A 563 14.54 31.64 -57.46
CA ASN A 563 15.34 31.65 -58.69
C ASN A 563 16.82 31.69 -58.39
N TYR A 564 17.22 32.48 -57.40
CA TYR A 564 18.63 32.53 -57.02
C TYR A 564 19.00 31.39 -56.07
N ILE A 565 18.08 31.00 -55.19
CA ILE A 565 18.37 29.98 -54.19
C ILE A 565 18.54 28.61 -54.82
N LYS A 566 17.78 28.29 -55.87
CA LYS A 566 17.81 26.94 -56.41
C LYS A 566 19.17 26.57 -56.97
N GLY A 567 20.03 27.55 -57.27
CA GLY A 567 21.33 27.29 -57.83
C GLY A 567 22.49 27.32 -56.86
N GLN A 568 22.25 27.55 -55.57
CA GLN A 568 23.31 27.62 -54.58
C GLN A 568 23.51 26.30 -53.86
N GLY A 569 24.76 25.98 -53.60
CA GLY A 569 25.13 24.73 -52.95
C GLY A 569 25.88 23.83 -53.92
N LYS A 570 26.76 22.99 -53.36
CA LYS A 570 27.53 22.08 -54.20
C LYS A 570 26.66 20.97 -54.77
N ASP A 571 25.84 20.35 -53.93
CA ASP A 571 24.95 19.28 -54.36
C ASP A 571 23.54 19.85 -54.49
N LEU A 572 23.00 19.82 -55.70
CA LEU A 572 21.73 20.46 -55.99
C LEU A 572 20.62 19.45 -56.26
N ARG A 573 20.83 18.19 -55.86
CA ARG A 573 19.85 17.14 -56.16
C ARG A 573 18.51 17.42 -55.48
N ALA A 574 18.53 17.77 -54.20
CA ALA A 574 17.29 18.14 -53.52
C ALA A 574 16.69 19.39 -54.11
N ASN A 575 17.53 20.38 -54.44
CA ASN A 575 17.06 21.59 -55.10
C ASN A 575 16.43 21.28 -56.46
N ASN A 576 17.06 20.42 -57.25
CA ASN A 576 16.47 20.07 -58.53
C ASN A 576 15.13 19.34 -58.36
N PHE A 577 15.05 18.44 -57.38
CA PHE A 577 13.80 17.73 -57.12
C PHE A 577 12.68 18.71 -56.72
N PHE A 578 12.99 19.62 -55.80
CA PHE A 578 11.97 20.56 -55.35
C PHE A 578 11.66 21.62 -56.40
N ASN A 579 12.62 21.97 -57.26
CA ASN A 579 12.33 22.86 -58.37
C ASN A 579 11.42 22.20 -59.38
N GLU A 580 11.62 20.90 -59.61
CA GLU A 580 10.71 20.15 -60.46
C GLU A 580 9.31 20.15 -59.88
N LEU A 581 9.19 20.00 -58.56
CA LEU A 581 7.87 20.10 -57.94
C LEU A 581 7.27 21.50 -58.07
N ILE A 582 8.08 22.55 -57.87
CA ILE A 582 7.57 23.92 -57.91
C ILE A 582 7.10 24.28 -59.31
N VAL A 583 7.87 23.92 -60.33
CA VAL A 583 7.50 24.28 -61.70
C VAL A 583 6.17 23.63 -62.09
N LYS A 584 5.96 22.39 -61.69
CA LYS A 584 4.73 21.68 -62.03
C LYS A 584 3.56 22.05 -61.13
N GLU A 585 3.71 23.06 -60.28
CA GLU A 585 2.63 23.54 -59.41
C GLU A 585 2.14 22.46 -58.46
N VAL A 586 3.06 21.57 -58.07
CA VAL A 586 2.76 20.57 -57.05
C VAL A 586 2.83 21.24 -55.68
N TRP A 587 1.70 21.32 -55.00
CA TRP A 587 1.66 21.90 -53.66
C TRP A 587 1.76 20.79 -52.63
N LEU A 588 2.42 21.09 -51.52
CA LEU A 588 2.44 20.22 -50.35
C LEU A 588 1.56 20.73 -49.23
N ILE A 589 1.12 21.98 -49.32
CA ILE A 589 0.22 22.59 -48.34
C ILE A 589 -1.02 23.03 -49.09
N SER A 590 -2.18 22.52 -48.68
CA SER A 590 -3.44 22.92 -49.28
C SER A 590 -3.82 24.32 -48.83
N CYS A 591 -4.17 25.17 -49.78
CA CYS A 591 -4.56 26.55 -49.51
C CYS A 591 -6.06 26.75 -49.52
N GLY A 592 -6.83 25.65 -49.51
CA GLY A 592 -8.27 25.73 -49.54
C GLY A 592 -8.85 25.63 -50.93
N GLU A 593 -10.17 25.53 -50.99
CA GLU A 593 -10.87 25.39 -52.27
C GLU A 593 -10.66 26.61 -53.15
N ASN A 594 -10.69 27.81 -52.56
CA ASN A 594 -10.61 29.05 -53.32
C ASN A 594 -9.31 29.79 -53.09
N GLU A 595 -8.23 29.07 -52.74
CA GLU A 595 -6.87 29.60 -52.69
C GLU A 595 -6.67 30.69 -51.66
N ASP A 596 -7.67 30.95 -50.81
CA ASP A 596 -7.59 32.02 -49.83
C ASP A 596 -7.63 31.49 -48.40
N PHE A 597 -7.26 30.22 -48.22
CA PHE A 597 -6.92 29.65 -46.91
C PHE A 597 -8.14 29.47 -46.02
N LYS A 598 -9.31 29.19 -46.59
CA LYS A 598 -10.48 28.83 -45.80
C LYS A 598 -10.77 27.34 -45.92
N TYR A 599 -10.95 26.71 -44.77
CA TYR A 599 -11.14 25.27 -44.62
C TYR A 599 -12.50 24.94 -44.03
N LEU A 600 -13.40 25.92 -43.95
CA LEU A 600 -14.72 25.73 -43.37
C LEU A 600 -15.70 25.43 -44.50
N ASN A 601 -16.26 24.22 -44.51
CA ASN A 601 -17.16 23.82 -45.58
C ASN A 601 -18.54 23.46 -45.05
N SER C 2 35.40 -35.25 17.91
CA SER C 2 34.68 -35.36 16.65
C SER C 2 33.24 -34.84 16.78
N MET C 3 32.67 -34.46 15.64
CA MET C 3 31.28 -34.03 15.59
C MET C 3 30.35 -35.16 16.04
N LYS C 4 30.53 -36.35 15.47
CA LYS C 4 29.74 -37.51 15.84
C LYS C 4 29.81 -37.77 17.34
N LYS C 5 30.99 -37.59 17.93
CA LYS C 5 31.17 -37.95 19.33
C LYS C 5 30.57 -36.92 20.28
N GLU C 6 30.59 -35.64 19.89
CA GLU C 6 29.80 -34.64 20.64
C GLU C 6 28.31 -34.95 20.58
N PHE C 7 27.80 -35.25 19.38
CA PHE C 7 26.39 -35.65 19.26
C PHE C 7 26.08 -36.82 20.16
N THR C 8 26.95 -37.83 20.15
CA THR C 8 26.69 -39.04 20.93
C THR C 8 26.69 -38.75 22.41
N GLU C 9 27.65 -37.95 22.89
CA GLU C 9 27.64 -37.56 24.30
C GLU C 9 26.32 -36.88 24.67
N LEU C 10 25.88 -35.92 23.84
CA LEU C 10 24.67 -35.20 24.17
C LEU C 10 23.46 -36.13 24.20
N TYR C 11 23.37 -37.06 23.25
CA TYR C 11 22.19 -37.93 23.20
C TYR C 11 22.21 -39.02 24.26
N ASP C 12 23.38 -39.53 24.66
CA ASP C 12 23.37 -40.43 25.81
C ASP C 12 23.08 -39.68 27.10
N PHE C 13 23.39 -38.39 27.18
CA PHE C 13 22.92 -37.64 28.32
C PHE C 13 21.40 -37.52 28.31
N ILE C 14 20.84 -37.15 27.15
CA ILE C 14 19.43 -36.79 27.08
C ILE C 14 18.54 -38.01 27.23
N PHE C 15 18.86 -39.11 26.56
CA PHE C 15 17.94 -40.24 26.51
C PHE C 15 18.10 -41.13 27.75
N ASP C 16 17.76 -40.54 28.89
CA ASP C 16 17.77 -41.21 30.17
C ASP C 16 16.42 -40.94 30.82
N PRO C 17 15.72 -41.96 31.34
CA PRO C 17 14.38 -41.73 31.89
C PRO C 17 14.34 -40.69 32.98
N ILE C 18 15.33 -40.69 33.88
CA ILE C 18 15.36 -39.74 34.98
C ILE C 18 15.59 -38.33 34.43
N PHE C 19 16.49 -38.19 33.47
CA PHE C 19 16.64 -36.89 32.80
C PHE C 19 15.33 -36.47 32.15
N LEU C 20 14.68 -37.40 31.45
CA LEU C 20 13.53 -37.08 30.63
C LEU C 20 12.31 -36.71 31.45
N VAL C 21 12.27 -37.07 32.73
CA VAL C 21 11.20 -36.60 33.60
C VAL C 21 11.64 -35.40 34.44
N ARG C 22 12.88 -35.39 34.94
CA ARG C 22 13.32 -34.33 35.83
C ARG C 22 13.41 -32.99 35.12
N TYR C 23 13.86 -32.97 33.87
CA TYR C 23 13.83 -31.76 33.07
C TYR C 23 12.89 -31.83 31.87
N GLY C 24 12.55 -33.02 31.40
CA GLY C 24 11.73 -33.14 30.22
C GLY C 24 10.26 -32.83 30.40
N TYR C 25 9.69 -33.18 31.56
CA TYR C 25 8.25 -33.04 31.74
C TYR C 25 7.82 -31.59 31.62
N TYR C 26 8.56 -30.68 32.24
CA TYR C 26 8.25 -29.26 32.19
C TYR C 26 9.12 -28.51 31.19
N ASP C 27 9.81 -29.24 30.30
CA ASP C 27 10.61 -28.66 29.22
C ASP C 27 11.69 -27.73 29.77
N ARG C 28 12.54 -28.28 30.63
CA ARG C 28 13.65 -27.55 31.20
C ARG C 28 14.96 -27.89 30.49
N SER C 29 15.85 -26.92 30.43
CA SER C 29 17.17 -27.11 29.83
C SER C 29 18.25 -26.78 30.85
N ILE C 30 19.34 -27.55 30.81
CA ILE C 30 20.52 -27.30 31.63
C ILE C 30 21.72 -27.18 30.71
N LYS C 31 22.67 -26.33 31.10
CA LYS C 31 23.82 -26.05 30.25
C LYS C 31 25.03 -26.93 30.55
N ASN C 32 25.01 -27.70 31.62
CA ASN C 32 26.15 -28.51 32.01
C ASN C 32 25.68 -29.80 32.65
N LYS C 33 26.37 -30.91 32.35
CA LYS C 33 25.96 -32.21 32.88
C LYS C 33 26.03 -32.24 34.40
N LYS C 34 26.94 -31.47 34.99
CA LYS C 34 27.10 -31.45 36.44
C LYS C 34 25.93 -30.79 37.14
N MET C 35 25.09 -30.06 36.42
CA MET C 35 23.87 -29.53 36.99
C MET C 35 22.89 -30.64 37.36
N ASN C 36 23.06 -31.83 36.77
CA ASN C 36 22.16 -32.96 36.98
C ASN C 36 22.59 -33.71 38.25
N THR C 37 22.40 -33.03 39.37
CA THR C 37 22.88 -33.52 40.66
C THR C 37 22.01 -34.68 41.15
N ALA C 38 22.60 -35.49 42.04
CA ALA C 38 21.92 -36.65 42.62
C ALA C 38 21.20 -36.30 43.90
N LYS C 39 20.75 -35.06 44.06
CA LYS C 39 20.00 -34.63 45.22
C LYS C 39 18.80 -33.83 44.77
N VAL C 40 17.84 -33.66 45.68
CA VAL C 40 16.68 -32.81 45.39
C VAL C 40 17.12 -31.35 45.41
N GLU C 41 16.83 -30.64 44.32
CA GLU C 41 17.11 -29.22 44.22
C GLU C 41 15.86 -28.44 44.60
N LEU C 42 15.95 -27.62 45.64
CA LEU C 42 14.82 -26.77 46.02
C LEU C 42 15.15 -25.29 46.01
N ASP C 43 16.23 -24.87 46.65
CA ASP C 43 16.43 -23.44 46.89
C ASP C 43 16.89 -22.71 45.63
N ASN C 44 17.60 -23.39 44.75
CA ASN C 44 18.09 -22.79 43.52
C ASN C 44 17.48 -23.50 42.32
N GLU C 45 17.71 -22.92 41.15
CA GLU C 45 17.34 -23.56 39.90
C GLU C 45 18.48 -23.52 38.91
N PTR C 46 18.95 -24.69 38.50
CA PTR C 46 19.93 -24.79 37.44
C PTR C 46 19.23 -24.67 36.10
O PTR C 46 19.75 -24.11 35.14
CB PTR C 46 20.69 -26.10 37.50
CG PTR C 46 21.38 -26.36 38.82
CD1 PTR C 46 22.40 -25.53 39.25
CD2 PTR C 46 21.03 -27.44 39.61
CE1 PTR C 46 23.04 -25.76 40.45
CE2 PTR C 46 21.66 -27.68 40.81
CZ PTR C 46 22.67 -26.85 41.23
OH PTR C 46 23.24 -27.09 42.37
P PTR C 46 24.83 -27.09 42.64
O1P PTR C 46 25.04 -27.62 43.99
O2P PTR C 46 25.35 -25.64 42.58
O3P PTR C 46 25.56 -28.00 41.64
N GLY C 47 18.02 -25.21 36.05
CA GLY C 47 17.29 -25.31 34.81
C GLY C 47 16.78 -24.00 34.25
N LYS C 48 16.48 -24.04 32.95
CA LYS C 48 15.91 -22.91 32.25
C LYS C 48 14.60 -23.41 31.64
N SER C 49 13.49 -22.78 32.00
CA SER C 49 12.18 -23.19 31.53
C SER C 49 11.33 -21.97 31.25
N ASP C 50 10.37 -22.12 30.34
CA ASP C 50 9.52 -21.02 29.93
C ASP C 50 8.04 -21.24 30.22
N SER C 51 7.67 -22.34 30.89
CA SER C 51 6.26 -22.69 31.01
C SER C 51 5.75 -22.62 32.45
N PHE C 52 6.36 -23.36 33.38
CA PHE C 52 5.79 -23.55 34.70
C PHE C 52 6.78 -23.16 35.78
N TYR C 53 6.27 -22.57 36.85
CA TYR C 53 7.12 -22.11 37.95
C TYR C 53 7.68 -23.31 38.70
N PHE C 54 9.00 -23.44 38.74
CA PHE C 54 9.63 -24.61 39.35
C PHE C 54 9.44 -24.62 40.87
N LYS C 55 9.44 -23.45 41.51
CA LYS C 55 9.33 -23.49 42.96
C LYS C 55 7.98 -24.01 43.44
N VAL C 56 6.99 -24.15 42.56
CA VAL C 56 5.71 -24.76 42.90
C VAL C 56 5.55 -26.10 42.20
N PHE C 57 5.81 -26.15 40.90
CA PHE C 57 5.59 -27.33 40.08
C PHE C 57 6.95 -27.81 39.55
N ASN C 58 7.37 -29.00 39.97
CA ASN C 58 8.62 -29.57 39.50
C ASN C 58 8.61 -31.07 39.72
N MET C 59 9.62 -31.73 39.17
CA MET C 59 9.72 -33.19 39.22
C MET C 59 10.87 -33.66 40.09
N GLU C 60 11.38 -32.80 40.97
CA GLU C 60 12.57 -33.14 41.76
C GLU C 60 12.30 -34.30 42.71
N SER C 61 11.15 -34.29 43.40
CA SER C 61 10.83 -35.39 44.29
C SER C 61 10.63 -36.69 43.52
N PHE C 62 9.93 -36.63 42.39
CA PHE C 62 9.77 -37.81 41.54
C PHE C 62 11.12 -38.32 41.04
N ALA C 63 12.00 -37.42 40.60
CA ALA C 63 13.31 -37.84 40.11
C ALA C 63 14.14 -38.47 41.21
N ASP C 64 14.07 -37.92 42.43
CA ASP C 64 14.72 -38.53 43.58
C ASP C 64 14.18 -39.92 43.85
N TYR C 65 12.86 -40.10 43.73
CA TYR C 65 12.26 -41.41 43.89
C TYR C 65 12.80 -42.39 42.84
N LEU C 66 12.86 -41.95 41.58
CA LEU C 66 13.32 -42.81 40.50
C LEU C 66 14.78 -43.20 40.69
N ARG C 67 15.57 -42.30 41.25
CA ARG C 67 17.00 -42.51 41.42
C ARG C 67 17.35 -43.71 42.29
N SER C 68 16.43 -44.15 43.14
CA SER C 68 16.70 -45.26 44.05
C SER C 68 15.76 -46.44 43.85
N HIS C 69 14.56 -46.23 43.36
CA HIS C 69 13.59 -47.29 43.14
C HIS C 69 13.24 -47.38 41.67
N ASP C 70 12.95 -48.60 41.22
CA ASP C 70 12.70 -48.89 39.81
C ASP C 70 11.22 -49.12 39.58
N LEU C 71 10.63 -48.32 38.70
CA LEU C 71 9.22 -48.46 38.34
C LEU C 71 9.02 -49.16 37.01
N LYS C 72 9.99 -49.95 36.55
CA LYS C 72 9.80 -50.77 35.37
C LYS C 72 8.62 -51.72 35.52
N THR C 73 8.43 -52.27 36.72
CA THR C 73 7.41 -53.31 36.93
C THR C 73 6.01 -52.82 36.63
N HIS C 74 5.74 -51.52 36.79
CA HIS C 74 4.42 -50.97 36.54
C HIS C 74 4.11 -50.90 35.04
N PHE C 75 5.12 -51.09 34.19
CA PHE C 75 5.10 -50.74 32.77
C PHE C 75 5.47 -51.94 31.93
N ASN C 76 4.85 -53.07 32.23
CA ASN C 76 5.05 -54.28 31.45
C ASN C 76 3.78 -54.78 30.77
N GLY C 77 2.61 -54.32 31.21
CA GLY C 77 1.37 -54.66 30.54
C GLY C 77 1.35 -54.22 29.09
N LYS C 78 0.89 -55.11 28.20
CA LYS C 78 1.01 -54.86 26.77
C LYS C 78 0.23 -53.62 26.34
N LYS C 79 -1.05 -53.56 26.69
CA LYS C 79 -1.89 -52.44 26.30
C LYS C 79 -1.66 -51.29 27.24
N PRO C 80 -1.17 -50.14 26.76
CA PRO C 80 -0.96 -49.00 27.66
C PRO C 80 -2.28 -48.40 28.10
N LEU C 81 -2.35 -48.05 29.38
CA LEU C 81 -3.56 -47.49 29.95
C LEU C 81 -3.82 -46.09 29.38
N SER C 82 -5.07 -45.83 29.02
CA SER C 82 -5.45 -44.53 28.51
C SER C 82 -5.77 -43.56 29.64
N THR C 83 -5.26 -42.34 29.51
CA THR C 83 -5.42 -41.31 30.54
C THR C 83 -5.71 -39.97 29.89
N ASP C 84 -6.27 -39.08 30.69
CA ASP C 84 -6.53 -37.70 30.25
C ASP C 84 -5.39 -36.79 30.69
N PRO C 85 -4.89 -35.93 29.84
CA PRO C 85 -3.86 -34.97 30.24
C PRO C 85 -4.47 -33.70 30.84
N VAL C 86 -3.60 -32.87 31.39
CA VAL C 86 -3.99 -31.53 31.80
C VAL C 86 -3.99 -30.63 30.58
N TYR C 87 -5.16 -30.14 30.20
CA TYR C 87 -5.26 -29.18 29.11
C TYR C 87 -4.91 -27.80 29.65
N PHE C 88 -3.96 -27.13 29.00
CA PHE C 88 -3.46 -25.86 29.51
C PHE C 88 -3.20 -24.95 28.31
N ASN C 89 -4.13 -24.03 28.06
CA ASN C 89 -4.10 -23.18 26.88
C ASN C 89 -3.30 -21.91 27.18
N ILE C 90 -2.41 -21.56 26.27
CA ILE C 90 -1.53 -20.40 26.46
C ILE C 90 -1.67 -19.48 25.25
N PRO C 91 -1.32 -18.21 25.41
CA PRO C 91 -1.34 -17.29 24.26
C PRO C 91 -0.31 -17.67 23.21
N LYS C 92 -0.72 -17.63 21.95
CA LYS C 92 0.23 -17.70 20.84
C LYS C 92 0.78 -16.33 20.52
N ASN C 93 -0.06 -15.31 20.63
CA ASN C 93 0.29 -13.91 20.52
C ASN C 93 -0.80 -13.13 21.24
N ILE C 94 -0.89 -11.83 20.99
CA ILE C 94 -1.92 -11.04 21.65
C ILE C 94 -3.32 -11.42 21.20
N GLU C 95 -3.44 -12.14 20.07
CA GLU C 95 -4.75 -12.58 19.57
C GLU C 95 -4.98 -14.08 19.69
N ALA C 96 -4.07 -14.89 19.16
CA ALA C 96 -4.30 -16.32 18.97
C ALA C 96 -3.92 -17.12 20.22
N ARG C 97 -4.32 -18.39 20.22
CA ARG C 97 -4.10 -19.31 21.33
C ARG C 97 -3.32 -20.55 20.89
N ARG C 98 -2.72 -21.21 21.87
CA ARG C 98 -1.98 -22.43 21.64
C ARG C 98 -2.24 -23.39 22.78
N GLN C 99 -2.51 -24.65 22.45
CA GLN C 99 -2.93 -25.65 23.43
C GLN C 99 -1.76 -26.52 23.84
N TYR C 100 -1.49 -26.57 25.14
CA TYR C 100 -0.62 -27.58 25.73
C TYR C 100 -1.46 -28.70 26.31
N LYS C 101 -0.84 -29.87 26.41
CA LYS C 101 -1.48 -31.04 27.00
C LYS C 101 -0.40 -31.72 27.84
N MET C 102 -0.47 -31.52 29.16
CA MET C 102 0.52 -32.10 30.05
C MET C 102 0.05 -33.49 30.43
N PRO C 103 0.71 -34.54 29.96
CA PRO C 103 0.19 -35.90 30.15
C PRO C 103 0.19 -36.32 31.61
N ASN C 104 -0.78 -37.16 31.95
CA ASN C 104 -0.73 -37.98 33.15
C ASN C 104 0.68 -38.54 33.34
N LEU C 105 1.20 -38.39 34.56
CA LEU C 105 2.57 -38.80 34.84
C LEU C 105 2.79 -40.29 34.54
N TYR C 106 1.76 -41.11 34.75
CA TYR C 106 1.85 -42.53 34.43
C TYR C 106 2.07 -42.76 32.94
N SER C 107 1.27 -42.10 32.10
CA SER C 107 1.42 -42.23 30.65
C SER C 107 2.74 -41.63 30.18
N TYR C 108 3.10 -40.48 30.74
CA TYR C 108 4.42 -39.91 30.46
C TYR C 108 5.52 -40.93 30.71
N MET C 109 5.48 -41.60 31.85
CA MET C 109 6.56 -42.52 32.19
C MET C 109 6.55 -43.75 31.31
N ALA C 110 5.37 -44.23 30.91
CA ALA C 110 5.30 -45.32 29.94
C ALA C 110 5.99 -44.94 28.63
N LEU C 111 5.62 -43.79 28.07
CA LEU C 111 6.29 -43.29 26.87
C LEU C 111 7.78 -43.10 27.10
N ASN C 112 8.13 -42.60 28.28
CA ASN C 112 9.52 -42.28 28.62
C ASN C 112 10.39 -43.53 28.58
N TYR C 113 9.96 -44.59 29.27
CA TYR C 113 10.75 -45.82 29.24
C TYR C 113 10.75 -46.46 27.86
N TYR C 114 9.64 -46.37 27.12
CA TYR C 114 9.68 -46.96 25.79
C TYR C 114 10.71 -46.24 24.91
N ILE C 115 10.76 -44.91 25.00
CA ILE C 115 11.66 -44.13 24.17
C ILE C 115 13.12 -44.37 24.57
N CYS C 116 13.39 -44.43 25.88
CA CYS C 116 14.77 -44.72 26.30
C CYS C 116 15.15 -46.16 26.01
N ASP C 117 14.19 -47.07 25.94
CA ASP C 117 14.51 -48.45 25.57
C ASP C 117 14.82 -48.58 24.09
N ASN C 118 14.26 -47.70 23.27
CA ASN C 118 14.48 -47.69 21.82
C ASN C 118 15.28 -46.47 21.38
N LYS C 119 16.13 -45.95 22.27
CA LYS C 119 16.85 -44.70 22.00
C LYS C 119 17.67 -44.74 20.72
N LYS C 120 18.14 -45.92 20.31
CA LYS C 120 18.96 -45.99 19.09
C LYS C 120 18.14 -45.65 17.85
N GLU C 121 16.84 -46.00 17.83
CA GLU C 121 15.93 -45.54 16.78
C GLU C 121 16.01 -44.03 16.58
N PHE C 122 16.18 -43.29 17.66
CA PHE C 122 16.22 -41.84 17.61
C PHE C 122 17.63 -41.35 17.30
N ILE C 123 18.62 -41.95 17.96
CA ILE C 123 19.98 -41.43 17.94
C ILE C 123 20.64 -41.64 16.58
N GLU C 124 20.43 -42.79 15.93
CA GLU C 124 20.99 -42.98 14.61
C GLU C 124 20.51 -41.91 13.64
N VAL C 125 19.21 -41.62 13.65
CA VAL C 125 18.66 -40.62 12.75
C VAL C 125 19.15 -39.23 13.11
N PHE C 126 19.14 -38.88 14.40
CA PHE C 126 19.56 -37.54 14.80
C PHE C 126 21.02 -37.30 14.44
N ILE C 127 21.88 -38.28 14.68
CA ILE C 127 23.30 -38.12 14.42
C ILE C 127 23.57 -38.11 12.91
N ASP C 128 22.83 -38.88 12.13
CA ASP C 128 22.98 -38.84 10.68
C ASP C 128 22.37 -37.59 10.05
N ASN C 129 21.54 -36.86 10.77
CA ASN C 129 20.85 -35.70 10.22
C ASN C 129 21.78 -34.50 10.09
N LYS C 130 21.59 -33.72 9.02
CA LYS C 130 22.40 -32.53 8.78
C LYS C 130 21.62 -31.23 8.73
N PHE C 131 20.30 -31.26 8.52
CA PHE C 131 19.56 -30.04 8.28
C PHE C 131 18.90 -29.44 9.51
N SER C 132 18.76 -30.21 10.58
CA SER C 132 18.01 -29.78 11.76
C SER C 132 18.90 -28.99 12.72
N THR C 133 18.47 -27.78 13.05
CA THR C 133 19.02 -27.04 14.17
C THR C 133 18.15 -27.17 15.41
N SER C 134 17.10 -27.99 15.34
CA SER C 134 16.20 -28.22 16.47
C SER C 134 16.45 -29.55 17.19
N LYS C 135 17.35 -30.37 16.68
CA LYS C 135 17.58 -31.71 17.22
C LYS C 135 18.53 -31.70 18.42
N PHE C 136 18.81 -30.54 18.99
CA PHE C 136 19.55 -30.41 20.23
C PHE C 136 18.69 -30.02 21.41
N PHE C 137 17.47 -29.55 21.16
CA PHE C 137 16.48 -29.20 22.18
C PHE C 137 17.04 -28.24 23.24
N ASN C 138 17.87 -27.29 22.80
CA ASN C 138 18.42 -26.24 23.66
C ASN C 138 19.15 -26.80 24.87
N GLN C 139 19.69 -28.03 24.70
CA GLN C 139 20.30 -28.69 25.88
C GLN C 139 21.81 -28.48 25.91
N LEU C 140 22.39 -28.58 27.10
CA LEU C 140 23.88 -28.45 27.26
C LEU C 140 24.43 -27.19 26.61
N ASN C 141 25.34 -27.34 25.66
CA ASN C 141 26.07 -26.23 25.07
C ASN C 141 25.61 -25.93 23.66
N PHE C 142 24.51 -26.53 23.22
CA PHE C 142 23.98 -26.29 21.88
C PHE C 142 22.91 -25.22 21.95
N ASP C 143 23.37 -24.02 22.28
CA ASP C 143 22.51 -22.87 22.49
C ASP C 143 22.33 -22.10 21.18
N TYR C 144 21.74 -20.92 21.27
CA TYR C 144 21.24 -20.22 20.08
C TYR C 144 22.35 -19.84 19.11
N PRO C 145 23.47 -19.21 19.53
CA PRO C 145 24.51 -18.90 18.53
C PRO C 145 25.09 -20.11 17.81
N LYS C 146 25.23 -21.26 18.48
CA LYS C 146 25.72 -22.44 17.80
C LYS C 146 24.76 -22.94 16.72
N THR C 147 23.45 -22.94 17.04
CA THR C 147 22.48 -23.35 16.03
C THR C 147 22.43 -22.38 14.87
N GLN C 148 22.60 -21.07 15.15
CA GLN C 148 22.69 -20.11 14.06
C GLN C 148 23.94 -20.31 13.22
N GLU C 149 25.03 -20.74 13.85
CA GLU C 149 26.24 -21.09 13.12
C GLU C 149 25.97 -22.22 12.14
N ILE C 150 25.28 -23.26 12.61
CA ILE C 150 24.94 -24.38 11.75
C ILE C 150 24.04 -23.93 10.60
N THR C 151 23.03 -23.12 10.91
CA THR C 151 22.15 -22.61 9.87
C THR C 151 22.91 -21.81 8.82
N GLN C 152 23.83 -20.94 9.26
CA GLN C 152 24.62 -20.15 8.34
C GLN C 152 25.42 -21.04 7.41
N THR C 153 26.04 -22.09 7.95
CA THR C 153 26.78 -23.02 7.11
C THR C 153 25.84 -23.68 6.09
N LEU C 154 24.64 -24.06 6.52
CA LEU C 154 23.70 -24.72 5.61
C LEU C 154 23.21 -23.80 4.50
N LEU C 155 23.20 -22.49 4.73
CA LEU C 155 22.66 -21.56 3.74
C LEU C 155 23.72 -21.06 2.76
N TYR C 156 24.89 -21.69 2.70
CA TYR C 156 25.94 -21.25 1.79
C TYR C 156 25.55 -21.46 0.33
N GLY C 157 26.07 -20.60 -0.53
CA GLY C 157 25.92 -20.73 -1.96
C GLY C 157 24.64 -20.18 -2.53
N GLY C 158 23.73 -19.69 -1.69
CA GLY C 158 22.41 -19.30 -2.12
C GLY C 158 22.27 -17.80 -2.23
N ILE C 159 21.75 -17.35 -3.37
CA ILE C 159 21.47 -15.94 -3.57
C ILE C 159 20.06 -15.58 -3.11
N LYS C 160 19.22 -16.57 -2.86
CA LYS C 160 17.85 -16.36 -2.42
C LYS C 160 17.54 -17.38 -1.33
N LYS C 161 16.63 -17.01 -0.44
CA LYS C 161 16.14 -17.91 0.60
C LYS C 161 14.64 -18.04 0.45
N LEU C 162 14.16 -19.28 0.45
CA LEU C 162 12.74 -19.56 0.52
C LEU C 162 12.38 -20.00 1.92
N HIS C 163 11.41 -19.33 2.52
CA HIS C 163 10.92 -19.64 3.85
C HIS C 163 9.59 -20.36 3.74
N LEU C 164 9.50 -21.55 4.34
CA LEU C 164 8.27 -22.31 4.42
C LEU C 164 7.97 -22.70 5.86
N ASP C 165 6.70 -22.68 6.21
CA ASP C 165 6.20 -23.11 7.50
C ASP C 165 5.07 -24.10 7.33
N LEU C 166 4.94 -25.00 8.29
CA LEU C 166 3.79 -25.88 8.38
C LEU C 166 2.78 -25.26 9.34
N SER C 167 1.52 -25.24 8.94
CA SER C 167 0.48 -24.59 9.74
C SER C 167 -0.03 -25.57 10.80
N ASN C 168 -0.07 -25.10 12.05
CA ASN C 168 -0.65 -25.84 13.17
C ASN C 168 -0.04 -27.24 13.27
N PHE C 169 1.29 -27.31 13.18
CA PHE C 169 1.97 -28.57 12.97
C PHE C 169 1.78 -29.54 14.13
N TYR C 170 2.09 -29.10 15.34
CA TYR C 170 1.99 -29.97 16.51
C TYR C 170 0.55 -30.35 16.80
N HIS C 171 -0.38 -29.42 16.61
CA HIS C 171 -1.73 -29.53 17.13
C HIS C 171 -2.69 -30.21 16.17
N THR C 172 -2.32 -30.38 14.91
CA THR C 172 -3.15 -31.10 13.95
C THR C 172 -2.44 -32.31 13.35
N LEU C 173 -1.25 -32.64 13.85
CA LEU C 173 -0.50 -33.78 13.33
C LEU C 173 -1.30 -35.06 13.52
N TYR C 174 -1.57 -35.75 12.42
CA TYR C 174 -2.23 -37.04 12.46
C TYR C 174 -1.24 -38.07 13.00
N THR C 175 -1.56 -38.66 14.16
CA THR C 175 -0.59 -39.51 14.85
C THR C 175 -0.34 -40.82 14.11
N HIS C 176 -1.32 -41.31 13.33
CA HIS C 176 -1.06 -42.50 12.53
C HIS C 176 -0.19 -42.21 11.32
N SER C 177 0.09 -40.95 11.03
CA SER C 177 1.06 -40.62 10.00
C SER C 177 2.49 -40.72 10.49
N ILE C 178 2.70 -40.89 11.80
CA ILE C 178 4.05 -41.11 12.32
C ILE C 178 4.67 -42.40 11.78
N PRO C 179 3.99 -43.56 11.84
CA PRO C 179 4.56 -44.74 11.18
C PRO C 179 4.72 -44.60 9.69
N TRP C 180 3.90 -43.78 9.02
CA TRP C 180 4.12 -43.50 7.60
C TRP C 180 5.46 -42.82 7.38
N MET C 181 5.73 -41.77 8.17
CA MET C 181 6.97 -41.04 8.01
C MET C 181 8.17 -41.90 8.35
N ILE C 182 8.07 -42.70 9.43
CA ILE C 182 9.19 -43.52 9.86
C ILE C 182 9.42 -44.69 8.92
N ASP C 183 8.36 -45.38 8.50
CA ASP C 183 8.49 -46.65 7.80
C ASP C 183 8.04 -46.63 6.35
N GLY C 184 7.38 -45.58 5.89
CA GLY C 184 6.77 -45.59 4.58
C GLY C 184 5.26 -45.76 4.68
N LYS C 185 4.50 -44.94 3.97
CA LYS C 185 3.05 -44.97 4.09
C LYS C 185 2.47 -46.29 3.59
N SER C 186 3.03 -46.86 2.52
CA SER C 186 2.55 -48.09 1.93
C SER C 186 2.91 -49.32 2.76
N ALA C 187 3.55 -49.13 3.91
CA ALA C 187 3.81 -50.22 4.85
C ALA C 187 2.95 -50.11 6.10
N SER C 188 2.13 -49.08 6.22
CA SER C 188 1.14 -49.01 7.29
C SER C 188 0.16 -50.16 7.19
N LYS C 189 -0.29 -50.46 5.98
CA LYS C 189 -1.13 -51.61 5.71
C LYS C 189 -0.27 -52.87 5.80
N GLN C 190 -0.69 -53.82 6.64
CA GLN C 190 0.12 -54.98 6.97
C GLN C 190 0.69 -55.71 5.76
N LYS C 193 1.17 -53.97 12.79
CA LYS C 193 1.60 -53.40 14.06
C LYS C 193 2.76 -54.18 14.66
N LYS C 194 2.89 -54.08 15.99
CA LYS C 194 3.93 -54.71 16.80
C LYS C 194 5.32 -54.13 16.55
N GLY C 195 5.46 -53.19 15.62
CA GLY C 195 6.74 -52.56 15.38
C GLY C 195 7.00 -51.40 16.32
N PHE C 196 8.16 -50.78 16.15
CA PHE C 196 8.57 -49.70 17.03
C PHE C 196 7.68 -48.47 16.85
N SER C 197 7.46 -48.05 15.60
CA SER C 197 6.74 -46.81 15.35
C SER C 197 5.26 -46.94 15.68
N ASN C 198 4.68 -48.12 15.44
CA ASN C 198 3.28 -48.34 15.79
C ASN C 198 3.07 -48.30 17.29
N THR C 199 3.95 -48.94 18.06
CA THR C 199 3.87 -48.87 19.52
C THR C 199 4.09 -47.45 20.02
N LEU C 200 4.99 -46.71 19.39
CA LEU C 200 5.21 -45.32 19.76
C LEU C 200 3.94 -44.49 19.56
N ASP C 201 3.29 -44.68 18.41
CA ASP C 201 2.01 -44.01 18.16
C ASP C 201 0.97 -44.38 19.20
N THR C 202 0.91 -45.66 19.57
CA THR C 202 -0.05 -46.12 20.57
C THR C 202 0.19 -45.45 21.92
N LEU C 203 1.45 -45.36 22.34
CA LEU C 203 1.72 -44.70 23.62
C LEU C 203 1.44 -43.21 23.58
N ILE C 204 1.68 -42.54 22.44
CA ILE C 204 1.32 -41.14 22.33
C ILE C 204 -0.19 -40.95 22.49
N THR C 205 -0.97 -41.75 21.78
CA THR C 205 -2.42 -41.63 21.89
C THR C 205 -2.89 -41.98 23.30
N ALA C 206 -2.22 -42.92 23.96
CA ALA C 206 -2.54 -43.20 25.36
C ALA C 206 -2.27 -41.98 26.24
N CYS C 207 -1.26 -41.18 25.89
CA CYS C 207 -1.02 -39.94 26.64
C CYS C 207 -2.14 -38.93 26.43
N GLN C 208 -2.86 -38.99 25.30
CA GLN C 208 -3.94 -38.03 25.09
C GLN C 208 -5.30 -38.72 24.94
N TYR C 209 -5.50 -39.83 25.66
CA TYR C 209 -6.80 -40.50 25.80
C TYR C 209 -7.29 -41.08 24.47
N ASP C 210 -6.39 -41.79 23.77
CA ASP C 210 -6.64 -42.40 22.46
C ASP C 210 -7.17 -41.38 21.45
N GLU C 211 -6.67 -40.16 21.52
CA GLU C 211 -7.01 -39.14 20.56
C GLU C 211 -5.90 -39.12 19.52
N THR C 212 -6.27 -39.19 18.25
CA THR C 212 -5.29 -39.26 17.18
C THR C 212 -5.02 -37.92 16.54
N HIS C 213 -5.67 -36.86 17.02
CA HIS C 213 -5.56 -35.54 16.44
C HIS C 213 -4.53 -34.75 17.24
N GLY C 214 -3.35 -34.57 16.67
CA GLY C 214 -2.31 -33.80 17.29
C GLY C 214 -1.43 -34.59 18.25
N ILE C 215 -0.39 -33.93 18.71
CA ILE C 215 0.64 -34.49 19.60
C ILE C 215 0.54 -33.76 20.94
N PRO C 216 0.70 -34.44 22.09
CA PRO C 216 0.60 -33.73 23.38
C PRO C 216 1.75 -32.77 23.59
N THR C 217 1.49 -31.48 23.44
CA THR C 217 2.53 -30.46 23.34
C THR C 217 2.85 -29.88 24.71
N GLY C 218 4.13 -29.57 24.92
CA GLY C 218 4.56 -28.88 26.11
C GLY C 218 5.62 -29.60 26.92
N ASN C 219 6.14 -30.70 26.38
CA ASN C 219 7.11 -31.52 27.10
C ASN C 219 8.17 -32.00 26.11
N LEU C 220 9.27 -32.52 26.67
CA LEU C 220 10.42 -32.85 25.85
C LEU C 220 10.24 -34.13 25.03
N LEU C 221 9.47 -35.11 25.54
CA LEU C 221 9.23 -36.31 24.74
C LEU C 221 8.48 -35.99 23.46
N SER C 222 7.52 -35.08 23.53
CA SER C 222 6.83 -34.66 22.31
C SER C 222 7.79 -34.01 21.34
N ARG C 223 8.71 -33.18 21.84
CA ARG C 223 9.72 -32.55 20.98
C ARG C 223 10.61 -33.60 20.33
N ILE C 224 10.99 -34.64 21.08
CA ILE C 224 11.84 -35.69 20.52
C ILE C 224 11.10 -36.48 19.44
N ILE C 225 9.84 -36.83 19.68
CA ILE C 225 9.07 -37.56 18.68
C ILE C 225 8.86 -36.72 17.43
N THR C 226 8.51 -35.43 17.60
CA THR C 226 8.34 -34.53 16.48
C THR C 226 9.64 -34.37 15.70
N GLU C 227 10.78 -34.35 16.41
CA GLU C 227 12.06 -34.25 15.75
C GLU C 227 12.39 -35.50 14.96
N LEU C 228 12.03 -36.67 15.47
CA LEU C 228 12.20 -37.90 14.69
C LEU C 228 11.37 -37.86 13.41
N TYR C 229 10.09 -37.49 13.55
CA TYR C 229 9.22 -37.32 12.39
C TYR C 229 9.85 -36.39 11.36
N MET C 230 10.33 -35.24 11.82
CA MET C 230 10.83 -34.23 10.89
C MET C 230 12.19 -34.63 10.32
N CYS C 231 13.02 -35.37 11.07
CA CYS C 231 14.28 -35.84 10.51
C CYS C 231 14.06 -36.92 9.48
N HIS C 232 12.96 -37.67 9.56
CA HIS C 232 12.64 -38.59 8.47
C HIS C 232 12.11 -37.85 7.25
N PHE C 233 11.35 -36.78 7.48
CA PHE C 233 11.03 -35.86 6.38
C PHE C 233 12.32 -35.34 5.72
N ASP C 234 13.29 -34.95 6.54
CA ASP C 234 14.59 -34.48 6.04
C ASP C 234 15.32 -35.58 5.27
N LYS C 235 15.24 -36.82 5.74
CA LYS C 235 15.88 -37.90 4.99
C LYS C 235 15.27 -38.05 3.60
N GLN C 236 13.93 -37.94 3.51
CA GLN C 236 13.31 -37.99 2.20
C GLN C 236 13.79 -36.84 1.31
N MET C 237 13.87 -35.62 1.87
CA MET C 237 14.31 -34.50 1.04
C MET C 237 15.79 -34.58 0.68
N GLU C 238 16.61 -35.18 1.55
CA GLU C 238 18.05 -35.30 1.27
C GLU C 238 18.31 -36.36 0.21
N TYR C 239 17.54 -37.44 0.21
CA TYR C 239 17.70 -38.43 -0.84
C TYR C 239 17.38 -37.85 -2.21
N LYS C 240 16.57 -36.81 -2.27
CA LYS C 240 16.32 -36.08 -3.51
C LYS C 240 17.33 -34.96 -3.72
N LYS C 241 18.39 -34.93 -2.90
CA LYS C 241 19.54 -34.04 -3.10
C LYS C 241 19.16 -32.57 -2.91
N PHE C 242 18.52 -32.25 -1.79
CA PHE C 242 18.30 -30.86 -1.46
C PHE C 242 18.96 -30.51 -0.14
N VAL C 243 19.31 -29.24 -0.01
CA VAL C 243 19.99 -28.71 1.17
C VAL C 243 19.15 -27.57 1.72
N TYR C 244 18.87 -27.60 3.01
CA TYR C 244 18.12 -26.53 3.66
C TYR C 244 18.39 -26.59 5.16
N SER C 245 18.03 -25.63 5.87
CA SER C 245 17.96 -25.47 7.32
C SER C 245 16.53 -25.66 7.81
N ARG C 246 16.28 -26.45 8.77
CA ARG C 246 15.06 -26.59 9.49
C ARG C 246 15.17 -26.40 10.99
N TYR C 247 14.40 -25.48 11.50
CA TYR C 247 14.11 -25.41 12.92
C TYR C 247 12.64 -25.92 13.16
N VAL C 248 12.47 -27.19 13.53
CA VAL C 248 11.12 -27.78 13.81
C VAL C 248 10.29 -27.82 12.52
N ASP C 249 9.75 -26.67 12.09
CA ASP C 249 8.89 -26.62 10.88
C ASP C 249 9.24 -25.38 10.06
N ASP C 250 10.25 -24.62 10.50
CA ASP C 250 10.69 -23.41 9.76
C ASP C 250 11.76 -23.83 8.74
N PHE C 251 11.37 -23.92 7.45
CA PHE C 251 12.32 -24.38 6.40
C PHE C 251 12.98 -23.18 5.73
N ILE C 252 14.32 -23.14 5.73
CA ILE C 252 15.07 -22.05 5.03
C ILE C 252 15.76 -22.67 3.82
N PHE C 253 15.18 -22.53 2.62
CA PHE C 253 15.76 -23.19 1.42
C PHE C 253 16.72 -22.24 0.68
N PRO C 254 18.06 -22.45 0.65
CA PRO C 254 18.94 -21.59 -0.14
C PRO C 254 18.95 -21.99 -1.62
N PHE C 255 18.88 -21.01 -2.51
CA PHE C 255 18.80 -21.34 -3.93
C PHE C 255 19.22 -20.12 -4.74
N THR C 256 19.50 -20.35 -6.01
CA THR C 256 19.96 -19.30 -6.90
C THR C 256 19.06 -19.13 -8.12
N PHE C 257 18.68 -20.22 -8.76
CA PHE C 257 17.86 -20.22 -9.95
C PHE C 257 16.45 -20.69 -9.60
N GLU C 258 15.47 -20.13 -10.30
CA GLU C 258 14.07 -20.42 -9.99
C GLU C 258 13.70 -21.87 -10.25
N ASN C 259 14.43 -22.59 -11.11
CA ASN C 259 14.12 -23.99 -11.32
C ASN C 259 14.41 -24.80 -10.06
N GLU C 260 15.48 -24.46 -9.33
CA GLU C 260 15.76 -25.11 -8.06
C GLU C 260 14.63 -24.92 -7.08
N LYS C 261 14.16 -23.67 -6.96
CA LYS C 261 13.05 -23.35 -6.07
C LYS C 261 11.79 -24.11 -6.44
N GLN C 262 11.47 -24.16 -7.74
CA GLN C 262 10.25 -24.84 -8.16
C GLN C 262 10.33 -26.33 -7.93
N GLU C 263 11.49 -26.95 -8.20
CA GLU C 263 11.62 -28.38 -7.97
C GLU C 263 11.54 -28.71 -6.48
N PHE C 264 12.17 -27.87 -5.64
CA PHE C 264 12.04 -28.03 -4.20
C PHE C 264 10.59 -27.90 -3.75
N LEU C 265 9.88 -26.90 -4.27
CA LEU C 265 8.49 -26.72 -3.87
C LEU C 265 7.63 -27.91 -4.27
N ASN C 266 7.84 -28.43 -5.49
CA ASN C 266 7.08 -29.62 -5.90
C ASN C 266 7.36 -30.81 -5.00
N GLU C 267 8.64 -31.07 -4.69
CA GLU C 267 8.95 -32.22 -3.83
C GLU C 267 8.37 -32.04 -2.42
N PHE C 268 8.49 -30.83 -1.88
CA PHE C 268 8.03 -30.55 -0.54
C PHE C 268 6.50 -30.66 -0.47
N ASN C 269 5.81 -30.11 -1.47
CA ASN C 269 4.36 -30.27 -1.58
C ASN C 269 3.97 -31.74 -1.64
N LEU C 270 4.74 -32.54 -2.39
CA LEU C 270 4.42 -33.95 -2.55
C LEU C 270 4.50 -34.68 -1.22
N ILE C 271 5.58 -34.46 -0.47
CA ILE C 271 5.71 -35.15 0.81
C ILE C 271 4.66 -34.65 1.81
N CYS C 272 4.38 -33.36 1.81
CA CYS C 272 3.35 -32.83 2.69
C CYS C 272 1.99 -33.43 2.37
N ARG C 273 1.66 -33.58 1.09
CA ARG C 273 0.40 -34.20 0.71
C ARG C 273 0.37 -35.66 1.10
N GLU C 274 1.49 -36.37 0.98
CA GLU C 274 1.53 -37.77 1.37
C GLU C 274 1.29 -37.94 2.87
N ASN C 275 1.72 -36.99 3.69
CA ASN C 275 1.66 -37.18 5.14
C ASN C 275 0.62 -36.28 5.82
N ASN C 276 -0.33 -35.74 5.05
CA ASN C 276 -1.37 -34.85 5.59
C ASN C 276 -0.79 -33.67 6.34
N LEU C 277 0.27 -33.08 5.78
CA LEU C 277 0.87 -31.88 6.32
C LEU C 277 0.44 -30.69 5.46
N ILE C 278 0.19 -29.56 6.10
CA ILE C 278 -0.35 -28.39 5.42
C ILE C 278 0.63 -27.24 5.58
N ILE C 279 1.02 -26.63 4.47
CA ILE C 279 1.89 -25.48 4.48
C ILE C 279 1.11 -24.24 4.87
N ASN C 280 1.69 -23.41 5.72
CA ASN C 280 1.13 -22.11 6.05
C ASN C 280 1.52 -21.15 4.93
N ASP C 281 0.62 -20.97 3.95
CA ASP C 281 0.94 -20.17 2.77
C ASP C 281 1.15 -18.70 3.09
N ASN C 282 0.70 -18.24 4.25
CA ASN C 282 0.92 -16.86 4.64
C ASN C 282 2.39 -16.57 4.89
N LYS C 283 3.10 -17.53 5.48
CA LYS C 283 4.50 -17.36 5.85
C LYS C 283 5.47 -17.67 4.72
N THR C 284 4.99 -18.02 3.55
CA THR C 284 5.87 -18.31 2.43
C THR C 284 6.41 -17.00 1.85
N LYS C 285 7.73 -16.89 1.75
CA LYS C 285 8.35 -15.68 1.24
C LYS C 285 9.74 -16.00 0.73
N VAL C 286 10.14 -15.31 -0.32
CA VAL C 286 11.49 -15.37 -0.85
C VAL C 286 12.21 -14.09 -0.44
N ASP C 287 13.39 -14.24 0.12
CA ASP C 287 14.25 -13.10 0.47
C ASP C 287 15.42 -13.06 -0.50
N ASN C 288 15.64 -11.89 -1.09
CA ASN C 288 16.73 -11.68 -2.03
C ASN C 288 17.91 -11.04 -1.32
N PHE C 289 19.11 -11.43 -1.70
CA PHE C 289 20.29 -10.75 -1.19
C PHE C 289 20.43 -9.39 -1.84
N PRO C 290 20.78 -8.33 -1.08
CA PRO C 290 21.17 -8.37 0.34
C PRO C 290 20.04 -8.77 1.31
N PHE C 291 20.35 -9.70 2.19
CA PHE C 291 19.34 -10.32 3.03
C PHE C 291 18.99 -9.43 4.21
N VAL C 292 17.71 -9.42 4.55
CA VAL C 292 17.24 -8.72 5.74
C VAL C 292 17.49 -9.60 6.96
N ASP C 293 17.94 -8.99 8.06
CA ASP C 293 18.08 -9.67 9.34
C ASP C 293 17.54 -8.76 10.43
N LYS C 294 16.36 -9.07 10.94
CA LYS C 294 15.71 -8.23 11.94
C LYS C 294 15.98 -8.67 13.37
N SER C 295 16.75 -9.74 13.57
CA SER C 295 16.90 -10.34 14.90
C SER C 295 18.27 -10.09 15.51
N SER C 296 19.01 -9.11 15.01
CA SER C 296 20.27 -8.73 15.64
C SER C 296 20.01 -8.23 17.06
N LYS C 297 20.69 -8.83 18.03
CA LYS C 297 20.52 -8.50 19.43
C LYS C 297 21.70 -7.71 19.99
N SER C 298 22.57 -7.17 19.13
CA SER C 298 23.80 -6.55 19.59
C SER C 298 23.53 -5.26 20.37
N ASP C 299 22.68 -4.39 19.81
CA ASP C 299 22.29 -3.17 20.53
C ASP C 299 21.61 -3.50 21.85
N ILE C 300 20.79 -4.56 21.87
CA ILE C 300 20.07 -4.90 23.09
C ILE C 300 21.04 -5.31 24.19
N PHE C 301 21.98 -6.22 23.90
CA PHE C 301 22.82 -6.65 25.01
C PHE C 301 23.90 -5.62 25.33
N SER C 302 24.06 -4.60 24.49
CA SER C 302 25.00 -3.53 24.76
C SER C 302 24.29 -2.23 25.12
N PHE C 303 23.08 -2.30 25.67
CA PHE C 303 22.40 -1.08 26.11
C PHE C 303 23.17 -0.38 27.22
N PHE C 304 23.75 -1.15 28.14
CA PHE C 304 24.25 -0.70 29.43
C PHE C 304 25.76 -0.51 29.48
N GLU C 305 26.41 -0.28 28.34
CA GLU C 305 27.87 -0.25 28.32
C GLU C 305 28.42 0.90 29.15
N ASN C 306 27.76 2.05 29.09
CA ASN C 306 28.28 3.30 29.63
C ASN C 306 27.67 3.68 30.97
N ILE C 307 27.08 2.71 31.68
CA ILE C 307 26.62 2.90 33.04
C ILE C 307 27.52 2.08 33.95
N THR C 308 27.81 2.62 35.13
CA THR C 308 28.68 1.97 36.10
C THR C 308 28.02 2.02 37.47
N SER C 309 28.63 1.29 38.42
CA SER C 309 28.16 1.36 39.80
C SER C 309 28.41 2.72 40.42
N THR C 310 29.28 3.55 39.82
CA THR C 310 29.43 4.91 40.29
C THR C 310 28.29 5.82 39.85
N ASN C 311 27.51 5.39 38.86
CA ASN C 311 26.32 6.15 38.50
C ASN C 311 25.29 6.10 39.63
N SER C 312 24.50 7.16 39.73
CA SER C 312 23.51 7.27 40.79
C SER C 312 22.41 6.23 40.61
N ASN C 313 21.71 5.94 41.70
CA ASN C 313 20.60 4.99 41.63
C ASN C 313 19.49 5.51 40.74
N ASP C 314 19.30 6.83 40.69
CA ASP C 314 18.28 7.42 39.83
C ASP C 314 18.59 7.17 38.35
N LYS C 315 19.85 7.30 37.98
CA LYS C 315 20.22 7.02 36.59
C LYS C 315 20.04 5.55 36.27
N TRP C 316 20.35 4.66 37.22
CA TRP C 316 20.08 3.24 37.01
C TRP C 316 18.59 2.99 36.79
N ILE C 317 17.74 3.63 37.58
CA ILE C 317 16.30 3.45 37.45
C ILE C 317 15.83 3.90 36.07
N LYS C 318 16.23 5.11 35.68
CA LYS C 318 15.79 5.65 34.39
C LYS C 318 16.36 4.85 33.23
N GLU C 319 17.60 4.38 33.36
CA GLU C 319 18.22 3.57 32.31
C GLU C 319 17.50 2.25 32.14
N ILE C 320 17.12 1.60 33.25
CA ILE C 320 16.37 0.36 33.16
C ILE C 320 15.00 0.58 32.53
N SER C 321 14.33 1.68 32.90
CA SER C 321 13.04 1.99 32.29
C SER C 321 13.15 2.19 30.78
N ASN C 322 14.14 2.99 30.36
CA ASN C 322 14.37 3.18 28.93
C ASN C 322 14.72 1.87 28.25
N PHE C 323 15.43 0.99 28.97
CA PHE C 323 15.77 -0.31 28.40
C PHE C 323 14.52 -1.11 28.10
N ILE C 324 13.57 -1.14 29.04
CA ILE C 324 12.34 -1.88 28.83
C ILE C 324 11.59 -1.33 27.63
N ASP C 325 11.47 0.00 27.56
CA ASP C 325 10.77 0.58 26.40
C ASP C 325 11.48 0.23 25.10
N TYR C 326 12.81 0.26 25.10
CA TYR C 326 13.58 0.00 23.89
C TYR C 326 13.39 -1.44 23.43
N CYS C 327 13.41 -2.41 24.34
CA CYS C 327 13.22 -3.79 23.91
C CYS C 327 11.78 -4.07 23.49
N VAL C 328 10.80 -3.43 24.12
CA VAL C 328 9.42 -3.61 23.67
C VAL C 328 9.26 -3.07 22.25
N ASN C 329 9.89 -1.93 21.96
CA ASN C 329 9.86 -1.38 20.61
C ASN C 329 10.58 -2.30 19.63
N GLU C 330 11.71 -2.88 20.05
CA GLU C 330 12.43 -3.83 19.20
C GLU C 330 11.56 -5.02 18.85
N GLU C 331 10.83 -5.56 19.83
CA GLU C 331 9.94 -6.67 19.55
C GLU C 331 8.80 -6.26 18.65
N HIS C 332 8.28 -5.03 18.81
CA HIS C 332 7.25 -4.56 17.91
C HIS C 332 7.77 -4.50 16.48
N LEU C 333 9.04 -4.13 16.30
CA LEU C 333 9.61 -3.99 14.97
C LEU C 333 9.97 -5.32 14.33
N GLY C 334 9.85 -6.43 15.05
CA GLY C 334 10.14 -7.73 14.50
C GLY C 334 11.37 -8.42 15.05
N ASN C 335 12.01 -7.85 16.06
CA ASN C 335 13.16 -8.47 16.71
C ASN C 335 12.63 -9.55 17.66
N LYS C 336 12.66 -10.80 17.20
CA LYS C 336 12.04 -11.89 17.94
C LYS C 336 12.85 -12.22 19.19
N GLY C 337 12.17 -12.31 20.32
CA GLY C 337 12.81 -12.61 21.59
C GLY C 337 13.40 -11.43 22.31
N ALA C 338 13.18 -10.21 21.85
CA ALA C 338 13.73 -9.02 22.51
C ALA C 338 13.14 -8.83 23.89
N ILE C 339 11.83 -9.04 24.04
CA ILE C 339 11.20 -8.90 25.35
C ILE C 339 11.74 -9.96 26.30
N LYS C 340 11.93 -11.18 25.81
CA LYS C 340 12.57 -12.20 26.63
C LYS C 340 13.94 -11.73 27.13
N CYS C 341 14.66 -10.99 26.29
CA CYS C 341 16.02 -10.56 26.64
C CYS C 341 16.06 -9.57 27.81
N ILE C 342 14.96 -8.87 28.08
CA ILE C 342 15.00 -7.80 29.09
C ILE C 342 15.51 -8.33 30.43
N PHE C 343 14.91 -9.41 30.92
CA PHE C 343 15.21 -9.87 32.28
C PHE C 343 16.62 -10.42 32.42
N PRO C 344 17.07 -11.37 31.58
CA PRO C 344 18.44 -11.87 31.74
C PRO C 344 19.50 -10.79 31.63
N VAL C 345 19.34 -9.84 30.70
CA VAL C 345 20.43 -8.89 30.53
C VAL C 345 20.40 -7.83 31.62
N ILE C 346 19.23 -7.50 32.17
CA ILE C 346 19.21 -6.61 33.33
C ILE C 346 19.93 -7.30 34.50
N THR C 347 19.62 -8.57 34.72
CA THR C 347 20.25 -9.30 35.82
C THR C 347 21.76 -9.42 35.63
N ASN C 348 22.20 -9.72 34.39
CA ASN C 348 23.62 -9.86 34.13
C ASN C 348 24.34 -8.52 34.17
N THR C 349 23.68 -7.43 33.77
CA THR C 349 24.28 -6.11 33.91
C THR C 349 24.45 -5.74 35.38
N LEU C 350 23.44 -6.04 36.19
CA LEU C 350 23.54 -5.74 37.62
C LEU C 350 24.66 -6.53 38.26
N LYS C 351 24.81 -7.80 37.86
CA LYS C 351 25.91 -8.61 38.37
C LYS C 351 27.27 -8.12 37.86
N GLN C 352 27.36 -7.77 36.58
CA GLN C 352 28.65 -7.46 35.98
C GLN C 352 29.12 -6.05 36.34
N LYS C 353 28.21 -5.08 36.38
CA LYS C 353 28.57 -3.75 36.86
C LYS C 353 28.93 -3.79 38.34
N LYS C 354 28.62 -4.88 39.02
CA LYS C 354 29.04 -5.13 40.40
C LYS C 354 28.40 -4.13 41.34
N VAL C 355 27.09 -3.95 41.16
CA VAL C 355 26.33 -3.03 42.00
C VAL C 355 26.08 -3.67 43.36
N ASP C 356 26.24 -2.87 44.41
CA ASP C 356 26.16 -3.39 45.77
C ASP C 356 24.72 -3.74 46.12
N THR C 357 24.56 -4.63 47.12
CA THR C 357 23.24 -5.16 47.45
C THR C 357 22.28 -4.07 47.90
N LYS C 358 22.76 -3.17 48.75
CA LYS C 358 21.95 -2.05 49.21
C LYS C 358 21.64 -1.07 48.09
N ASN C 359 22.54 -0.92 47.11
CA ASN C 359 22.20 -0.12 45.94
C ASN C 359 21.11 -0.78 45.11
N ILE C 360 21.14 -2.11 44.97
CA ILE C 360 20.08 -2.83 44.25
C ILE C 360 18.75 -2.69 44.97
N ASP C 361 18.77 -2.82 46.30
CA ASP C 361 17.58 -2.57 47.10
C ASP C 361 17.01 -1.18 46.82
N ASN C 362 17.88 -0.17 46.79
CA ASN C 362 17.40 1.18 46.51
C ASN C 362 16.85 1.31 45.09
N ILE C 363 17.51 0.71 44.10
CA ILE C 363 17.06 0.80 42.71
C ILE C 363 15.65 0.24 42.56
N PHE C 364 15.41 -0.96 43.10
CA PHE C 364 14.13 -1.60 42.83
C PHE C 364 13.07 -1.33 43.88
N SER C 365 13.41 -0.74 45.02
CA SER C 365 12.42 -0.47 46.04
C SER C 365 12.00 1.00 46.10
N LYS C 366 12.67 1.88 45.36
CA LYS C 366 12.40 3.30 45.47
C LYS C 366 11.10 3.67 44.80
N ARG C 367 10.24 4.37 45.53
CA ARG C 367 9.05 5.00 44.99
C ARG C 367 9.30 6.51 44.89
N ASN C 368 9.37 7.01 43.67
CA ASN C 368 9.52 8.45 43.45
C ASN C 368 8.27 9.14 43.96
N MET C 369 8.46 10.17 44.80
CA MET C 369 7.34 10.73 45.52
C MET C 369 6.40 11.52 44.61
N VAL C 370 6.96 12.30 43.68
CA VAL C 370 6.14 13.10 42.78
C VAL C 370 5.40 12.20 41.79
N THR C 371 6.11 11.27 41.17
CA THR C 371 5.57 10.50 40.05
C THR C 371 4.98 9.15 40.44
N ASN C 372 5.17 8.71 41.69
CA ASN C 372 4.71 7.41 42.17
C ASN C 372 5.29 6.26 41.36
N PHE C 373 6.41 6.48 40.69
CA PHE C 373 6.99 5.48 39.80
C PHE C 373 7.94 4.58 40.56
N ASN C 374 7.85 3.28 40.27
CA ASN C 374 8.74 2.26 40.81
C ASN C 374 9.03 1.29 39.68
N VAL C 375 10.29 0.90 39.54
CA VAL C 375 10.71 0.19 38.33
C VAL C 375 10.34 -1.31 38.40
N PHE C 376 10.33 -1.91 39.60
CA PHE C 376 9.73 -3.22 39.80
C PHE C 376 8.27 -3.26 39.37
N GLU C 377 7.50 -2.22 39.68
CA GLU C 377 6.11 -2.24 39.26
C GLU C 377 6.00 -2.20 37.74
N LYS C 378 6.87 -1.44 37.06
CA LYS C 378 6.87 -1.41 35.61
C LYS C 378 7.20 -2.78 35.03
N ILE C 379 8.18 -3.47 35.62
CA ILE C 379 8.56 -4.77 35.11
C ILE C 379 7.47 -5.81 35.36
N LEU C 380 6.81 -5.73 36.53
CA LEU C 380 5.66 -6.58 36.81
C LEU C 380 4.53 -6.36 35.82
N ASP C 381 4.24 -5.10 35.48
CA ASP C 381 3.18 -4.82 34.52
C ASP C 381 3.56 -5.29 33.13
N LEU C 382 4.82 -5.16 32.75
CA LEU C 382 5.31 -5.74 31.52
C LEU C 382 5.06 -7.25 31.50
N SER C 383 5.38 -7.94 32.59
CA SER C 383 5.18 -9.39 32.62
C SER C 383 3.70 -9.74 32.52
N LEU C 384 2.84 -8.96 33.17
CA LEU C 384 1.40 -9.21 33.07
C LEU C 384 0.87 -8.92 31.67
N LYS C 385 1.61 -8.15 30.86
CA LYS C 385 1.21 -7.96 29.46
C LYS C 385 1.31 -9.24 28.64
N ASP C 386 2.12 -10.23 29.04
CA ASP C 386 2.21 -11.49 28.30
C ASP C 386 2.49 -12.62 29.28
N SER C 387 1.52 -13.53 29.45
CA SER C 387 1.64 -14.56 30.47
C SER C 387 2.73 -15.58 30.18
N ARG C 388 3.27 -15.61 28.96
CA ARG C 388 4.43 -16.46 28.67
C ARG C 388 5.68 -15.94 29.36
N LEU C 389 5.64 -14.75 29.95
CA LEU C 389 6.75 -14.12 30.63
C LEU C 389 6.76 -14.38 32.13
N THR C 390 5.83 -15.20 32.63
CA THR C 390 5.68 -15.40 34.07
C THR C 390 6.96 -15.97 34.67
N ASN C 391 7.50 -17.01 34.05
CA ASN C 391 8.69 -17.65 34.58
C ASN C 391 9.89 -16.73 34.53
N LYS C 392 10.06 -15.99 33.43
CA LYS C 392 11.18 -15.07 33.32
C LYS C 392 11.09 -13.97 34.37
N PHE C 393 9.88 -13.44 34.60
CA PHE C 393 9.72 -12.43 35.63
C PHE C 393 10.03 -12.97 37.02
N LEU C 394 9.55 -14.17 37.34
CA LEU C 394 9.80 -14.69 38.67
C LEU C 394 11.26 -15.09 38.87
N THR C 395 11.92 -15.58 37.81
CA THR C 395 13.35 -15.82 37.87
C THR C 395 14.12 -14.52 38.07
N PHE C 396 13.70 -13.46 37.40
CA PHE C 396 14.36 -12.14 37.55
C PHE C 396 14.20 -11.68 39.00
N PHE C 397 12.97 -11.83 39.56
CA PHE C 397 12.76 -11.44 40.93
C PHE C 397 13.63 -12.26 41.88
N GLU C 398 13.73 -13.56 41.63
CA GLU C 398 14.59 -14.41 42.45
C GLU C 398 16.03 -13.93 42.42
N ASN C 399 16.52 -13.58 41.22
CA ASN C 399 17.90 -13.14 41.07
C ASN C 399 18.17 -11.84 41.80
N ILE C 400 17.33 -10.82 41.60
CA ILE C 400 17.62 -9.55 42.27
C ILE C 400 17.35 -9.66 43.77
N ASN C 401 16.43 -10.52 44.19
CA ASN C 401 16.24 -10.76 45.61
C ASN C 401 17.50 -11.37 46.21
N GLU C 402 18.16 -12.28 45.48
CA GLU C 402 19.48 -12.75 45.87
C GLU C 402 20.50 -11.61 45.85
N PHE C 403 20.40 -10.71 44.87
CA PHE C 403 21.30 -9.56 44.78
C PHE C 403 21.09 -8.55 45.91
N GLY C 404 20.03 -8.67 46.70
CA GLY C 404 19.88 -7.78 47.84
C GLY C 404 18.54 -7.09 47.92
N PHE C 405 17.73 -7.19 46.87
CA PHE C 405 16.40 -6.59 46.89
C PHE C 405 15.50 -7.34 47.87
N SER C 406 14.99 -6.63 48.87
CA SER C 406 14.22 -7.27 49.93
C SER C 406 12.94 -7.88 49.41
N SER C 407 12.58 -9.04 49.96
CA SER C 407 11.36 -9.73 49.55
C SER C 407 10.11 -9.07 50.13
N LEU C 408 10.21 -8.50 51.34
CA LEU C 408 9.08 -7.77 51.90
C LEU C 408 8.76 -6.53 51.06
N SER C 409 9.80 -5.83 50.61
CA SER C 409 9.58 -4.67 49.74
C SER C 409 8.92 -5.08 48.43
N ALA C 410 9.36 -6.20 47.84
CA ALA C 410 8.73 -6.71 46.62
C ALA C 410 7.28 -7.06 46.87
N SER C 411 6.99 -7.71 48.01
CA SER C 411 5.62 -8.07 48.33
C SER C 411 4.75 -6.83 48.47
N ASN C 412 5.24 -5.78 49.14
CA ASN C 412 4.47 -4.56 49.27
C ASN C 412 4.26 -3.89 47.91
N ILE C 413 5.26 -3.90 47.05
CA ILE C 413 5.12 -3.28 45.74
C ILE C 413 4.07 -4.02 44.91
N VAL C 414 4.10 -5.35 44.92
CA VAL C 414 3.14 -6.12 44.15
C VAL C 414 1.75 -5.97 44.75
N LYS C 415 1.65 -5.91 46.08
CA LYS C 415 0.37 -5.68 46.74
C LYS C 415 -0.22 -4.33 46.34
N LYS C 416 0.61 -3.29 46.33
CA LYS C 416 0.15 -1.97 45.94
C LYS C 416 -0.30 -1.97 44.48
N TYR C 417 0.45 -2.64 43.61
CA TYR C 417 0.08 -2.72 42.21
C TYR C 417 -1.29 -3.36 42.09
N PHE C 418 -1.49 -4.45 42.84
CA PHE C 418 -2.70 -5.24 42.69
C PHE C 418 -3.90 -4.48 43.25
N SER C 419 -3.69 -3.71 44.32
CA SER C 419 -4.76 -2.87 44.85
C SER C 419 -5.14 -1.75 43.89
N ASN C 420 -4.15 -1.10 43.26
CA ASN C 420 -4.47 -0.05 42.32
C ASN C 420 -5.21 -0.57 41.10
N ASN C 421 -4.91 -1.80 40.67
CA ASN C 421 -5.50 -2.35 39.47
C ASN C 421 -6.49 -3.48 39.76
N SER C 422 -7.07 -3.50 40.97
CA SER C 422 -7.91 -4.60 41.38
C SER C 422 -9.13 -4.79 40.49
N LYS C 423 -9.75 -3.69 40.06
CA LYS C 423 -10.98 -3.79 39.26
C LYS C 423 -10.71 -4.40 37.89
N GLY C 424 -9.71 -3.87 37.18
CA GLY C 424 -9.34 -4.44 35.90
C GLY C 424 -8.82 -5.86 36.03
N LEU C 425 -8.15 -6.16 37.15
CA LEU C 425 -7.63 -7.50 37.35
C LEU C 425 -8.74 -8.50 37.62
N LYS C 426 -9.81 -8.07 38.30
CA LYS C 426 -10.95 -8.95 38.52
C LYS C 426 -11.71 -9.18 37.22
N GLU C 427 -11.85 -8.13 36.40
CA GLU C 427 -12.43 -8.33 35.07
C GLU C 427 -11.58 -9.27 34.22
N LYS C 428 -10.26 -9.15 34.32
CA LYS C 428 -9.37 -10.06 33.59
C LYS C 428 -9.57 -11.49 34.06
N ILE C 429 -9.64 -11.70 35.37
CA ILE C 429 -9.81 -13.04 35.91
C ILE C 429 -11.12 -13.65 35.41
N ASP C 430 -12.18 -12.85 35.42
CA ASP C 430 -13.46 -13.32 34.89
C ASP C 430 -13.37 -13.64 33.40
N HIS C 431 -12.70 -12.78 32.63
CA HIS C 431 -12.52 -13.06 31.21
C HIS C 431 -11.84 -14.40 30.99
N TYR C 432 -10.69 -14.63 31.65
CA TYR C 432 -10.00 -15.88 31.41
C TYR C 432 -10.74 -17.08 31.97
N ARG C 433 -11.58 -16.88 32.98
CA ARG C 433 -12.37 -17.99 33.49
C ARG C 433 -13.47 -18.39 32.50
N LYS C 434 -14.17 -17.41 31.92
CA LYS C 434 -15.18 -17.75 30.92
C LYS C 434 -14.58 -18.32 29.65
N ASN C 435 -13.42 -17.82 29.22
CA ASN C 435 -12.90 -18.15 27.91
C ASN C 435 -11.78 -19.18 27.94
N ASN C 436 -11.54 -19.82 29.08
CA ASN C 436 -10.50 -20.85 29.23
C ASN C 436 -9.13 -20.34 28.81
N PHE C 437 -8.77 -19.13 29.22
CA PHE C 437 -7.40 -18.63 29.02
C PHE C 437 -6.60 -19.12 30.21
N ASN C 438 -6.02 -20.31 30.10
CA ASN C 438 -5.48 -20.97 31.30
C ASN C 438 -4.22 -20.28 31.82
N GLN C 439 -3.28 -19.92 30.95
CA GLN C 439 -2.00 -19.40 31.42
C GLN C 439 -2.16 -18.03 32.08
N GLU C 440 -3.05 -17.19 31.57
CA GLU C 440 -3.27 -15.87 32.17
C GLU C 440 -3.81 -15.97 33.59
N LEU C 441 -4.85 -16.78 33.78
CA LEU C 441 -5.37 -17.04 35.12
C LEU C 441 -4.27 -17.62 36.01
N TYR C 442 -3.49 -18.55 35.47
CA TYR C 442 -2.40 -19.16 36.22
C TYR C 442 -1.39 -18.11 36.67
N GLN C 443 -1.05 -17.18 35.77
CA GLN C 443 -0.09 -16.13 36.11
C GLN C 443 -0.61 -15.25 37.23
N ILE C 444 -1.89 -14.85 37.16
CA ILE C 444 -2.44 -13.98 38.20
C ILE C 444 -2.46 -14.71 39.55
N LEU C 445 -2.95 -15.94 39.56
CA LEU C 445 -3.02 -16.66 40.83
C LEU C 445 -1.63 -16.99 41.36
N LEU C 446 -0.66 -17.26 40.48
CA LEU C 446 0.68 -17.55 40.94
C LEU C 446 1.33 -16.30 41.53
N TYR C 447 1.09 -15.13 40.96
CA TYR C 447 1.59 -13.92 41.60
C TYR C 447 0.94 -13.73 42.96
N MET C 448 -0.36 -14.00 43.07
CA MET C 448 -1.02 -13.85 44.37
C MET C 448 -0.44 -14.82 45.40
N VAL C 449 -0.12 -16.04 44.97
CA VAL C 449 0.48 -17.02 45.87
C VAL C 449 1.88 -16.59 46.27
N VAL C 450 2.69 -16.16 45.30
CA VAL C 450 4.11 -15.88 45.57
C VAL C 450 4.27 -14.63 46.42
N PHE C 451 3.57 -13.54 46.07
CA PHE C 451 3.76 -12.27 46.75
C PHE C 451 2.74 -12.01 47.85
N GLU C 452 2.04 -13.05 48.32
CA GLU C 452 1.17 -12.98 49.49
C GLU C 452 0.05 -11.95 49.31
N ILE C 453 -0.60 -12.01 48.15
CA ILE C 453 -1.74 -11.15 47.88
C ILE C 453 -2.99 -11.85 48.41
N ASP C 454 -3.58 -11.28 49.46
CA ASP C 454 -4.79 -11.85 50.06
C ASP C 454 -5.97 -10.89 50.05
N ASP C 455 -5.91 -9.82 49.26
CA ASP C 455 -6.96 -8.81 49.22
C ASP C 455 -7.73 -8.78 47.91
N LEU C 456 -7.23 -9.41 46.85
CA LEU C 456 -7.88 -9.31 45.55
C LEU C 456 -9.22 -10.02 45.54
N LEU C 457 -9.25 -11.27 45.99
CA LEU C 457 -10.44 -12.10 45.93
C LEU C 457 -10.82 -12.55 47.34
N ASN C 458 -12.10 -12.39 47.68
CA ASN C 458 -12.62 -12.87 48.95
C ASN C 458 -12.95 -14.36 48.84
N GLN C 459 -13.53 -14.90 49.92
CA GLN C 459 -13.82 -16.32 49.98
C GLN C 459 -14.70 -16.78 48.82
N GLU C 460 -15.71 -15.96 48.48
CA GLU C 460 -16.67 -16.35 47.46
C GLU C 460 -16.02 -16.54 46.10
N GLU C 461 -15.22 -15.57 45.65
CA GLU C 461 -14.56 -15.70 44.35
C GLU C 461 -13.55 -16.84 44.36
N LEU C 462 -12.85 -17.04 45.49
CA LEU C 462 -11.92 -18.15 45.58
C LEU C 462 -12.63 -19.49 45.41
N LEU C 463 -13.81 -19.64 46.01
CA LEU C 463 -14.58 -20.86 45.80
C LEU C 463 -15.14 -20.95 44.40
N ASN C 464 -15.42 -19.81 43.75
CA ASN C 464 -15.78 -19.84 42.34
C ASN C 464 -14.63 -20.26 41.45
N LEU C 465 -13.39 -20.20 41.94
CA LEU C 465 -12.28 -20.72 41.17
C LEU C 465 -12.35 -22.24 41.05
N ILE C 466 -12.84 -22.92 42.09
CA ILE C 466 -12.86 -24.38 42.09
C ILE C 466 -14.10 -24.86 41.34
N ASP C 467 -13.98 -25.01 40.04
CA ASP C 467 -15.10 -25.43 39.20
C ASP C 467 -14.55 -26.03 37.92
N LEU C 468 -15.46 -26.48 37.06
CA LEU C 468 -15.07 -27.11 35.81
C LEU C 468 -14.53 -26.07 34.82
N ASN C 469 -13.76 -26.56 33.85
CA ASN C 469 -13.05 -25.78 32.84
C ASN C 469 -11.89 -24.98 33.41
N ILE C 470 -11.48 -25.26 34.65
CA ILE C 470 -10.26 -24.70 35.22
C ILE C 470 -9.18 -25.77 35.16
N ASP C 471 -8.00 -25.39 34.68
CA ASP C 471 -6.90 -26.34 34.57
C ASP C 471 -6.42 -26.75 35.96
N ASP C 472 -5.69 -27.87 36.01
CA ASP C 472 -5.21 -28.39 37.28
C ASP C 472 -4.34 -27.37 38.01
N TYR C 473 -3.43 -26.72 37.30
CA TYR C 473 -2.49 -25.80 37.95
C TYR C 473 -3.21 -24.63 38.59
N SER C 474 -4.20 -24.06 37.91
CA SER C 474 -5.00 -23.00 38.51
C SER C 474 -5.82 -23.50 39.69
N LEU C 475 -6.35 -24.72 39.60
CA LEU C 475 -7.10 -25.30 40.71
C LEU C 475 -6.22 -25.45 41.95
N ILE C 476 -5.00 -25.95 41.75
CA ILE C 476 -4.01 -26.03 42.82
C ILE C 476 -3.69 -24.65 43.38
N LEU C 477 -3.50 -23.66 42.52
CA LEU C 477 -3.10 -22.35 43.02
C LEU C 477 -4.23 -21.68 43.79
N GLY C 478 -5.47 -21.83 43.32
CA GLY C 478 -6.61 -21.31 44.07
C GLY C 478 -6.81 -22.01 45.40
N THR C 479 -6.63 -23.33 45.42
CA THR C 479 -6.72 -24.07 46.68
C THR C 479 -5.62 -23.62 47.64
N ILE C 480 -4.42 -23.37 47.12
CA ILE C 480 -3.33 -22.88 47.95
C ILE C 480 -3.67 -21.51 48.52
N LEU C 481 -4.21 -20.62 47.70
CA LEU C 481 -4.65 -19.31 48.16
C LEU C 481 -5.67 -19.45 49.28
N TYR C 482 -6.57 -20.42 49.16
CA TYR C 482 -7.60 -20.60 50.17
C TYR C 482 -7.01 -21.16 51.47
N LEU C 483 -6.09 -22.12 51.39
CA LEU C 483 -5.47 -22.65 52.59
C LEU C 483 -4.53 -21.65 53.25
N LYS C 484 -3.97 -20.71 52.48
CA LYS C 484 -3.07 -19.74 53.06
C LYS C 484 -3.79 -18.76 53.99
N ASN C 485 -5.09 -18.59 53.82
CA ASN C 485 -5.88 -17.69 54.66
C ASN C 485 -6.46 -18.49 55.81
N SER C 486 -5.96 -18.25 57.02
CA SER C 486 -6.39 -19.01 58.19
C SER C 486 -7.77 -18.61 58.69
N SER C 487 -8.26 -17.44 58.30
CA SER C 487 -9.58 -17.03 58.76
C SER C 487 -10.68 -17.92 58.23
N TYR C 488 -10.64 -18.27 56.94
CA TYR C 488 -11.64 -19.14 56.36
C TYR C 488 -11.51 -20.58 56.85
N LYS C 489 -12.66 -21.23 57.00
CA LYS C 489 -12.75 -22.61 57.44
C LYS C 489 -12.95 -23.54 56.25
N LEU C 490 -12.58 -24.80 56.46
CA LEU C 490 -12.28 -25.73 55.38
C LEU C 490 -13.50 -26.46 54.83
N GLU C 491 -14.67 -26.36 55.46
CA GLU C 491 -15.83 -27.10 55.00
C GLU C 491 -16.27 -26.66 53.61
N LYS C 492 -16.23 -25.35 53.34
CA LYS C 492 -16.67 -24.85 52.04
C LYS C 492 -15.75 -25.32 50.92
N LEU C 493 -14.43 -25.30 51.15
CA LEU C 493 -13.52 -25.89 50.17
C LEU C 493 -13.76 -27.37 49.99
N LEU C 494 -13.98 -28.10 51.08
CA LEU C 494 -14.21 -29.53 50.94
C LEU C 494 -15.45 -29.78 50.09
N LYS C 495 -16.50 -28.97 50.28
CA LYS C 495 -17.70 -29.10 49.48
C LYS C 495 -17.43 -28.80 48.00
N LYS C 496 -16.68 -27.73 47.73
CA LYS C 496 -16.35 -27.38 46.34
C LYS C 496 -15.55 -28.48 45.67
N ILE C 497 -14.53 -28.99 46.36
CA ILE C 497 -13.65 -30.00 45.80
C ILE C 497 -14.41 -31.30 45.57
N ASP C 498 -15.26 -31.69 46.53
CA ASP C 498 -16.08 -32.88 46.36
C ASP C 498 -17.00 -32.74 45.16
N GLN C 499 -17.66 -31.59 45.01
CA GLN C 499 -18.52 -31.38 43.86
C GLN C 499 -17.74 -31.51 42.57
N LEU C 500 -16.55 -30.91 42.51
CA LEU C 500 -15.74 -30.98 41.31
C LEU C 500 -15.36 -32.43 40.99
N PHE C 501 -14.97 -33.19 42.01
CA PHE C 501 -14.54 -34.58 41.79
C PHE C 501 -15.70 -35.44 41.29
N ILE C 502 -16.88 -35.31 41.90
CA ILE C 502 -18.03 -36.09 41.45
C ILE C 502 -18.44 -35.69 40.04
N ASN C 503 -18.46 -34.40 39.75
CA ASN C 503 -18.85 -33.97 38.41
C ASN C 503 -17.85 -34.45 37.36
N THR C 504 -16.57 -34.49 37.71
CA THR C 504 -15.58 -34.96 36.75
C THR C 504 -15.74 -36.46 36.50
N HIS C 505 -15.91 -37.24 37.56
CA HIS C 505 -16.17 -38.67 37.38
C HIS C 505 -17.48 -38.95 36.67
N ALA C 506 -18.44 -38.03 36.71
CA ALA C 506 -19.70 -38.28 36.03
C ALA C 506 -19.56 -38.32 34.50
N ASN C 507 -18.47 -37.79 33.95
CA ASN C 507 -18.24 -37.74 32.51
C ASN C 507 -17.61 -39.00 31.96
N TYR C 508 -17.52 -40.05 32.77
CA TYR C 508 -16.72 -41.24 32.55
C TYR C 508 -17.53 -42.49 32.84
N ASP C 509 -17.07 -43.61 32.29
CA ASP C 509 -17.64 -44.89 32.64
C ASP C 509 -17.39 -45.14 34.13
N VAL C 510 -18.38 -45.76 34.79
CA VAL C 510 -18.31 -45.95 36.23
C VAL C 510 -17.19 -46.90 36.64
N LYS C 511 -16.61 -47.64 35.70
CA LYS C 511 -15.46 -48.48 35.98
C LYS C 511 -14.14 -47.80 35.64
N THR C 512 -14.16 -46.52 35.30
CA THR C 512 -12.94 -45.79 35.01
C THR C 512 -12.29 -45.34 36.31
N SER C 513 -11.00 -45.64 36.45
CA SER C 513 -10.26 -45.27 37.64
C SER C 513 -10.08 -43.75 37.72
N ARG C 514 -10.01 -43.23 38.95
CA ARG C 514 -9.99 -41.78 39.13
C ARG C 514 -8.73 -41.16 38.56
N MET C 515 -7.59 -41.84 38.69
CA MET C 515 -6.32 -41.24 38.34
C MET C 515 -5.97 -41.42 36.88
N ALA C 516 -6.85 -42.06 36.10
CA ALA C 516 -6.78 -42.05 34.65
C ALA C 516 -7.68 -40.97 34.06
N GLU C 517 -8.29 -40.15 34.89
CA GLU C 517 -9.30 -39.20 34.45
C GLU C 517 -8.72 -37.78 34.41
N LYS C 518 -9.55 -36.84 34.00
CA LYS C 518 -9.20 -35.43 34.12
C LYS C 518 -9.03 -35.06 35.59
N LEU C 519 -8.17 -34.06 35.82
CA LEU C 519 -7.84 -33.55 37.15
C LEU C 519 -7.03 -34.54 37.97
N TRP C 520 -6.17 -35.34 37.33
CA TRP C 520 -5.32 -36.26 38.06
C TRP C 520 -4.33 -35.51 38.95
N LEU C 521 -3.82 -34.36 38.49
CA LEU C 521 -2.82 -33.63 39.25
C LEU C 521 -3.44 -32.94 40.46
N PHE C 522 -4.62 -32.34 40.30
CA PHE C 522 -5.32 -31.75 41.44
C PHE C 522 -5.66 -32.85 42.45
N ARG C 523 -6.10 -34.01 41.96
CA ARG C 523 -6.47 -35.10 42.85
C ARG C 523 -5.25 -35.57 43.64
N TYR C 524 -4.10 -35.68 42.97
CA TYR C 524 -2.88 -36.03 43.68
C TYR C 524 -2.50 -34.96 44.70
N PHE C 525 -2.68 -33.69 44.34
CA PHE C 525 -2.39 -32.62 45.31
C PHE C 525 -3.24 -32.84 46.56
N PHE C 526 -4.54 -33.05 46.36
CA PHE C 526 -5.48 -33.21 47.47
C PHE C 526 -5.14 -34.40 48.34
N TYR C 527 -4.93 -35.56 47.71
CA TYR C 527 -4.65 -36.79 48.43
C TYR C 527 -3.31 -36.71 49.14
N PHE C 528 -2.34 -36.02 48.55
CA PHE C 528 -1.06 -35.85 49.22
C PHE C 528 -1.18 -34.93 50.41
N LEU C 529 -1.96 -33.85 50.30
CA LEU C 529 -2.16 -32.97 51.44
C LEU C 529 -2.87 -33.70 52.56
N ASN C 530 -3.90 -34.46 52.21
CA ASN C 530 -4.68 -35.21 53.20
C ASN C 530 -3.81 -36.26 53.88
N CYS C 531 -2.90 -36.87 53.13
CA CYS C 531 -1.99 -37.86 53.69
C CYS C 531 -1.04 -37.27 54.73
N LYS C 532 -0.84 -35.95 54.71
CA LYS C 532 0.02 -35.29 55.68
C LYS C 532 -0.71 -34.26 56.53
N ASN C 533 -2.04 -34.34 56.57
CA ASN C 533 -2.88 -33.65 57.54
C ASN C 533 -2.82 -32.12 57.46
N ILE C 534 -2.45 -31.54 56.32
CA ILE C 534 -2.82 -30.16 56.07
C ILE C 534 -4.33 -30.07 55.92
N PHE C 535 -4.90 -31.00 55.17
CA PHE C 535 -6.34 -31.21 55.08
C PHE C 535 -6.72 -32.14 56.23
N SER C 536 -7.05 -31.54 57.37
CA SER C 536 -7.17 -32.29 58.62
C SER C 536 -8.18 -33.42 58.47
N GLN C 537 -7.79 -34.61 58.91
CA GLN C 537 -8.65 -35.79 58.76
C GLN C 537 -9.93 -35.63 59.57
N LYS C 538 -9.85 -34.96 60.72
CA LYS C 538 -11.02 -34.73 61.54
C LYS C 538 -12.07 -33.90 60.81
N GLU C 539 -11.64 -32.85 60.09
CA GLU C 539 -12.60 -32.00 59.42
C GLU C 539 -13.13 -32.63 58.15
N ILE C 540 -12.36 -33.51 57.51
CA ILE C 540 -12.91 -34.31 56.42
C ILE C 540 -13.97 -35.27 56.93
N ASN C 541 -13.71 -35.90 58.09
CA ASN C 541 -14.74 -36.73 58.72
C ASN C 541 -15.99 -35.92 59.02
N SER C 542 -15.82 -34.71 59.53
CA SER C 542 -16.97 -33.85 59.82
C SER C 542 -17.75 -33.53 58.55
N TYR C 543 -17.05 -33.15 57.48
CA TYR C 543 -17.72 -32.85 56.22
C TYR C 543 -18.48 -34.05 55.69
N CYS C 544 -17.86 -35.22 55.71
CA CYS C 544 -18.48 -36.39 55.12
C CYS C 544 -19.63 -36.91 55.98
N GLN C 545 -19.55 -36.73 57.30
CA GLN C 545 -20.72 -36.95 58.14
C GLN C 545 -21.84 -36.00 57.75
N SER C 546 -21.50 -34.74 57.46
CA SER C 546 -22.52 -33.79 57.03
C SER C 546 -23.15 -34.20 55.71
N GLN C 547 -22.40 -34.89 54.85
CA GLN C 547 -22.92 -35.34 53.57
C GLN C 547 -23.59 -36.71 53.63
N ASN C 548 -23.49 -37.39 54.77
CA ASN C 548 -24.13 -38.70 55.00
C ASN C 548 -23.52 -39.80 54.12
N TYR C 549 -22.20 -39.77 53.95
CA TYR C 549 -21.54 -40.86 53.24
C TYR C 549 -21.45 -42.09 54.13
N ASN C 550 -21.62 -43.26 53.52
CA ASN C 550 -21.55 -44.50 54.27
C ASN C 550 -20.11 -44.91 54.49
N SER C 551 -19.77 -45.24 55.73
CA SER C 551 -18.43 -45.70 56.05
C SER C 551 -18.20 -47.10 55.48
N GLY C 552 -17.02 -47.63 55.71
CA GLY C 552 -16.71 -48.95 55.19
C GLY C 552 -15.35 -49.41 55.65
N GLN C 553 -14.85 -50.45 54.95
CA GLN C 553 -13.61 -51.09 55.33
C GLN C 553 -12.42 -50.15 55.22
N ASN C 554 -12.37 -49.31 54.18
CA ASN C 554 -11.29 -48.35 54.02
C ASN C 554 -11.59 -47.00 54.64
N GLY C 555 -12.86 -46.64 54.76
CA GLY C 555 -13.20 -45.33 55.26
C GLY C 555 -14.56 -44.88 54.74
N TYR C 556 -14.63 -43.60 54.41
CA TYR C 556 -15.91 -42.91 54.30
C TYR C 556 -16.46 -42.86 52.87
N GLN C 557 -15.91 -43.67 51.95
CA GLN C 557 -16.55 -43.95 50.66
C GLN C 557 -16.89 -42.67 49.89
N THR C 558 -15.90 -41.80 49.75
CA THR C 558 -16.09 -40.52 49.09
C THR C 558 -14.96 -40.27 48.10
N GLU C 559 -15.18 -39.32 47.21
CA GLU C 559 -14.12 -38.92 46.28
C GLU C 559 -12.94 -38.30 46.99
N LEU C 560 -13.11 -37.92 48.26
CA LEU C 560 -12.06 -37.27 49.03
C LEU C 560 -11.20 -38.26 49.81
N ASN C 561 -11.50 -39.54 49.74
CA ASN C 561 -10.81 -40.58 50.52
C ASN C 561 -10.00 -41.44 49.56
N TRP C 562 -8.69 -41.20 49.51
CA TRP C 562 -7.81 -42.00 48.65
C TRP C 562 -7.80 -43.47 49.04
N ASN C 563 -8.03 -43.79 50.32
CA ASN C 563 -8.06 -45.18 50.73
C ASN C 563 -9.17 -45.94 50.01
N TYR C 564 -10.34 -45.31 49.86
CA TYR C 564 -11.42 -45.95 49.12
C TYR C 564 -11.27 -45.77 47.62
N ILE C 565 -10.76 -44.61 47.19
CA ILE C 565 -10.67 -44.30 45.77
C ILE C 565 -9.63 -45.17 45.06
N LYS C 566 -8.53 -45.50 45.74
CA LYS C 566 -7.45 -46.22 45.07
C LYS C 566 -7.85 -47.60 44.60
N GLY C 567 -8.94 -48.16 45.15
CA GLY C 567 -9.40 -49.48 44.77
C GLY C 567 -10.55 -49.54 43.79
N GLN C 568 -11.03 -48.41 43.30
CA GLN C 568 -12.16 -48.37 42.38
C GLN C 568 -11.68 -48.27 40.93
N GLY C 569 -12.38 -48.98 40.06
CA GLY C 569 -12.05 -49.03 38.65
C GLY C 569 -11.58 -50.43 38.27
N LYS C 570 -11.80 -50.79 37.01
CA LYS C 570 -11.38 -52.10 36.54
C LYS C 570 -9.86 -52.19 36.40
N ASP C 571 -9.25 -51.18 35.79
CA ASP C 571 -7.81 -51.14 35.61
C ASP C 571 -7.22 -50.19 36.64
N LEU C 572 -6.38 -50.71 37.53
CA LEU C 572 -5.87 -49.95 38.66
C LEU C 572 -4.39 -49.62 38.50
N ARG C 573 -3.84 -49.76 37.30
CA ARG C 573 -2.41 -49.57 37.09
C ARG C 573 -1.99 -48.13 37.42
N ALA C 574 -2.72 -47.15 36.92
CA ALA C 574 -2.44 -45.76 37.26
C ALA C 574 -2.63 -45.52 38.75
N ASN C 575 -3.71 -46.08 39.32
CA ASN C 575 -3.94 -45.97 40.76
C ASN C 575 -2.81 -46.60 41.56
N ASN C 576 -2.33 -47.77 41.15
CA ASN C 576 -1.23 -48.39 41.87
C ASN C 576 0.04 -47.55 41.77
N PHE C 577 0.31 -46.99 40.59
CA PHE C 577 1.48 -46.15 40.41
C PHE C 577 1.41 -44.91 41.31
N PHE C 578 0.25 -44.23 41.33
CA PHE C 578 0.12 -43.03 42.13
C PHE C 578 0.04 -43.35 43.62
N ASN C 579 -0.49 -44.52 44.00
CA ASN C 579 -0.47 -44.93 45.39
C ASN C 579 0.95 -45.21 45.84
N GLU C 580 1.77 -45.80 44.97
CA GLU C 580 3.18 -45.97 45.27
C GLU C 580 3.86 -44.63 45.48
N LEU C 581 3.51 -43.64 44.66
CA LEU C 581 4.07 -42.30 44.88
C LEU C 581 3.58 -41.70 46.21
N ILE C 582 2.30 -41.84 46.53
CA ILE C 582 1.74 -41.23 47.72
C ILE C 582 2.35 -41.84 48.98
N VAL C 583 2.49 -43.17 49.01
CA VAL C 583 3.01 -43.84 50.20
C VAL C 583 4.45 -43.38 50.48
N LYS C 584 5.25 -43.24 49.43
CA LYS C 584 6.64 -42.83 49.59
C LYS C 584 6.81 -41.33 49.79
N GLU C 585 5.71 -40.59 49.97
CA GLU C 585 5.76 -39.15 50.24
C GLU C 585 6.41 -38.39 49.10
N VAL C 586 6.27 -38.89 47.88
CA VAL C 586 6.72 -38.19 46.69
C VAL C 586 5.70 -37.11 46.36
N TRP C 587 6.11 -35.85 46.46
CA TRP C 587 5.24 -34.74 46.11
C TRP C 587 5.51 -34.31 44.68
N LEU C 588 4.45 -33.87 44.00
CA LEU C 588 4.55 -33.25 42.70
C LEU C 588 4.36 -31.74 42.75
N ILE C 589 3.86 -31.23 43.87
CA ILE C 589 3.66 -29.81 44.10
C ILE C 589 4.46 -29.43 45.33
N SER C 590 5.39 -28.48 45.18
CA SER C 590 6.17 -28.00 46.30
C SER C 590 5.32 -27.11 47.19
N CYS C 591 5.35 -27.38 48.49
CA CYS C 591 4.59 -26.62 49.47
C CYS C 591 5.44 -25.59 50.19
N GLY C 592 6.65 -25.33 49.71
CA GLY C 592 7.54 -24.38 50.33
C GLY C 592 8.51 -25.04 51.29
N GLU C 593 9.46 -24.22 51.76
CA GLU C 593 10.49 -24.71 52.66
C GLU C 593 9.90 -25.21 53.98
N ASN C 594 8.90 -24.50 54.51
CA ASN C 594 8.34 -24.82 55.80
C ASN C 594 6.90 -25.36 55.70
N GLU C 595 6.55 -25.97 54.58
CA GLU C 595 5.30 -26.71 54.40
C GLU C 595 4.06 -25.85 54.51
N ASP C 596 4.21 -24.53 54.58
CA ASP C 596 3.07 -23.64 54.76
C ASP C 596 2.89 -22.71 53.58
N PHE C 597 3.42 -23.09 52.42
CA PHE C 597 3.07 -22.51 51.12
C PHE C 597 3.63 -21.10 50.93
N LYS C 598 4.78 -20.81 51.52
CA LYS C 598 5.47 -19.55 51.26
C LYS C 598 6.68 -19.78 50.37
N TYR C 599 6.77 -18.97 49.32
CA TYR C 599 7.79 -19.05 48.27
C TYR C 599 8.65 -17.81 48.23
N LEU C 600 8.56 -16.94 49.23
CA LEU C 600 9.32 -15.70 49.27
C LEU C 600 10.59 -15.94 50.09
N ASN C 601 11.74 -15.84 49.44
CA ASN C 601 13.00 -16.12 50.11
C ASN C 601 13.92 -14.90 50.09
N SER E 2 -33.28 35.91 -20.74
CA SER E 2 -31.90 36.18 -20.35
C SER E 2 -31.52 35.40 -19.09
N MET E 3 -30.21 35.20 -18.92
CA MET E 3 -29.69 34.55 -17.72
C MET E 3 -30.04 35.36 -16.47
N LYS E 4 -29.75 36.67 -16.51
CA LYS E 4 -30.08 37.56 -15.41
C LYS E 4 -31.55 37.46 -15.04
N LYS E 5 -32.42 37.36 -16.05
CA LYS E 5 -33.86 37.42 -15.79
C LYS E 5 -34.38 36.11 -15.22
N GLU E 6 -33.81 34.97 -15.63
CA GLU E 6 -34.11 33.72 -14.94
C GLU E 6 -33.67 33.76 -13.48
N PHE E 7 -32.44 34.23 -13.23
CA PHE E 7 -31.99 34.39 -11.85
C PHE E 7 -32.96 35.25 -11.05
N THR E 8 -33.38 36.37 -11.63
CA THR E 8 -34.24 37.31 -10.92
C THR E 8 -35.59 36.68 -10.62
N GLU E 9 -36.18 35.97 -11.59
CA GLU E 9 -37.43 35.27 -11.32
C GLU E 9 -37.27 34.31 -10.15
N LEU E 10 -36.20 33.51 -10.16
CA LEU E 10 -36.04 32.53 -9.10
C LEU E 10 -35.87 33.19 -7.74
N TYR E 11 -35.11 34.28 -7.67
CA TYR E 11 -34.88 34.91 -6.39
C TYR E 11 -36.06 35.73 -5.89
N ASP E 12 -36.87 36.33 -6.77
CA ASP E 12 -38.11 36.92 -6.26
C ASP E 12 -39.11 35.85 -5.84
N PHE E 13 -39.05 34.66 -6.43
CA PHE E 13 -39.86 33.58 -5.86
C PHE E 13 -39.37 33.22 -4.46
N ILE E 14 -38.06 33.03 -4.32
CA ILE E 14 -37.52 32.45 -3.09
C ILE E 14 -37.62 33.42 -1.92
N PHE E 15 -37.28 34.69 -2.14
CA PHE E 15 -37.16 35.63 -1.02
C PHE E 15 -38.51 36.22 -0.66
N ASP E 16 -39.39 35.33 -0.21
CA ASP E 16 -40.71 35.67 0.27
C ASP E 16 -40.89 35.03 1.64
N PRO E 17 -41.34 35.75 2.66
CA PRO E 17 -41.43 35.18 4.00
C PRO E 17 -42.27 33.91 4.07
N ILE E 18 -43.41 33.89 3.36
CA ILE E 18 -44.27 32.73 3.38
C ILE E 18 -43.60 31.55 2.70
N PHE E 19 -42.92 31.79 1.59
CA PHE E 19 -42.11 30.73 0.98
C PHE E 19 -41.04 30.25 1.95
N LEU E 20 -40.36 31.19 2.60
CA LEU E 20 -39.19 30.87 3.40
C LEU E 20 -39.55 30.11 4.67
N VAL E 21 -40.80 30.15 5.11
CA VAL E 21 -41.22 29.31 6.22
C VAL E 21 -41.94 28.04 5.73
N ARG E 22 -42.77 28.14 4.69
CA ARG E 22 -43.56 27.00 4.25
C ARG E 22 -42.68 25.89 3.67
N TYR E 23 -41.62 26.25 2.95
CA TYR E 23 -40.65 25.27 2.49
C TYR E 23 -39.27 25.44 3.09
N GLY E 24 -38.93 26.63 3.57
CA GLY E 24 -37.60 26.88 4.08
C GLY E 24 -37.30 26.27 5.43
N TYR E 25 -38.28 26.25 6.33
CA TYR E 25 -38.01 25.82 7.70
C TYR E 25 -37.50 24.38 7.74
N TYR E 26 -38.15 23.49 6.99
CA TYR E 26 -37.77 22.09 6.93
C TYR E 26 -36.95 21.76 5.70
N ASP E 27 -36.44 22.78 5.00
CA ASP E 27 -35.57 22.62 3.84
C ASP E 27 -36.23 21.79 2.74
N ARG E 28 -37.37 22.27 2.28
CA ARG E 28 -38.11 21.63 1.21
C ARG E 28 -37.88 22.36 -0.10
N SER E 29 -37.92 21.60 -1.20
CA SER E 29 -37.78 22.15 -2.53
C SER E 29 -38.98 21.80 -3.38
N ILE E 30 -39.40 22.72 -4.23
CA ILE E 30 -40.47 22.51 -5.19
C ILE E 30 -39.93 22.81 -6.58
N LYS E 31 -40.43 22.08 -7.58
CA LYS E 31 -39.92 22.22 -8.93
C LYS E 31 -40.70 23.20 -9.80
N ASN E 32 -41.84 23.69 -9.32
CA ASN E 32 -42.67 24.57 -10.12
C ASN E 32 -43.37 25.58 -9.21
N LYS E 33 -43.48 26.83 -9.68
CA LYS E 33 -44.08 27.87 -8.87
C LYS E 33 -45.55 27.57 -8.55
N LYS E 34 -46.23 26.86 -9.43
CA LYS E 34 -47.63 26.54 -9.22
C LYS E 34 -47.84 25.52 -8.11
N MET E 35 -46.79 24.85 -7.66
CA MET E 35 -46.88 23.99 -6.50
C MET E 35 -47.14 24.80 -5.23
N ASN E 36 -46.83 26.10 -5.25
CA ASN E 36 -46.96 26.98 -4.09
C ASN E 36 -48.41 27.46 -4.01
N THR E 37 -49.30 26.52 -3.71
CA THR E 37 -50.73 26.80 -3.73
C THR E 37 -51.14 27.63 -2.51
N ALA E 38 -52.29 28.31 -2.66
CA ALA E 38 -52.84 29.16 -1.61
C ALA E 38 -53.78 28.41 -0.69
N LYS E 39 -53.58 27.11 -0.52
CA LYS E 39 -54.38 26.29 0.37
C LYS E 39 -53.46 25.42 1.21
N VAL E 40 -54.01 24.87 2.29
CA VAL E 40 -53.27 23.92 3.11
C VAL E 40 -53.15 22.61 2.37
N GLU E 41 -51.92 22.13 2.20
CA GLU E 41 -51.66 20.84 1.58
C GLU E 41 -51.52 19.79 2.68
N LEU E 42 -52.37 18.77 2.64
CA LEU E 42 -52.26 17.68 3.60
C LEU E 42 -52.08 16.32 2.96
N ASP E 43 -52.93 15.95 1.99
CA ASP E 43 -52.97 14.57 1.54
C ASP E 43 -51.80 14.24 0.63
N ASN E 44 -51.28 15.22 -0.11
CA ASN E 44 -50.17 15.02 -1.02
C ASN E 44 -48.98 15.86 -0.57
N GLU E 45 -47.85 15.63 -1.22
CA GLU E 45 -46.68 16.46 -1.02
C GLU E 45 -46.07 16.85 -2.36
N PTR E 46 -46.03 18.14 -2.62
CA PTR E 46 -45.33 18.65 -3.79
C PTR E 46 -43.84 18.73 -3.49
O PTR E 46 -43.00 18.50 -4.35
CB PTR E 46 -45.84 20.04 -4.18
CG PTR E 46 -47.32 20.10 -4.45
CD1 PTR E 46 -47.89 19.38 -5.49
CD2 PTR E 46 -48.15 20.88 -3.66
CE1 PTR E 46 -49.25 19.44 -5.74
CE2 PTR E 46 -49.50 20.95 -3.90
CZ PTR E 46 -50.05 20.24 -4.94
OH PTR E 46 -51.33 20.30 -5.13
P PTR E 46 -52.04 20.52 -6.56
O1P PTR E 46 -51.48 21.75 -7.29
O2P PTR E 46 -51.90 19.23 -7.41
O3P PTR E 46 -53.48 20.76 -6.30
N GLY E 47 -43.54 19.05 -2.24
CA GLY E 47 -42.18 19.29 -1.83
C GLY E 47 -41.28 18.09 -1.80
N LYS E 48 -39.98 18.37 -1.83
CA LYS E 48 -38.95 17.35 -1.72
C LYS E 48 -38.08 17.74 -0.53
N SER E 49 -37.99 16.86 0.45
CA SER E 49 -37.24 17.13 1.67
C SER E 49 -36.51 15.88 2.11
N ASP E 50 -35.41 16.06 2.82
CA ASP E 50 -34.57 14.95 3.26
C ASP E 50 -34.45 14.85 4.78
N SER E 51 -35.17 15.67 5.55
CA SER E 51 -34.95 15.73 6.98
C SER E 51 -36.14 15.24 7.79
N PHE E 52 -37.31 15.84 7.64
CA PHE E 52 -38.42 15.62 8.55
C PHE E 52 -39.65 15.17 7.79
N TYR E 53 -40.41 14.27 8.39
CA TYR E 53 -41.61 13.72 7.76
C TYR E 53 -42.70 14.80 7.70
N PHE E 54 -43.14 15.15 6.50
CA PHE E 54 -44.10 16.23 6.33
C PHE E 54 -45.47 15.86 6.88
N LYS E 55 -45.87 14.59 6.78
CA LYS E 55 -47.21 14.27 7.25
C LYS E 55 -47.36 14.42 8.76
N VAL E 56 -46.27 14.58 9.50
CA VAL E 56 -46.32 14.87 10.93
C VAL E 56 -45.85 16.29 11.23
N PHE E 57 -44.71 16.68 10.67
CA PHE E 57 -44.08 17.96 10.94
C PHE E 57 -44.06 18.77 9.66
N ASN E 58 -44.78 19.90 9.63
CA ASN E 58 -44.80 20.76 8.47
C ASN E 58 -45.27 22.15 8.89
N MET E 59 -45.16 23.09 7.96
CA MET E 59 -45.49 24.49 8.21
C MET E 59 -46.73 24.93 7.45
N GLU E 60 -47.56 24.00 6.99
CA GLU E 60 -48.70 24.35 6.15
C GLU E 60 -49.72 25.19 6.91
N SER E 61 -50.03 24.83 8.15
CA SER E 61 -50.97 25.62 8.94
C SER E 61 -50.42 27.01 9.25
N PHE E 62 -49.13 27.08 9.60
CA PHE E 62 -48.49 28.38 9.81
C PHE E 62 -48.50 29.23 8.55
N ALA E 63 -48.19 28.62 7.40
CA ALA E 63 -48.18 29.36 6.14
C ALA E 63 -49.57 29.86 5.78
N ASP E 64 -50.60 29.03 6.02
CA ASP E 64 -51.97 29.48 5.83
C ASP E 64 -52.31 30.65 6.74
N TYR E 65 -51.85 30.60 7.99
CA TYR E 65 -52.05 31.73 8.89
C TYR E 65 -51.39 32.99 8.36
N LEU E 66 -50.15 32.88 7.89
CA LEU E 66 -49.41 34.03 7.38
C LEU E 66 -50.08 34.62 6.15
N ARG E 67 -50.69 33.76 5.33
CA ARG E 67 -51.29 34.19 4.08
C ARG E 67 -52.43 35.18 4.26
N SER E 68 -53.03 35.24 5.43
CA SER E 68 -54.15 36.15 5.66
C SER E 68 -53.91 37.16 6.77
N HIS E 69 -53.05 36.86 7.73
CA HIS E 69 -52.75 37.75 8.84
C HIS E 69 -51.28 38.13 8.83
N ASP E 70 -50.98 39.34 9.26
CA ASP E 70 -49.64 39.90 9.21
C ASP E 70 -49.03 39.91 10.60
N LEU E 71 -47.89 39.25 10.75
CA LEU E 71 -47.17 39.22 12.02
C LEU E 71 -45.98 40.16 12.04
N LYS E 72 -45.96 41.19 11.19
CA LYS E 72 -44.94 42.22 11.28
C LYS E 72 -44.91 42.88 12.64
N THR E 73 -46.07 43.10 13.26
CA THR E 73 -46.15 43.86 14.50
C THR E 73 -45.38 43.21 15.64
N HIS E 74 -45.23 41.89 15.63
CA HIS E 74 -44.51 41.20 16.68
C HIS E 74 -43.00 41.40 16.58
N PHE E 75 -42.53 41.97 15.47
CA PHE E 75 -41.13 41.96 15.04
C PHE E 75 -40.64 43.37 14.77
N ASN E 76 -40.94 44.28 15.69
CA ASN E 76 -40.48 45.65 15.59
C ASN E 76 -39.55 46.05 16.73
N GLY E 77 -39.55 45.31 17.84
CA GLY E 77 -38.62 45.57 18.92
C GLY E 77 -37.17 45.48 18.48
N LYS E 78 -36.35 46.45 18.88
CA LYS E 78 -35.00 46.57 18.36
C LYS E 78 -34.16 45.34 18.70
N LYS E 79 -34.10 44.98 19.98
CA LYS E 79 -33.28 43.85 20.42
C LYS E 79 -34.04 42.56 20.15
N PRO E 80 -33.53 41.67 19.31
CA PRO E 80 -34.25 40.41 19.07
C PRO E 80 -34.18 39.50 20.29
N LEU E 81 -35.31 38.86 20.58
CA LEU E 81 -35.38 37.97 21.73
C LEU E 81 -34.53 36.72 21.51
N SER E 82 -33.78 36.34 22.53
CA SER E 82 -32.96 35.14 22.47
C SER E 82 -33.76 33.90 22.81
N THR E 83 -33.58 32.84 22.02
CA THR E 83 -34.33 31.61 22.19
C THR E 83 -33.40 30.41 21.99
N ASP E 84 -33.83 29.27 22.50
CA ASP E 84 -33.11 28.02 22.31
C ASP E 84 -33.70 27.25 21.14
N PRO E 85 -32.88 26.70 20.26
CA PRO E 85 -33.40 25.88 19.17
C PRO E 85 -33.56 24.41 19.59
N VAL E 86 -34.19 23.65 18.72
CA VAL E 86 -34.23 22.19 18.88
C VAL E 86 -32.92 21.62 18.36
N TYR E 87 -32.14 21.04 19.26
CA TYR E 87 -30.92 20.35 18.86
C TYR E 87 -31.30 18.97 18.34
N PHE E 88 -30.84 18.65 17.13
CA PHE E 88 -31.24 17.39 16.49
C PHE E 88 -30.03 16.85 15.73
N ASN E 89 -29.38 15.87 16.33
CA ASN E 89 -28.13 15.33 15.82
C ASN E 89 -28.41 14.18 14.84
N ILE E 90 -27.74 14.21 13.69
CA ILE E 90 -27.98 13.22 12.64
C ILE E 90 -26.65 12.60 12.26
N PRO E 91 -26.68 11.40 11.68
CA PRO E 91 -25.43 10.78 11.20
C PRO E 91 -24.82 11.57 10.05
N LYS E 92 -23.49 11.75 10.11
CA LYS E 92 -22.75 12.25 8.97
C LYS E 92 -22.37 11.10 8.04
N ASN E 93 -22.06 9.95 8.63
CA ASN E 93 -21.80 8.70 7.95
C ASN E 93 -22.03 7.60 8.98
N ILE E 94 -21.54 6.38 8.69
CA ILE E 94 -21.73 5.30 9.64
C ILE E 94 -20.96 5.53 10.94
N GLU E 95 -20.00 6.46 10.95
CA GLU E 95 -19.22 6.75 12.14
C GLU E 95 -19.51 8.13 12.73
N ALA E 96 -19.43 9.19 11.94
CA ALA E 96 -19.44 10.56 12.44
C ALA E 96 -20.86 11.10 12.58
N ARG E 97 -20.96 12.25 13.26
CA ARG E 97 -22.23 12.90 13.53
C ARG E 97 -22.24 14.33 12.98
N ARG E 98 -23.46 14.85 12.82
CA ARG E 98 -23.67 16.20 12.34
C ARG E 98 -24.84 16.80 13.10
N GLN E 99 -24.67 18.04 13.57
CA GLN E 99 -25.63 18.70 14.43
C GLN E 99 -26.52 19.64 13.63
N TYR E 100 -27.83 19.43 13.72
CA TYR E 100 -28.80 20.41 13.28
C TYR E 100 -29.31 21.20 14.47
N LYS E 101 -29.78 22.41 14.20
CA LYS E 101 -30.36 23.29 15.21
C LYS E 101 -31.59 23.93 14.56
N MET E 102 -32.77 23.43 14.91
CA MET E 102 -34.00 23.93 14.34
C MET E 102 -34.46 25.11 15.19
N PRO E 103 -34.39 26.34 14.70
CA PRO E 103 -34.65 27.50 15.56
C PRO E 103 -36.10 27.57 16.01
N ASN E 104 -36.28 28.11 17.22
CA ASN E 104 -37.57 28.63 17.65
C ASN E 104 -38.26 29.37 16.50
N LEU E 105 -39.53 29.04 16.28
CA LEU E 105 -40.26 29.62 15.15
C LEU E 105 -40.30 31.14 15.23
N TYR E 106 -40.33 31.70 16.43
CA TYR E 106 -40.31 33.15 16.60
C TYR E 106 -39.01 33.75 16.08
N SER E 107 -37.87 33.17 16.47
CA SER E 107 -36.58 33.66 16.00
C SER E 107 -36.41 33.42 14.50
N TYR E 108 -36.85 32.26 14.02
CA TYR E 108 -36.87 32.01 12.59
C TYR E 108 -37.59 33.11 11.86
N MET E 109 -38.78 33.50 12.32
CA MET E 109 -39.58 34.48 11.61
C MET E 109 -38.96 35.87 11.69
N ALA E 110 -38.33 36.20 12.82
CA ALA E 110 -37.58 37.47 12.89
C ALA E 110 -36.49 37.52 11.83
N LEU E 111 -35.65 36.48 11.78
CA LEU E 111 -34.62 36.40 10.73
C LEU E 111 -35.25 36.43 9.34
N ASN E 112 -36.37 35.74 9.18
CA ASN E 112 -37.04 35.61 7.90
C ASN E 112 -37.47 36.96 7.35
N TYR E 113 -38.18 37.74 8.17
CA TYR E 113 -38.60 39.05 7.72
C TYR E 113 -37.42 39.99 7.52
N TYR E 114 -36.38 39.88 8.35
CA TYR E 114 -35.23 40.76 8.13
C TYR E 114 -34.58 40.46 6.78
N ILE E 115 -34.46 39.18 6.45
CA ILE E 115 -33.80 38.79 5.20
C ILE E 115 -34.65 39.17 4.00
N CYS E 116 -35.97 38.98 4.07
CA CYS E 116 -36.80 39.40 2.95
C CYS E 116 -36.90 40.91 2.85
N ASP E 117 -36.70 41.63 3.95
CA ASP E 117 -36.70 43.09 3.88
C ASP E 117 -35.41 43.61 3.25
N ASN E 118 -34.32 42.86 3.37
CA ASN E 118 -33.04 43.23 2.79
C ASN E 118 -32.63 42.29 1.65
N LYS E 119 -33.63 41.74 0.95
CA LYS E 119 -33.37 40.73 -0.08
C LYS E 119 -32.41 41.22 -1.17
N LYS E 120 -32.36 42.52 -1.43
CA LYS E 120 -31.46 43.01 -2.48
C LYS E 120 -30.00 42.83 -2.10
N GLU E 121 -29.66 42.94 -0.80
CA GLU E 121 -28.33 42.59 -0.32
C GLU E 121 -27.91 41.21 -0.80
N PHE E 122 -28.85 40.28 -0.85
CA PHE E 122 -28.57 38.91 -1.25
C PHE E 122 -28.60 38.75 -2.75
N ILE E 123 -29.61 39.36 -3.39
CA ILE E 123 -29.88 39.10 -4.80
C ILE E 123 -28.84 39.72 -5.71
N GLU E 124 -28.38 40.94 -5.39
CA GLU E 124 -27.32 41.53 -6.22
C GLU E 124 -26.08 40.64 -6.25
N VAL E 125 -25.67 40.14 -5.09
CA VAL E 125 -24.48 39.29 -5.03
C VAL E 125 -24.72 37.96 -5.73
N PHE E 126 -25.88 37.33 -5.47
CA PHE E 126 -26.15 36.03 -6.09
C PHE E 126 -26.19 36.13 -7.61
N ILE E 127 -26.83 37.18 -8.13
CA ILE E 127 -26.96 37.33 -9.57
C ILE E 127 -25.64 37.72 -10.19
N ASP E 128 -24.81 38.51 -9.50
CA ASP E 128 -23.49 38.83 -10.00
C ASP E 128 -22.49 37.66 -9.88
N ASN E 129 -22.81 36.65 -9.10
CA ASN E 129 -21.88 35.55 -8.86
C ASN E 129 -21.83 34.59 -10.05
N LYS E 130 -20.63 34.08 -10.33
CA LYS E 130 -20.45 33.13 -11.41
C LYS E 130 -19.92 31.76 -11.00
N PHE E 131 -19.37 31.60 -9.80
CA PHE E 131 -18.70 30.36 -9.45
C PHE E 131 -19.57 29.38 -8.67
N SER E 132 -20.67 29.85 -8.09
CA SER E 132 -21.48 29.03 -7.20
C SER E 132 -22.50 28.21 -7.98
N THR E 133 -22.48 26.90 -7.77
CA THR E 133 -23.56 26.03 -8.18
C THR E 133 -24.50 25.71 -7.02
N SER E 134 -24.28 26.33 -5.87
CA SER E 134 -25.11 26.14 -4.68
C SER E 134 -26.08 27.28 -4.43
N LYS E 135 -26.02 28.35 -5.21
CA LYS E 135 -26.82 29.53 -4.99
C LYS E 135 -28.23 29.42 -5.57
N PHE E 136 -28.65 28.23 -5.98
CA PHE E 136 -30.01 27.95 -6.39
C PHE E 136 -30.80 27.16 -5.38
N PHE E 137 -30.13 26.54 -4.40
CA PHE E 137 -30.74 25.80 -3.30
C PHE E 137 -31.73 24.74 -3.78
N ASN E 138 -31.40 24.08 -4.90
CA ASN E 138 -32.18 22.97 -5.45
C ASN E 138 -33.63 23.35 -5.71
N GLN E 139 -33.84 24.66 -5.96
CA GLN E 139 -35.25 25.13 -6.09
C GLN E 139 -35.66 25.18 -7.56
N LEU E 140 -36.98 25.11 -7.79
CA LEU E 140 -37.54 25.21 -9.17
C LEU E 140 -36.88 24.25 -10.15
N ASN E 141 -36.27 24.78 -11.20
CA ASN E 141 -35.74 23.97 -12.29
C ASN E 141 -34.21 23.93 -12.28
N PHE E 142 -33.59 24.41 -11.21
CA PHE E 142 -32.14 24.41 -11.10
C PHE E 142 -31.70 23.17 -10.33
N ASP E 143 -31.94 22.04 -10.96
CA ASP E 143 -31.69 20.74 -10.37
C ASP E 143 -30.27 20.27 -10.70
N TYR E 144 -29.98 19.01 -10.39
CA TYR E 144 -28.59 18.53 -10.40
C TYR E 144 -27.94 18.58 -11.76
N PRO E 145 -28.54 18.09 -12.85
CA PRO E 145 -27.86 18.20 -14.16
C PRO E 145 -27.56 19.63 -14.59
N LYS E 146 -28.43 20.60 -14.30
CA LYS E 146 -28.13 21.98 -14.65
C LYS E 146 -26.93 22.52 -13.89
N THR E 147 -26.84 22.23 -12.60
CA THR E 147 -25.69 22.68 -11.83
C THR E 147 -24.41 22.00 -12.31
N GLN E 148 -24.49 20.73 -12.70
CA GLN E 148 -23.33 20.07 -13.27
C GLN E 148 -22.94 20.68 -14.61
N GLU E 149 -23.93 21.13 -15.39
CA GLU E 149 -23.64 21.84 -16.63
C GLU E 149 -22.84 23.11 -16.35
N ILE E 150 -23.27 23.88 -15.34
CA ILE E 150 -22.55 25.10 -14.96
C ILE E 150 -21.13 24.76 -14.51
N THR E 151 -20.99 23.74 -13.68
CA THR E 151 -19.67 23.34 -13.22
C THR E 151 -18.77 22.95 -14.39
N GLN E 152 -19.29 22.17 -15.33
CA GLN E 152 -18.51 21.77 -16.49
C GLN E 152 -18.03 22.98 -17.27
N THR E 153 -18.91 23.97 -17.48
CA THR E 153 -18.49 25.18 -18.16
C THR E 153 -17.37 25.88 -17.39
N LEU E 154 -17.49 25.93 -16.06
CA LEU E 154 -16.48 26.62 -15.25
C LEU E 154 -15.13 25.90 -15.27
N LEU E 155 -15.12 24.59 -15.50
CA LEU E 155 -13.87 23.84 -15.48
C LEU E 155 -13.16 23.77 -16.82
N TYR E 156 -13.56 24.59 -17.80
CA TYR E 156 -12.92 24.57 -19.11
C TYR E 156 -11.48 25.04 -19.05
N GLY E 157 -10.68 24.51 -19.97
CA GLY E 157 -9.31 24.94 -20.15
C GLY E 157 -8.30 24.32 -19.20
N GLY E 158 -8.74 23.49 -18.25
CA GLY E 158 -7.88 22.99 -17.22
C GLY E 158 -7.48 21.55 -17.46
N ILE E 159 -6.18 21.29 -17.37
CA ILE E 159 -5.66 19.94 -17.47
C ILE E 159 -5.62 19.24 -16.11
N LYS E 160 -5.79 19.98 -15.03
CA LYS E 160 -5.77 19.45 -13.68
C LYS E 160 -6.88 20.11 -12.89
N LYS E 161 -7.39 19.38 -11.90
CA LYS E 161 -8.37 19.92 -10.97
C LYS E 161 -7.82 19.82 -9.56
N LEU E 162 -7.90 20.92 -8.82
CA LEU E 162 -7.59 20.92 -7.41
C LEU E 162 -8.89 20.96 -6.62
N HIS E 163 -9.04 20.01 -5.71
CA HIS E 163 -10.21 19.91 -4.84
C HIS E 163 -9.84 20.39 -3.45
N LEU E 164 -10.60 21.37 -2.94
CA LEU E 164 -10.44 21.86 -1.58
C LEU E 164 -11.78 21.85 -0.87
N ASP E 165 -11.73 21.52 0.42
CA ASP E 165 -12.88 21.56 1.30
C ASP E 165 -12.56 22.34 2.56
N LEU E 166 -13.58 22.95 3.12
CA LEU E 166 -13.48 23.58 4.44
C LEU E 166 -13.98 22.57 5.48
N SER E 167 -13.23 22.43 6.56
CA SER E 167 -13.59 21.45 7.58
C SER E 167 -14.59 22.04 8.55
N ASN E 168 -15.67 21.30 8.79
CA ASN E 168 -16.69 21.66 9.79
C ASN E 168 -17.20 23.08 9.57
N PHE E 169 -17.52 23.39 8.31
CA PHE E 169 -17.74 24.78 7.91
C PHE E 169 -18.94 25.39 8.60
N TYR E 170 -20.10 24.74 8.51
CA TYR E 170 -21.32 25.30 9.10
C TYR E 170 -21.23 25.34 10.61
N HIS E 171 -20.63 24.32 11.21
CA HIS E 171 -20.74 24.07 12.64
C HIS E 171 -19.67 24.77 13.47
N THR E 172 -18.62 25.30 12.84
CA THR E 172 -17.60 26.07 13.56
C THR E 172 -17.47 27.49 13.02
N LEU E 173 -18.34 27.90 12.10
CA LEU E 173 -18.26 29.23 11.53
C LEU E 173 -18.42 30.27 12.62
N TYR E 174 -17.43 31.14 12.77
CA TYR E 174 -17.50 32.25 13.70
C TYR E 174 -18.47 33.29 13.15
N THR E 175 -19.58 33.53 13.87
CA THR E 175 -20.65 34.36 13.33
C THR E 175 -20.26 35.82 13.22
N HIS E 176 -19.34 36.30 14.06
CA HIS E 176 -18.86 37.66 13.89
C HIS E 176 -17.93 37.82 12.71
N SER E 177 -17.50 36.73 12.08
CA SER E 177 -16.77 36.83 10.84
C SER E 177 -17.67 37.06 9.64
N ILE E 178 -18.99 36.96 9.80
CA ILE E 178 -19.91 37.28 8.70
C ILE E 178 -19.81 38.75 8.31
N PRO E 179 -19.86 39.72 9.22
CA PRO E 179 -19.62 41.12 8.81
C PRO E 179 -18.23 41.35 8.25
N TRP E 180 -17.22 40.57 8.66
CA TRP E 180 -15.91 40.68 8.04
C TRP E 180 -15.97 40.30 6.57
N MET E 181 -16.61 39.17 6.26
CA MET E 181 -16.69 38.72 4.89
C MET E 181 -17.52 39.69 4.05
N ILE E 182 -18.63 40.18 4.59
CA ILE E 182 -19.51 41.07 3.84
C ILE E 182 -18.89 42.45 3.66
N ASP E 183 -18.31 43.01 4.72
CA ASP E 183 -17.91 44.41 4.72
C ASP E 183 -16.41 44.66 4.77
N GLY E 184 -15.60 43.64 5.04
CA GLY E 184 -14.19 43.84 5.29
C GLY E 184 -13.89 43.72 6.76
N LYS E 185 -12.84 42.96 7.11
CA LYS E 185 -12.55 42.71 8.51
C LYS E 185 -12.14 43.98 9.24
N SER E 186 -11.39 44.86 8.57
CA SER E 186 -10.91 46.10 9.18
C SER E 186 -12.01 47.15 9.33
N ALA E 187 -13.24 46.81 8.97
CA ALA E 187 -14.39 47.69 9.20
C ALA E 187 -15.30 47.15 10.30
N SER E 188 -14.99 45.98 10.87
CA SER E 188 -15.71 45.50 12.03
C SER E 188 -15.52 46.44 13.21
N LYS E 189 -14.30 46.93 13.40
CA LYS E 189 -14.01 47.95 14.40
C LYS E 189 -14.56 49.28 13.90
N GLN E 190 -15.39 49.92 14.71
CA GLN E 190 -16.15 51.11 14.31
C GLN E 190 -15.29 52.19 13.65
N LYS E 193 -21.75 48.97 14.54
CA LYS E 193 -22.97 48.20 14.32
C LYS E 193 -24.01 49.01 13.56
N LYS E 194 -25.28 48.65 13.73
CA LYS E 194 -26.45 49.25 13.12
C LYS E 194 -26.52 48.99 11.61
N GLY E 195 -25.53 48.34 11.02
CA GLY E 195 -25.56 48.01 9.61
C GLY E 195 -26.31 46.72 9.34
N PHE E 196 -26.38 46.38 8.05
CA PHE E 196 -27.14 45.21 7.64
C PHE E 196 -26.50 43.92 8.14
N SER E 197 -25.20 43.77 7.93
CA SER E 197 -24.54 42.52 8.26
C SER E 197 -24.44 42.31 9.77
N ASN E 198 -24.24 43.38 10.53
CA ASN E 198 -24.20 43.27 11.98
C ASN E 198 -25.55 42.84 12.55
N THR E 199 -26.64 43.43 12.04
CA THR E 199 -27.97 43.01 12.47
C THR E 199 -28.26 41.57 12.07
N LEU E 200 -27.80 41.17 10.88
CA LEU E 200 -27.98 39.80 10.46
C LEU E 200 -27.28 38.84 11.40
N ASP E 201 -26.04 39.16 11.78
CA ASP E 201 -25.31 38.35 12.76
C ASP E 201 -26.06 38.28 14.08
N THR E 202 -26.61 39.41 14.52
CA THR E 202 -27.33 39.44 15.79
C THR E 202 -28.57 38.55 15.74
N LEU E 203 -29.32 38.57 14.64
CA LEU E 203 -30.49 37.70 14.55
C LEU E 203 -30.10 36.23 14.46
N ILE E 204 -28.99 35.90 13.79
CA ILE E 204 -28.53 34.52 13.77
C ILE E 204 -28.21 34.03 15.19
N THR E 205 -27.45 34.84 15.93
CA THR E 205 -27.12 34.43 17.30
C THR E 205 -28.36 34.36 18.17
N ALA E 206 -29.35 35.22 17.93
CA ALA E 206 -30.62 35.11 18.63
C ALA E 206 -31.31 33.79 18.31
N CYS E 207 -31.14 33.28 17.09
CA CYS E 207 -31.69 31.98 16.77
C CYS E 207 -31.00 30.84 17.53
N GLN E 208 -29.74 31.04 17.94
CA GLN E 208 -29.06 29.98 18.69
C GLN E 208 -28.65 30.43 20.08
N TYR E 209 -29.45 31.29 20.71
CA TYR E 209 -29.32 31.67 22.12
C TYR E 209 -28.02 32.46 22.38
N ASP E 210 -27.77 33.45 21.53
CA ASP E 210 -26.55 34.29 21.58
C ASP E 210 -25.28 33.46 21.58
N GLU E 211 -25.27 32.37 20.86
CA GLU E 211 -24.10 31.54 20.71
C GLU E 211 -23.44 31.96 19.39
N THR E 212 -22.15 32.26 19.44
CA THR E 212 -21.44 32.75 18.27
C THR E 212 -20.68 31.66 17.55
N HIS E 213 -20.76 30.42 18.04
CA HIS E 213 -20.02 29.31 17.48
C HIS E 213 -20.94 28.56 16.53
N GLY E 214 -20.70 28.72 15.23
CA GLY E 214 -21.47 28.02 14.22
C GLY E 214 -22.76 28.71 13.83
N ILE E 215 -23.38 28.15 12.80
CA ILE E 215 -24.61 28.67 12.18
C ILE E 215 -25.72 27.64 12.45
N PRO E 216 -26.96 28.05 12.74
CA PRO E 216 -28.03 27.06 12.99
C PRO E 216 -28.39 26.30 11.72
N THR E 217 -27.95 25.06 11.64
CA THR E 217 -27.99 24.28 10.40
C THR E 217 -29.27 23.47 10.30
N GLY E 218 -29.78 23.34 9.07
CA GLY E 218 -30.91 22.48 8.80
C GLY E 218 -32.10 23.18 8.18
N ASN E 219 -31.94 24.44 7.82
CA ASN E 219 -33.03 25.24 7.27
C ASN E 219 -32.50 26.11 6.14
N LEU E 220 -33.43 26.67 5.37
CA LEU E 220 -33.05 27.37 4.15
C LEU E 220 -32.46 28.76 4.42
N LEU E 221 -32.89 29.45 5.49
CA LEU E 221 -32.28 30.74 5.81
C LEU E 221 -30.79 30.59 6.12
N SER E 222 -30.42 29.53 6.83
CA SER E 222 -29.00 29.29 7.08
C SER E 222 -28.24 29.07 5.78
N ARG E 223 -28.84 28.32 4.85
CA ARG E 223 -28.22 28.10 3.55
C ARG E 223 -28.05 29.40 2.78
N ILE E 224 -29.04 30.29 2.85
CA ILE E 224 -28.95 31.58 2.16
C ILE E 224 -27.85 32.45 2.77
N ILE E 225 -27.78 32.50 4.10
CA ILE E 225 -26.74 33.30 4.75
C ILE E 225 -25.35 32.75 4.44
N THR E 226 -25.20 31.42 4.50
CA THR E 226 -23.92 30.79 4.18
C THR E 226 -23.55 31.04 2.72
N GLU E 227 -24.54 31.05 1.83
CA GLU E 227 -24.28 31.34 0.43
C GLU E 227 -23.84 32.77 0.22
N LEU E 228 -24.43 33.72 0.96
CA LEU E 228 -23.96 35.10 0.90
C LEU E 228 -22.51 35.21 1.35
N TYR E 229 -22.19 34.60 2.49
CA TYR E 229 -20.83 34.55 2.99
C TYR E 229 -19.87 34.01 1.93
N MET E 230 -20.24 32.89 1.32
CA MET E 230 -19.34 32.23 0.38
C MET E 230 -19.27 32.98 -0.95
N CYS E 231 -20.34 33.66 -1.37
CA CYS E 231 -20.27 34.46 -2.58
C CYS E 231 -19.42 35.70 -2.38
N HIS E 232 -19.31 36.20 -1.15
CA HIS E 232 -18.35 37.27 -0.91
C HIS E 232 -16.92 36.76 -0.89
N PHE E 233 -16.73 35.54 -0.36
CA PHE E 233 -15.45 34.86 -0.55
C PHE E 233 -15.11 34.75 -2.04
N ASP E 234 -16.10 34.35 -2.85
CA ASP E 234 -15.91 34.25 -4.30
C ASP E 234 -15.60 35.60 -4.92
N LYS E 235 -16.23 36.67 -4.44
CA LYS E 235 -15.90 37.99 -4.98
C LYS E 235 -14.45 38.34 -4.71
N GLN E 236 -13.95 38.03 -3.51
CA GLN E 236 -12.53 38.27 -3.23
C GLN E 236 -11.65 37.45 -4.17
N MET E 237 -11.98 36.18 -4.40
CA MET E 237 -11.14 35.38 -5.27
C MET E 237 -11.25 35.78 -6.74
N GLU E 238 -12.40 36.32 -7.15
CA GLU E 238 -12.58 36.75 -8.54
C GLU E 238 -11.85 38.05 -8.81
N TYR E 239 -11.81 38.96 -7.83
CA TYR E 239 -11.03 40.18 -8.01
C TYR E 239 -9.55 39.88 -8.19
N LYS E 240 -9.08 38.75 -7.67
CA LYS E 240 -7.72 38.30 -7.92
C LYS E 240 -7.62 37.44 -9.18
N LYS E 241 -8.69 37.41 -9.99
CA LYS E 241 -8.69 36.81 -11.32
C LYS E 241 -8.50 35.29 -11.27
N PHE E 242 -9.30 34.62 -10.46
CA PHE E 242 -9.32 33.17 -10.48
C PHE E 242 -10.69 32.65 -10.87
N VAL E 243 -10.70 31.47 -11.45
CA VAL E 243 -11.91 30.81 -11.92
C VAL E 243 -11.98 29.44 -11.26
N TYR E 244 -13.12 29.12 -10.67
CA TYR E 244 -13.33 27.82 -10.06
C TYR E 244 -14.82 27.57 -9.93
N SER E 245 -15.23 26.42 -9.65
CA SER E 245 -16.54 25.92 -9.25
C SER E 245 -16.63 25.74 -7.74
N ARG E 246 -17.58 26.24 -7.08
CA ARG E 246 -17.93 25.98 -5.73
C ARG E 246 -19.34 25.48 -5.49
N TYR E 247 -19.44 24.34 -4.86
CA TYR E 247 -20.68 23.90 -4.26
C TYR E 247 -20.57 24.06 -2.70
N VAL E 248 -21.09 25.17 -2.14
CA VAL E 248 -21.06 25.43 -0.67
C VAL E 248 -19.60 25.61 -0.19
N ASP E 249 -18.85 24.53 -0.07
CA ASP E 249 -17.45 24.61 0.44
C ASP E 249 -16.56 23.68 -0.40
N ASP E 250 -17.14 23.02 -1.41
CA ASP E 250 -16.36 22.11 -2.29
C ASP E 250 -15.78 22.93 -3.45
N PHE E 251 -14.48 23.25 -3.38
CA PHE E 251 -13.85 24.10 -4.42
C PHE E 251 -13.20 23.23 -5.50
N ILE E 252 -13.58 23.43 -6.77
CA ILE E 252 -12.94 22.67 -7.89
C ILE E 252 -12.12 23.67 -8.70
N PHE E 253 -10.80 23.71 -8.49
CA PHE E 253 -9.95 24.72 -9.18
C PHE E 253 -9.37 24.15 -10.48
N PRO E 254 -9.77 24.60 -11.70
CA PRO E 254 -9.14 24.11 -12.93
C PRO E 254 -7.81 24.83 -13.21
N PHE E 255 -6.78 24.10 -13.59
CA PHE E 255 -5.48 24.72 -13.79
C PHE E 255 -4.63 23.82 -14.66
N THR E 256 -3.56 24.39 -15.21
CA THR E 256 -2.67 23.66 -16.10
C THR E 256 -1.24 23.62 -15.59
N PHE E 257 -0.72 24.75 -15.14
CA PHE E 257 0.65 24.87 -14.66
C PHE E 257 0.65 24.99 -13.14
N GLU E 258 1.69 24.44 -12.51
CA GLU E 258 1.76 24.41 -11.07
C GLU E 258 1.84 25.79 -10.45
N ASN E 259 2.33 26.80 -11.17
CA ASN E 259 2.36 28.15 -10.61
C ASN E 259 0.95 28.69 -10.38
N GLU E 260 0.02 28.37 -11.29
CA GLU E 260 -1.37 28.76 -11.09
C GLU E 260 -1.93 28.14 -9.81
N LYS E 261 -1.69 26.83 -9.64
CA LYS E 261 -2.15 26.13 -8.46
C LYS E 261 -1.57 26.72 -7.19
N GLN E 262 -0.26 27.01 -7.19
CA GLN E 262 0.38 27.54 -5.99
C GLN E 262 -0.13 28.94 -5.66
N GLU E 263 -0.31 29.79 -6.67
CA GLU E 263 -0.81 31.12 -6.41
C GLU E 263 -2.25 31.08 -5.89
N PHE E 264 -3.08 30.19 -6.45
CA PHE E 264 -4.42 29.99 -5.95
C PHE E 264 -4.40 29.51 -4.50
N LEU E 265 -3.53 28.55 -4.18
CA LEU E 265 -3.47 28.03 -2.83
C LEU E 265 -3.04 29.11 -1.85
N ASN E 266 -2.06 29.94 -2.21
CA ASN E 266 -1.65 31.03 -1.33
C ASN E 266 -2.79 32.01 -1.09
N GLU E 267 -3.49 32.42 -2.15
CA GLU E 267 -4.60 33.37 -1.97
C GLU E 267 -5.71 32.77 -1.12
N PHE E 268 -6.06 31.51 -1.38
CA PHE E 268 -7.14 30.85 -0.67
C PHE E 268 -6.78 30.67 0.80
N ASN E 269 -5.54 30.26 1.08
CA ASN E 269 -5.05 30.18 2.45
C ASN E 269 -5.12 31.53 3.14
N LEU E 270 -4.78 32.60 2.41
CA LEU E 270 -4.78 33.93 3.01
C LEU E 270 -6.18 34.35 3.44
N ILE E 271 -7.17 34.16 2.56
CA ILE E 271 -8.54 34.53 2.91
C ILE E 271 -9.08 33.65 4.02
N CYS E 272 -8.77 32.35 3.98
CA CYS E 272 -9.21 31.46 5.05
C CYS E 272 -8.62 31.87 6.40
N ARG E 273 -7.34 32.26 6.42
CA ARG E 273 -6.72 32.72 7.66
C ARG E 273 -7.33 34.02 8.13
N GLU E 274 -7.66 34.91 7.19
CA GLU E 274 -8.30 36.17 7.59
C GLU E 274 -9.66 35.95 8.23
N ASN E 275 -10.41 34.93 7.80
CA ASN E 275 -11.77 34.76 8.26
C ASN E 275 -11.95 33.56 9.20
N ASN E 276 -10.86 33.05 9.78
CA ASN E 276 -10.90 31.90 10.68
C ASN E 276 -11.58 30.69 10.04
N LEU E 277 -11.26 30.45 8.78
CA LEU E 277 -11.73 29.28 8.07
C LEU E 277 -10.59 28.27 7.98
N ILE E 278 -10.92 26.99 8.11
CA ILE E 278 -9.93 25.93 8.17
C ILE E 278 -10.17 24.96 7.03
N ILE E 279 -9.12 24.72 6.25
CA ILE E 279 -9.19 23.75 5.15
C ILE E 279 -9.12 22.35 5.71
N ASN E 280 -9.94 21.46 5.17
CA ASN E 280 -9.86 20.04 5.48
C ASN E 280 -8.75 19.44 4.61
N ASP E 281 -7.54 19.34 5.17
CA ASP E 281 -6.39 18.91 4.39
C ASP E 281 -6.49 17.46 3.93
N ASN E 282 -7.37 16.67 4.54
CA ASN E 282 -7.56 15.29 4.10
C ASN E 282 -8.17 15.22 2.72
N LYS E 283 -9.10 16.13 2.41
CA LYS E 283 -9.84 16.14 1.16
C LYS E 283 -9.11 16.85 0.04
N THR E 284 -7.92 17.39 0.27
CA THR E 284 -7.17 18.08 -0.77
C THR E 284 -6.56 17.06 -1.72
N LYS E 285 -6.83 17.21 -3.01
CA LYS E 285 -6.32 16.27 -4.01
C LYS E 285 -6.31 16.94 -5.37
N VAL E 286 -5.30 16.59 -6.16
CA VAL E 286 -5.22 17.01 -7.55
C VAL E 286 -5.58 15.82 -8.42
N ASP E 287 -6.49 16.03 -9.37
CA ASP E 287 -6.87 15.03 -10.34
C ASP E 287 -6.29 15.40 -11.70
N ASN E 288 -5.60 14.47 -12.32
CA ASN E 288 -4.99 14.67 -13.63
C ASN E 288 -5.90 14.10 -14.70
N PHE E 289 -5.96 14.78 -15.84
CA PHE E 289 -6.66 14.22 -16.98
C PHE E 289 -5.85 13.08 -17.60
N PRO E 290 -6.50 11.96 -17.98
CA PRO E 290 -7.94 11.75 -17.98
C PRO E 290 -8.59 11.70 -16.59
N PHE E 291 -9.68 12.44 -16.44
CA PHE E 291 -10.28 12.67 -15.14
C PHE E 291 -11.14 11.48 -14.72
N VAL E 292 -11.08 11.17 -13.44
CA VAL E 292 -11.94 10.14 -12.86
C VAL E 292 -13.32 10.74 -12.60
N ASP E 293 -14.37 9.97 -12.88
CA ASP E 293 -15.73 10.37 -12.54
C ASP E 293 -16.44 9.14 -11.98
N LYS E 294 -16.63 9.11 -10.66
CA LYS E 294 -17.24 7.97 -10.00
C LYS E 294 -18.75 8.11 -9.79
N SER E 295 -19.35 9.22 -10.22
CA SER E 295 -20.74 9.51 -9.90
C SER E 295 -21.66 9.38 -11.09
N SER E 296 -21.24 8.69 -12.15
CA SER E 296 -22.14 8.39 -13.25
C SER E 296 -23.30 7.53 -12.77
N LYS E 297 -24.52 8.01 -13.03
CA LYS E 297 -25.74 7.34 -12.60
C LYS E 297 -26.46 6.66 -13.75
N SER E 298 -25.81 6.50 -14.91
CA SER E 298 -26.51 6.01 -16.11
C SER E 298 -26.93 4.55 -15.96
N ASP E 299 -26.01 3.70 -15.49
CA ASP E 299 -26.36 2.30 -15.24
C ASP E 299 -27.46 2.19 -14.19
N ILE E 300 -27.42 3.05 -13.17
CA ILE E 300 -28.42 2.98 -12.11
C ILE E 300 -29.81 3.28 -12.66
N PHE E 301 -29.97 4.38 -13.40
CA PHE E 301 -31.33 4.68 -13.81
C PHE E 301 -31.77 3.83 -14.99
N SER E 302 -30.85 3.07 -15.59
CA SER E 302 -31.19 2.14 -16.66
C SER E 302 -31.10 0.68 -16.20
N PHE E 303 -31.28 0.42 -14.90
CA PHE E 303 -31.28 -0.97 -14.45
C PHE E 303 -32.42 -1.76 -15.06
N PHE E 304 -33.59 -1.14 -15.20
CA PHE E 304 -34.88 -1.77 -15.45
C PHE E 304 -35.33 -1.71 -16.91
N GLU E 305 -34.40 -1.55 -17.85
CA GLU E 305 -34.80 -1.32 -19.23
C GLU E 305 -35.54 -2.52 -19.81
N ASN E 306 -35.10 -3.71 -19.48
CA ASN E 306 -35.55 -4.94 -20.12
C ASN E 306 -36.56 -5.72 -19.30
N ILE E 307 -37.22 -5.06 -18.35
CA ILE E 307 -38.34 -5.65 -17.62
C ILE E 307 -39.60 -4.90 -18.05
N THR E 308 -40.70 -5.64 -18.15
CA THR E 308 -41.97 -5.09 -18.58
C THR E 308 -43.06 -5.56 -17.63
N SER E 309 -44.26 -4.99 -17.81
CA SER E 309 -45.41 -5.45 -17.04
C SER E 309 -45.83 -6.86 -17.43
N THR E 310 -45.38 -7.36 -18.58
CA THR E 310 -45.63 -8.75 -18.94
C THR E 310 -44.72 -9.71 -18.17
N ASN E 311 -43.64 -9.22 -17.58
CA ASN E 311 -42.82 -10.06 -16.73
C ASN E 311 -43.59 -10.46 -15.48
N SER E 312 -43.27 -11.64 -14.96
CA SER E 312 -43.96 -12.16 -13.80
C SER E 312 -43.64 -11.32 -12.56
N ASN E 313 -44.52 -11.41 -11.57
CA ASN E 313 -44.30 -10.69 -10.32
C ASN E 313 -43.05 -11.17 -9.61
N ASP E 314 -42.72 -12.46 -9.75
CA ASP E 314 -41.51 -13.00 -9.14
C ASP E 314 -40.26 -12.37 -9.74
N LYS E 315 -40.24 -12.17 -11.06
CA LYS E 315 -39.10 -11.53 -11.69
C LYS E 315 -39.00 -10.08 -11.26
N TRP E 316 -40.13 -9.39 -11.09
CA TRP E 316 -40.10 -8.03 -10.56
C TRP E 316 -39.51 -8.01 -9.16
N ILE E 317 -39.90 -8.95 -8.32
CA ILE E 317 -39.38 -9.01 -6.95
C ILE E 317 -37.87 -9.20 -6.96
N LYS E 318 -37.40 -10.19 -7.71
CA LYS E 318 -35.97 -10.49 -7.74
C LYS E 318 -35.19 -9.36 -8.38
N GLU E 319 -35.74 -8.71 -9.40
CA GLU E 319 -35.09 -7.60 -10.06
C GLU E 319 -34.94 -6.41 -9.12
N ILE E 320 -35.98 -6.12 -8.34
CA ILE E 320 -35.90 -5.04 -7.36
C ILE E 320 -34.87 -5.35 -6.28
N SER E 321 -34.83 -6.60 -5.82
CA SER E 321 -33.83 -6.99 -4.82
C SER E 321 -32.41 -6.81 -5.35
N ASN E 322 -32.16 -7.30 -6.57
CA ASN E 322 -30.85 -7.12 -7.18
C ASN E 322 -30.55 -5.64 -7.38
N PHE E 323 -31.57 -4.84 -7.66
CA PHE E 323 -31.38 -3.41 -7.82
C PHE E 323 -30.85 -2.78 -6.53
N ILE E 324 -31.47 -3.15 -5.40
CA ILE E 324 -31.04 -2.61 -4.12
C ILE E 324 -29.60 -3.00 -3.84
N ASP E 325 -29.26 -4.27 -4.05
CA ASP E 325 -27.88 -4.69 -3.82
C ASP E 325 -26.92 -3.92 -4.73
N TYR E 326 -27.29 -3.72 -5.99
CA TYR E 326 -26.44 -3.04 -6.94
C TYR E 326 -26.19 -1.59 -6.55
N CYS E 327 -27.22 -0.87 -6.12
CA CYS E 327 -27.01 0.52 -5.72
C CYS E 327 -26.24 0.63 -4.41
N VAL E 328 -26.44 -0.31 -3.48
CA VAL E 328 -25.65 -0.28 -2.26
C VAL E 328 -24.17 -0.50 -2.59
N ASN E 329 -23.88 -1.41 -3.51
CA ASN E 329 -22.50 -1.61 -3.94
C ASN E 329 -21.95 -0.39 -4.66
N GLU E 330 -22.78 0.27 -5.49
CA GLU E 330 -22.36 1.49 -6.15
C GLU E 330 -21.97 2.56 -5.13
N GLU E 331 -22.78 2.73 -4.09
CA GLU E 331 -22.45 3.71 -3.06
C GLU E 331 -21.18 3.31 -2.30
N HIS E 332 -20.99 2.01 -2.05
CA HIS E 332 -19.75 1.57 -1.42
C HIS E 332 -18.55 1.94 -2.28
N LEU E 333 -18.68 1.85 -3.60
CA LEU E 333 -17.57 2.13 -4.50
C LEU E 333 -17.31 3.62 -4.70
N GLY E 334 -18.14 4.49 -4.14
CA GLY E 334 -17.93 5.92 -4.24
C GLY E 334 -18.94 6.67 -5.11
N ASN E 335 -19.98 6.00 -5.59
CA ASN E 335 -21.03 6.64 -6.37
C ASN E 335 -21.96 7.37 -5.39
N LYS E 336 -21.74 8.66 -5.23
CA LYS E 336 -22.45 9.44 -4.22
C LYS E 336 -23.92 9.60 -4.59
N GLY E 337 -24.80 9.30 -3.64
CA GLY E 337 -26.23 9.41 -3.87
C GLY E 337 -26.88 8.22 -4.51
N ALA E 338 -26.16 7.12 -4.70
CA ALA E 338 -26.74 5.94 -5.33
C ALA E 338 -27.84 5.32 -4.48
N ILE E 339 -27.63 5.26 -3.16
CA ILE E 339 -28.65 4.71 -2.28
C ILE E 339 -29.89 5.60 -2.29
N LYS E 340 -29.70 6.91 -2.33
CA LYS E 340 -30.84 7.82 -2.48
C LYS E 340 -31.62 7.50 -3.75
N CYS E 341 -30.92 7.10 -4.81
CA CYS E 341 -31.56 6.85 -6.10
C CYS E 341 -32.50 5.65 -6.08
N ILE E 342 -32.32 4.71 -5.14
CA ILE E 342 -33.10 3.47 -5.19
C ILE E 342 -34.59 3.74 -5.20
N PHE E 343 -35.07 4.56 -4.27
CA PHE E 343 -36.51 4.74 -4.11
C PHE E 343 -37.15 5.50 -5.28
N PRO E 344 -36.66 6.67 -5.68
CA PRO E 344 -37.29 7.35 -6.81
C PRO E 344 -37.30 6.53 -8.09
N VAL E 345 -36.24 5.81 -8.39
CA VAL E 345 -36.21 5.14 -9.67
C VAL E 345 -37.05 3.86 -9.63
N ILE E 346 -37.17 3.21 -8.47
CA ILE E 346 -38.11 2.09 -8.37
C ILE E 346 -39.53 2.60 -8.59
N THR E 347 -39.88 3.72 -7.95
CA THR E 347 -41.21 4.27 -8.10
C THR E 347 -41.49 4.69 -9.54
N ASN E 348 -40.51 5.34 -10.18
CA ASN E 348 -40.70 5.79 -11.56
C ASN E 348 -40.72 4.62 -12.53
N THR E 349 -39.96 3.56 -12.27
CA THR E 349 -40.05 2.37 -13.09
C THR E 349 -41.41 1.70 -12.98
N LEU E 350 -41.93 1.62 -11.76
CA LEU E 350 -43.25 1.03 -11.57
C LEU E 350 -44.32 1.84 -12.29
N LYS E 351 -44.20 3.17 -12.24
CA LYS E 351 -45.13 4.02 -12.95
C LYS E 351 -44.98 3.90 -14.47
N GLN E 352 -43.73 3.88 -14.95
CA GLN E 352 -43.48 3.95 -16.38
C GLN E 352 -43.73 2.60 -17.07
N LYS E 353 -43.32 1.50 -16.43
CA LYS E 353 -43.66 0.18 -16.95
C LYS E 353 -45.15 -0.06 -16.92
N LYS E 354 -45.89 0.78 -16.21
CA LYS E 354 -47.36 0.77 -16.20
C LYS E 354 -47.88 -0.52 -15.59
N VAL E 355 -47.30 -0.88 -14.45
CA VAL E 355 -47.70 -2.10 -13.74
C VAL E 355 -49.02 -1.83 -13.02
N ASP E 356 -49.93 -2.81 -13.09
CA ASP E 356 -51.27 -2.65 -12.56
C ASP E 356 -51.25 -2.65 -11.03
N THR E 357 -52.28 -2.06 -10.43
CA THR E 357 -52.30 -1.85 -8.99
C THR E 357 -52.26 -3.16 -8.23
N LYS E 358 -53.05 -4.14 -8.67
CA LYS E 358 -53.05 -5.47 -8.07
C LYS E 358 -51.73 -6.19 -8.28
N ASN E 359 -51.04 -5.95 -9.39
CA ASN E 359 -49.71 -6.51 -9.55
C ASN E 359 -48.72 -5.88 -8.58
N ILE E 360 -48.84 -4.57 -8.34
CA ILE E 360 -47.98 -3.90 -7.36
C ILE E 360 -48.24 -4.44 -5.96
N ASP E 361 -49.51 -4.62 -5.62
CA ASP E 361 -49.87 -5.24 -4.36
C ASP E 361 -49.22 -6.60 -4.21
N ASN E 362 -49.25 -7.42 -5.28
CA ASN E 362 -48.62 -8.73 -5.21
C ASN E 362 -47.11 -8.63 -5.07
N ILE E 363 -46.47 -7.70 -5.80
CA ILE E 363 -45.02 -7.56 -5.74
C ILE E 363 -44.56 -7.22 -4.32
N PHE E 364 -45.20 -6.24 -3.69
CA PHE E 364 -44.69 -5.80 -2.40
C PHE E 364 -45.32 -6.49 -1.20
N SER E 365 -46.40 -7.24 -1.38
CA SER E 365 -47.02 -7.92 -0.25
C SER E 365 -46.69 -9.41 -0.19
N LYS E 366 -46.04 -9.96 -1.21
CA LYS E 366 -45.81 -11.40 -1.26
C LYS E 366 -44.73 -11.83 -0.29
N ARG E 367 -45.06 -12.82 0.54
CA ARG E 367 -44.10 -13.51 1.38
C ARG E 367 -43.81 -14.88 0.76
N ASN E 368 -42.59 -15.06 0.27
CA ASN E 368 -42.18 -16.36 -0.24
C ASN E 368 -42.18 -17.37 0.89
N MET E 369 -42.85 -18.50 0.68
CA MET E 369 -43.11 -19.42 1.79
C MET E 369 -41.83 -20.12 2.25
N VAL E 370 -40.98 -20.55 1.31
CA VAL E 370 -39.76 -21.25 1.67
C VAL E 370 -38.77 -20.30 2.33
N THR E 371 -38.56 -19.13 1.73
CA THR E 371 -37.48 -18.23 2.14
C THR E 371 -37.92 -17.14 3.11
N ASN E 372 -39.22 -16.98 3.33
CA ASN E 372 -39.77 -15.93 4.19
C ASN E 372 -39.37 -14.53 3.72
N PHE E 373 -39.02 -14.40 2.44
CA PHE E 373 -38.53 -13.13 1.91
C PHE E 373 -39.68 -12.27 1.42
N ASN E 374 -39.61 -10.99 1.74
CA ASN E 374 -40.55 -9.98 1.27
C ASN E 374 -39.75 -8.74 0.94
N VAL E 375 -40.05 -8.10 -0.20
CA VAL E 375 -39.16 -7.07 -0.72
C VAL E 375 -39.37 -5.72 0.00
N PHE E 376 -40.59 -5.43 0.44
CA PHE E 376 -40.83 -4.31 1.36
C PHE E 376 -40.02 -4.44 2.64
N GLU E 377 -39.90 -5.65 3.20
CA GLU E 377 -39.10 -5.77 4.40
C GLU E 377 -37.63 -5.48 4.12
N LYS E 378 -37.12 -5.91 2.97
CA LYS E 378 -35.75 -5.59 2.59
C LYS E 378 -35.54 -4.09 2.46
N ILE E 379 -36.49 -3.39 1.84
CA ILE E 379 -36.35 -1.95 1.67
C ILE E 379 -36.45 -1.22 2.99
N LEU E 380 -37.34 -1.67 3.87
CA LEU E 380 -37.42 -1.12 5.23
C LEU E 380 -36.12 -1.31 6.00
N ASP E 381 -35.51 -2.49 5.90
CA ASP E 381 -34.25 -2.72 6.59
C ASP E 381 -33.13 -1.88 6.00
N LEU E 382 -33.12 -1.71 4.68
CA LEU E 382 -32.19 -0.77 4.06
C LEU E 382 -32.36 0.63 4.64
N SER E 383 -33.61 1.10 4.76
CA SER E 383 -33.84 2.44 5.30
C SER E 383 -33.36 2.54 6.75
N LEU E 384 -33.59 1.49 7.54
CA LEU E 384 -33.11 1.50 8.92
C LEU E 384 -31.60 1.45 9.00
N LYS E 385 -30.92 1.04 7.93
CA LYS E 385 -29.46 1.11 7.92
C LYS E 385 -28.92 2.54 7.91
N ASP E 386 -29.71 3.53 7.49
CA ASP E 386 -29.26 4.92 7.51
C ASP E 386 -30.47 5.82 7.75
N SER E 387 -30.50 6.49 8.91
CA SER E 387 -31.67 7.26 9.30
C SER E 387 -31.90 8.50 8.43
N ARG E 388 -30.90 8.90 7.64
CA ARG E 388 -31.13 9.98 6.68
C ARG E 388 -32.05 9.55 5.54
N LEU E 389 -32.37 8.27 5.46
CA LEU E 389 -33.23 7.70 4.42
C LEU E 389 -34.68 7.62 4.86
N THR E 390 -35.04 8.11 6.05
CA THR E 390 -36.39 7.95 6.58
C THR E 390 -37.42 8.58 5.67
N ASN E 391 -37.18 9.81 5.24
CA ASN E 391 -38.13 10.52 4.39
C ASN E 391 -38.27 9.85 3.04
N LYS E 392 -37.15 9.43 2.45
CA LYS E 392 -37.22 8.77 1.15
C LYS E 392 -37.99 7.46 1.25
N PHE E 393 -37.76 6.68 2.32
CA PHE E 393 -38.51 5.45 2.49
C PHE E 393 -40.00 5.71 2.66
N LEU E 394 -40.37 6.70 3.47
CA LEU E 394 -41.79 6.93 3.69
C LEU E 394 -42.46 7.51 2.47
N THR E 395 -41.75 8.34 1.70
CA THR E 395 -42.27 8.81 0.42
C THR E 395 -42.46 7.66 -0.56
N PHE E 396 -41.52 6.73 -0.57
CA PHE E 396 -41.62 5.56 -1.47
C PHE E 396 -42.86 4.74 -1.06
N PHE E 397 -43.05 4.55 0.26
CA PHE E 397 -44.22 3.82 0.72
C PHE E 397 -45.50 4.53 0.32
N GLU E 398 -45.52 5.86 0.46
CA GLU E 398 -46.68 6.63 0.06
C GLU E 398 -46.98 6.43 -1.42
N ASN E 399 -45.95 6.46 -2.25
CA ASN E 399 -46.13 6.32 -3.69
C ASN E 399 -46.68 4.96 -4.06
N ILE E 400 -46.06 3.87 -3.56
CA ILE E 400 -46.55 2.55 -3.97
C ILE E 400 -47.91 2.26 -3.32
N ASN E 401 -48.18 2.82 -2.15
CA ASN E 401 -49.51 2.71 -1.56
C ASN E 401 -50.54 3.37 -2.46
N GLU E 402 -50.21 4.52 -3.04
CA GLU E 402 -51.04 5.11 -4.08
C GLU E 402 -51.12 4.21 -5.30
N PHE E 403 -50.02 3.56 -5.66
CA PHE E 403 -49.99 2.63 -6.79
C PHE E 403 -50.82 1.38 -6.56
N GLY E 404 -51.28 1.12 -5.34
CA GLY E 404 -52.14 -0.03 -5.12
C GLY E 404 -51.71 -0.94 -4.00
N PHE E 405 -50.51 -0.75 -3.48
CA PHE E 405 -50.04 -1.56 -2.36
C PHE E 405 -50.81 -1.22 -1.10
N SER E 406 -51.49 -2.22 -0.54
CA SER E 406 -52.38 -2.00 0.60
C SER E 406 -51.62 -1.51 1.82
N SER E 407 -52.23 -0.60 2.56
CA SER E 407 -51.61 -0.06 3.76
C SER E 407 -51.69 -1.04 4.93
N LEU E 408 -52.75 -1.85 5.00
CA LEU E 408 -52.82 -2.88 6.03
C LEU E 408 -51.72 -3.93 5.84
N SER E 409 -51.48 -4.32 4.59
CA SER E 409 -50.39 -5.25 4.31
C SER E 409 -49.04 -4.67 4.70
N ALA E 410 -48.81 -3.40 4.40
CA ALA E 410 -47.57 -2.75 4.81
C ALA E 410 -47.45 -2.71 6.33
N SER E 411 -48.54 -2.40 7.02
CA SER E 411 -48.52 -2.38 8.48
C SER E 411 -48.17 -3.75 9.04
N ASN E 412 -48.76 -4.81 8.50
CA ASN E 412 -48.44 -6.15 8.97
C ASN E 412 -46.99 -6.52 8.68
N ILE E 413 -46.48 -6.13 7.52
CA ILE E 413 -45.09 -6.45 7.18
C ILE E 413 -44.13 -5.74 8.14
N VAL E 414 -44.39 -4.46 8.41
CA VAL E 414 -43.51 -3.71 9.31
C VAL E 414 -43.64 -4.24 10.74
N LYS E 415 -44.86 -4.61 11.15
CA LYS E 415 -45.08 -5.22 12.45
C LYS E 415 -44.29 -6.51 12.61
N LYS E 416 -44.33 -7.37 11.58
CA LYS E 416 -43.61 -8.62 11.60
C LYS E 416 -42.10 -8.37 11.67
N TYR E 417 -41.62 -7.40 10.90
CA TYR E 417 -40.21 -7.06 10.91
C TYR E 417 -39.80 -6.65 12.33
N PHE E 418 -40.64 -5.82 12.97
CA PHE E 418 -40.28 -5.25 14.25
C PHE E 418 -40.33 -6.31 15.33
N SER E 419 -41.26 -7.27 15.22
CA SER E 419 -41.31 -8.38 16.17
C SER E 419 -40.10 -9.29 16.02
N ASN E 420 -39.68 -9.59 14.78
CA ASN E 420 -38.51 -10.44 14.60
C ASN E 420 -37.24 -9.79 15.11
N ASN E 421 -37.15 -8.46 15.02
CA ASN E 421 -35.93 -7.75 15.40
C ASN E 421 -36.12 -6.92 16.67
N SER E 422 -37.09 -7.28 17.51
CA SER E 422 -37.43 -6.47 18.67
C SER E 422 -36.26 -6.31 19.63
N LYS E 423 -35.49 -7.37 19.86
CA LYS E 423 -34.40 -7.30 20.83
C LYS E 423 -33.30 -6.34 20.38
N GLY E 424 -32.83 -6.52 19.15
CA GLY E 424 -31.82 -5.60 18.61
C GLY E 424 -32.35 -4.19 18.48
N LEU E 425 -33.64 -4.04 18.20
CA LEU E 425 -34.22 -2.72 18.07
C LEU E 425 -34.32 -2.02 19.42
N LYS E 426 -34.59 -2.77 20.49
CA LYS E 426 -34.61 -2.18 21.83
C LYS E 426 -33.20 -1.80 22.27
N GLU E 427 -32.20 -2.64 21.96
CA GLU E 427 -30.82 -2.25 22.22
C GLU E 427 -30.43 -1.00 21.43
N LYS E 428 -30.88 -0.90 20.18
CA LYS E 428 -30.61 0.29 19.38
C LYS E 428 -31.24 1.53 20.02
N ILE E 429 -32.49 1.40 20.46
CA ILE E 429 -33.19 2.54 21.06
C ILE E 429 -32.44 3.00 22.31
N ASP E 430 -32.00 2.04 23.13
CA ASP E 430 -31.22 2.39 24.31
C ASP E 430 -29.91 3.07 23.92
N HIS E 431 -29.23 2.54 22.90
CA HIS E 431 -27.99 3.16 22.44
C HIS E 431 -28.20 4.62 22.06
N TYR E 432 -29.19 4.88 21.20
CA TYR E 432 -29.40 6.26 20.78
C TYR E 432 -29.92 7.15 21.89
N ARG E 433 -30.59 6.57 22.89
CA ARG E 433 -31.02 7.39 24.02
C ARG E 433 -29.84 7.80 24.89
N LYS E 434 -28.93 6.87 25.18
CA LYS E 434 -27.76 7.24 25.97
C LYS E 434 -26.83 8.19 25.22
N ASN E 435 -26.68 8.02 23.91
CA ASN E 435 -25.65 8.73 23.18
C ASN E 435 -26.19 9.91 22.36
N ASN E 436 -27.44 10.29 22.58
CA ASN E 436 -28.06 11.42 21.87
C ASN E 436 -27.97 11.28 20.35
N PHE E 437 -28.25 10.08 19.84
CA PHE E 437 -28.38 9.90 18.39
C PHE E 437 -29.82 10.23 18.05
N ASN E 438 -30.10 11.51 17.75
CA ASN E 438 -31.49 11.94 17.69
C ASN E 438 -32.23 11.38 16.47
N GLN E 439 -31.62 11.42 15.29
CA GLN E 439 -32.35 11.03 14.09
C GLN E 439 -32.69 9.54 14.07
N GLU E 440 -31.80 8.70 14.59
CA GLU E 440 -32.06 7.26 14.64
C GLU E 440 -33.26 6.93 15.52
N LEU E 441 -33.27 7.48 16.74
CA LEU E 441 -34.43 7.33 17.61
C LEU E 441 -35.69 7.86 16.95
N TYR E 442 -35.57 9.02 16.30
CA TYR E 442 -36.70 9.62 15.60
C TYR E 442 -37.23 8.69 14.51
N GLN E 443 -36.33 8.07 13.75
CA GLN E 443 -36.75 7.16 12.70
C GLN E 443 -37.50 5.95 13.26
N ILE E 444 -36.99 5.37 14.34
CA ILE E 444 -37.65 4.21 14.91
C ILE E 444 -39.04 4.57 15.44
N LEU E 445 -39.13 5.67 16.19
CA LEU E 445 -40.43 6.06 16.74
C LEU E 445 -41.40 6.49 15.64
N LEU E 446 -40.89 7.13 14.58
CA LEU E 446 -41.76 7.53 13.49
C LEU E 446 -42.29 6.33 12.73
N TYR E 447 -41.48 5.28 12.55
CA TYR E 447 -42.02 4.07 11.95
C TYR E 447 -43.08 3.46 12.86
N MET E 448 -42.85 3.45 14.17
CA MET E 448 -43.85 2.90 15.08
C MET E 448 -45.15 3.70 15.03
N VAL E 449 -45.06 5.02 14.91
CA VAL E 449 -46.25 5.86 14.79
C VAL E 449 -46.97 5.59 13.46
N VAL E 450 -46.22 5.55 12.36
CA VAL E 450 -46.83 5.47 11.04
C VAL E 450 -47.46 4.11 10.80
N PHE E 451 -46.74 3.03 11.12
CA PHE E 451 -47.20 1.68 10.81
C PHE E 451 -47.90 1.01 11.98
N GLU E 452 -48.32 1.77 12.99
CA GLU E 452 -49.16 1.27 14.10
C GLU E 452 -48.47 0.14 14.86
N ILE E 453 -47.21 0.34 15.21
CA ILE E 453 -46.47 -0.62 16.01
C ILE E 453 -46.72 -0.30 17.47
N ASP E 454 -47.44 -1.18 18.16
CA ASP E 454 -47.76 -0.99 19.57
C ASP E 454 -47.24 -2.12 20.45
N ASP E 455 -46.33 -2.94 19.95
CA ASP E 455 -45.81 -4.09 20.70
C ASP E 455 -44.35 -3.96 21.09
N LEU E 456 -43.60 -3.01 20.50
CA LEU E 456 -42.18 -2.92 20.77
C LEU E 456 -41.91 -2.48 22.19
N LEU E 457 -42.54 -1.39 22.62
CA LEU E 457 -42.27 -0.79 23.92
C LEU E 457 -43.56 -0.75 24.73
N ASN E 458 -43.49 -1.21 25.98
CA ASN E 458 -44.61 -1.14 26.89
C ASN E 458 -44.67 0.25 27.53
N GLN E 459 -45.61 0.42 28.46
CA GLN E 459 -45.83 1.72 29.09
C GLN E 459 -44.57 2.26 29.74
N GLU E 460 -43.81 1.39 30.40
CA GLU E 460 -42.64 1.83 31.16
C GLU E 460 -41.58 2.43 30.25
N GLU E 461 -41.22 1.75 29.15
CA GLU E 461 -40.22 2.29 28.25
C GLU E 461 -40.72 3.56 27.56
N LEU E 462 -42.00 3.61 27.24
CA LEU E 462 -42.56 4.81 26.63
C LEU E 462 -42.43 6.01 27.57
N LEU E 463 -42.67 5.80 28.86
CA LEU E 463 -42.47 6.89 29.82
C LEU E 463 -40.99 7.21 30.02
N ASN E 464 -40.12 6.22 29.85
CA ASN E 464 -38.68 6.51 29.86
C ASN E 464 -38.25 7.32 28.65
N LEU E 465 -39.07 7.35 27.60
CA LEU E 465 -38.76 8.23 26.48
C LEU E 465 -38.89 9.70 26.86
N ILE E 466 -39.83 10.03 27.75
CA ILE E 466 -40.08 11.42 28.10
C ILE E 466 -39.11 11.83 29.20
N ASP E 467 -37.93 12.30 28.79
CA ASP E 467 -36.91 12.71 29.73
C ASP E 467 -35.96 13.67 29.04
N LEU E 468 -34.96 14.14 29.79
CA LEU E 468 -34.00 15.09 29.26
C LEU E 468 -33.05 14.43 28.27
N ASN E 469 -32.45 15.26 27.42
CA ASN E 469 -31.57 14.87 26.32
C ASN E 469 -32.32 14.17 25.18
N ILE E 470 -33.64 14.23 25.17
CA ILE E 470 -34.44 13.77 24.04
C ILE E 470 -34.88 15.00 23.25
N ASP E 471 -34.70 14.96 21.93
CA ASP E 471 -35.09 16.08 21.09
C ASP E 471 -36.61 16.23 21.08
N ASP E 472 -37.06 17.43 20.67
CA ASP E 472 -38.49 17.71 20.65
C ASP E 472 -39.25 16.73 19.78
N TYR E 473 -38.73 16.43 18.59
CA TYR E 473 -39.45 15.57 17.65
C TYR E 473 -39.65 14.17 18.22
N SER E 474 -38.62 13.61 18.86
CA SER E 474 -38.77 12.30 19.50
C SER E 474 -39.72 12.37 20.69
N LEU E 475 -39.69 13.46 21.44
CA LEU E 475 -40.63 13.63 22.55
C LEU E 475 -42.06 13.64 22.07
N ILE E 476 -42.33 14.38 20.99
CA ILE E 476 -43.64 14.39 20.35
C ILE E 476 -44.01 12.99 19.87
N LEU E 477 -43.08 12.28 19.24
CA LEU E 477 -43.45 10.98 18.69
C LEU E 477 -43.73 9.97 19.79
N GLY E 478 -42.95 10.00 20.87
CA GLY E 478 -43.23 9.12 22.00
C GLY E 478 -44.54 9.45 22.68
N THR E 479 -44.84 10.74 22.83
CA THR E 479 -46.14 11.13 23.40
C THR E 479 -47.28 10.68 22.50
N ILE E 480 -47.10 10.78 21.19
CA ILE E 480 -48.12 10.30 20.25
C ILE E 480 -48.31 8.80 20.39
N LEU E 481 -47.22 8.05 20.48
CA LEU E 481 -47.31 6.61 20.72
C LEU E 481 -48.09 6.31 21.98
N TYR E 482 -47.87 7.10 23.02
CA TYR E 482 -48.56 6.86 24.28
C TYR E 482 -50.05 7.19 24.18
N LEU E 483 -50.41 8.30 23.52
CA LEU E 483 -51.82 8.64 23.35
C LEU E 483 -52.54 7.69 22.41
N LYS E 484 -51.82 7.08 21.47
CA LYS E 484 -52.45 6.16 20.54
C LYS E 484 -52.94 4.89 21.22
N ASN E 485 -52.38 4.54 22.37
CA ASN E 485 -52.77 3.34 23.10
C ASN E 485 -53.83 3.74 24.12
N SER E 486 -55.08 3.32 23.89
CA SER E 486 -56.19 3.70 24.76
C SER E 486 -56.18 2.97 26.09
N SER E 487 -55.48 1.84 26.19
CA SER E 487 -55.45 1.10 27.45
C SER E 487 -54.77 1.91 28.56
N TYR E 488 -53.65 2.54 28.27
CA TYR E 488 -52.95 3.33 29.27
C TYR E 488 -53.70 4.61 29.61
N LYS E 489 -53.63 4.99 30.88
CA LYS E 489 -54.25 6.20 31.39
C LYS E 489 -53.23 7.33 31.51
N LEU E 490 -53.75 8.55 31.51
CA LEU E 490 -52.99 9.74 31.18
C LEU E 490 -52.24 10.36 32.35
N GLU E 491 -52.48 9.90 33.57
CA GLU E 491 -51.84 10.52 34.74
C GLU E 491 -50.32 10.33 34.70
N LYS E 492 -49.86 9.16 34.29
CA LYS E 492 -48.42 8.90 34.26
C LYS E 492 -47.71 9.78 33.24
N LEU E 493 -48.30 9.93 32.05
CA LEU E 493 -47.76 10.87 31.07
C LEU E 493 -47.76 12.29 31.60
N LEU E 494 -48.86 12.70 32.25
CA LEU E 494 -48.91 14.07 32.78
C LEU E 494 -47.79 14.28 33.79
N LYS E 495 -47.53 13.27 34.63
CA LYS E 495 -46.44 13.38 35.59
C LYS E 495 -45.08 13.48 34.90
N LYS E 496 -44.86 12.64 33.88
CA LYS E 496 -43.59 12.69 33.14
C LYS E 496 -43.38 14.04 32.47
N ILE E 497 -44.42 14.55 31.81
CA ILE E 497 -44.32 15.81 31.08
C ILE E 497 -44.11 16.97 32.03
N ASP E 498 -44.83 16.96 33.16
CA ASP E 498 -44.64 17.99 34.17
C ASP E 498 -43.22 17.98 34.71
N GLN E 499 -42.69 16.80 35.02
CA GLN E 499 -41.31 16.72 35.50
C GLN E 499 -40.34 17.27 34.47
N LEU E 500 -40.55 16.92 33.20
CA LEU E 500 -39.66 17.41 32.15
C LEU E 500 -39.72 18.94 32.06
N PHE E 501 -40.92 19.51 32.12
CA PHE E 501 -41.09 20.95 31.99
C PHE E 501 -40.42 21.69 33.15
N ILE E 502 -40.63 21.21 34.38
CA ILE E 502 -40.02 21.85 35.54
C ILE E 502 -38.50 21.74 35.48
N ASN E 503 -37.99 20.56 35.13
CA ASN E 503 -36.54 20.39 35.06
C ASN E 503 -35.93 21.26 33.97
N THR E 504 -36.64 21.46 32.86
CA THR E 504 -36.11 22.30 31.80
C THR E 504 -36.08 23.76 32.24
N HIS E 505 -37.17 24.24 32.85
CA HIS E 505 -37.16 25.60 33.37
C HIS E 505 -36.17 25.80 34.50
N ALA E 506 -35.76 24.74 35.19
CA ALA E 506 -34.79 24.91 36.27
C ALA E 506 -33.41 25.32 35.77
N ASN E 507 -33.12 25.14 34.48
CA ASN E 507 -31.82 25.46 33.89
C ASN E 507 -31.71 26.91 33.47
N TYR E 508 -32.68 27.74 33.83
CA TYR E 508 -32.91 29.07 33.29
C TYR E 508 -33.17 30.07 34.42
N ASP E 509 -32.98 31.34 34.11
CA ASP E 509 -33.36 32.38 35.03
C ASP E 509 -34.87 32.33 35.23
N VAL E 510 -35.32 32.59 36.46
CA VAL E 510 -36.73 32.46 36.79
C VAL E 510 -37.61 33.46 36.07
N LYS E 511 -37.02 34.48 35.46
CA LYS E 511 -37.76 35.44 34.65
C LYS E 511 -37.71 35.09 33.17
N THR E 512 -37.16 33.94 32.80
CA THR E 512 -37.11 33.52 31.41
C THR E 512 -38.45 32.92 31.01
N SER E 513 -39.01 33.39 29.91
CA SER E 513 -40.28 32.89 29.42
C SER E 513 -40.15 31.46 28.92
N ARG E 514 -41.23 30.69 29.04
CA ARG E 514 -41.16 29.26 28.72
C ARG E 514 -40.88 29.02 27.25
N MET E 515 -41.44 29.84 26.38
CA MET E 515 -41.39 29.56 24.95
C MET E 515 -40.14 30.14 24.30
N ALA E 516 -39.28 30.78 25.08
CA ALA E 516 -37.92 31.11 24.67
C ALA E 516 -36.92 30.06 25.11
N GLU E 517 -37.38 28.97 25.70
CA GLU E 517 -36.51 27.98 26.32
C GLU E 517 -36.40 26.75 25.43
N LYS E 518 -35.60 25.79 25.89
CA LYS E 518 -35.58 24.48 25.26
C LYS E 518 -36.94 23.81 25.38
N LEU E 519 -37.24 22.96 24.40
CA LEU E 519 -38.50 22.22 24.29
C LEU E 519 -39.68 23.12 23.97
N TRP E 520 -39.45 24.18 23.19
CA TRP E 520 -40.55 25.04 22.78
C TRP E 520 -41.55 24.30 21.90
N LEU E 521 -41.06 23.40 21.04
CA LEU E 521 -41.94 22.69 20.12
C LEU E 521 -42.78 21.64 20.84
N PHE E 522 -42.18 20.90 21.76
CA PHE E 522 -42.95 19.95 22.57
C PHE E 522 -43.99 20.70 23.40
N ARG E 523 -43.60 21.85 23.96
CA ARG E 523 -44.53 22.63 24.78
C ARG E 523 -45.70 23.11 23.93
N TYR E 524 -45.42 23.57 22.72
CA TYR E 524 -46.51 23.95 21.82
C TYR E 524 -47.38 22.77 21.48
N PHE E 525 -46.78 21.60 21.26
CA PHE E 525 -47.60 20.40 20.98
C PHE E 525 -48.56 20.18 22.14
N PHE E 526 -48.03 20.19 23.36
CA PHE E 526 -48.83 19.92 24.56
C PHE E 526 -49.95 20.92 24.72
N TYR E 527 -49.61 22.21 24.65
CA TYR E 527 -50.59 23.27 24.85
C TYR E 527 -51.64 23.27 23.75
N PHE E 528 -51.25 22.91 22.52
CA PHE E 528 -52.22 22.83 21.45
C PHE E 528 -53.15 21.64 21.64
N LEU E 529 -52.62 20.50 22.10
CA LEU E 529 -53.49 19.35 22.36
C LEU E 529 -54.46 19.67 23.48
N ASN E 530 -53.97 20.30 24.55
CA ASN E 530 -54.81 20.66 25.69
C ASN E 530 -55.87 21.67 25.29
N CYS E 531 -55.53 22.57 24.38
CA CYS E 531 -56.51 23.55 23.91
C CYS E 531 -57.65 22.91 23.13
N LYS E 532 -57.47 21.69 22.62
CA LYS E 532 -58.52 20.99 21.90
C LYS E 532 -58.92 19.68 22.57
N ASN E 533 -58.58 19.51 23.84
CA ASN E 533 -59.14 18.47 24.71
C ASN E 533 -58.81 17.04 24.28
N ILE E 534 -57.74 16.82 23.51
CA ILE E 534 -57.17 15.48 23.49
C ILE E 534 -56.56 15.17 24.84
N PHE E 535 -55.86 16.13 25.41
CA PHE E 535 -55.39 16.10 26.79
C PHE E 535 -56.52 16.66 27.64
N SER E 536 -57.39 15.76 28.10
CA SER E 536 -58.66 16.17 28.70
C SER E 536 -58.43 17.11 29.88
N GLN E 537 -59.16 18.21 29.90
CA GLN E 537 -58.97 19.22 30.93
C GLN E 537 -59.33 18.66 32.31
N LYS E 538 -60.32 17.76 32.36
CA LYS E 538 -60.72 17.14 33.62
C LYS E 538 -59.57 16.34 34.22
N GLU E 539 -58.85 15.58 33.39
CA GLU E 539 -57.78 14.75 33.93
C GLU E 539 -56.54 15.56 34.27
N ILE E 540 -56.32 16.69 33.59
CA ILE E 540 -55.28 17.60 34.02
C ILE E 540 -55.62 18.21 35.37
N ASN E 541 -56.89 18.59 35.56
CA ASN E 541 -57.33 19.06 36.87
C ASN E 541 -57.10 18.00 37.94
N SER E 542 -57.42 16.74 37.63
CA SER E 542 -57.21 15.67 38.57
C SER E 542 -55.73 15.50 38.92
N TYR E 543 -54.86 15.52 37.91
CA TYR E 543 -53.43 15.40 38.15
C TYR E 543 -52.93 16.54 39.03
N CYS E 544 -53.32 17.77 38.71
CA CYS E 544 -52.79 18.92 39.42
C CYS E 544 -53.35 19.00 40.84
N GLN E 545 -54.59 18.55 41.05
CA GLN E 545 -55.07 18.35 42.41
C GLN E 545 -54.22 17.34 43.15
N SER E 546 -53.83 16.26 42.46
CA SER E 546 -52.96 15.27 43.09
C SER E 546 -51.60 15.86 43.44
N GLN E 547 -51.14 16.84 42.70
CA GLN E 547 -49.86 17.48 42.97
C GLN E 547 -49.96 18.66 43.93
N ASN E 548 -51.18 19.07 44.28
CA ASN E 548 -51.42 20.16 45.24
C ASN E 548 -50.97 21.51 44.70
N TYR E 549 -51.19 21.75 43.42
CA TYR E 549 -50.91 23.07 42.87
C TYR E 549 -51.98 24.07 43.30
N ASN E 550 -51.56 25.30 43.58
CA ASN E 550 -52.50 26.33 43.99
C ASN E 550 -53.21 26.91 42.78
N SER E 551 -54.53 27.01 42.85
CA SER E 551 -55.29 27.61 41.78
C SER E 551 -55.06 29.12 41.75
N GLY E 552 -55.72 29.79 40.81
CA GLY E 552 -55.56 31.22 40.70
C GLY E 552 -56.46 31.80 39.64
N GLN E 553 -56.13 33.04 39.25
CA GLN E 553 -56.96 33.79 38.31
C GLN E 553 -57.05 33.12 36.95
N ASN E 554 -55.93 32.56 36.46
CA ASN E 554 -55.92 31.88 35.18
C ASN E 554 -56.18 30.39 35.30
N GLY E 555 -55.87 29.79 36.44
CA GLY E 555 -56.01 28.35 36.58
C GLY E 555 -55.04 27.81 37.61
N TYR E 556 -54.50 26.64 37.30
CA TYR E 556 -53.89 25.79 38.32
C TYR E 556 -52.39 25.97 38.47
N GLN E 557 -51.83 27.06 37.91
CA GLN E 557 -50.47 27.51 38.25
C GLN E 557 -49.43 26.41 38.09
N THR E 558 -49.43 25.78 36.93
CA THR E 558 -48.53 24.67 36.64
C THR E 558 -47.89 24.87 35.28
N GLU E 559 -46.81 24.12 35.03
CA GLU E 559 -46.18 24.14 33.72
C GLU E 559 -47.09 23.59 32.64
N LEU E 560 -48.17 22.91 33.02
CA LEU E 560 -49.09 22.29 32.08
C LEU E 560 -50.23 23.21 31.69
N ASN E 561 -50.31 24.41 32.26
CA ASN E 561 -51.43 25.33 32.05
C ASN E 561 -50.90 26.52 31.25
N TRP E 562 -51.20 26.53 29.94
CA TRP E 562 -50.78 27.65 29.10
C TRP E 562 -51.42 28.97 29.52
N ASN E 563 -52.61 28.94 30.12
CA ASN E 563 -53.22 30.17 30.58
C ASN E 563 -52.35 30.87 31.62
N TYR E 564 -51.76 30.11 32.53
CA TYR E 564 -50.86 30.68 33.53
C TYR E 564 -49.46 30.89 32.96
N ILE E 565 -49.00 29.98 32.11
CA ILE E 565 -47.64 30.02 31.60
C ILE E 565 -47.43 31.20 30.65
N LYS E 566 -48.44 31.55 29.86
CA LYS E 566 -48.26 32.58 28.84
C LYS E 566 -47.93 33.94 29.44
N GLY E 567 -48.23 34.15 30.71
CA GLY E 567 -47.98 35.42 31.36
C GLY E 567 -46.73 35.50 32.21
N GLN E 568 -45.93 34.45 32.28
CA GLN E 568 -44.72 34.43 33.10
C GLN E 568 -43.49 34.76 32.28
N GLY E 569 -42.59 35.51 32.88
CA GLY E 569 -41.36 35.95 32.24
C GLY E 569 -41.38 37.45 32.02
N LYS E 570 -40.19 38.05 32.00
CA LYS E 570 -40.11 39.50 31.79
C LYS E 570 -40.44 39.87 30.35
N ASP E 571 -39.86 39.15 29.39
CA ASP E 571 -40.11 39.41 27.97
C ASP E 571 -41.08 38.36 27.47
N LEU E 572 -42.26 38.81 27.02
CA LEU E 572 -43.33 37.91 26.64
C LEU E 572 -43.57 37.90 25.13
N ARG E 573 -42.61 38.40 24.35
CA ARG E 573 -42.80 38.51 22.91
C ARG E 573 -42.98 37.14 22.25
N ALA E 574 -42.12 36.19 22.60
CA ALA E 574 -42.29 34.83 22.09
C ALA E 574 -43.60 34.21 22.59
N ASN E 575 -43.92 34.44 23.86
CA ASN E 575 -45.18 33.96 24.42
C ASN E 575 -46.37 34.57 23.71
N ASN E 576 -46.33 35.87 23.43
CA ASN E 576 -47.44 36.50 22.71
C ASN E 576 -47.56 35.94 21.29
N PHE E 577 -46.43 35.71 20.62
CA PHE E 577 -46.47 35.15 19.27
C PHE E 577 -47.07 33.75 19.28
N PHE E 578 -46.63 32.90 20.22
CA PHE E 578 -47.15 31.55 20.25
C PHE E 578 -48.58 31.48 20.78
N ASN E 579 -48.97 32.43 21.63
CA ASN E 579 -50.37 32.51 22.06
C ASN E 579 -51.26 32.91 20.91
N GLU E 580 -50.78 33.82 20.06
CA GLU E 580 -51.50 34.18 18.84
C GLU E 580 -51.66 32.95 17.94
N LEU E 581 -50.62 32.13 17.83
CA LEU E 581 -50.75 30.90 17.06
C LEU E 581 -51.74 29.93 17.69
N ILE E 582 -51.70 29.78 19.02
CA ILE E 582 -52.56 28.81 19.70
C ILE E 582 -54.02 29.22 19.59
N VAL E 583 -54.33 30.50 19.77
CA VAL E 583 -55.72 30.96 19.72
C VAL E 583 -56.32 30.71 18.34
N LYS E 584 -55.54 30.95 17.29
CA LYS E 584 -56.03 30.77 15.93
C LYS E 584 -56.00 29.32 15.47
N GLU E 585 -55.72 28.37 16.37
CA GLU E 585 -55.74 26.95 16.06
C GLU E 585 -54.72 26.60 14.98
N VAL E 586 -53.62 27.34 14.94
CA VAL E 586 -52.51 27.02 14.05
C VAL E 586 -51.72 25.88 14.68
N TRP E 587 -51.71 24.73 14.02
CA TRP E 587 -50.94 23.59 14.49
C TRP E 587 -49.59 23.55 13.79
N LEU E 588 -48.58 23.11 14.51
CA LEU E 588 -47.27 22.83 13.94
C LEU E 588 -47.01 21.34 13.80
N ILE E 589 -47.82 20.51 14.43
CA ILE E 589 -47.73 19.06 14.34
C ILE E 589 -49.05 18.55 13.80
N SER E 590 -49.01 17.84 12.68
CA SER E 590 -50.22 17.26 12.09
C SER E 590 -50.65 16.06 12.91
N CYS E 591 -51.93 16.02 13.27
CA CYS E 591 -52.50 14.93 14.05
C CYS E 591 -53.25 13.92 13.19
N GLY E 592 -53.10 14.00 11.88
CA GLY E 592 -53.78 13.10 10.97
C GLY E 592 -55.08 13.68 10.44
N GLU E 593 -55.65 12.95 9.48
CA GLU E 593 -56.90 13.41 8.85
C GLU E 593 -58.04 13.47 9.85
N ASN E 594 -58.12 12.49 10.75
CA ASN E 594 -59.24 12.40 11.69
C ASN E 594 -58.81 12.68 13.12
N GLU E 595 -57.76 13.48 13.32
CA GLU E 595 -57.36 14.00 14.62
C GLU E 595 -56.95 12.94 15.62
N ASP E 596 -56.83 11.68 15.19
CA ASP E 596 -56.52 10.58 16.10
C ASP E 596 -55.19 9.94 15.76
N PHE E 597 -54.31 10.66 15.06
CA PHE E 597 -52.90 10.35 14.93
C PHE E 597 -52.64 9.15 14.03
N LYS E 598 -53.48 8.93 13.02
CA LYS E 598 -53.21 7.91 12.02
C LYS E 598 -52.77 8.55 10.71
N TYR E 599 -51.67 8.02 10.17
CA TYR E 599 -51.00 8.52 8.99
C TYR E 599 -50.99 7.51 7.86
N LEU E 600 -51.75 6.42 8.00
CA LEU E 600 -51.79 5.37 7.00
C LEU E 600 -52.97 5.62 6.07
N ASN E 601 -52.68 5.89 4.80
CA ASN E 601 -53.73 6.21 3.84
C ASN E 601 -53.76 5.21 2.69
N SER G 2 5.86 14.93 50.57
CA SER G 2 4.64 14.38 49.99
C SER G 2 4.43 14.85 48.56
N MET G 3 3.64 14.07 47.81
CA MET G 3 3.27 14.46 46.46
C MET G 3 2.47 15.76 46.46
N LYS G 4 1.46 15.83 47.31
CA LYS G 4 0.65 17.04 47.45
C LYS G 4 1.52 18.25 47.73
N LYS G 5 2.54 18.07 48.58
CA LYS G 5 3.32 19.22 49.03
C LYS G 5 4.31 19.68 47.97
N GLU G 6 4.85 18.76 47.16
CA GLU G 6 5.60 19.18 45.98
C GLU G 6 4.72 19.95 45.00
N PHE G 7 3.51 19.43 44.71
CA PHE G 7 2.59 20.16 43.86
C PHE G 7 2.34 21.57 44.40
N THR G 8 2.10 21.67 45.71
CA THR G 8 1.76 22.95 46.30
C THR G 8 2.92 23.92 46.21
N GLU G 9 4.15 23.44 46.48
CA GLU G 9 5.31 24.30 46.30
C GLU G 9 5.39 24.84 44.88
N LEU G 10 5.24 23.95 43.89
CA LEU G 10 5.36 24.38 42.51
C LEU G 10 4.29 25.41 42.14
N TYR G 11 3.06 25.20 42.61
CA TYR G 11 1.99 26.11 42.22
C TYR G 11 2.03 27.43 42.99
N ASP G 12 2.49 27.46 44.24
CA ASP G 12 2.71 28.77 44.85
C ASP G 12 3.89 29.49 44.23
N PHE G 13 4.87 28.77 43.68
CA PHE G 13 5.88 29.46 42.90
C PHE G 13 5.27 30.08 41.65
N ILE G 14 4.49 29.28 40.91
CA ILE G 14 4.04 29.68 39.57
C ILE G 14 3.01 30.80 39.65
N PHE G 15 2.04 30.69 40.55
CA PHE G 15 0.90 31.63 40.54
C PHE G 15 1.26 32.92 41.28
N ASP G 16 2.23 33.63 40.72
CA ASP G 16 2.68 34.91 41.22
C ASP G 16 2.69 35.86 40.02
N PRO G 17 2.10 37.06 40.15
CA PRO G 17 2.02 37.96 38.99
C PRO G 17 3.37 38.28 38.37
N ILE G 18 4.39 38.52 39.20
CA ILE G 18 5.71 38.85 38.68
C ILE G 18 6.30 37.65 37.96
N PHE G 19 6.14 36.44 38.51
CA PHE G 19 6.55 35.25 37.79
C PHE G 19 5.81 35.14 36.47
N LEU G 20 4.49 35.37 36.51
CA LEU G 20 3.64 35.11 35.36
C LEU G 20 3.88 36.08 34.23
N VAL G 21 4.49 37.24 34.49
CA VAL G 21 4.89 38.13 33.41
C VAL G 21 6.37 37.97 33.05
N ARG G 22 7.24 37.79 34.05
CA ARG G 22 8.68 37.74 33.78
C ARG G 22 9.06 36.50 32.98
N TYR G 23 8.43 35.35 33.24
CA TYR G 23 8.62 34.18 32.41
C TYR G 23 7.38 33.73 31.66
N GLY G 24 6.19 34.12 32.11
CA GLY G 24 4.98 33.67 31.48
C GLY G 24 4.66 34.31 30.15
N TYR G 25 4.96 35.60 29.99
CA TYR G 25 4.54 36.31 28.79
C TYR G 25 5.14 35.70 27.54
N TYR G 26 6.43 35.38 27.58
CA TYR G 26 7.13 34.78 26.46
C TYR G 26 7.29 33.27 26.61
N ASP G 27 6.56 32.66 27.55
CA ASP G 27 6.55 31.22 27.75
C ASP G 27 7.95 30.69 28.05
N ARG G 28 8.55 31.21 29.11
CA ARG G 28 9.87 30.78 29.54
C ARG G 28 9.75 29.85 30.74
N SER G 29 10.70 28.92 30.84
CA SER G 29 10.76 27.98 31.94
C SER G 29 12.11 28.09 32.64
N ILE G 30 12.09 27.95 33.96
CA ILE G 30 13.29 27.91 34.77
C ILE G 30 13.29 26.62 35.59
N LYS G 31 14.48 26.07 35.82
CA LYS G 31 14.58 24.79 36.50
C LYS G 31 14.78 24.90 38.01
N ASN G 32 15.01 26.10 38.53
CA ASN G 32 15.28 26.27 39.95
C ASN G 32 14.70 27.59 40.42
N LYS G 33 14.14 27.61 41.63
CA LYS G 33 13.53 28.83 42.15
C LYS G 33 14.54 29.94 42.31
N LYS G 34 15.80 29.60 42.58
CA LYS G 34 16.84 30.60 42.77
C LYS G 34 17.21 31.32 41.49
N MET G 35 16.79 30.80 40.34
CA MET G 35 16.96 31.51 39.08
C MET G 35 16.11 32.76 39.03
N ASN G 36 15.06 32.84 39.87
CA ASN G 36 14.13 33.95 39.89
C ASN G 36 14.71 35.08 40.76
N THR G 37 15.79 35.68 40.25
CA THR G 37 16.54 36.66 41.00
C THR G 37 15.79 37.99 41.07
N ALA G 38 16.14 38.78 42.08
CA ALA G 38 15.53 40.08 42.32
C ALA G 38 16.27 41.21 41.60
N LYS G 39 16.93 40.91 40.50
CA LYS G 39 17.65 41.90 39.71
C LYS G 39 17.30 41.70 38.24
N VAL G 40 17.58 42.72 37.44
CA VAL G 40 17.41 42.62 36.00
C VAL G 40 18.49 41.71 35.42
N GLU G 41 18.07 40.68 34.70
CA GLU G 41 18.99 39.78 34.03
C GLU G 41 19.17 40.24 32.59
N LEU G 42 20.40 40.56 32.20
CA LEU G 42 20.68 40.93 30.83
C LEU G 42 21.71 40.05 30.15
N ASP G 43 22.87 39.84 30.77
CA ASP G 43 23.98 39.22 30.05
C ASP G 43 23.79 37.73 29.88
N ASN G 44 23.09 37.08 30.80
CA ASN G 44 22.87 35.64 30.75
C ASN G 44 21.38 35.38 30.64
N GLU G 45 21.05 34.11 30.40
CA GLU G 45 19.67 33.67 30.44
C GLU G 45 19.54 32.38 31.24
N PTR G 46 18.76 32.45 32.32
CA PTR G 46 18.43 31.27 33.08
C PTR G 46 17.30 30.53 32.39
O PTR G 46 17.23 29.30 32.39
CB PTR G 46 17.99 31.63 34.50
CG PTR G 46 19.01 32.42 35.28
CD1 PTR G 46 20.25 31.89 35.58
CD2 PTR G 46 18.73 33.70 35.70
CE1 PTR G 46 21.19 32.61 36.29
CE2 PTR G 46 19.65 34.43 36.42
CZ PTR G 46 20.88 33.89 36.71
OH PTR G 46 21.74 34.61 37.37
P PTR G 46 22.61 34.10 38.63
O1P PTR G 46 23.28 35.27 39.21
O2P PTR G 46 23.69 33.10 38.13
O3P PTR G 46 21.71 33.47 39.71
N GLY G 47 16.41 31.29 31.78
CA GLY G 47 15.22 30.75 31.20
C GLY G 47 15.41 29.91 29.95
N LYS G 48 14.40 29.09 29.67
CA LYS G 48 14.36 28.27 28.48
C LYS G 48 13.09 28.65 27.74
N SER G 49 13.22 29.10 26.49
CA SER G 49 12.09 29.55 25.70
C SER G 49 12.27 29.11 24.26
N ASP G 50 11.15 28.93 23.56
CA ASP G 50 11.18 28.47 22.18
C ASP G 50 10.59 29.45 21.18
N SER G 51 10.21 30.65 21.61
CA SER G 51 9.47 31.57 20.74
C SER G 51 10.25 32.82 20.39
N PHE G 52 10.68 33.61 21.38
CA PHE G 52 11.18 34.94 21.13
C PHE G 52 12.57 35.11 21.72
N TYR G 53 13.42 35.85 21.01
CA TYR G 53 14.79 36.07 21.45
C TYR G 53 14.81 36.97 22.68
N PHE G 54 15.34 36.47 23.79
CA PHE G 54 15.30 37.22 25.04
C PHE G 54 16.22 38.44 24.99
N LYS G 55 17.35 38.34 24.30
CA LYS G 55 18.24 39.50 24.31
C LYS G 55 17.65 40.71 23.61
N VAL G 56 16.56 40.56 22.87
CA VAL G 56 15.86 41.69 22.28
C VAL G 56 14.50 41.91 22.95
N PHE G 57 13.72 40.84 23.11
CA PHE G 57 12.37 40.90 23.63
C PHE G 57 12.32 40.15 24.95
N ASN G 58 12.06 40.85 26.05
CA ASN G 58 11.94 40.22 27.35
C ASN G 58 11.18 41.14 28.29
N MET G 59 10.84 40.59 29.46
CA MET G 59 10.04 41.30 30.44
C MET G 59 10.84 41.67 31.69
N GLU G 60 12.17 41.68 31.60
CA GLU G 60 13.00 41.90 32.77
C GLU G 60 12.82 43.31 33.35
N SER G 61 12.77 44.32 32.49
CA SER G 61 12.56 45.68 32.97
C SER G 61 11.17 45.84 33.58
N PHE G 62 10.14 45.27 32.93
CA PHE G 62 8.80 45.30 33.50
C PHE G 62 8.74 44.58 34.84
N ALA G 63 9.38 43.41 34.94
CA ALA G 63 9.36 42.66 36.20
C ALA G 63 10.09 43.42 37.30
N ASP G 64 11.19 44.09 36.96
CA ASP G 64 11.87 44.95 37.92
C ASP G 64 10.96 46.08 38.38
N TYR G 65 10.22 46.67 37.45
CA TYR G 65 9.25 47.71 37.82
C TYR G 65 8.20 47.16 38.78
N LEU G 66 7.66 45.98 38.48
CA LEU G 66 6.61 45.40 39.32
C LEU G 66 7.14 45.07 40.71
N ARG G 67 8.41 44.69 40.80
CA ARG G 67 9.01 44.28 42.06
C ARG G 67 9.01 45.38 43.12
N SER G 68 8.92 46.64 42.73
CA SER G 68 8.95 47.74 43.68
C SER G 68 7.69 48.59 43.68
N HIS G 69 6.98 48.66 42.57
CA HIS G 69 5.76 49.46 42.46
C HIS G 69 4.57 48.56 42.17
N ASP G 70 3.41 48.95 42.68
CA ASP G 70 2.20 48.15 42.59
C ASP G 70 1.26 48.76 41.56
N LEU G 71 0.90 47.97 40.56
CA LEU G 71 -0.04 48.40 39.52
C LEU G 71 -1.44 47.85 39.72
N LYS G 72 -1.79 47.45 40.95
CA LYS G 72 -3.16 47.07 41.24
C LYS G 72 -4.15 48.17 40.93
N THR G 73 -3.78 49.43 41.19
CA THR G 73 -4.71 50.55 41.04
C THR G 73 -5.22 50.71 39.62
N HIS G 74 -4.44 50.32 38.62
CA HIS G 74 -4.87 50.44 37.23
C HIS G 74 -5.94 49.44 36.86
N PHE G 75 -6.19 48.44 37.72
CA PHE G 75 -6.91 47.22 37.41
C PHE G 75 -8.05 47.01 38.40
N ASN G 76 -8.81 48.07 38.64
CA ASN G 76 -9.98 48.00 39.49
C ASN G 76 -11.28 48.30 38.78
N GLY G 77 -11.22 48.92 37.61
CA GLY G 77 -12.42 49.16 36.81
C GLY G 77 -13.12 47.87 36.44
N LYS G 78 -14.44 47.84 36.59
CA LYS G 78 -15.19 46.59 36.45
C LYS G 78 -15.06 46.02 35.03
N LYS G 79 -15.35 46.82 34.02
CA LYS G 79 -15.31 46.36 32.64
C LYS G 79 -13.87 46.38 32.16
N PRO G 80 -13.28 45.24 31.80
CA PRO G 80 -11.90 45.25 31.31
C PRO G 80 -11.81 45.89 29.92
N LEU G 81 -10.79 46.70 29.73
CA LEU G 81 -10.59 47.38 28.46
C LEU G 81 -10.24 46.39 27.37
N SER G 82 -10.86 46.55 26.21
CA SER G 82 -10.59 45.70 25.07
C SER G 82 -9.38 46.19 24.28
N THR G 83 -8.50 45.28 23.91
CA THR G 83 -7.27 45.62 23.20
C THR G 83 -7.01 44.59 22.10
N ASP G 84 -6.17 45.00 21.15
CA ASP G 84 -5.75 44.11 20.07
C ASP G 84 -4.40 43.49 20.42
N PRO G 85 -4.23 42.19 20.22
CA PRO G 85 -2.92 41.56 20.45
C PRO G 85 -2.03 41.66 19.22
N VAL G 86 -0.77 41.27 19.42
CA VAL G 86 0.15 41.09 18.29
C VAL G 86 -0.13 39.73 17.67
N TYR G 87 -0.59 39.73 16.42
CA TYR G 87 -0.77 38.49 15.68
C TYR G 87 0.57 38.06 15.13
N PHE G 88 0.97 36.82 15.42
CA PHE G 88 2.30 36.35 15.04
C PHE G 88 2.17 34.88 14.62
N ASN G 89 2.16 34.67 13.31
CA ASN G 89 1.91 33.36 12.73
C ASN G 89 3.22 32.59 12.58
N ILE G 90 3.21 31.33 13.00
CA ILE G 90 4.42 30.52 12.98
C ILE G 90 4.13 29.22 12.23
N PRO G 91 5.16 28.56 11.71
CA PRO G 91 4.95 27.26 11.06
C PRO G 91 4.47 26.21 12.06
N LYS G 92 3.48 25.42 11.63
CA LYS G 92 3.11 24.21 12.36
C LYS G 92 3.98 23.05 11.92
N ASN G 93 4.30 23.01 10.63
CA ASN G 93 5.24 22.06 10.02
C ASN G 93 5.71 22.71 8.72
N ILE G 94 6.30 21.92 7.83
CA ILE G 94 6.76 22.50 6.57
C ILE G 94 5.61 22.97 5.70
N GLU G 95 4.38 22.55 5.98
CA GLU G 95 3.21 22.96 5.20
C GLU G 95 2.28 23.88 5.97
N ALA G 96 1.83 23.50 7.16
CA ALA G 96 0.74 24.16 7.87
C ALA G 96 1.25 25.32 8.72
N ARG G 97 0.29 26.12 9.20
CA ARG G 97 0.57 27.30 10.01
C ARG G 97 -0.13 27.24 11.35
N ARG G 98 0.38 28.02 12.30
CA ARG G 98 -0.20 28.12 13.63
C ARG G 98 -0.13 29.57 14.08
N GLN G 99 -1.23 30.07 14.63
CA GLN G 99 -1.38 31.47 14.98
C GLN G 99 -1.13 31.69 16.47
N TYR G 100 -0.18 32.56 16.78
CA TYR G 100 -0.02 33.10 18.12
C TYR G 100 -0.68 34.47 18.19
N LYS G 101 -1.05 34.84 19.40
CA LYS G 101 -1.65 36.14 19.69
C LYS G 101 -1.03 36.62 20.99
N MET G 102 -0.08 37.54 20.89
CA MET G 102 0.60 38.05 22.07
C MET G 102 -0.20 39.22 22.60
N PRO G 103 -0.86 39.09 23.74
CA PRO G 103 -1.79 40.14 24.18
C PRO G 103 -1.07 41.43 24.54
N ASN G 104 -1.78 42.54 24.30
CA ASN G 104 -1.46 43.82 24.94
C ASN G 104 -1.05 43.61 26.39
N LEU G 105 0.07 44.22 26.78
CA LEU G 105 0.60 44.01 28.12
C LEU G 105 -0.41 44.41 29.19
N TYR G 106 -1.21 45.44 28.92
CA TYR G 106 -2.25 45.86 29.85
C TYR G 106 -3.29 44.76 30.08
N SER G 107 -3.79 44.17 29.00
CA SER G 107 -4.76 43.08 29.12
C SER G 107 -4.14 41.85 29.74
N TYR G 108 -2.90 41.53 29.35
CA TYR G 108 -2.17 40.46 30.00
C TYR G 108 -2.14 40.65 31.51
N MET G 109 -1.81 41.85 31.97
CA MET G 109 -1.66 42.07 33.40
C MET G 109 -3.01 42.03 34.11
N ALA G 110 -4.08 42.50 33.45
CA ALA G 110 -5.42 42.35 34.03
C ALA G 110 -5.75 40.87 34.26
N LEU G 111 -5.58 40.05 33.21
CA LEU G 111 -5.79 38.61 33.36
C LEU G 111 -4.86 38.02 34.42
N ASN G 112 -3.62 38.49 34.45
CA ASN G 112 -2.61 37.97 35.35
C ASN G 112 -3.02 38.17 36.81
N TYR G 113 -3.39 39.40 37.17
CA TYR G 113 -3.80 39.63 38.55
C TYR G 113 -5.11 38.92 38.87
N TYR G 114 -6.02 38.81 37.92
CA TYR G 114 -7.25 38.09 38.24
C TYR G 114 -6.95 36.62 38.53
N ILE G 115 -6.06 36.02 37.76
CA ILE G 115 -5.75 34.60 37.93
C ILE G 115 -4.98 34.38 39.23
N CYS G 116 -4.03 35.25 39.56
CA CYS G 116 -3.34 35.10 40.83
C CYS G 116 -4.23 35.42 42.02
N ASP G 117 -5.26 36.25 41.83
CA ASP G 117 -6.19 36.51 42.92
C ASP G 117 -7.12 35.32 43.16
N ASN G 118 -7.38 34.52 42.12
CA ASN G 118 -8.23 33.35 42.22
C ASN G 118 -7.44 32.06 42.04
N LYS G 119 -6.16 32.08 42.44
CA LYS G 119 -5.27 30.95 42.21
C LYS G 119 -5.78 29.65 42.80
N LYS G 120 -6.57 29.70 43.87
CA LYS G 120 -7.05 28.46 44.48
C LYS G 120 -8.04 27.73 43.57
N GLU G 121 -8.82 28.48 42.77
CA GLU G 121 -9.63 27.87 41.72
C GLU G 121 -8.82 26.94 40.83
N PHE G 122 -7.57 27.32 40.56
CA PHE G 122 -6.71 26.54 39.69
C PHE G 122 -6.00 25.44 40.46
N ILE G 123 -5.50 25.78 41.66
CA ILE G 123 -4.60 24.89 42.38
C ILE G 123 -5.34 23.69 42.95
N GLU G 124 -6.56 23.88 43.47
CA GLU G 124 -7.31 22.72 43.96
C GLU G 124 -7.52 21.69 42.85
N VAL G 125 -7.90 22.14 41.66
CA VAL G 125 -8.14 21.22 40.55
C VAL G 125 -6.83 20.59 40.09
N PHE G 126 -5.77 21.39 39.94
CA PHE G 126 -4.50 20.83 39.46
C PHE G 126 -3.96 19.79 40.43
N ILE G 127 -4.02 20.07 41.73
CA ILE G 127 -3.47 19.15 42.71
C ILE G 127 -4.35 17.90 42.84
N ASP G 128 -5.67 18.04 42.68
CA ASP G 128 -6.54 16.87 42.69
C ASP G 128 -6.46 16.05 41.41
N ASN G 129 -5.90 16.60 40.34
CA ASN G 129 -5.86 15.93 39.04
C ASN G 129 -4.81 14.82 39.02
N LYS G 130 -5.14 13.72 38.34
CA LYS G 130 -4.21 12.61 38.21
C LYS G 130 -3.80 12.27 36.79
N PHE G 131 -4.53 12.72 35.77
CA PHE G 131 -4.27 12.26 34.42
C PHE G 131 -3.37 13.18 33.61
N SER G 132 -3.19 14.43 34.03
CA SER G 132 -2.48 15.43 33.24
C SER G 132 -0.97 15.35 33.50
N THR G 133 -0.21 15.21 32.43
CA THR G 133 1.22 15.42 32.46
C THR G 133 1.58 16.81 31.93
N SER G 134 0.58 17.63 31.62
CA SER G 134 0.79 18.98 31.13
C SER G 134 0.57 20.06 32.18
N LYS G 135 0.13 19.68 33.37
CA LYS G 135 -0.22 20.64 34.42
C LYS G 135 0.99 21.12 35.21
N PHE G 136 2.20 20.84 34.74
CA PHE G 136 3.43 21.37 35.32
C PHE G 136 4.07 22.45 34.47
N PHE G 137 3.65 22.57 33.21
CA PHE G 137 4.11 23.60 32.27
C PHE G 137 5.63 23.67 32.18
N ASN G 138 6.29 22.51 32.21
CA ASN G 138 7.74 22.38 32.02
C ASN G 138 8.52 23.24 33.01
N GLN G 139 7.92 23.49 34.18
CA GLN G 139 8.58 24.41 35.14
C GLN G 139 9.38 23.65 36.18
N LEU G 140 10.35 24.32 36.79
CA LEU G 140 11.18 23.72 37.87
C LEU G 140 11.76 22.37 37.48
N ASN G 141 11.42 21.32 38.24
CA ASN G 141 12.03 20.01 38.08
C ASN G 141 11.07 19.01 37.44
N PHE G 142 9.93 19.47 36.93
CA PHE G 142 8.95 18.59 36.30
C PHE G 142 9.20 18.59 34.80
N ASP G 143 10.34 18.04 34.43
CA ASP G 143 10.79 18.02 33.06
C ASP G 143 10.31 16.75 32.36
N TYR G 144 10.84 16.50 31.17
CA TYR G 144 10.26 15.49 30.28
C TYR G 144 10.33 14.07 30.85
N PRO G 145 11.46 13.57 31.36
CA PRO G 145 11.47 12.21 31.92
C PRO G 145 10.50 12.01 33.08
N LYS G 146 10.31 13.01 33.94
CA LYS G 146 9.34 12.86 35.03
C LYS G 146 7.92 12.74 34.52
N THR G 147 7.55 13.56 33.53
CA THR G 147 6.21 13.46 32.96
C THR G 147 6.02 12.12 32.25
N GLN G 148 7.06 11.61 31.60
CA GLN G 148 6.96 10.29 30.99
C GLN G 148 6.82 9.21 32.06
N GLU G 149 7.47 9.39 33.21
CA GLU G 149 7.29 8.47 34.33
C GLU G 149 5.84 8.43 34.77
N ILE G 150 5.22 9.60 34.91
CA ILE G 150 3.81 9.66 35.29
C ILE G 150 2.94 8.98 34.24
N THR G 151 3.20 9.26 32.96
CA THR G 151 2.43 8.64 31.90
C THR G 151 2.55 7.12 31.95
N GLN G 152 3.78 6.61 32.14
CA GLN G 152 3.99 5.17 32.21
C GLN G 152 3.18 4.56 33.34
N THR G 153 3.18 5.21 34.50
CA THR G 153 2.36 4.70 35.60
C THR G 153 0.89 4.69 35.24
N LEU G 154 0.41 5.74 34.55
CA LEU G 154 -1.01 5.80 34.19
C LEU G 154 -1.39 4.74 33.16
N LEU G 155 -0.45 4.28 32.35
CA LEU G 155 -0.77 3.32 31.30
C LEU G 155 -0.66 1.86 31.75
N TYR G 156 -0.57 1.60 33.05
CA TYR G 156 -0.45 0.24 33.55
C TYR G 156 -1.72 -0.57 33.30
N GLY G 157 -1.53 -1.87 33.12
CA GLY G 157 -2.63 -2.81 33.01
C GLY G 157 -3.23 -2.93 31.62
N GLY G 158 -2.77 -2.14 30.66
CA GLY G 158 -3.40 -2.06 29.36
C GLY G 158 -2.62 -2.82 28.31
N ILE G 159 -3.33 -3.67 27.56
CA ILE G 159 -2.72 -4.37 26.45
C ILE G 159 -2.82 -3.58 25.15
N LYS G 160 -3.63 -2.53 25.13
CA LYS G 160 -3.81 -1.69 23.96
C LYS G 160 -3.83 -0.25 24.41
N LYS G 161 -3.42 0.65 23.52
CA LYS G 161 -3.49 2.08 23.75
C LYS G 161 -4.32 2.72 22.66
N LEU G 162 -5.29 3.54 23.06
CA LEU G 162 -6.03 4.36 22.13
C LEU G 162 -5.52 5.78 22.20
N HIS G 163 -5.15 6.33 21.05
CA HIS G 163 -4.67 7.70 20.95
C HIS G 163 -5.76 8.57 20.35
N LEU G 164 -6.12 9.64 21.05
CA LEU G 164 -7.07 10.63 20.57
C LEU G 164 -6.48 12.02 20.66
N ASP G 165 -6.79 12.85 19.67
CA ASP G 165 -6.41 14.25 19.63
C ASP G 165 -7.62 15.12 19.35
N LEU G 166 -7.58 16.33 19.86
CA LEU G 166 -8.56 17.35 19.52
C LEU G 166 -7.99 18.20 18.40
N SER G 167 -8.79 18.46 17.38
CA SER G 167 -8.32 19.21 16.22
C SER G 167 -8.44 20.70 16.48
N ASN G 168 -7.34 21.43 16.23
CA ASN G 168 -7.31 22.90 16.31
C ASN G 168 -7.83 23.39 17.66
N PHE G 169 -7.33 22.75 18.73
CA PHE G 169 -7.96 22.91 20.04
C PHE G 169 -7.85 24.34 20.56
N TYR G 170 -6.64 24.89 20.60
CA TYR G 170 -6.45 26.24 21.13
C TYR G 170 -7.11 27.29 20.25
N HIS G 171 -7.07 27.10 18.94
CA HIS G 171 -7.39 28.14 17.98
C HIS G 171 -8.86 28.20 17.60
N THR G 172 -9.64 27.17 17.93
CA THR G 172 -11.08 27.19 17.67
C THR G 172 -11.89 27.02 18.95
N LEU G 173 -11.24 27.02 20.11
CA LEU G 173 -11.95 26.85 21.37
C LEU G 173 -12.96 27.98 21.56
N TYR G 174 -14.22 27.62 21.71
CA TYR G 174 -15.27 28.59 22.01
C TYR G 174 -15.11 29.06 23.46
N THR G 175 -14.84 30.35 23.64
CA THR G 175 -14.47 30.85 24.96
C THR G 175 -15.65 30.84 25.93
N HIS G 176 -16.88 30.94 25.43
CA HIS G 176 -18.02 30.81 26.32
C HIS G 176 -18.28 29.37 26.75
N SER G 177 -17.58 28.40 26.17
CA SER G 177 -17.64 27.04 26.67
C SER G 177 -16.75 26.82 27.87
N ILE G 178 -15.89 27.79 28.21
CA ILE G 178 -15.09 27.67 29.44
C ILE G 178 -15.96 27.64 30.68
N PRO G 179 -16.92 28.56 30.88
CA PRO G 179 -17.83 28.40 32.03
C PRO G 179 -18.67 27.13 31.98
N TRP G 180 -18.97 26.60 30.79
CA TRP G 180 -19.65 25.31 30.71
C TRP G 180 -18.79 24.21 31.31
N MET G 181 -17.52 24.15 30.92
CA MET G 181 -16.63 23.12 31.42
C MET G 181 -16.41 23.27 32.92
N ILE G 182 -16.22 24.51 33.39
CA ILE G 182 -15.94 24.74 34.80
C ILE G 182 -17.18 24.51 35.66
N ASP G 183 -18.34 25.01 35.24
CA ASP G 183 -19.52 25.05 36.09
C ASP G 183 -20.67 24.17 35.65
N GLY G 184 -20.62 23.59 34.45
CA GLY G 184 -21.77 22.90 33.91
C GLY G 184 -22.46 23.73 32.85
N LYS G 185 -22.76 23.14 31.70
CA LYS G 185 -23.33 23.90 30.60
C LYS G 185 -24.73 24.43 30.94
N SER G 186 -25.52 23.65 31.66
CA SER G 186 -26.88 24.04 32.02
C SER G 186 -26.92 25.11 33.12
N ALA G 187 -25.76 25.59 33.56
CA ALA G 187 -25.69 26.70 34.50
C ALA G 187 -25.17 27.97 33.84
N SER G 188 -24.83 27.91 32.55
CA SER G 188 -24.50 29.12 31.80
C SER G 188 -25.70 30.06 31.74
N LYS G 189 -26.87 29.50 31.51
CA LYS G 189 -28.12 30.25 31.56
C LYS G 189 -28.45 30.55 33.01
N GLN G 190 -28.65 31.82 33.33
CA GLN G 190 -28.78 32.29 34.71
C GLN G 190 -29.78 31.48 35.53
N LYS G 193 -23.85 35.67 35.22
CA LYS G 193 -22.47 36.13 35.27
C LYS G 193 -22.04 36.45 36.70
N LYS G 194 -21.05 37.34 36.82
CA LYS G 194 -20.44 37.79 38.07
C LYS G 194 -19.65 36.69 38.77
N GLY G 195 -19.62 35.47 38.25
CA GLY G 195 -18.84 34.40 38.83
C GLY G 195 -17.41 34.42 38.36
N PHE G 196 -16.64 33.46 38.88
CA PHE G 196 -15.22 33.40 38.57
C PHE G 196 -14.98 33.06 37.11
N SER G 197 -15.64 32.02 36.61
CA SER G 197 -15.37 31.54 35.25
C SER G 197 -15.88 32.52 34.21
N ASN G 198 -17.01 33.18 34.47
CA ASN G 198 -17.53 34.18 33.53
C ASN G 198 -16.58 35.38 33.42
N THR G 199 -16.08 35.86 34.56
CA THR G 199 -15.11 36.95 34.53
C THR G 199 -13.82 36.53 33.85
N LEU G 200 -13.39 35.29 34.05
CA LEU G 200 -12.20 34.78 33.38
C LEU G 200 -12.39 34.80 31.87
N ASP G 201 -13.56 34.33 31.40
CA ASP G 201 -13.87 34.37 29.97
C ASP G 201 -13.86 35.81 29.46
N THR G 202 -14.42 36.74 30.23
CA THR G 202 -14.46 38.13 29.81
C THR G 202 -13.06 38.72 29.67
N LEU G 203 -12.16 38.42 30.61
CA LEU G 203 -10.80 38.93 30.50
C LEU G 203 -10.04 38.28 29.33
N ILE G 204 -10.28 37.01 29.06
CA ILE G 204 -9.67 36.38 27.89
C ILE G 204 -10.10 37.08 26.60
N THR G 205 -11.41 37.30 26.45
CA THR G 205 -11.89 37.97 25.25
C THR G 205 -11.37 39.41 25.18
N ALA G 206 -11.21 40.07 26.33
CA ALA G 206 -10.58 41.39 26.33
C ALA G 206 -9.15 41.32 25.83
N CYS G 207 -8.46 40.21 26.10
CA CYS G 207 -7.10 40.05 25.56
C CYS G 207 -7.11 39.89 24.04
N GLN G 208 -8.21 39.41 23.45
CA GLN G 208 -8.24 39.28 22.00
C GLN G 208 -9.35 40.10 21.36
N TYR G 209 -9.63 41.28 21.94
CA TYR G 209 -10.52 42.29 21.35
C TYR G 209 -11.97 41.80 21.26
N ASP G 210 -12.47 41.23 22.36
CA ASP G 210 -13.82 40.67 22.47
C ASP G 210 -14.10 39.64 21.37
N GLU G 211 -13.09 38.87 21.00
CA GLU G 211 -13.26 37.81 20.04
C GLU G 211 -13.45 36.53 20.84
N THR G 212 -14.49 35.77 20.52
CA THR G 212 -14.83 34.57 21.27
C THR G 212 -14.32 33.32 20.60
N HIS G 213 -13.64 33.45 19.47
CA HIS G 213 -13.17 32.31 18.69
C HIS G 213 -11.72 32.06 19.06
N GLY G 214 -11.46 31.01 19.83
CA GLY G 214 -10.12 30.63 20.20
C GLY G 214 -9.59 31.34 21.43
N ILE G 215 -8.42 30.89 21.86
CA ILE G 215 -7.73 31.37 23.06
C ILE G 215 -6.45 32.06 22.60
N PRO G 216 -6.03 33.18 23.21
CA PRO G 216 -4.79 33.84 22.77
C PRO G 216 -3.56 33.01 23.09
N THR G 217 -2.99 32.38 22.08
CA THR G 217 -1.98 31.34 22.24
C THR G 217 -0.57 31.93 22.21
N GLY G 218 0.31 31.35 23.02
CA GLY G 218 1.71 31.71 22.99
C GLY G 218 2.27 32.20 24.32
N ASN G 219 1.48 32.10 25.38
CA ASN G 219 1.86 32.61 26.68
C ASN G 219 1.39 31.63 27.76
N LEU G 220 1.92 31.81 28.96
CA LEU G 220 1.69 30.84 30.03
C LEU G 220 0.29 30.96 30.64
N LEU G 221 -0.31 32.16 30.68
CA LEU G 221 -1.67 32.27 31.19
C LEU G 221 -2.65 31.48 30.34
N SER G 222 -2.47 31.52 29.01
CA SER G 222 -3.33 30.71 28.15
C SER G 222 -3.16 29.23 28.44
N ARG G 223 -1.92 28.78 28.67
CA ARG G 223 -1.68 27.39 29.02
C ARG G 223 -2.35 27.02 30.33
N ILE G 224 -2.32 27.91 31.32
CA ILE G 224 -2.96 27.64 32.60
C ILE G 224 -4.48 27.55 32.46
N ILE G 225 -5.08 28.47 31.71
CA ILE G 225 -6.53 28.43 31.51
C ILE G 225 -6.94 27.17 30.74
N THR G 226 -6.19 26.83 29.68
CA THR G 226 -6.47 25.62 28.92
C THR G 226 -6.31 24.38 29.79
N GLU G 227 -5.33 24.39 30.70
CA GLU G 227 -5.14 23.27 31.60
C GLU G 227 -6.29 23.15 32.60
N LEU G 228 -6.81 24.28 33.08
CA LEU G 228 -8.02 24.22 33.93
C LEU G 228 -9.20 23.61 33.18
N TYR G 229 -9.44 24.10 31.96
CA TYR G 229 -10.48 23.55 31.11
C TYR G 229 -10.33 22.04 30.96
N MET G 230 -9.12 21.60 30.64
CA MET G 230 -8.91 20.19 30.36
C MET G 230 -8.93 19.35 31.64
N CYS G 231 -8.52 19.90 32.78
CA CYS G 231 -8.62 19.15 34.04
C CYS G 231 -10.06 19.01 34.48
N HIS G 232 -10.94 19.94 34.09
CA HIS G 232 -12.36 19.72 34.36
C HIS G 232 -12.95 18.68 33.41
N PHE G 233 -12.49 18.67 32.16
CA PHE G 233 -12.80 17.53 31.28
C PHE G 233 -12.36 16.21 31.92
N ASP G 234 -11.14 16.19 32.48
CA ASP G 234 -10.64 15.02 33.18
C ASP G 234 -11.48 14.65 34.38
N LYS G 235 -11.96 15.64 35.12
CA LYS G 235 -12.84 15.33 36.25
C LYS G 235 -14.12 14.64 35.79
N GLN G 236 -14.69 15.12 34.68
CA GLN G 236 -15.87 14.44 34.14
C GLN G 236 -15.55 13.00 33.75
N MET G 237 -14.41 12.78 33.10
CA MET G 237 -14.08 11.41 32.69
C MET G 237 -13.71 10.52 33.88
N GLU G 238 -13.15 11.10 34.94
CA GLU G 238 -12.78 10.31 36.11
C GLU G 238 -14.01 9.91 36.93
N TYR G 239 -15.01 10.80 36.99
CA TYR G 239 -16.25 10.43 37.67
C TYR G 239 -16.94 9.27 36.99
N LYS G 240 -16.69 9.07 35.70
CA LYS G 240 -17.18 7.90 34.99
C LYS G 240 -16.19 6.74 35.06
N LYS G 241 -15.18 6.85 35.91
CA LYS G 241 -14.26 5.77 36.25
C LYS G 241 -13.41 5.34 35.05
N PHE G 242 -12.75 6.30 34.42
CA PHE G 242 -11.79 5.97 33.38
C PHE G 242 -10.41 6.48 33.77
N VAL G 243 -9.39 5.81 33.25
CA VAL G 243 -8.00 6.12 33.52
C VAL G 243 -7.30 6.34 32.19
N TYR G 244 -6.59 7.45 32.05
CA TYR G 244 -5.84 7.74 30.85
C TYR G 244 -4.76 8.76 31.18
N SER G 245 -3.85 8.98 30.34
CA SER G 245 -2.83 10.02 30.27
C SER G 245 -3.25 11.12 29.30
N ARG G 246 -3.20 12.33 29.65
CA ARG G 246 -3.34 13.48 28.83
C ARG G 246 -2.19 14.47 28.88
N TYR G 247 -1.63 14.73 27.73
CA TYR G 247 -0.76 15.89 27.54
C TYR G 247 -1.54 16.98 26.72
N VAL G 248 -2.16 17.95 27.41
CA VAL G 248 -2.92 19.06 26.74
C VAL G 248 -4.16 18.48 26.03
N ASP G 249 -3.98 17.84 24.88
CA ASP G 249 -5.13 17.30 24.10
C ASP G 249 -4.77 15.91 23.56
N ASP G 250 -3.57 15.42 23.90
CA ASP G 250 -3.14 14.07 23.45
C ASP G 250 -3.61 13.03 24.48
N PHE G 251 -4.67 12.29 24.17
CA PHE G 251 -5.24 11.32 25.13
C PHE G 251 -4.67 9.92 24.86
N ILE G 252 -4.06 9.32 25.88
CA ILE G 252 -3.54 7.92 25.74
C ILE G 252 -4.42 7.01 26.61
N PHE G 253 -5.38 6.31 26.01
CA PHE G 253 -6.32 5.47 26.80
C PHE G 253 -5.81 4.02 26.91
N PRO G 254 -5.37 3.50 28.09
CA PRO G 254 -4.99 2.09 28.20
C PRO G 254 -6.21 1.19 28.36
N PHE G 255 -6.24 0.07 27.65
CA PHE G 255 -7.42 -0.79 27.71
C PHE G 255 -7.04 -2.19 27.23
N THR G 256 -7.89 -3.15 27.54
CA THR G 256 -7.65 -4.54 27.18
C THR G 256 -8.74 -5.13 26.31
N PHE G 257 -10.00 -4.89 26.66
CA PHE G 257 -11.14 -5.41 25.94
C PHE G 257 -11.81 -4.30 25.15
N GLU G 258 -12.37 -4.66 24.00
CA GLU G 258 -12.95 -3.66 23.10
C GLU G 258 -14.16 -2.96 23.71
N ASN G 259 -14.85 -3.58 24.66
CA ASN G 259 -15.97 -2.90 25.30
C ASN G 259 -15.50 -1.69 26.10
N GLU G 260 -14.35 -1.79 26.77
CA GLU G 260 -13.78 -0.65 27.46
C GLU G 260 -13.51 0.49 26.50
N LYS G 261 -12.88 0.17 25.37
CA LYS G 261 -12.56 1.17 24.36
C LYS G 261 -13.82 1.83 23.82
N GLN G 262 -14.86 1.04 23.53
CA GLN G 262 -16.09 1.60 22.98
C GLN G 262 -16.80 2.48 23.99
N GLU G 263 -16.85 2.06 25.25
CA GLU G 263 -17.51 2.87 26.26
C GLU G 263 -16.76 4.18 26.50
N PHE G 264 -15.43 4.12 26.50
CA PHE G 264 -14.61 5.33 26.58
C PHE G 264 -14.88 6.25 25.41
N LEU G 265 -14.92 5.69 24.20
CA LEU G 265 -15.15 6.52 23.01
C LEU G 265 -16.52 7.19 23.06
N ASN G 266 -17.55 6.45 23.48
CA ASN G 266 -18.88 7.06 23.61
C ASN G 266 -18.87 8.20 24.62
N GLU G 267 -18.28 7.98 25.80
CA GLU G 267 -18.26 9.06 26.80
C GLU G 267 -17.49 10.27 26.32
N PHE G 268 -16.33 10.03 25.69
CA PHE G 268 -15.47 11.11 25.23
C PHE G 268 -16.16 11.89 24.11
N ASN G 269 -16.79 11.18 23.18
CA ASN G 269 -17.59 11.83 22.14
C ASN G 269 -18.69 12.67 22.75
N LEU G 270 -19.34 12.17 23.80
CA LEU G 270 -20.45 12.89 24.42
C LEU G 270 -19.97 14.21 25.02
N ILE G 271 -18.87 14.17 25.76
CA ILE G 271 -18.38 15.41 26.38
C ILE G 271 -17.87 16.38 25.30
N CYS G 272 -17.21 15.86 24.26
CA CYS G 272 -16.75 16.73 23.18
C CYS G 272 -17.92 17.40 22.47
N ARG G 273 -19.01 16.65 22.25
CA ARG G 273 -20.19 17.24 21.62
C ARG G 273 -20.84 18.27 22.54
N GLU G 274 -20.85 18.02 23.84
CA GLU G 274 -21.42 19.00 24.76
C GLU G 274 -20.65 20.30 24.76
N ASN G 275 -19.33 20.25 24.57
CA ASN G 275 -18.51 21.46 24.71
C ASN G 275 -17.97 21.98 23.38
N ASN G 276 -18.56 21.57 22.26
CA ASN G 276 -18.13 22.00 20.92
C ASN G 276 -16.66 21.71 20.69
N LEU G 277 -16.21 20.54 21.11
CA LEU G 277 -14.85 20.07 20.86
C LEU G 277 -14.89 19.05 19.75
N ILE G 278 -13.88 19.07 18.88
CA ILE G 278 -13.86 18.23 17.69
C ILE G 278 -12.63 17.34 17.75
N ILE G 279 -12.84 16.05 17.61
CA ILE G 279 -11.74 15.08 17.57
C ILE G 279 -11.07 15.12 16.21
N ASN G 280 -9.74 15.09 16.19
CA ASN G 280 -8.98 14.94 14.97
C ASN G 280 -8.97 13.45 14.60
N ASP G 281 -9.90 13.04 13.74
CA ASP G 281 -10.06 11.62 13.42
C ASP G 281 -8.86 11.04 12.70
N ASN G 282 -8.02 11.88 12.11
CA ASN G 282 -6.82 11.40 11.44
C ASN G 282 -5.83 10.79 12.43
N LYS G 283 -5.71 11.37 13.61
CA LYS G 283 -4.76 10.95 14.64
C LYS G 283 -5.26 9.83 15.52
N THR G 284 -6.48 9.33 15.30
CA THR G 284 -7.01 8.24 16.10
C THR G 284 -6.36 6.93 15.68
N LYS G 285 -5.79 6.20 16.62
CA LYS G 285 -5.11 4.96 16.32
C LYS G 285 -5.04 4.11 17.58
N VAL G 286 -5.15 2.80 17.41
CA VAL G 286 -4.94 1.83 18.46
C VAL G 286 -3.58 1.18 18.25
N ASP G 287 -2.77 1.15 19.30
CA ASP G 287 -1.48 0.47 19.28
C ASP G 287 -1.58 -0.81 20.11
N ASN G 288 -1.17 -1.92 19.52
CA ASN G 288 -1.19 -3.21 20.19
C ASN G 288 0.19 -3.52 20.75
N PHE G 289 0.22 -4.16 21.91
CA PHE G 289 1.49 -4.63 22.44
C PHE G 289 1.94 -5.86 21.66
N PRO G 290 3.25 -5.96 21.32
CA PRO G 290 4.33 -5.06 21.73
C PRO G 290 4.24 -3.64 21.15
N PHE G 291 4.39 -2.65 22.03
CA PHE G 291 4.13 -1.27 21.68
C PHE G 291 5.30 -0.67 20.91
N VAL G 292 4.98 0.15 19.92
CA VAL G 292 5.99 0.91 19.19
C VAL G 292 6.37 2.14 20.00
N ASP G 293 7.67 2.45 20.03
CA ASP G 293 8.15 3.69 20.63
C ASP G 293 9.20 4.28 19.70
N LYS G 294 8.85 5.35 19.00
CA LYS G 294 9.73 5.98 18.04
C LYS G 294 10.52 7.14 18.61
N SER G 295 10.34 7.48 19.88
CA SER G 295 10.92 8.69 20.45
C SER G 295 12.08 8.41 21.40
N SER G 296 12.67 7.21 21.33
CA SER G 296 13.87 6.94 22.11
C SER G 296 15.00 7.87 21.67
N LYS G 297 15.58 8.59 22.63
CA LYS G 297 16.63 9.55 22.38
C LYS G 297 18.00 9.04 22.84
N SER G 298 18.13 7.75 23.14
CA SER G 298 19.35 7.23 23.74
C SER G 298 20.53 7.29 22.77
N ASP G 299 20.32 6.84 21.53
CA ASP G 299 21.37 6.94 20.51
C ASP G 299 21.74 8.40 20.26
N ILE G 300 20.76 9.30 20.27
CA ILE G 300 21.04 10.71 19.99
C ILE G 300 21.96 11.29 21.07
N PHE G 301 21.62 11.10 22.35
CA PHE G 301 22.46 11.77 23.33
C PHE G 301 23.76 11.01 23.57
N SER G 302 23.91 9.81 23.01
CA SER G 302 25.15 9.06 23.08
C SER G 302 25.87 9.00 21.74
N PHE G 303 25.66 10.00 20.88
CA PHE G 303 26.39 10.03 19.61
C PHE G 303 27.89 10.16 19.83
N PHE G 304 28.29 10.97 20.82
CA PHE G 304 29.63 11.49 21.00
C PHE G 304 30.45 10.75 22.07
N GLU G 305 30.11 9.50 22.37
CA GLU G 305 30.75 8.81 23.48
C GLU G 305 32.24 8.62 23.24
N ASN G 306 32.61 8.30 22.01
CA ASN G 306 33.96 7.86 21.68
C ASN G 306 34.80 8.95 21.03
N ILE G 307 34.44 10.21 21.22
CA ILE G 307 35.26 11.34 20.81
C ILE G 307 35.75 12.03 22.08
N THR G 308 36.98 12.51 22.04
CA THR G 308 37.61 13.17 23.17
C THR G 308 38.27 14.45 22.72
N SER G 309 38.72 15.24 23.68
CA SER G 309 39.47 16.45 23.36
C SER G 309 40.82 16.13 22.74
N THR G 310 41.30 14.90 22.87
CA THR G 310 42.51 14.50 22.16
C THR G 310 42.27 14.24 20.68
N ASN G 311 41.01 14.07 20.27
CA ASN G 311 40.71 13.96 18.86
C ASN G 311 40.98 15.27 18.16
N SER G 312 41.35 15.18 16.88
CA SER G 312 41.69 16.36 16.10
C SER G 312 40.45 17.23 15.89
N ASN G 313 40.70 18.51 15.58
CA ASN G 313 39.60 19.41 15.30
C ASN G 313 38.83 19.00 14.05
N ASP G 314 39.52 18.39 13.08
CA ASP G 314 38.85 17.92 11.87
C ASP G 314 37.87 16.80 12.19
N LYS G 315 38.24 15.89 13.07
CA LYS G 315 37.31 14.82 13.46
C LYS G 315 36.12 15.40 14.22
N TRP G 316 36.35 16.40 15.06
CA TRP G 316 35.23 17.06 15.72
C TRP G 316 34.29 17.69 14.70
N ILE G 317 34.82 18.35 13.68
CA ILE G 317 34.00 18.99 12.66
C ILE G 317 33.16 17.94 11.94
N LYS G 318 33.81 16.87 11.47
CA LYS G 318 33.08 15.85 10.72
C LYS G 318 32.08 15.12 11.60
N GLU G 319 32.42 14.89 12.87
CA GLU G 319 31.51 14.23 13.80
C GLU G 319 30.27 15.07 14.05
N ILE G 320 30.45 16.39 14.22
CA ILE G 320 29.31 17.28 14.40
C ILE G 320 28.43 17.31 13.15
N SER G 321 29.04 17.33 11.98
CA SER G 321 28.27 17.31 10.73
C SER G 321 27.43 16.04 10.61
N ASN G 322 28.08 14.88 10.86
CA ASN G 322 27.34 13.63 10.84
C ASN G 322 26.25 13.61 11.90
N PHE G 323 26.50 14.25 13.03
CA PHE G 323 25.48 14.32 14.08
C PHE G 323 24.25 15.05 13.58
N ILE G 324 24.44 16.19 12.92
CA ILE G 324 23.32 16.95 12.40
C ILE G 324 22.53 16.12 11.40
N ASP G 325 23.23 15.46 10.47
CA ASP G 325 22.52 14.63 9.51
C ASP G 325 21.74 13.52 10.20
N TYR G 326 22.36 12.90 11.22
CA TYR G 326 21.72 11.79 11.92
C TYR G 326 20.45 12.23 12.65
N CYS G 327 20.48 13.38 13.32
CA CYS G 327 19.27 13.83 14.00
C CYS G 327 18.19 14.30 13.04
N VAL G 328 18.58 14.90 11.91
CA VAL G 328 17.57 15.26 10.92
C VAL G 328 16.89 14.01 10.38
N ASN G 329 17.67 12.94 10.14
CA ASN G 329 17.08 11.69 9.70
C ASN G 329 16.19 11.08 10.78
N GLU G 330 16.61 11.17 12.04
CA GLU G 330 15.79 10.69 13.14
C GLU G 330 14.45 11.40 13.19
N GLU G 331 14.46 12.72 13.02
CA GLU G 331 13.20 13.46 13.00
C GLU G 331 12.35 13.10 11.79
N HIS G 332 12.98 12.85 10.64
CA HIS G 332 12.23 12.39 9.48
C HIS G 332 11.54 11.07 9.77
N LEU G 333 12.20 10.19 10.52
CA LEU G 333 11.65 8.88 10.81
C LEU G 333 10.58 8.88 11.88
N GLY G 334 10.32 10.03 12.52
CA GLY G 334 9.29 10.13 13.52
C GLY G 334 9.78 10.32 14.94
N ASN G 335 11.08 10.52 15.14
CA ASN G 335 11.63 10.79 16.47
C ASN G 335 11.37 12.26 16.79
N LYS G 336 10.31 12.53 17.54
CA LYS G 336 9.88 13.89 17.79
C LYS G 336 10.86 14.63 18.69
N GLY G 337 11.27 15.82 18.28
CA GLY G 337 12.19 16.63 19.04
C GLY G 337 13.65 16.33 18.82
N ALA G 338 13.98 15.46 17.85
CA ALA G 338 15.39 15.13 17.58
C ALA G 338 16.17 16.33 17.08
N ILE G 339 15.57 17.13 16.20
CA ILE G 339 16.24 18.32 15.69
C ILE G 339 16.47 19.32 16.82
N LYS G 340 15.49 19.46 17.71
CA LYS G 340 15.69 20.29 18.89
C LYS G 340 16.90 19.83 19.69
N CYS G 341 17.12 18.51 19.74
CA CYS G 341 18.20 17.95 20.56
C CYS G 341 19.58 18.31 20.03
N ILE G 342 19.72 18.67 18.76
CA ILE G 342 21.06 18.87 18.18
C ILE G 342 21.85 19.90 18.98
N PHE G 343 21.25 21.07 19.23
CA PHE G 343 22.01 22.18 19.81
C PHE G 343 22.38 21.93 21.27
N PRO G 344 21.44 21.56 22.17
CA PRO G 344 21.83 21.31 23.56
C PRO G 344 22.88 20.23 23.70
N VAL G 345 22.78 19.14 22.94
CA VAL G 345 23.72 18.06 23.18
C VAL G 345 25.07 18.36 22.56
N ILE G 346 25.13 19.13 21.46
CA ILE G 346 26.42 19.56 20.98
C ILE G 346 27.10 20.45 22.02
N THR G 347 26.34 21.40 22.59
CA THR G 347 26.91 22.28 23.60
C THR G 347 27.36 21.52 24.84
N ASN G 348 26.55 20.55 25.29
CA ASN G 348 26.92 19.79 26.48
C ASN G 348 28.07 18.84 26.21
N THR G 349 28.17 18.30 25.00
CA THR G 349 29.33 17.49 24.65
C THR G 349 30.60 18.33 24.63
N LEU G 350 30.52 19.54 24.07
CA LEU G 350 31.70 20.41 24.04
C LEU G 350 32.12 20.77 25.46
N LYS G 351 31.16 21.02 26.33
CA LYS G 351 31.48 21.31 27.73
C LYS G 351 32.03 20.09 28.46
N GLN G 352 31.44 18.91 28.24
CA GLN G 352 31.80 17.73 29.01
C GLN G 352 33.09 17.10 28.53
N LYS G 353 33.31 17.06 27.22
CA LYS G 353 34.60 16.60 26.69
C LYS G 353 35.71 17.56 27.08
N LYS G 354 35.36 18.75 27.57
CA LYS G 354 36.31 19.70 28.12
C LYS G 354 37.26 20.20 27.04
N VAL G 355 36.68 20.57 25.90
CA VAL G 355 37.46 21.08 24.78
C VAL G 355 37.87 22.52 25.06
N ASP G 356 39.12 22.85 24.75
CA ASP G 356 39.68 24.15 25.09
C ASP G 356 39.07 25.23 24.20
N THR G 357 39.11 26.48 24.69
CA THR G 357 38.42 27.58 24.01
C THR G 357 38.98 27.81 22.61
N LYS G 358 40.30 27.79 22.48
CA LYS G 358 40.94 27.94 21.17
C LYS G 358 40.65 26.76 20.25
N ASN G 359 40.47 25.56 20.81
CA ASN G 359 40.04 24.44 19.98
C ASN G 359 38.61 24.63 19.49
N ILE G 360 37.73 25.18 20.33
CA ILE G 360 36.36 25.46 19.92
C ILE G 360 36.33 26.52 18.83
N ASP G 361 37.14 27.58 18.99
CA ASP G 361 37.30 28.58 17.96
C ASP G 361 37.72 27.95 16.64
N ASN G 362 38.69 27.02 16.68
CA ASN G 362 39.11 26.37 15.45
C ASN G 362 38.01 25.50 14.86
N ILE G 363 37.28 24.76 15.70
CA ILE G 363 36.23 23.88 15.20
C ILE G 363 35.17 24.67 14.46
N PHE G 364 34.68 25.76 15.05
CA PHE G 364 33.56 26.45 14.42
C PHE G 364 33.96 27.58 13.48
N SER G 365 35.22 28.00 13.46
CA SER G 365 35.62 29.06 12.57
C SER G 365 36.37 28.57 11.33
N LYS G 366 36.70 27.29 11.26
CA LYS G 366 37.53 26.78 10.17
C LYS G 366 36.74 26.68 8.88
N ARG G 367 37.28 27.27 7.82
CA ARG G 367 36.78 27.08 6.46
C ARG G 367 37.74 26.16 5.72
N ASN G 368 37.26 24.96 5.39
CA ASN G 368 38.05 24.03 4.60
C ASN G 368 38.28 24.62 3.22
N MET G 369 39.53 24.66 2.79
CA MET G 369 39.87 25.43 1.59
C MET G 369 39.33 24.77 0.32
N VAL G 370 39.43 23.44 0.22
CA VAL G 370 38.96 22.75 -0.97
C VAL G 370 37.44 22.78 -1.05
N THR G 371 36.77 22.47 0.06
CA THR G 371 35.33 22.25 0.06
C THR G 371 34.52 23.47 0.44
N ASN G 372 35.16 24.53 0.94
CA ASN G 372 34.48 25.73 1.42
C ASN G 372 33.50 25.45 2.55
N PHE G 373 33.67 24.32 3.24
CA PHE G 373 32.73 23.90 4.26
C PHE G 373 33.10 24.49 5.62
N ASN G 374 32.08 24.96 6.34
CA ASN G 374 32.21 25.46 7.69
C ASN G 374 31.00 24.97 8.47
N VAL G 375 31.22 24.49 9.69
CA VAL G 375 30.16 23.76 10.39
C VAL G 375 29.13 24.71 11.03
N PHE G 376 29.57 25.89 11.46
CA PHE G 376 28.64 26.96 11.84
C PHE G 376 27.69 27.31 10.69
N GLU G 377 28.19 27.38 9.45
CA GLU G 377 27.29 27.69 8.35
C GLU G 377 26.26 26.59 8.17
N LYS G 378 26.66 25.32 8.33
CA LYS G 378 25.70 24.22 8.23
C LYS G 378 24.64 24.32 9.30
N ILE G 379 25.04 24.66 10.53
CA ILE G 379 24.07 24.76 11.61
C ILE G 379 23.13 25.94 11.41
N LEU G 380 23.67 27.06 10.93
CA LEU G 380 22.83 28.21 10.58
C LEU G 380 21.82 27.86 9.50
N ASP G 381 22.24 27.14 8.46
CA ASP G 381 21.31 26.75 7.41
C ASP G 381 20.25 25.78 7.92
N LEU G 382 20.65 24.86 8.80
CA LEU G 382 19.68 24.01 9.48
C LEU G 382 18.64 24.84 10.22
N SER G 383 19.09 25.86 10.96
CA SER G 383 18.15 26.69 11.70
C SER G 383 17.21 27.45 10.77
N LEU G 384 17.74 27.93 9.64
CA LEU G 384 16.89 28.61 8.68
C LEU G 384 15.92 27.66 8.00
N LYS G 385 16.16 26.36 8.06
CA LYS G 385 15.18 25.41 7.55
C LYS G 385 13.90 25.37 8.37
N ASP G 386 13.91 25.79 9.64
CA ASP G 386 12.70 25.83 10.45
C ASP G 386 12.79 26.99 11.43
N SER G 387 11.93 27.99 11.26
CA SER G 387 12.03 29.21 12.05
C SER G 387 11.69 29.01 13.52
N ARG G 388 11.09 27.88 13.88
CA ARG G 388 10.90 27.56 15.30
C ARG G 388 12.21 27.26 16.00
N LEU G 389 13.31 27.13 15.25
CA LEU G 389 14.63 26.82 15.77
C LEU G 389 15.46 28.07 16.02
N THR G 390 14.90 29.26 15.84
CA THR G 390 15.66 30.51 15.94
C THR G 390 16.28 30.66 17.32
N ASN G 391 15.47 30.47 18.35
CA ASN G 391 15.96 30.65 19.71
C ASN G 391 17.01 29.61 20.07
N LYS G 392 16.79 28.36 19.67
CA LYS G 392 17.78 27.33 19.97
C LYS G 392 19.10 27.60 19.27
N PHE G 393 19.05 28.05 18.01
CA PHE G 393 20.27 28.40 17.32
C PHE G 393 21.00 29.56 17.98
N LEU G 394 20.27 30.60 18.36
CA LEU G 394 20.95 31.75 18.96
C LEU G 394 21.47 31.44 20.36
N THR G 395 20.78 30.59 21.11
CA THR G 395 21.29 30.12 22.39
C THR G 395 22.55 29.28 22.19
N PHE G 396 22.56 28.45 21.17
CA PHE G 396 23.75 27.61 20.88
C PHE G 396 24.92 28.54 20.53
N PHE G 397 24.66 29.58 19.70
CA PHE G 397 25.73 30.51 19.37
C PHE G 397 26.23 31.22 20.61
N GLU G 398 25.31 31.64 21.49
CA GLU G 398 25.72 32.29 22.74
C GLU G 398 26.62 31.37 23.56
N ASN G 399 26.25 30.10 23.65
CA ASN G 399 27.02 29.14 24.46
C ASN G 399 28.42 28.93 23.89
N ILE G 400 28.54 28.65 22.59
CA ILE G 400 29.88 28.40 22.06
C ILE G 400 30.69 29.68 22.00
N ASN G 401 30.04 30.84 21.85
CA ASN G 401 30.75 32.10 21.93
C ASN G 401 31.34 32.28 23.33
N GLU G 402 30.58 31.90 24.36
CA GLU G 402 31.15 31.83 25.71
C GLU G 402 32.26 30.80 25.79
N PHE G 403 32.11 29.67 25.11
CA PHE G 403 33.15 28.63 25.08
C PHE G 403 34.41 29.06 24.36
N GLY G 404 34.40 30.19 23.65
CA GLY G 404 35.63 30.66 23.04
C GLY G 404 35.52 30.99 21.57
N PHE G 405 34.40 30.61 20.94
CA PHE G 405 34.21 30.93 19.53
C PHE G 405 34.00 32.43 19.35
N SER G 406 34.88 33.06 18.57
CA SER G 406 34.87 34.50 18.42
C SER G 406 33.58 35.00 17.77
N SER G 407 33.09 36.14 18.25
CA SER G 407 31.87 36.71 17.70
C SER G 407 32.10 37.38 16.35
N LEU G 408 33.29 37.95 16.14
CA LEU G 408 33.61 38.51 14.84
C LEU G 408 33.68 37.44 13.77
N SER G 409 34.25 36.28 14.11
CA SER G 409 34.29 35.16 13.17
C SER G 409 32.87 34.69 12.84
N ALA G 410 32.01 34.60 13.84
CA ALA G 410 30.61 34.22 13.60
C ALA G 410 29.92 35.24 12.71
N SER G 411 30.16 36.52 12.96
CA SER G 411 29.57 37.57 12.12
C SER G 411 30.02 37.43 10.67
N ASN G 412 31.32 37.20 10.46
CA ASN G 412 31.81 37.04 9.09
C ASN G 412 31.22 35.80 8.42
N ILE G 413 31.08 34.70 9.17
CA ILE G 413 30.53 33.48 8.60
C ILE G 413 29.08 33.70 8.19
N VAL G 414 28.29 34.35 9.04
CA VAL G 414 26.88 34.59 8.74
C VAL G 414 26.76 35.59 7.59
N LYS G 415 27.65 36.59 7.55
CA LYS G 415 27.67 37.54 6.45
C LYS G 415 27.95 36.84 5.12
N LYS G 416 28.94 35.95 5.12
CA LYS G 416 29.29 35.21 3.92
C LYS G 416 28.13 34.33 3.48
N TYR G 417 27.48 33.68 4.44
CA TYR G 417 26.33 32.84 4.11
C TYR G 417 25.26 33.67 3.45
N PHE G 418 25.00 34.86 4.00
CA PHE G 418 23.90 35.69 3.54
C PHE G 418 24.21 36.26 2.17
N SER G 419 25.48 36.58 1.91
CA SER G 419 25.88 37.05 0.58
C SER G 419 25.75 35.94 -0.46
N ASN G 420 26.16 34.72 -0.13
CA ASN G 420 26.03 33.63 -1.09
C ASN G 420 24.58 33.30 -1.41
N ASN G 421 23.69 33.47 -0.44
CA ASN G 421 22.29 33.10 -0.62
C ASN G 421 21.37 34.31 -0.68
N SER G 422 21.91 35.48 -1.04
CA SER G 422 21.14 36.72 -0.98
C SER G 422 19.90 36.69 -1.89
N LYS G 423 20.02 36.10 -3.08
CA LYS G 423 18.89 36.11 -4.01
C LYS G 423 17.73 35.27 -3.49
N GLY G 424 18.01 34.03 -3.09
CA GLY G 424 16.98 33.19 -2.51
C GLY G 424 16.44 33.76 -1.21
N LEU G 425 17.29 34.43 -0.45
CA LEU G 425 16.83 35.01 0.81
C LEU G 425 15.91 36.21 0.58
N LYS G 426 16.17 36.98 -0.48
CA LYS G 426 15.28 38.09 -0.81
C LYS G 426 13.95 37.57 -1.35
N GLU G 427 13.97 36.50 -2.15
CA GLU G 427 12.72 35.87 -2.55
C GLU G 427 11.96 35.32 -1.35
N LYS G 428 12.67 34.74 -0.39
CA LYS G 428 12.02 34.25 0.83
C LYS G 428 11.37 35.39 1.59
N ILE G 429 12.09 36.51 1.74
CA ILE G 429 11.55 37.65 2.48
C ILE G 429 10.28 38.15 1.80
N ASP G 430 10.31 38.25 0.47
CA ASP G 430 9.11 38.66 -0.27
C ASP G 430 7.97 37.67 -0.07
N HIS G 431 8.27 36.37 -0.12
CA HIS G 431 7.25 35.35 0.11
C HIS G 431 6.58 35.55 1.47
N TYR G 432 7.38 35.64 2.53
CA TYR G 432 6.76 35.77 3.85
C TYR G 432 6.09 37.12 4.05
N ARG G 433 6.51 38.15 3.32
CA ARG G 433 5.83 39.43 3.42
C ARG G 433 4.45 39.37 2.77
N LYS G 434 4.35 38.78 1.57
CA LYS G 434 3.05 38.65 0.93
C LYS G 434 2.11 37.71 1.69
N ASN G 435 2.63 36.63 2.25
CA ASN G 435 1.79 35.58 2.80
C ASN G 435 1.69 35.60 4.32
N ASN G 436 2.16 36.67 4.96
CA ASN G 436 2.08 36.82 6.41
C ASN G 436 2.70 35.64 7.16
N PHE G 437 3.88 35.19 6.69
CA PHE G 437 4.64 34.19 7.44
C PHE G 437 5.49 34.96 8.44
N ASN G 438 4.95 35.20 9.63
CA ASN G 438 5.58 36.18 10.52
C ASN G 438 6.89 35.66 11.11
N GLN G 439 6.93 34.41 11.57
CA GLN G 439 8.13 33.94 12.28
C GLN G 439 9.33 33.82 11.34
N GLU G 440 9.11 33.43 10.09
CA GLU G 440 10.21 33.32 9.13
C GLU G 440 10.85 34.67 8.85
N LEU G 441 10.03 35.68 8.55
CA LEU G 441 10.55 37.03 8.39
C LEU G 441 11.26 37.50 9.65
N TYR G 442 10.67 37.21 10.81
CA TYR G 442 11.28 37.58 12.08
C TYR G 442 12.65 36.94 12.24
N GLN G 443 12.79 35.66 11.88
CA GLN G 443 14.06 34.98 11.99
C GLN G 443 15.12 35.61 11.09
N ILE G 444 14.75 35.93 9.85
CA ILE G 444 15.72 36.52 8.94
C ILE G 444 16.17 37.89 9.45
N LEU G 445 15.21 38.74 9.84
CA LEU G 445 15.58 40.06 10.31
C LEU G 445 16.35 40.01 11.63
N LEU G 446 16.02 39.05 12.49
CA LEU G 446 16.74 38.92 13.75
C LEU G 446 18.17 38.46 13.53
N TYR G 447 18.39 37.56 12.57
CA TYR G 447 19.78 37.23 12.25
C TYR G 447 20.52 38.44 11.70
N MET G 448 19.86 39.23 10.85
CA MET G 448 20.52 40.42 10.32
C MET G 448 20.86 41.42 11.42
N VAL G 449 19.97 41.56 12.41
CA VAL G 449 20.24 42.44 13.55
C VAL G 449 21.39 41.90 14.39
N VAL G 450 21.36 40.60 14.70
CA VAL G 450 22.32 40.04 15.65
C VAL G 450 23.71 39.97 15.04
N PHE G 451 23.84 39.49 13.81
CA PHE G 451 25.14 39.28 13.20
C PHE G 451 25.58 40.43 12.30
N GLU G 452 24.96 41.61 12.44
CA GLU G 452 25.39 42.84 11.77
C GLU G 452 25.41 42.70 10.25
N ILE G 453 24.32 42.16 9.70
CA ILE G 453 24.16 42.03 8.27
C ILE G 453 23.55 43.33 7.75
N ASP G 454 24.32 44.10 7.01
CA ASP G 454 23.87 45.36 6.45
C ASP G 454 23.92 45.42 4.93
N ASP G 455 24.07 44.27 4.27
CA ASP G 455 24.19 44.22 2.82
C ASP G 455 23.02 43.57 2.12
N LEU G 456 22.15 42.86 2.85
CA LEU G 456 21.06 42.14 2.21
C LEU G 456 20.04 43.08 1.61
N LEU G 457 19.57 44.05 2.38
CA LEU G 457 18.50 44.95 1.97
C LEU G 457 18.99 46.38 2.03
N ASN G 458 18.76 47.13 0.95
CA ASN G 458 19.09 48.55 0.92
C ASN G 458 17.97 49.35 1.57
N GLN G 459 18.10 50.68 1.52
CA GLN G 459 17.14 51.55 2.19
C GLN G 459 15.72 51.31 1.72
N GLU G 460 15.54 51.10 0.41
CA GLU G 460 14.21 50.97 -0.17
C GLU G 460 13.48 49.75 0.38
N GLU G 461 14.12 48.59 0.38
CA GLU G 461 13.47 47.39 0.90
C GLU G 461 13.22 47.50 2.40
N LEU G 462 14.15 48.12 3.13
CA LEU G 462 13.95 48.32 4.56
C LEU G 462 12.71 49.17 4.83
N LEU G 463 12.50 50.22 4.03
CA LEU G 463 11.29 51.02 4.18
C LEU G 463 10.05 50.27 3.72
N ASN G 464 10.20 49.35 2.76
CA ASN G 464 9.08 48.48 2.41
C ASN G 464 8.74 47.50 3.52
N LEU G 465 9.65 47.29 4.46
CA LEU G 465 9.30 46.47 5.63
C LEU G 465 8.28 47.15 6.51
N ILE G 466 8.32 48.47 6.61
CA ILE G 466 7.43 49.21 7.50
C ILE G 466 6.11 49.45 6.80
N ASP G 467 5.20 48.49 6.90
CA ASP G 467 3.90 48.58 6.26
C ASP G 467 2.93 47.67 6.99
N LEU G 468 1.68 47.66 6.50
CA LEU G 468 0.65 46.86 7.12
C LEU G 468 0.86 45.38 6.84
N ASN G 469 0.25 44.55 7.70
CA ASN G 469 0.36 43.09 7.71
C ASN G 469 1.74 42.61 8.14
N ILE G 470 2.56 43.48 8.70
CA ILE G 470 3.81 43.09 9.35
C ILE G 470 3.60 43.08 10.85
N ASP G 471 4.02 42.01 11.51
CA ASP G 471 3.86 41.90 12.95
C ASP G 471 4.74 42.93 13.66
N ASP G 472 4.41 43.20 14.93
CA ASP G 472 5.16 44.18 15.70
C ASP G 472 6.63 43.84 15.79
N TYR G 473 6.96 42.57 16.05
CA TYR G 473 8.35 42.19 16.25
C TYR G 473 9.18 42.41 14.99
N SER G 474 8.64 42.06 13.82
CA SER G 474 9.34 42.34 12.58
C SER G 474 9.45 43.83 12.31
N LEU G 475 8.42 44.61 12.66
CA LEU G 475 8.48 46.06 12.50
C LEU G 475 9.59 46.65 13.35
N ILE G 476 9.69 46.21 14.60
CA ILE G 476 10.78 46.61 15.47
C ILE G 476 12.13 46.20 14.90
N LEU G 477 12.24 44.98 14.38
CA LEU G 477 13.54 44.54 13.91
C LEU G 477 13.97 45.30 12.65
N GLY G 478 13.03 45.57 11.75
CA GLY G 478 13.34 46.38 10.59
C GLY G 478 13.71 47.80 10.94
N THR G 479 13.00 48.40 11.90
CA THR G 479 13.36 49.73 12.35
C THR G 479 14.74 49.74 12.99
N ILE G 480 15.07 48.69 13.74
CA ILE G 480 16.40 48.58 14.33
C ILE G 480 17.47 48.48 13.25
N LEU G 481 17.21 47.66 12.23
CA LEU G 481 18.13 47.58 11.09
C LEU G 481 18.34 48.93 10.45
N TYR G 482 17.28 49.72 10.35
CA TYR G 482 17.39 51.03 9.71
C TYR G 482 18.17 52.01 10.59
N LEU G 483 17.93 52.00 11.90
CA LEU G 483 18.68 52.89 12.79
C LEU G 483 20.13 52.47 12.94
N LYS G 484 20.44 51.19 12.75
CA LYS G 484 21.81 50.73 12.87
C LYS G 484 22.70 51.26 11.76
N ASN G 485 22.13 51.64 10.62
CA ASN G 485 22.89 52.17 9.49
C ASN G 485 22.91 53.69 9.61
N SER G 486 24.08 54.24 9.91
CA SER G 486 24.21 55.69 10.12
C SER G 486 24.17 56.48 8.83
N SER G 487 24.42 55.84 7.69
CA SER G 487 24.40 56.57 6.43
C SER G 487 23.01 57.10 6.10
N TYR G 488 21.97 56.29 6.28
CA TYR G 488 20.61 56.73 6.01
C TYR G 488 20.13 57.75 7.02
N LYS G 489 19.33 58.70 6.54
CA LYS G 489 18.74 59.74 7.36
C LYS G 489 17.30 59.41 7.71
N LEU G 490 16.83 60.02 8.79
CA LEU G 490 15.68 59.54 9.55
C LEU G 490 14.34 60.03 9.02
N GLU G 491 14.32 60.97 8.08
CA GLU G 491 13.05 61.52 7.62
C GLU G 491 12.20 60.46 6.92
N LYS G 492 12.84 59.60 6.12
CA LYS G 492 12.09 58.57 5.39
C LYS G 492 11.46 57.57 6.33
N LEU G 493 12.19 57.13 7.37
CA LEU G 493 11.60 56.28 8.38
C LEU G 493 10.47 56.97 9.11
N LEU G 494 10.65 58.25 9.46
CA LEU G 494 9.59 58.96 10.15
C LEU G 494 8.33 59.01 9.29
N LYS G 495 8.48 59.21 7.99
CA LYS G 495 7.35 59.22 7.08
C LYS G 495 6.67 57.85 7.03
N LYS G 496 7.47 56.78 6.92
CA LYS G 496 6.92 55.42 6.89
C LYS G 496 6.15 55.11 8.17
N ILE G 497 6.74 55.42 9.31
CA ILE G 497 6.13 55.10 10.60
C ILE G 497 4.86 55.92 10.80
N ASP G 498 4.89 57.20 10.44
CA ASP G 498 3.70 58.03 10.52
C ASP G 498 2.58 57.48 9.65
N GLN G 499 2.90 57.09 8.42
CA GLN G 499 1.87 56.52 7.55
C GLN G 499 1.29 55.27 8.16
N LEU G 500 2.13 54.40 8.71
CA LEU G 500 1.65 53.18 9.33
C LEU G 500 0.72 53.48 10.50
N PHE G 501 1.10 54.44 11.35
CA PHE G 501 0.30 54.77 12.53
C PHE G 501 -1.06 55.33 12.13
N ILE G 502 -1.09 56.25 11.16
CA ILE G 502 -2.36 56.83 10.72
C ILE G 502 -3.23 55.76 10.08
N ASN G 503 -2.65 54.91 9.24
CA ASN G 503 -3.45 53.87 8.60
C ASN G 503 -4.00 52.88 9.61
N THR G 504 -3.23 52.59 10.66
CA THR G 504 -3.73 51.67 11.68
C THR G 504 -4.87 52.29 12.46
N HIS G 505 -4.71 53.54 12.87
CA HIS G 505 -5.82 54.22 13.56
C HIS G 505 -7.03 54.42 12.67
N ALA G 506 -6.86 54.42 11.34
CA ALA G 506 -8.02 54.61 10.47
C ALA G 506 -8.99 53.42 10.52
N ASN G 507 -8.56 52.26 11.02
CA ASN G 507 -9.38 51.05 11.08
C ASN G 507 -10.25 50.99 12.33
N TYR G 508 -10.30 52.08 13.10
CA TYR G 508 -10.82 52.13 14.45
C TYR G 508 -11.74 53.32 14.62
N ASP G 509 -12.59 53.26 15.64
CA ASP G 509 -13.38 54.42 16.02
C ASP G 509 -12.44 55.54 16.45
N VAL G 510 -12.81 56.77 16.09
CA VAL G 510 -11.93 57.91 16.36
C VAL G 510 -11.75 58.19 17.84
N LYS G 511 -12.57 57.59 18.69
CA LYS G 511 -12.39 57.70 20.13
C LYS G 511 -11.64 56.52 20.73
N THR G 512 -11.09 55.64 19.89
CA THR G 512 -10.31 54.52 20.38
C THR G 512 -8.89 54.97 20.68
N SER G 513 -8.41 54.65 21.88
CA SER G 513 -7.07 55.02 22.29
C SER G 513 -6.02 54.25 21.50
N ARG G 514 -4.86 54.89 21.29
CA ARG G 514 -3.85 54.30 20.42
C ARG G 514 -3.29 53.00 20.98
N MET G 515 -3.13 52.93 22.29
CA MET G 515 -2.43 51.80 22.89
C MET G 515 -3.37 50.64 23.20
N ALA G 516 -4.64 50.77 22.87
CA ALA G 516 -5.58 49.66 22.83
C ALA G 516 -5.71 49.08 21.43
N GLU G 517 -4.92 49.57 20.48
CA GLU G 517 -5.08 49.22 19.08
C GLU G 517 -4.00 48.23 18.65
N LYS G 518 -4.05 47.84 17.39
CA LYS G 518 -2.96 47.08 16.79
C LYS G 518 -1.69 47.91 16.78
N LEU G 519 -0.55 47.21 16.84
CA LEU G 519 0.79 47.80 16.85
C LEU G 519 1.08 48.54 18.16
N TRP G 520 0.54 48.07 19.27
CA TRP G 520 0.84 48.68 20.56
C TRP G 520 2.32 48.55 20.91
N LEU G 521 2.92 47.40 20.57
CA LEU G 521 4.31 47.16 20.94
C LEU G 521 5.27 48.00 20.09
N PHE G 522 5.01 48.12 18.79
CA PHE G 522 5.82 48.99 17.94
C PHE G 522 5.67 50.43 18.41
N ARG G 523 4.45 50.84 18.76
CA ARG G 523 4.22 52.20 19.21
C ARG G 523 4.98 52.48 20.49
N TYR G 524 4.98 51.51 21.43
CA TYR G 524 5.78 51.67 22.64
C TYR G 524 7.26 51.73 22.32
N PHE G 525 7.73 50.93 21.37
CA PHE G 525 9.13 50.99 20.98
C PHE G 525 9.47 52.41 20.54
N PHE G 526 8.63 52.95 19.64
CA PHE G 526 8.86 54.28 19.06
C PHE G 526 8.87 55.35 20.13
N TYR G 527 7.83 55.36 20.97
CA TYR G 527 7.69 56.39 22.00
C TYR G 527 8.79 56.28 23.04
N PHE G 528 9.24 55.07 23.33
CA PHE G 528 10.34 54.91 24.27
C PHE G 528 11.66 55.39 23.65
N LEU G 529 11.89 55.12 22.36
CA LEU G 529 13.09 55.64 21.73
C LEU G 529 13.08 57.16 21.70
N ASN G 530 11.93 57.73 21.34
CA ASN G 530 11.81 59.19 21.26
C ASN G 530 11.98 59.82 22.64
N CYS G 531 11.52 59.15 23.68
CA CYS G 531 11.68 59.66 25.04
C CYS G 531 13.14 59.70 25.46
N LYS G 532 14.03 58.96 24.81
CA LYS G 532 15.45 58.96 25.13
C LYS G 532 16.31 59.43 23.96
N ASN G 533 15.72 60.08 22.97
CA ASN G 533 16.42 60.84 21.94
C ASN G 533 17.31 60.01 21.03
N ILE G 534 17.07 58.69 20.90
CA ILE G 534 17.59 58.01 19.72
C ILE G 534 16.88 58.52 18.48
N PHE G 535 15.56 58.68 18.57
CA PHE G 535 14.75 59.35 17.58
C PHE G 535 14.79 60.84 17.92
N SER G 536 15.76 61.55 17.36
CA SER G 536 16.07 62.90 17.80
C SER G 536 14.85 63.80 17.71
N GLN G 537 14.59 64.54 18.78
CA GLN G 537 13.41 65.38 18.83
C GLN G 537 13.47 66.48 17.78
N LYS G 538 14.68 66.98 17.49
CA LYS G 538 14.85 68.01 16.48
C LYS G 538 14.41 67.51 15.10
N GLU G 539 14.77 66.28 14.76
CA GLU G 539 14.42 65.78 13.43
C GLU G 539 12.95 65.38 13.34
N ILE G 540 12.33 65.00 14.46
CA ILE G 540 10.89 64.82 14.46
C ILE G 540 10.18 66.15 14.26
N ASN G 541 10.68 67.21 14.92
CA ASN G 541 10.15 68.55 14.68
C ASN G 541 10.28 68.94 13.21
N SER G 542 11.43 68.64 12.61
CA SER G 542 11.64 68.95 11.19
C SER G 542 10.66 68.19 10.32
N TYR G 543 10.48 66.90 10.57
CA TYR G 543 9.54 66.10 9.79
C TYR G 543 8.13 66.65 9.91
N CYS G 544 7.70 66.96 11.13
CA CYS G 544 6.32 67.37 11.33
C CYS G 544 6.07 68.79 10.80
N GLN G 545 7.10 69.64 10.83
CA GLN G 545 7.01 70.90 10.10
C GLN G 545 6.84 70.65 8.62
N SER G 546 7.56 69.66 8.08
CA SER G 546 7.41 69.32 6.67
C SER G 546 6.01 68.83 6.37
N GLN G 547 5.35 68.18 7.32
CA GLN G 547 4.00 67.68 7.13
C GLN G 547 2.92 68.70 7.47
N ASN G 548 3.30 69.85 8.03
CA ASN G 548 2.37 70.94 8.35
C ASN G 548 1.39 70.55 9.47
N TYR G 549 1.87 69.83 10.47
CA TYR G 549 1.03 69.54 11.62
C TYR G 549 0.91 70.76 12.51
N ASN G 550 -0.28 70.97 13.07
CA ASN G 550 -0.51 72.11 13.94
C ASN G 550 0.03 71.82 15.33
N SER G 551 0.79 72.77 15.88
CA SER G 551 1.30 72.63 17.23
C SER G 551 0.18 72.79 18.23
N GLY G 552 0.52 72.71 19.51
CA GLY G 552 -0.48 72.82 20.55
C GLY G 552 0.13 72.78 21.92
N GLN G 553 -0.74 72.55 22.91
CA GLN G 553 -0.34 72.60 24.31
C GLN G 553 0.69 71.52 24.64
N ASN G 554 0.52 70.32 24.09
CA ASN G 554 1.47 69.23 24.33
C ASN G 554 2.57 69.16 23.29
N GLY G 555 2.31 69.64 22.08
CA GLY G 555 3.30 69.52 21.02
C GLY G 555 2.63 69.51 19.67
N TYR G 556 3.16 68.67 18.77
CA TYR G 556 2.94 68.82 17.35
C TYR G 556 1.78 67.98 16.81
N GLN G 557 0.93 67.45 17.69
CA GLN G 557 -0.38 66.91 17.29
C GLN G 557 -0.26 65.86 16.19
N THR G 558 0.60 64.87 16.41
CA THR G 558 0.85 63.84 15.43
C THR G 558 0.84 62.47 16.10
N GLU G 559 0.75 61.42 15.28
CA GLU G 559 0.83 60.07 15.82
C GLU G 559 2.20 59.77 16.39
N LEU G 560 3.19 60.60 16.09
CA LEU G 560 4.55 60.39 16.55
C LEU G 560 4.84 61.06 17.89
N ASN G 561 3.89 61.79 18.44
CA ASN G 561 4.08 62.57 19.66
C ASN G 561 3.27 61.91 20.78
N TRP G 562 3.96 61.18 21.66
CA TRP G 562 3.29 60.53 22.78
C TRP G 562 2.66 61.54 23.73
N ASN G 563 3.21 62.75 23.83
CA ASN G 563 2.62 63.77 24.69
C ASN G 563 1.21 64.10 24.26
N TYR G 564 0.97 64.20 22.96
CA TYR G 564 -0.37 64.46 22.45
C TYR G 564 -1.20 63.17 22.38
N ILE G 565 -0.56 62.05 22.03
CA ILE G 565 -1.27 60.80 21.83
C ILE G 565 -1.81 60.23 23.15
N LYS G 566 -1.08 60.41 24.25
CA LYS G 566 -1.49 59.77 25.50
C LYS G 566 -2.83 60.30 26.01
N GLY G 567 -3.27 61.46 25.55
CA GLY G 567 -4.52 62.04 25.98
C GLY G 567 -5.71 61.85 25.07
N GLN G 568 -5.55 61.13 23.96
CA GLN G 568 -6.64 60.94 23.01
C GLN G 568 -7.33 59.61 23.24
N GLY G 569 -8.64 59.61 23.08
CA GLY G 569 -9.48 58.44 23.29
C GLY G 569 -10.36 58.63 24.51
N LYS G 570 -11.53 57.97 24.50
CA LYS G 570 -12.45 58.07 25.62
C LYS G 570 -11.92 57.34 26.84
N ASP G 571 -11.46 56.11 26.65
CA ASP G 571 -10.91 55.31 27.75
C ASP G 571 -9.40 55.34 27.67
N LEU G 572 -8.76 55.89 28.69
CA LEU G 572 -7.32 56.12 28.68
C LEU G 572 -6.58 55.19 29.64
N ARG G 573 -7.22 54.12 30.07
CA ARG G 573 -6.62 53.23 31.06
C ARG G 573 -5.35 52.57 30.52
N ALA G 574 -5.40 52.05 29.30
CA ALA G 574 -4.19 51.48 28.68
C ALA G 574 -3.15 52.57 28.45
N ASN G 575 -3.59 53.75 28.01
CA ASN G 575 -2.67 54.87 27.83
C ASN G 575 -2.03 55.28 29.15
N ASN G 576 -2.80 55.34 30.24
CA ASN G 576 -2.22 55.68 31.52
C ASN G 576 -1.22 54.62 31.98
N PHE G 577 -1.55 53.35 31.78
CA PHE G 577 -0.64 52.27 32.15
C PHE G 577 0.68 52.36 31.38
N PHE G 578 0.59 52.57 30.06
CA PHE G 578 1.80 52.63 29.25
C PHE G 578 2.56 53.94 29.46
N ASN G 579 1.86 55.03 29.81
CA ASN G 579 2.55 56.26 30.16
C ASN G 579 3.30 56.10 31.47
N GLU G 580 2.72 55.37 32.42
CA GLU G 580 3.43 55.06 33.64
C GLU G 580 4.68 54.25 33.35
N LEU G 581 4.60 53.29 32.42
CA LEU G 581 5.79 52.55 32.02
C LEU G 581 6.82 53.46 31.35
N ILE G 582 6.38 54.34 30.46
CA ILE G 582 7.31 55.19 29.71
C ILE G 582 8.04 56.16 30.64
N VAL G 583 7.32 56.78 31.57
CA VAL G 583 7.93 57.75 32.47
C VAL G 583 9.02 57.10 33.32
N LYS G 584 8.75 55.88 33.80
CA LYS G 584 9.72 55.18 34.64
C LYS G 584 10.84 54.52 33.84
N GLU G 585 10.93 54.77 32.54
CA GLU G 585 12.01 54.24 31.69
C GLU G 585 11.99 52.71 31.65
N VAL G 586 10.81 52.13 31.80
CA VAL G 586 10.64 50.69 31.65
C VAL G 586 10.64 50.37 30.16
N TRP G 587 11.65 49.64 29.70
CA TRP G 587 11.72 49.21 28.31
C TRP G 587 11.14 47.81 28.17
N LEU G 588 10.50 47.57 27.03
CA LEU G 588 10.06 46.24 26.66
C LEU G 588 10.92 45.64 25.56
N ILE G 589 11.75 46.44 24.92
CA ILE G 589 12.68 46.00 23.89
C ILE G 589 14.08 46.38 24.35
N SER G 590 14.96 45.38 24.47
CA SER G 590 16.34 45.62 24.85
C SER G 590 17.09 46.23 23.68
N CYS G 591 17.81 47.32 23.95
CA CYS G 591 18.58 48.01 22.93
C CYS G 591 20.07 47.66 23.00
N GLY G 592 20.43 46.64 23.75
CA GLY G 592 21.82 46.24 23.89
C GLY G 592 22.48 46.84 25.12
N GLU G 593 23.70 46.37 25.37
CA GLU G 593 24.45 46.82 26.54
C GLU G 593 24.75 48.31 26.45
N ASN G 594 25.10 48.80 25.27
CA ASN G 594 25.52 50.19 25.09
C ASN G 594 24.51 51.00 24.30
N GLU G 595 23.23 50.63 24.34
CA GLU G 595 22.11 51.41 23.83
C GLU G 595 22.16 51.63 22.33
N ASP G 596 23.08 50.98 21.62
CA ASP G 596 23.25 51.18 20.19
C ASP G 596 22.96 49.91 19.40
N PHE G 597 22.18 49.00 19.99
CA PHE G 597 21.51 47.90 19.28
C PHE G 597 22.49 46.81 18.84
N LYS G 598 23.57 46.59 19.58
CA LYS G 598 24.46 45.47 19.32
C LYS G 598 24.26 44.37 20.36
N TYR G 599 24.10 43.16 19.87
CA TYR G 599 23.80 41.96 20.65
C TYR G 599 24.90 40.92 20.55
N LEU G 600 26.05 41.29 20.00
CA LEU G 600 27.16 40.36 19.81
C LEU G 600 28.11 40.52 20.99
N ASN G 601 28.25 39.48 21.80
CA ASN G 601 29.08 39.55 23.00
C ASN G 601 30.20 38.52 22.95
N SER I 2 45.26 27.74 -1.99
CA SER I 2 44.01 28.13 -2.62
C SER I 2 43.25 26.92 -3.17
N MET I 3 41.94 27.10 -3.33
CA MET I 3 41.11 26.06 -3.94
C MET I 3 41.55 25.78 -5.37
N LYS I 4 41.72 26.83 -6.17
CA LYS I 4 42.19 26.69 -7.53
C LYS I 4 43.50 25.92 -7.60
N LYS I 5 44.40 26.18 -6.65
CA LYS I 5 45.73 25.61 -6.72
C LYS I 5 45.74 24.14 -6.30
N GLU I 6 44.88 23.75 -5.35
CA GLU I 6 44.68 22.33 -5.08
C GLU I 6 44.11 21.61 -6.30
N PHE I 7 43.08 22.18 -6.93
CA PHE I 7 42.56 21.60 -8.16
C PHE I 7 43.65 21.42 -9.19
N THR I 8 44.48 22.46 -9.38
CA THR I 8 45.51 22.42 -10.41
C THR I 8 46.53 21.35 -10.10
N GLU I 9 46.97 21.24 -8.84
CA GLU I 9 47.88 20.16 -8.48
C GLU I 9 47.29 18.80 -8.82
N LEU I 10 46.03 18.58 -8.44
CA LEU I 10 45.43 17.28 -8.69
C LEU I 10 45.35 16.97 -10.19
N TYR I 11 44.98 17.97 -10.99
CA TYR I 11 44.81 17.71 -12.42
C TYR I 11 46.14 17.60 -13.16
N ASP I 12 47.19 18.32 -12.74
CA ASP I 12 48.49 18.02 -13.36
C ASP I 12 49.03 16.68 -12.92
N PHE I 13 48.66 16.19 -11.73
CA PHE I 13 49.00 14.81 -11.42
C PHE I 13 48.27 13.85 -12.35
N ILE I 14 46.96 14.04 -12.51
CA ILE I 14 46.12 13.05 -13.17
C ILE I 14 46.41 13.01 -14.67
N PHE I 15 46.51 14.18 -15.31
CA PHE I 15 46.58 14.21 -16.78
C PHE I 15 48.01 13.96 -17.26
N ASP I 16 48.48 12.75 -16.98
CA ASP I 16 49.79 12.28 -17.41
C ASP I 16 49.58 10.92 -18.05
N PRO I 17 50.14 10.69 -19.24
CA PRO I 17 49.88 9.40 -19.92
C PRO I 17 50.26 8.19 -19.11
N ILE I 18 51.38 8.24 -18.41
CA ILE I 18 51.82 7.10 -17.62
C ILE I 18 50.88 6.89 -16.44
N PHE I 19 50.44 7.97 -15.79
CA PHE I 19 49.42 7.84 -14.77
C PHE I 19 48.15 7.24 -15.35
N LEU I 20 47.74 7.74 -16.52
CA LEU I 20 46.45 7.39 -17.09
C LEU I 20 46.39 5.95 -17.57
N VAL I 21 47.53 5.31 -17.79
CA VAL I 21 47.53 3.88 -18.09
C VAL I 21 47.84 3.05 -16.86
N ARG I 22 48.77 3.48 -16.01
CA ARG I 22 49.19 2.67 -14.87
C ARG I 22 48.07 2.51 -13.85
N TYR I 23 47.28 3.55 -13.62
CA TYR I 23 46.09 3.44 -12.78
C TYR I 23 44.78 3.65 -13.51
N GLY I 24 44.81 4.32 -14.65
CA GLY I 24 43.58 4.61 -15.36
C GLY I 24 42.94 3.45 -16.08
N TYR I 25 43.76 2.56 -16.66
CA TYR I 25 43.21 1.51 -17.50
C TYR I 25 42.27 0.60 -16.70
N TYR I 26 42.66 0.21 -15.50
CA TYR I 26 41.87 -0.63 -14.65
C TYR I 26 41.12 0.15 -13.57
N ASP I 27 41.05 1.47 -13.71
CA ASP I 27 40.31 2.35 -12.81
C ASP I 27 40.79 2.22 -11.37
N ARG I 28 42.08 2.47 -11.16
CA ARG I 28 42.67 2.43 -9.85
C ARG I 28 42.86 3.83 -9.29
N SER I 29 42.77 3.94 -7.97
CA SER I 29 42.96 5.20 -7.27
C SER I 29 44.07 5.07 -6.26
N ILE I 30 44.86 6.13 -6.12
CA ILE I 30 45.90 6.22 -5.10
C ILE I 30 45.65 7.46 -4.26
N LYS I 31 46.00 7.39 -2.97
CA LYS I 31 45.72 8.48 -2.06
C LYS I 31 46.87 9.46 -1.90
N ASN I 32 48.05 9.16 -2.43
CA ASN I 32 49.20 10.01 -2.25
C ASN I 32 50.08 9.96 -3.50
N LYS I 33 50.64 11.11 -3.88
CA LYS I 33 51.46 11.18 -5.09
C LYS I 33 52.69 10.28 -4.98
N LYS I 34 53.21 10.09 -3.77
CA LYS I 34 54.39 9.28 -3.57
C LYS I 34 54.14 7.80 -3.80
N MET I 35 52.88 7.39 -3.85
CA MET I 35 52.54 6.02 -4.24
C MET I 35 52.91 5.74 -5.69
N ASN I 36 53.05 6.79 -6.50
CA ASN I 36 53.33 6.66 -7.93
C ASN I 36 54.84 6.50 -8.13
N THR I 37 55.34 5.35 -7.68
CA THR I 37 56.77 5.09 -7.67
C THR I 37 57.29 4.82 -9.07
N ALA I 38 58.59 5.03 -9.24
CA ALA I 38 59.27 4.83 -10.51
C ALA I 38 59.81 3.41 -10.67
N LYS I 39 59.18 2.44 -10.02
CA LYS I 39 59.57 1.04 -10.12
C LYS I 39 58.32 0.20 -10.35
N VAL I 40 58.54 -1.03 -10.81
CA VAL I 40 57.45 -1.98 -10.96
C VAL I 40 56.98 -2.44 -9.58
N GLU I 41 55.70 -2.28 -9.31
CA GLU I 41 55.10 -2.76 -8.06
C GLU I 41 54.50 -4.13 -8.29
N LEU I 42 54.98 -5.13 -7.55
CA LEU I 42 54.41 -6.46 -7.64
C LEU I 42 53.87 -6.98 -6.32
N ASP I 43 54.66 -6.93 -5.24
CA ASP I 43 54.30 -7.66 -4.03
C ASP I 43 53.19 -6.97 -3.26
N ASN I 44 53.11 -5.64 -3.36
CA ASN I 44 52.11 -4.88 -2.64
C ASN I 44 51.21 -4.15 -3.65
N GLU I 45 50.15 -3.56 -3.13
CA GLU I 45 49.30 -2.70 -3.93
C GLU I 45 49.00 -1.40 -3.19
N PTR I 46 49.41 -0.30 -3.78
CA PTR I 46 49.06 1.01 -3.27
C PTR I 46 47.65 1.36 -3.72
O PTR I 46 46.88 1.99 -3.01
CB PTR I 46 50.03 2.08 -3.75
CG PTR I 46 51.47 1.81 -3.40
CD1 PTR I 46 51.89 1.75 -2.09
CD2 PTR I 46 52.41 1.63 -4.40
CE1 PTR I 46 53.21 1.51 -1.77
CE2 PTR I 46 53.73 1.39 -4.09
CZ PTR I 46 54.13 1.33 -2.78
OH PTR I 46 55.38 1.08 -2.52
P PTR I 46 56.28 1.88 -1.45
O1P PTR I 46 57.67 1.44 -1.63
O2P PTR I 46 55.82 1.53 -0.02
O3P PTR I 46 56.23 3.40 -1.70
N GLY I 47 47.33 0.93 -4.93
CA GLY I 47 46.09 1.29 -5.56
C GLY I 47 44.84 0.69 -4.95
N LYS I 48 43.72 1.33 -5.25
CA LYS I 48 42.41 0.87 -4.84
C LYS I 48 41.58 0.69 -6.10
N SER I 49 41.10 -0.51 -6.35
CA SER I 49 40.34 -0.82 -7.55
C SER I 49 39.20 -1.76 -7.22
N ASP I 50 38.14 -1.70 -8.02
CA ASP I 50 36.96 -2.50 -7.78
C ASP I 50 36.63 -3.48 -8.91
N SER I 51 37.48 -3.58 -9.94
CA SER I 51 37.14 -4.35 -11.12
C SER I 51 38.01 -5.58 -11.31
N PHE I 52 39.32 -5.42 -11.42
CA PHE I 52 40.18 -6.50 -11.87
C PHE I 52 41.29 -6.75 -10.85
N TYR I 53 41.64 -8.03 -10.68
CA TYR I 53 42.66 -8.42 -9.73
C TYR I 53 44.03 -7.97 -10.21
N PHE I 54 44.69 -7.11 -9.43
CA PHE I 54 45.97 -6.54 -9.85
C PHE I 54 47.07 -7.59 -9.89
N LYS I 55 47.05 -8.57 -8.98
CA LYS I 55 48.16 -9.52 -9.00
C LYS I 55 48.17 -10.39 -10.25
N VAL I 56 47.12 -10.38 -11.06
CA VAL I 56 47.09 -11.07 -12.34
C VAL I 56 47.08 -10.07 -13.50
N PHE I 57 46.20 -9.08 -13.43
CA PHE I 57 46.00 -8.10 -14.51
C PHE I 57 46.39 -6.73 -14.00
N ASN I 58 47.42 -6.15 -14.60
CA ASN I 58 47.85 -4.81 -14.20
C ASN I 58 48.70 -4.22 -15.33
N MET I 59 49.01 -2.94 -15.19
CA MET I 59 49.74 -2.19 -16.20
C MET I 59 51.14 -1.80 -15.74
N GLU I 60 51.66 -2.46 -14.71
CA GLU I 60 52.94 -2.06 -14.14
C GLU I 60 54.09 -2.25 -15.12
N SER I 61 54.12 -3.38 -15.83
CA SER I 61 55.17 -3.59 -16.83
C SER I 61 55.07 -2.60 -17.98
N PHE I 62 53.84 -2.34 -18.45
CA PHE I 62 53.65 -1.33 -19.49
C PHE I 62 54.07 0.05 -19.01
N ALA I 63 53.72 0.42 -17.79
CA ALA I 63 54.08 1.73 -17.26
C ALA I 63 55.60 1.85 -17.11
N ASP I 64 56.26 0.78 -16.68
CA ASP I 64 57.72 0.78 -16.64
C ASP I 64 58.31 0.94 -18.02
N TYR I 65 57.73 0.30 -19.02
CA TYR I 65 58.17 0.49 -20.40
C TYR I 65 58.03 1.94 -20.84
N LEU I 66 56.88 2.55 -20.54
CA LEU I 66 56.62 3.93 -20.94
C LEU I 66 57.58 4.90 -20.25
N ARG I 67 57.96 4.59 -19.02
CA ARG I 67 58.81 5.46 -18.23
C ARG I 67 60.17 5.71 -18.85
N SER I 68 60.64 4.83 -19.73
CA SER I 68 61.96 4.97 -20.33
C SER I 68 61.93 5.12 -21.84
N HIS I 69 60.91 4.58 -22.51
CA HIS I 69 60.80 4.64 -23.96
C HIS I 69 59.53 5.40 -24.35
N ASP I 70 59.60 6.10 -25.47
CA ASP I 70 58.53 6.98 -25.93
C ASP I 70 57.81 6.32 -27.10
N LEU I 71 56.50 6.12 -26.94
CA LEU I 71 55.68 5.56 -28.00
C LEU I 71 54.86 6.61 -28.74
N LYS I 72 55.27 7.87 -28.70
CA LYS I 72 54.64 8.89 -29.52
C LYS I 72 54.67 8.55 -31.00
N THR I 73 55.76 7.96 -31.47
CA THR I 73 55.95 7.71 -32.90
C THR I 73 54.88 6.80 -33.49
N HIS I 74 54.31 5.90 -32.68
CA HIS I 74 53.28 4.99 -33.17
C HIS I 74 51.96 5.69 -33.40
N PHE I 75 51.81 6.93 -32.92
CA PHE I 75 50.54 7.63 -32.75
C PHE I 75 50.58 8.98 -33.45
N ASN I 76 51.05 8.97 -34.69
CA ASN I 76 51.07 10.17 -35.51
C ASN I 76 50.21 10.06 -36.76
N GLY I 77 49.84 8.86 -37.18
CA GLY I 77 48.92 8.68 -38.29
C GLY I 77 47.59 9.35 -38.06
N LYS I 78 47.09 10.06 -39.07
CA LYS I 78 45.91 10.90 -38.88
C LYS I 78 44.68 10.09 -38.51
N LYS I 79 44.37 9.06 -39.28
CA LYS I 79 43.20 8.24 -39.04
C LYS I 79 43.51 7.22 -37.95
N PRO I 80 42.84 7.26 -36.80
CA PRO I 80 43.12 6.27 -35.76
C PRO I 80 42.63 4.90 -36.17
N LEU I 81 43.44 3.89 -35.87
CA LEU I 81 43.10 2.52 -36.21
C LEU I 81 41.92 2.03 -35.38
N SER I 82 40.99 1.36 -36.03
CA SER I 82 39.83 0.81 -35.35
C SER I 82 40.14 -0.56 -34.76
N THR I 83 39.72 -0.77 -33.52
CA THR I 83 39.99 -2.02 -32.81
C THR I 83 38.75 -2.46 -32.02
N ASP I 84 38.73 -3.72 -31.68
CA ASP I 84 37.66 -4.28 -30.85
C ASP I 84 38.11 -4.32 -29.40
N PRO I 85 37.26 -3.90 -28.46
CA PRO I 85 37.60 -4.00 -27.05
C PRO I 85 37.23 -5.36 -26.47
N VAL I 86 37.67 -5.58 -25.24
CA VAL I 86 37.23 -6.74 -24.47
C VAL I 86 35.86 -6.41 -23.87
N TYR I 87 34.84 -7.13 -24.29
CA TYR I 87 33.51 -6.99 -23.71
C TYR I 87 33.47 -7.78 -22.41
N PHE I 88 33.08 -7.13 -21.32
CA PHE I 88 33.13 -7.77 -20.01
C PHE I 88 31.90 -7.31 -19.24
N ASN I 89 30.89 -8.18 -19.17
CA ASN I 89 29.60 -7.84 -18.59
C ASN I 89 29.61 -8.16 -17.09
N ILE I 90 29.13 -7.23 -16.29
CA ILE I 90 29.14 -7.37 -14.83
C ILE I 90 27.74 -7.16 -14.31
N PRO I 91 27.43 -7.68 -13.11
CA PRO I 91 26.12 -7.43 -12.51
C PRO I 91 25.93 -5.95 -12.17
N LYS I 92 24.74 -5.44 -12.48
CA LYS I 92 24.33 -4.13 -11.98
C LYS I 92 23.71 -4.27 -10.60
N ASN I 93 22.97 -5.34 -10.39
CA ASN I 93 22.40 -5.75 -9.11
C ASN I 93 22.15 -7.25 -9.22
N ILE I 94 21.32 -7.79 -8.32
CA ILE I 94 21.04 -9.23 -8.37
C ILE I 94 20.24 -9.60 -9.61
N GLU I 95 19.64 -8.63 -10.30
CA GLU I 95 18.87 -8.89 -11.51
C GLU I 95 19.52 -8.37 -12.79
N ALA I 96 19.88 -7.09 -12.82
CA ALA I 96 20.28 -6.40 -14.04
C ALA I 96 21.78 -6.56 -14.32
N ARG I 97 22.16 -6.18 -15.54
CA ARG I 97 23.53 -6.28 -16.01
C ARG I 97 24.08 -4.93 -16.44
N ARG I 98 25.41 -4.85 -16.49
CA ARG I 98 26.10 -3.64 -16.93
C ARG I 98 27.31 -4.05 -17.75
N GLN I 99 27.50 -3.40 -18.89
CA GLN I 99 28.51 -3.77 -19.86
C GLN I 99 29.74 -2.88 -19.71
N TYR I 100 30.89 -3.50 -19.50
CA TYR I 100 32.18 -2.84 -19.63
C TYR I 100 32.77 -3.17 -21.00
N LYS I 101 33.64 -2.28 -21.46
CA LYS I 101 34.36 -2.46 -22.72
C LYS I 101 35.79 -2.00 -22.47
N MET I 102 36.69 -2.94 -22.29
CA MET I 102 38.08 -2.62 -22.01
C MET I 102 38.79 -2.45 -23.34
N PRO I 103 39.18 -1.24 -23.72
CA PRO I 103 39.71 -1.02 -25.07
C PRO I 103 41.05 -1.72 -25.30
N ASN I 104 41.25 -2.11 -26.55
CA ASN I 104 42.59 -2.42 -27.05
C ASN I 104 43.60 -1.41 -26.52
N LEU I 105 44.71 -1.93 -26.00
CA LEU I 105 45.72 -1.06 -25.39
C LEU I 105 46.23 -0.01 -26.37
N TYR I 106 46.32 -0.36 -27.65
CA TYR I 106 46.75 0.59 -28.68
C TYR I 106 45.78 1.77 -28.78
N SER I 107 44.48 1.48 -28.87
CA SER I 107 43.47 2.53 -28.96
C SER I 107 43.41 3.33 -27.66
N TYR I 108 43.50 2.65 -26.52
CA TYR I 108 43.60 3.34 -25.25
C TYR I 108 44.72 4.35 -25.26
N MET I 109 45.91 3.95 -25.72
CA MET I 109 47.05 4.84 -25.67
C MET I 109 46.91 6.00 -26.66
N ALA I 110 46.29 5.75 -27.82
CA ALA I 110 46.00 6.85 -28.74
C ALA I 110 45.11 7.90 -28.07
N LEU I 111 43.99 7.46 -27.49
CA LEU I 111 43.12 8.38 -26.74
C LEU I 111 43.87 9.04 -25.59
N ASN I 112 44.73 8.28 -24.92
CA ASN I 112 45.46 8.75 -23.75
C ASN I 112 46.36 9.92 -24.11
N TYR I 113 47.19 9.75 -25.15
CA TYR I 113 48.06 10.85 -25.54
C TYR I 113 47.27 12.02 -26.10
N TYR I 114 46.17 11.77 -26.80
CA TYR I 114 45.41 12.91 -27.30
C TYR I 114 44.85 13.74 -26.14
N ILE I 115 44.35 13.05 -25.10
CA ILE I 115 43.74 13.74 -23.98
C ILE I 115 44.80 14.49 -23.17
N CYS I 116 45.97 13.87 -22.96
CA CYS I 116 47.02 14.59 -22.23
C CYS I 116 47.62 15.72 -23.07
N ASP I 117 47.55 15.62 -24.40
CA ASP I 117 48.01 16.73 -25.24
C ASP I 117 47.05 17.90 -25.21
N ASN I 118 45.77 17.64 -24.97
CA ASN I 118 44.74 18.67 -24.90
C ASN I 118 44.19 18.82 -23.49
N LYS I 119 45.03 18.54 -22.48
CA LYS I 119 44.58 18.53 -21.09
C LYS I 119 43.95 19.85 -20.65
N LYS I 120 44.36 20.97 -21.25
CA LYS I 120 43.80 22.25 -20.83
C LYS I 120 42.31 22.37 -21.18
N GLU I 121 41.89 21.76 -22.31
CA GLU I 121 40.48 21.64 -22.62
C GLU I 121 39.68 21.07 -21.46
N PHE I 122 40.27 20.13 -20.73
CA PHE I 122 39.60 19.48 -19.62
C PHE I 122 39.75 20.28 -18.34
N ILE I 123 40.97 20.78 -18.08
CA ILE I 123 41.30 21.36 -16.80
C ILE I 123 40.63 22.71 -16.60
N GLU I 124 40.55 23.54 -17.65
CA GLU I 124 39.85 24.82 -17.48
C GLU I 124 38.40 24.60 -17.07
N VAL I 125 37.71 23.66 -17.71
CA VAL I 125 36.32 23.40 -17.37
C VAL I 125 36.19 22.78 -15.99
N PHE I 126 37.04 21.80 -15.66
CA PHE I 126 36.94 21.15 -14.36
C PHE I 126 37.19 22.14 -13.23
N ILE I 127 38.19 23.01 -13.39
CA ILE I 127 38.53 23.95 -12.34
C ILE I 127 37.48 25.05 -12.24
N ASP I 128 36.89 25.45 -13.35
CA ASP I 128 35.80 26.43 -13.31
C ASP I 128 34.49 25.84 -12.81
N ASN I 129 34.35 24.52 -12.78
CA ASN I 129 33.10 23.87 -12.40
C ASN I 129 32.87 23.94 -10.89
N LYS I 130 31.61 24.11 -10.49
CA LYS I 130 31.25 24.16 -9.08
C LYS I 130 30.27 23.09 -8.62
N PHE I 131 29.56 22.43 -9.53
CA PHE I 131 28.49 21.52 -9.13
C PHE I 131 28.91 20.07 -9.04
N SER I 132 30.03 19.69 -9.65
CA SER I 132 30.42 18.28 -9.75
C SER I 132 31.20 17.85 -8.52
N THR I 133 30.73 16.78 -7.89
CA THR I 133 31.51 16.05 -6.91
C THR I 133 32.16 14.82 -7.50
N SER I 134 32.02 14.61 -8.82
CA SER I 134 32.60 13.48 -9.52
C SER I 134 33.85 13.84 -10.30
N LYS I 135 34.23 15.12 -10.35
CA LYS I 135 35.35 15.57 -11.16
C LYS I 135 36.70 15.40 -10.48
N PHE I 136 36.74 14.65 -9.38
CA PHE I 136 37.99 14.26 -8.72
C PHE I 136 38.35 12.81 -8.93
N PHE I 137 37.41 11.99 -9.40
CA PHE I 137 37.62 10.59 -9.73
C PHE I 137 38.26 9.80 -8.60
N ASN I 138 37.86 10.11 -7.36
CA ASN I 138 38.29 9.39 -6.15
C ASN I 138 39.81 9.36 -6.01
N GLN I 139 40.46 10.39 -6.60
CA GLN I 139 41.94 10.35 -6.61
C GLN I 139 42.54 11.15 -5.45
N LEU I 140 43.76 10.82 -5.07
CA LEU I 140 44.48 11.55 -3.99
C LEU I 140 43.66 11.68 -2.71
N ASN I 141 43.37 12.90 -2.28
CA ASN I 141 42.74 13.16 -1.01
C ASN I 141 41.30 13.60 -1.16
N PHE I 142 40.75 13.50 -2.37
CA PHE I 142 39.36 13.91 -2.62
C PHE I 142 38.46 12.68 -2.52
N ASP I 143 38.39 12.17 -1.30
CA ASP I 143 37.67 10.95 -0.99
C ASP I 143 36.22 11.28 -0.62
N TYR I 144 35.50 10.28 -0.12
CA TYR I 144 34.05 10.38 0.01
C TYR I 144 33.60 11.47 0.97
N PRO I 145 34.13 11.58 2.20
CA PRO I 145 33.68 12.69 3.07
C PRO I 145 33.91 14.08 2.50
N LYS I 146 35.00 14.31 1.78
CA LYS I 146 35.21 15.62 1.18
C LYS I 146 34.18 15.94 0.10
N THR I 147 33.85 14.96 -0.74
CA THR I 147 32.83 15.18 -1.75
C THR I 147 31.46 15.41 -1.11
N GLN I 148 31.18 14.70 -0.01
CA GLN I 148 29.92 14.95 0.70
C GLN I 148 29.92 16.34 1.32
N GLU I 149 31.08 16.82 1.77
CA GLU I 149 31.18 18.18 2.26
C GLU I 149 30.81 19.19 1.18
N ILE I 150 31.34 18.99 -0.02
CA ILE I 150 31.02 19.86 -1.15
C ILE I 150 29.53 19.82 -1.46
N THR I 151 28.97 18.60 -1.49
CA THR I 151 27.55 18.46 -1.77
C THR I 151 26.70 19.19 -0.72
N GLN I 152 27.06 19.03 0.55
CA GLN I 152 26.33 19.71 1.62
C GLN I 152 26.36 21.22 1.42
N THR I 153 27.52 21.77 1.08
CA THR I 153 27.60 23.20 0.82
C THR I 153 26.69 23.60 -0.34
N LEU I 154 26.66 22.78 -1.40
CA LEU I 154 25.85 23.10 -2.56
C LEU I 154 24.35 23.03 -2.27
N LEU I 155 23.94 22.24 -1.29
CA LEU I 155 22.52 22.07 -1.00
C LEU I 155 21.98 23.09 0.01
N TYR I 156 22.74 24.14 0.32
CA TYR I 156 22.29 25.13 1.29
C TYR I 156 21.07 25.91 0.78
N GLY I 157 20.25 26.34 1.73
CA GLY I 157 19.12 27.21 1.44
C GLY I 157 17.87 26.50 0.98
N GLY I 158 17.91 25.19 0.79
CA GLY I 158 16.81 24.47 0.18
C GLY I 158 16.00 23.70 1.21
N ILE I 159 14.68 23.89 1.14
CA ILE I 159 13.78 23.13 1.99
C ILE I 159 13.36 21.82 1.35
N LYS I 160 13.63 21.64 0.07
CA LYS I 160 13.28 20.42 -0.66
C LYS I 160 14.44 20.06 -1.56
N LYS I 161 14.58 18.77 -1.83
CA LYS I 161 15.57 18.27 -2.77
C LYS I 161 14.87 17.51 -3.88
N LEU I 162 15.21 17.83 -5.11
CA LEU I 162 14.77 17.06 -6.25
C LEU I 162 15.91 16.18 -6.74
N HIS I 163 15.64 14.89 -6.85
CA HIS I 163 16.61 13.92 -7.34
C HIS I 163 16.27 13.53 -8.76
N LEU I 164 17.23 13.68 -9.66
CA LEU I 164 17.08 13.25 -11.05
C LEU I 164 18.26 12.36 -11.45
N ASP I 165 17.96 11.36 -12.26
CA ASP I 165 18.96 10.47 -12.83
C ASP I 165 18.76 10.36 -14.33
N LEU I 166 19.86 10.13 -15.04
CA LEU I 166 19.81 9.81 -16.45
C LEU I 166 19.84 8.30 -16.59
N SER I 167 18.97 7.77 -17.45
CA SER I 167 18.87 6.33 -17.60
C SER I 167 19.90 5.82 -18.60
N ASN I 168 20.65 4.79 -18.21
CA ASN I 168 21.60 4.12 -19.08
C ASN I 168 22.57 5.10 -19.73
N PHE I 169 23.11 6.00 -18.89
CA PHE I 169 23.80 7.17 -19.40
C PHE I 169 25.06 6.80 -20.18
N TYR I 170 25.95 6.02 -19.58
CA TYR I 170 27.20 5.67 -20.23
C TYR I 170 26.97 4.79 -21.45
N HIS I 171 26.01 3.89 -21.37
CA HIS I 171 25.86 2.79 -22.32
C HIS I 171 25.00 3.15 -23.53
N THR I 172 24.25 4.24 -23.48
CA THR I 172 23.47 4.69 -24.62
C THR I 172 23.86 6.08 -25.09
N LEU I 173 24.91 6.66 -24.53
CA LEU I 173 25.34 8.00 -24.91
C LEU I 173 25.71 8.03 -26.38
N TYR I 174 25.03 8.88 -27.14
CA TYR I 174 25.37 9.08 -28.54
C TYR I 174 26.68 9.87 -28.63
N THR I 175 27.71 9.24 -29.21
CA THR I 175 29.05 9.81 -29.16
C THR I 175 29.17 11.07 -30.02
N HIS I 176 28.36 11.19 -31.08
CA HIS I 176 28.37 12.44 -31.84
C HIS I 176 27.68 13.58 -31.12
N SER I 177 27.00 13.31 -30.01
CA SER I 177 26.48 14.39 -29.18
C SER I 177 27.55 15.00 -28.28
N ILE I 178 28.73 14.39 -28.19
CA ILE I 178 29.82 15.00 -27.43
C ILE I 178 30.25 16.33 -28.03
N PRO I 179 30.51 16.46 -29.33
CA PRO I 179 30.79 17.80 -29.88
C PRO I 179 29.61 18.76 -29.75
N TRP I 180 28.37 18.28 -29.72
CA TRP I 180 27.24 19.16 -29.45
C TRP I 180 27.35 19.77 -28.07
N MET I 181 27.61 18.93 -27.06
CA MET I 181 27.70 19.43 -25.69
C MET I 181 28.89 20.37 -25.53
N ILE I 182 30.03 20.02 -26.12
CA ILE I 182 31.23 20.84 -25.98
C ILE I 182 31.12 22.15 -26.76
N ASP I 183 30.64 22.09 -28.00
CA ASP I 183 30.72 23.24 -28.90
C ASP I 183 29.38 23.86 -29.27
N GLY I 184 28.26 23.23 -28.95
CA GLY I 184 26.96 23.68 -29.44
C GLY I 184 26.47 22.79 -30.55
N LYS I 185 25.21 22.37 -30.48
CA LYS I 185 24.70 21.41 -31.46
C LYS I 185 24.64 22.02 -32.86
N SER I 186 24.30 23.30 -32.97
CA SER I 186 24.18 23.98 -34.25
C SER I 186 25.54 24.29 -34.88
N ALA I 187 26.63 23.87 -34.25
CA ALA I 187 27.96 23.98 -34.83
C ALA I 187 28.52 22.63 -35.25
N SER I 188 27.77 21.54 -35.01
CA SER I 188 28.16 20.24 -35.55
C SER I 188 28.16 20.27 -37.07
N LYS I 189 27.16 20.90 -37.66
CA LYS I 189 27.10 21.12 -39.09
C LYS I 189 28.11 22.20 -39.46
N GLN I 190 29.00 21.89 -40.39
CA GLN I 190 30.15 22.75 -40.71
C GLN I 190 29.76 24.21 -40.95
N LYS I 193 34.69 19.27 -38.93
CA LYS I 193 35.60 18.45 -38.13
C LYS I 193 36.93 19.17 -37.92
N LYS I 194 37.98 18.38 -37.68
CA LYS I 194 39.35 18.82 -37.43
C LYS I 194 39.50 19.53 -36.09
N GLY I 195 38.43 19.74 -35.34
CA GLY I 195 38.51 20.35 -34.04
C GLY I 195 38.83 19.35 -32.94
N PHE I 196 38.93 19.88 -31.72
CA PHE I 196 39.31 19.03 -30.59
C PHE I 196 38.23 18.01 -30.27
N SER I 197 36.98 18.45 -30.17
CA SER I 197 35.91 17.56 -29.74
C SER I 197 35.58 16.51 -30.80
N ASN I 198 35.66 16.89 -32.07
CA ASN I 198 35.43 15.92 -33.15
C ASN I 198 36.49 14.83 -33.17
N THR I 199 37.76 15.21 -33.01
CA THR I 199 38.82 14.23 -32.94
C THR I 199 38.68 13.34 -31.70
N LEU I 200 38.25 13.92 -30.59
CA LEU I 200 38.01 13.14 -29.38
C LEU I 200 36.94 12.09 -29.62
N ASP I 201 35.83 12.49 -30.26
CA ASP I 201 34.79 11.55 -30.61
C ASP I 201 35.31 10.44 -31.52
N THR I 202 36.15 10.81 -32.49
CA THR I 202 36.70 9.82 -33.41
C THR I 202 37.57 8.80 -32.69
N LEU I 203 38.41 9.26 -31.76
CA LEU I 203 39.23 8.31 -31.01
C LEU I 203 38.40 7.43 -30.08
N ILE I 204 37.33 7.96 -29.49
CA ILE I 204 36.44 7.11 -28.68
C ILE I 204 35.84 6.01 -29.53
N THR I 205 35.29 6.37 -30.70
CA THR I 205 34.69 5.35 -31.55
C THR I 205 35.74 4.37 -32.05
N ALA I 206 36.97 4.81 -32.27
CA ALA I 206 38.05 3.89 -32.59
C ALA I 206 38.30 2.91 -31.47
N CYS I 207 38.12 3.35 -30.21
CA CYS I 207 38.25 2.43 -29.09
C CYS I 207 37.14 1.38 -29.08
N GLN I 208 35.98 1.66 -29.67
CA GLN I 208 34.91 0.67 -29.69
C GLN I 208 34.51 0.27 -31.11
N TYR I 209 35.49 0.25 -32.03
CA TYR I 209 35.32 -0.31 -33.38
C TYR I 209 34.33 0.52 -34.22
N ASP I 210 34.50 1.85 -34.18
CA ASP I 210 33.64 2.81 -34.89
C ASP I 210 32.16 2.62 -34.53
N GLU I 211 31.89 2.27 -33.29
CA GLU I 211 30.53 2.16 -32.81
C GLU I 211 30.20 3.47 -32.11
N THR I 212 29.08 4.08 -32.48
CA THR I 212 28.71 5.38 -31.95
C THR I 212 27.72 5.28 -30.81
N HIS I 213 27.34 4.07 -30.43
CA HIS I 213 26.34 3.84 -29.39
C HIS I 213 27.06 3.59 -28.08
N GLY I 214 27.05 4.58 -27.19
CA GLY I 214 27.65 4.44 -25.88
C GLY I 214 29.13 4.76 -25.85
N ILE I 215 29.65 4.79 -24.63
CA ILE I 215 31.04 5.14 -24.32
C ILE I 215 31.73 3.88 -23.77
N PRO I 216 32.99 3.60 -24.10
CA PRO I 216 33.63 2.38 -23.57
C PRO I 216 33.89 2.49 -22.07
N THR I 217 33.07 1.79 -21.29
CA THR I 217 32.99 1.98 -19.85
C THR I 217 33.95 1.03 -19.12
N GLY I 218 34.52 1.54 -18.02
CA GLY I 218 35.33 0.71 -17.15
C GLY I 218 36.75 1.21 -16.95
N ASN I 219 37.05 2.40 -17.46
CA ASN I 219 38.39 2.95 -17.39
C ASN I 219 38.30 4.45 -17.10
N LEU I 220 39.45 5.02 -16.74
CA LEU I 220 39.46 6.41 -16.26
C LEU I 220 39.33 7.42 -17.39
N LEU I 221 39.82 7.13 -18.59
CA LEU I 221 39.64 8.07 -19.70
C LEU I 221 38.16 8.24 -20.03
N SER I 222 37.38 7.16 -19.98
CA SER I 222 35.95 7.30 -20.20
C SER I 222 35.31 8.18 -19.13
N ARG I 223 35.73 8.02 -17.87
CA ARG I 223 35.22 8.85 -16.79
C ARG I 223 35.58 10.32 -17.01
N ILE I 224 36.79 10.60 -17.49
CA ILE I 224 37.20 11.98 -17.75
C ILE I 224 36.38 12.59 -18.89
N ILE I 225 36.18 11.83 -19.98
CA ILE I 225 35.38 12.35 -21.09
C ILE I 225 33.94 12.59 -20.67
N THR I 226 33.36 11.64 -19.93
CA THR I 226 32.00 11.80 -19.44
C THR I 226 31.89 12.99 -18.50
N GLU I 227 32.93 13.22 -17.69
CA GLU I 227 32.93 14.37 -16.80
C GLU I 227 33.02 15.69 -17.57
N LEU I 228 33.79 15.72 -18.65
CA LEU I 228 33.80 16.91 -19.51
C LEU I 228 32.41 17.18 -20.09
N TYR I 229 31.80 16.14 -20.66
CA TYR I 229 30.44 16.24 -21.18
C TYR I 229 29.49 16.81 -20.13
N MET I 230 29.54 16.25 -18.92
CA MET I 230 28.59 16.64 -17.89
C MET I 230 28.92 18.03 -17.32
N CYS I 231 30.19 18.42 -17.28
CA CYS I 231 30.52 19.77 -16.83
C CYS I 231 30.11 20.82 -17.85
N HIS I 232 30.02 20.46 -19.13
CA HIS I 232 29.45 21.39 -20.08
C HIS I 232 27.93 21.46 -19.95
N PHE I 233 27.30 20.34 -19.65
CA PHE I 233 25.89 20.38 -19.24
C PHE I 233 25.70 21.31 -18.04
N ASP I 234 26.60 21.20 -17.04
CA ASP I 234 26.56 22.08 -15.87
C ASP I 234 26.77 23.53 -16.24
N LYS I 235 27.66 23.81 -17.21
CA LYS I 235 27.84 25.20 -17.63
C LYS I 235 26.56 25.76 -18.23
N GLN I 236 25.86 24.96 -19.04
CA GLN I 236 24.57 25.41 -19.56
C GLN I 236 23.57 25.69 -18.44
N MET I 237 23.50 24.80 -17.44
CA MET I 237 22.55 25.03 -16.36
C MET I 237 22.95 26.19 -15.45
N GLU I 238 24.25 26.45 -15.31
CA GLU I 238 24.71 27.55 -14.47
C GLU I 238 24.48 28.89 -15.14
N TYR I 239 24.63 28.96 -16.47
CA TYR I 239 24.32 30.20 -17.16
C TYR I 239 22.86 30.57 -17.02
N LYS I 240 21.98 29.60 -16.78
CA LYS I 240 20.59 29.86 -16.47
C LYS I 240 20.35 30.05 -14.97
N LYS I 241 21.45 30.18 -14.20
CA LYS I 241 21.41 30.56 -12.78
C LYS I 241 20.72 29.50 -11.93
N PHE I 242 21.17 28.26 -12.05
CA PHE I 242 20.71 27.22 -11.14
C PHE I 242 21.88 26.64 -10.36
N VAL I 243 21.57 26.13 -9.17
CA VAL I 243 22.54 25.56 -8.28
C VAL I 243 22.09 24.15 -7.94
N TYR I 244 22.99 23.19 -8.08
CA TYR I 244 22.70 21.80 -7.73
C TYR I 244 24.01 21.06 -7.50
N SER I 245 23.98 19.92 -6.97
CA SER I 245 25.00 18.91 -6.83
C SER I 245 24.85 17.82 -7.89
N ARG I 246 25.84 17.47 -8.59
CA ARG I 246 25.93 16.34 -9.46
C ARG I 246 27.06 15.37 -9.17
N TYR I 247 26.71 14.14 -8.95
CA TYR I 247 27.67 13.04 -9.01
C TYR I 247 27.44 12.25 -10.34
N VAL I 248 28.22 12.54 -11.40
CA VAL I 248 28.11 11.83 -12.71
C VAL I 248 26.75 12.15 -13.36
N ASP I 249 25.67 11.51 -12.88
CA ASP I 249 24.33 11.73 -13.49
C ASP I 249 23.29 11.85 -12.38
N ASP I 250 23.74 11.81 -11.11
CA ASP I 250 22.81 11.96 -9.96
C ASP I 250 22.66 13.44 -9.63
N PHE I 251 21.54 14.05 -10.02
CA PHE I 251 21.34 15.51 -9.80
C PHE I 251 20.56 15.75 -8.51
N ILE I 252 21.13 16.53 -7.59
CA ILE I 252 20.42 16.88 -6.33
C ILE I 252 20.06 18.37 -6.39
N PHE I 253 18.81 18.70 -6.74
CA PHE I 253 18.41 20.12 -6.92
C PHE I 253 17.83 20.69 -5.62
N PRO I 254 18.49 21.63 -4.89
CA PRO I 254 17.87 22.25 -3.71
C PRO I 254 16.90 23.36 -4.08
N PHE I 255 15.73 23.40 -3.45
CA PHE I 255 14.74 24.39 -3.84
C PHE I 255 13.75 24.55 -2.70
N THR I 256 12.99 25.64 -2.76
CA THR I 256 12.02 25.95 -1.71
C THR I 256 10.60 26.07 -2.25
N PHE I 257 10.43 26.78 -3.37
CA PHE I 257 9.13 27.01 -3.97
C PHE I 257 9.01 26.17 -5.23
N GLU I 258 7.77 25.74 -5.51
CA GLU I 258 7.53 24.83 -6.63
C GLU I 258 7.83 25.49 -7.97
N ASN I 259 7.78 26.81 -8.07
CA ASN I 259 8.12 27.45 -9.34
C ASN I 259 9.59 27.24 -9.68
N GLU I 260 10.47 27.26 -8.67
CA GLU I 260 11.89 26.97 -8.90
C GLU I 260 12.06 25.57 -9.46
N LYS I 261 11.39 24.60 -8.82
CA LYS I 261 11.46 23.21 -9.26
C LYS I 261 10.96 23.05 -10.69
N GLN I 262 9.84 23.68 -11.01
CA GLN I 262 9.27 23.54 -12.35
C GLN I 262 10.16 24.18 -13.41
N GLU I 263 10.72 25.35 -13.11
CA GLU I 263 11.60 26.00 -14.08
C GLU I 263 12.88 25.18 -14.29
N PHE I 264 13.43 24.63 -13.20
CA PHE I 264 14.57 23.72 -13.32
C PHE I 264 14.23 22.50 -14.17
N LEU I 265 13.07 21.90 -13.93
CA LEU I 265 12.68 20.72 -14.67
C LEU I 265 12.53 21.03 -16.15
N ASN I 266 11.91 22.17 -16.48
CA ASN I 266 11.78 22.54 -17.89
C ASN I 266 13.15 22.74 -18.55
N GLU I 267 14.06 23.45 -17.88
CA GLU I 267 15.38 23.67 -18.48
C GLU I 267 16.14 22.35 -18.65
N PHE I 268 16.09 21.50 -17.63
CA PHE I 268 16.80 20.24 -17.65
C PHE I 268 16.24 19.33 -18.74
N ASN I 269 14.91 19.25 -18.85
CA ASN I 269 14.26 18.52 -19.93
C ASN I 269 14.70 19.05 -21.29
N LEU I 270 14.80 20.37 -21.42
CA LEU I 270 15.17 20.97 -22.70
C LEU I 270 16.58 20.55 -23.12
N ILE I 271 17.53 20.63 -22.20
CA ILE I 271 18.91 20.25 -22.54
C ILE I 271 19.00 18.75 -22.81
N CYS I 272 18.29 17.94 -22.03
CA CYS I 272 18.29 16.50 -22.26
C CYS I 272 17.72 16.17 -23.63
N ARG I 273 16.65 16.84 -24.04
CA ARG I 273 16.08 16.62 -25.36
C ARG I 273 17.02 17.07 -26.45
N GLU I 274 17.73 18.18 -26.23
CA GLU I 274 18.68 18.64 -27.24
C GLU I 274 19.82 17.65 -27.45
N ASN I 275 20.23 16.94 -26.39
CA ASN I 275 21.41 16.08 -26.50
C ASN I 275 21.09 14.59 -26.47
N ASN I 276 19.83 14.22 -26.74
CA ASN I 276 19.39 12.82 -26.74
C ASN I 276 19.71 12.13 -25.42
N LEU I 277 19.47 12.82 -24.32
CA LEU I 277 19.62 12.27 -22.98
C LEU I 277 18.23 11.96 -22.44
N ILE I 278 18.11 10.85 -21.72
CA ILE I 278 16.83 10.37 -21.24
C ILE I 278 16.86 10.30 -19.72
N ILE I 279 15.88 10.93 -19.08
CA ILE I 279 15.77 10.89 -17.63
C ILE I 279 15.17 9.55 -17.21
N ASN I 280 15.73 8.98 -16.15
CA ASN I 280 15.14 7.79 -15.53
C ASN I 280 14.02 8.25 -14.61
N ASP I 281 12.78 8.23 -15.13
CA ASP I 281 11.64 8.76 -14.40
C ASP I 281 11.32 7.98 -13.14
N ASN I 282 11.82 6.74 -13.02
CA ASN I 282 11.61 5.95 -11.82
C ASN I 282 12.32 6.55 -10.62
N LYS I 283 13.52 7.10 -10.83
CA LYS I 283 14.35 7.63 -9.77
C LYS I 283 14.03 9.08 -9.41
N THR I 284 13.06 9.70 -10.06
CA THR I 284 12.70 11.07 -9.76
C THR I 284 11.89 11.12 -8.46
N LYS I 285 12.34 11.94 -7.51
CA LYS I 285 11.68 12.03 -6.22
C LYS I 285 12.03 13.36 -5.58
N VAL I 286 11.07 13.92 -4.86
CA VAL I 286 11.28 15.09 -4.03
C VAL I 286 11.33 14.64 -2.58
N ASP I 287 12.37 15.08 -1.87
CA ASP I 287 12.50 14.84 -0.43
C ASP I 287 12.24 16.13 0.32
N ASN I 288 11.35 16.06 1.30
CA ASN I 288 11.00 17.20 2.12
C ASN I 288 11.78 17.16 3.43
N PHE I 289 12.19 18.32 3.91
CA PHE I 289 12.80 18.39 5.23
C PHE I 289 11.73 18.22 6.30
N PRO I 290 12.02 17.43 7.36
CA PRO I 290 13.31 16.81 7.68
C PRO I 290 13.75 15.72 6.69
N PHE I 291 14.99 15.81 6.24
CA PHE I 291 15.49 14.98 5.16
C PHE I 291 15.86 13.58 5.66
N VAL I 292 15.56 12.59 4.85
CA VAL I 292 15.97 11.22 5.13
C VAL I 292 17.42 11.05 4.71
N ASP I 293 18.19 10.34 5.53
CA ASP I 293 19.56 9.96 5.17
C ASP I 293 19.76 8.50 5.57
N LYS I 294 19.79 7.62 4.58
CA LYS I 294 19.91 6.19 4.83
C LYS I 294 21.35 5.68 4.76
N SER I 295 22.32 6.55 4.49
CA SER I 295 23.69 6.11 4.22
C SER I 295 24.65 6.45 5.35
N SER I 296 24.14 6.73 6.54
CA SER I 296 25.02 6.90 7.69
C SER I 296 25.78 5.61 7.97
N LYS I 297 27.10 5.73 8.03
CA LYS I 297 27.98 4.58 8.25
C LYS I 297 28.58 4.56 9.65
N SER I 298 28.05 5.37 10.57
CA SER I 298 28.66 5.52 11.89
C SER I 298 28.57 4.24 12.71
N ASP I 299 27.38 3.64 12.77
CA ASP I 299 27.23 2.37 13.47
C ASP I 299 28.11 1.29 12.85
N ILE I 300 28.24 1.29 11.52
CA ILE I 300 29.03 0.26 10.85
C ILE I 300 30.50 0.37 11.25
N PHE I 301 31.08 1.57 11.18
CA PHE I 301 32.52 1.60 11.48
C PHE I 301 32.77 1.56 12.97
N SER I 302 31.74 1.69 13.80
CA SER I 302 31.86 1.56 15.24
C SER I 302 31.26 0.26 15.77
N PHE I 303 31.20 -0.79 14.94
CA PHE I 303 30.69 -2.06 15.43
C PHE I 303 31.58 -2.64 16.53
N PHE I 304 32.90 -2.47 16.39
CA PHE I 304 33.92 -3.20 17.13
C PHE I 304 34.54 -2.41 18.27
N GLU I 305 33.83 -1.42 18.80
CA GLU I 305 34.43 -0.52 19.80
C GLU I 305 34.81 -1.27 21.06
N ASN I 306 33.96 -2.20 21.49
CA ASN I 306 34.06 -2.84 22.79
C ASN I 306 34.66 -4.23 22.75
N ILE I 307 35.39 -4.56 21.68
CA ILE I 307 36.17 -5.78 21.60
C ILE I 307 37.64 -5.39 21.63
N THR I 308 38.44 -6.21 22.29
CA THR I 308 39.87 -5.96 22.43
C THR I 308 40.64 -7.24 22.12
N SER I 309 41.95 -7.11 22.04
CA SER I 309 42.80 -8.29 21.86
C SER I 309 42.79 -9.19 23.08
N THR I 310 42.33 -8.69 24.23
CA THR I 310 42.14 -9.57 25.39
C THR I 310 40.90 -10.43 25.28
N ASN I 311 39.98 -10.09 24.38
CA ASN I 311 38.84 -10.95 24.13
C ASN I 311 39.29 -12.26 23.49
N SER I 312 38.55 -13.33 23.77
CA SER I 312 38.90 -14.63 23.25
C SER I 312 38.73 -14.68 21.73
N ASN I 313 39.42 -15.65 21.11
CA ASN I 313 39.30 -15.82 19.67
C ASN I 313 37.89 -16.19 19.27
N ASP I 314 37.18 -16.93 20.13
CA ASP I 314 35.80 -17.30 19.84
C ASP I 314 34.89 -16.08 19.78
N LYS I 315 35.09 -15.12 20.70
CA LYS I 315 34.30 -13.91 20.64
C LYS I 315 34.62 -13.09 19.40
N TRP I 316 35.89 -13.06 19.00
CA TRP I 316 36.24 -12.40 17.75
C TRP I 316 35.53 -13.04 16.57
N ILE I 317 35.50 -14.38 16.52
CA ILE I 317 34.85 -15.08 15.43
C ILE I 317 33.37 -14.72 15.38
N LYS I 318 32.69 -14.83 16.52
CA LYS I 318 31.26 -14.56 16.56
C LYS I 318 30.96 -13.10 16.27
N GLU I 319 31.81 -12.19 16.75
CA GLU I 319 31.63 -10.77 16.50
C GLU I 319 31.77 -10.45 15.02
N ILE I 320 32.75 -11.05 14.35
CA ILE I 320 32.92 -10.84 12.91
C ILE I 320 31.71 -11.39 12.14
N SER I 321 31.23 -12.57 12.54
CA SER I 321 30.05 -13.13 11.88
C SER I 321 28.83 -12.22 12.02
N ASN I 322 28.57 -11.76 13.24
CA ASN I 322 27.48 -10.81 13.46
C ASN I 322 27.69 -9.53 12.67
N PHE I 323 28.95 -9.11 12.52
CA PHE I 323 29.24 -7.92 11.75
C PHE I 323 28.81 -8.10 10.30
N ILE I 324 29.15 -9.25 9.71
CA ILE I 324 28.77 -9.50 8.32
C ILE I 324 27.26 -9.49 8.17
N ASP I 325 26.55 -10.16 9.08
CA ASP I 325 25.10 -10.15 9.00
C ASP I 325 24.54 -8.74 9.12
N TYR I 326 25.11 -7.95 10.03
CA TYR I 326 24.63 -6.60 10.26
C TYR I 326 24.82 -5.71 9.04
N CYS I 327 25.98 -5.79 8.38
CA CYS I 327 26.18 -4.96 7.19
C CYS I 327 25.34 -5.44 6.01
N VAL I 328 25.12 -6.75 5.88
CA VAL I 328 24.25 -7.22 4.81
C VAL I 328 22.83 -6.70 5.03
N ASN I 329 22.38 -6.70 6.28
CA ASN I 329 21.06 -6.14 6.58
C ASN I 329 21.02 -4.64 6.31
N GLU I 330 22.09 -3.93 6.66
CA GLU I 330 22.18 -2.50 6.38
C GLU I 330 22.05 -2.22 4.89
N GLU I 331 22.75 -3.00 4.06
CA GLU I 331 22.64 -2.83 2.61
C GLU I 331 21.24 -3.17 2.12
N HIS I 332 20.60 -4.19 2.70
CA HIS I 332 19.23 -4.48 2.33
C HIS I 332 18.31 -3.31 2.64
N LEU I 333 18.56 -2.61 3.74
CA LEU I 333 17.71 -1.49 4.14
C LEU I 333 17.97 -0.22 3.36
N GLY I 334 18.97 -0.21 2.48
CA GLY I 334 19.25 0.96 1.67
C GLY I 334 20.52 1.70 2.00
N ASN I 335 21.34 1.19 2.91
CA ASN I 335 22.64 1.78 3.24
C ASN I 335 23.63 1.40 2.15
N LYS I 336 23.82 2.31 1.20
CA LYS I 336 24.63 2.02 0.02
C LYS I 336 26.10 1.89 0.38
N GLY I 337 26.72 0.81 -0.07
CA GLY I 337 28.12 0.56 0.20
C GLY I 337 28.43 -0.11 1.52
N ALA I 338 27.41 -0.55 2.25
CA ALA I 338 27.64 -1.21 3.54
C ALA I 338 28.38 -2.52 3.38
N ILE I 339 28.02 -3.31 2.37
CA ILE I 339 28.70 -4.57 2.13
C ILE I 339 30.15 -4.34 1.74
N LYS I 340 30.40 -3.30 0.94
CA LYS I 340 31.78 -2.93 0.64
C LYS I 340 32.55 -2.63 1.92
N CYS I 341 31.89 -2.04 2.91
CA CYS I 341 32.56 -1.64 4.15
C CYS I 341 33.04 -2.82 4.97
N ILE I 342 32.47 -4.01 4.80
CA ILE I 342 32.79 -5.13 5.68
C ILE I 342 34.29 -5.40 5.70
N PHE I 343 34.90 -5.53 4.53
CA PHE I 343 36.30 -5.97 4.46
C PHE I 343 37.27 -4.93 4.98
N PRO I 344 37.23 -3.67 4.53
CA PRO I 344 38.18 -2.69 5.07
C PRO I 344 38.07 -2.50 6.56
N VAL I 345 36.86 -2.50 7.12
CA VAL I 345 36.78 -2.19 8.54
C VAL I 345 37.14 -3.40 9.38
N ILE I 346 36.90 -4.63 8.88
CA ILE I 346 37.41 -5.79 9.60
C ILE I 346 38.94 -5.75 9.63
N THR I 347 39.56 -5.45 8.48
CA THR I 347 41.02 -5.39 8.42
C THR I 347 41.57 -4.29 9.32
N ASN I 348 40.94 -3.12 9.32
CA ASN I 348 41.41 -2.02 10.14
C ASN I 348 41.16 -2.25 11.62
N THR I 349 40.07 -2.94 11.97
CA THR I 349 39.85 -3.32 13.36
C THR I 349 40.90 -4.31 13.83
N LEU I 350 41.23 -5.28 12.99
CA LEU I 350 42.26 -6.26 13.36
C LEU I 350 43.60 -5.58 13.55
N LYS I 351 43.92 -4.62 12.68
CA LYS I 351 45.16 -3.87 12.83
C LYS I 351 45.14 -2.97 14.06
N GLN I 352 44.02 -2.29 14.32
CA GLN I 352 43.97 -1.28 15.37
C GLN I 352 43.84 -1.91 16.75
N LYS I 353 43.04 -2.96 16.88
CA LYS I 353 42.98 -3.71 18.14
C LYS I 353 44.30 -4.38 18.43
N LYS I 354 45.19 -4.45 17.45
CA LYS I 354 46.55 -4.94 17.62
C LYS I 354 46.56 -6.41 18.00
N VAL I 355 45.77 -7.19 17.25
CA VAL I 355 45.67 -8.62 17.49
C VAL I 355 46.92 -9.30 16.93
N ASP I 356 47.45 -10.25 17.68
CA ASP I 356 48.71 -10.89 17.32
C ASP I 356 48.51 -11.83 16.12
N THR I 357 49.60 -12.10 15.42
CA THR I 357 49.54 -12.84 14.16
C THR I 357 48.98 -14.24 14.37
N LYS I 358 49.45 -14.93 15.41
CA LYS I 358 48.96 -16.25 15.74
C LYS I 358 47.51 -16.23 16.21
N ASN I 359 47.07 -15.15 16.85
CA ASN I 359 45.65 -15.02 17.16
C ASN I 359 44.81 -14.84 15.89
N ILE I 360 45.33 -14.09 14.91
CA ILE I 360 44.62 -13.92 13.63
C ILE I 360 44.53 -15.26 12.90
N ASP I 361 45.64 -16.00 12.89
CA ASP I 361 45.63 -17.35 12.33
C ASP I 361 44.55 -18.21 12.99
N ASN I 362 44.44 -18.15 14.31
CA ASN I 362 43.42 -18.93 14.99
C ASN I 362 42.01 -18.45 14.63
N ILE I 363 41.80 -17.13 14.57
CA ILE I 363 40.48 -16.60 14.26
C ILE I 363 40.00 -17.08 12.90
N PHE I 364 40.84 -16.97 11.87
CA PHE I 364 40.35 -17.26 10.54
C PHE I 364 40.59 -18.71 10.09
N SER I 365 41.38 -19.49 10.81
CA SER I 365 41.61 -20.87 10.42
C SER I 365 40.83 -21.88 11.25
N LYS I 366 40.14 -21.44 12.31
CA LYS I 366 39.47 -22.37 13.20
C LYS I 366 38.21 -22.93 12.58
N ARG I 367 38.09 -24.25 12.58
CA ARG I 367 36.86 -24.95 12.23
C ARG I 367 36.22 -25.47 13.51
N ASN I 368 35.07 -24.91 13.86
CA ASN I 368 34.34 -25.39 15.02
C ASN I 368 33.87 -26.82 14.75
N MET I 369 34.15 -27.72 15.69
CA MET I 369 33.97 -29.14 15.41
C MET I 369 32.50 -29.52 15.33
N VAL I 370 31.67 -28.99 16.22
CA VAL I 370 30.24 -29.31 16.23
C VAL I 370 29.55 -28.72 15.01
N THR I 371 29.80 -27.43 14.75
CA THR I 371 29.03 -26.69 13.76
C THR I 371 29.69 -26.63 12.37
N ASN I 372 30.94 -27.08 12.25
CA ASN I 372 31.70 -27.02 10.99
C ASN I 372 31.83 -25.60 10.47
N PHE I 373 31.69 -24.61 11.33
CA PHE I 373 31.71 -23.21 10.93
C PHE I 373 33.12 -22.65 10.92
N ASN I 374 33.43 -21.91 9.87
CA ASN I 374 34.70 -21.20 9.73
C ASN I 374 34.38 -19.83 9.13
N VAL I 375 35.00 -18.78 9.67
CA VAL I 375 34.56 -17.43 9.34
C VAL I 375 35.11 -16.96 7.99
N PHE I 376 36.32 -17.42 7.61
CA PHE I 376 36.79 -17.25 6.24
C PHE I 376 35.84 -17.87 5.21
N GLU I 377 35.27 -19.03 5.50
CA GLU I 377 34.34 -19.61 4.54
C GLU I 377 33.09 -18.75 4.40
N LYS I 378 32.61 -18.18 5.51
CA LYS I 378 31.46 -17.29 5.45
C LYS I 378 31.77 -16.05 4.62
N ILE I 379 32.96 -15.49 4.79
CA ILE I 379 33.32 -14.28 4.02
C ILE I 379 33.50 -14.61 2.54
N LEU I 380 34.08 -15.76 2.24
CA LEU I 380 34.19 -16.23 0.85
C LEU I 380 32.81 -16.41 0.21
N ASP I 381 31.88 -17.01 0.94
CA ASP I 381 30.53 -17.19 0.40
C ASP I 381 29.82 -15.85 0.21
N LEU I 382 30.01 -14.92 1.14
CA LEU I 382 29.53 -13.55 0.94
C LEU I 382 30.07 -12.95 -0.34
N SER I 383 31.38 -13.10 -0.59
CA SER I 383 31.96 -12.54 -1.81
C SER I 383 31.39 -13.20 -3.05
N LEU I 384 31.18 -14.51 -3.00
CA LEU I 384 30.58 -15.19 -4.15
C LEU I 384 29.12 -14.80 -4.36
N LYS I 385 28.47 -14.22 -3.35
CA LYS I 385 27.13 -13.68 -3.54
C LYS I 385 27.10 -12.47 -4.49
N ASP I 386 28.20 -11.77 -4.67
CA ASP I 386 28.23 -10.62 -5.59
C ASP I 386 29.63 -10.51 -6.18
N SER I 387 29.74 -10.75 -7.49
CA SER I 387 31.05 -10.81 -8.14
C SER I 387 31.76 -9.46 -8.19
N ARG I 388 31.05 -8.36 -7.93
CA ARG I 388 31.72 -7.07 -7.81
C ARG I 388 32.57 -6.97 -6.56
N LEU I 389 32.47 -7.96 -5.67
CA LEU I 389 33.21 -8.01 -4.41
C LEU I 389 34.50 -8.81 -4.52
N THR I 390 34.85 -9.29 -5.71
CA THR I 390 36.01 -10.18 -5.88
C THR I 390 37.29 -9.50 -5.42
N ASN I 391 37.51 -8.27 -5.88
CA ASN I 391 38.73 -7.55 -5.54
C ASN I 391 38.80 -7.25 -4.05
N LYS I 392 37.68 -6.82 -3.46
CA LYS I 392 37.68 -6.53 -2.04
C LYS I 392 37.96 -7.78 -1.22
N PHE I 393 37.37 -8.91 -1.61
CA PHE I 393 37.65 -10.16 -0.90
C PHE I 393 39.11 -10.56 -1.02
N LEU I 394 39.70 -10.46 -2.21
CA LEU I 394 41.08 -10.88 -2.37
C LEU I 394 42.05 -9.92 -1.68
N THR I 395 41.73 -8.63 -1.66
CA THR I 395 42.51 -7.68 -0.90
C THR I 395 42.43 -7.96 0.59
N PHE I 396 41.25 -8.32 1.07
CA PHE I 396 41.06 -8.66 2.50
C PHE I 396 41.91 -9.89 2.82
N PHE I 397 41.87 -10.91 1.93
CA PHE I 397 42.68 -12.10 2.16
C PHE I 397 44.16 -11.74 2.18
N GLU I 398 44.60 -10.89 1.25
CA GLU I 398 46.00 -10.46 1.23
C GLU I 398 46.38 -9.80 2.55
N ASN I 399 45.50 -8.92 3.07
CA ASN I 399 45.80 -8.20 4.29
C ASN I 399 45.91 -9.14 5.49
N ILE I 400 44.92 -10.02 5.69
CA ILE I 400 45.01 -10.89 6.86
C ILE I 400 46.10 -11.93 6.70
N ASN I 401 46.42 -12.33 5.47
CA ASN I 401 47.55 -13.21 5.24
C ASN I 401 48.84 -12.51 5.66
N GLU I 402 48.97 -11.22 5.36
CA GLU I 402 50.06 -10.43 5.92
C GLU I 402 49.98 -10.36 7.44
N PHE I 403 48.76 -10.24 7.99
CA PHE I 403 48.57 -10.21 9.43
C PHE I 403 48.91 -11.53 10.12
N GLY I 404 49.13 -12.61 9.37
CA GLY I 404 49.54 -13.84 10.00
C GLY I 404 48.71 -15.05 9.63
N PHE I 405 47.58 -14.84 8.97
CA PHE I 405 46.76 -15.96 8.54
C PHE I 405 47.45 -16.75 7.44
N SER I 406 47.69 -18.03 7.69
CA SER I 406 48.47 -18.85 6.77
C SER I 406 47.77 -19.00 5.43
N SER I 407 48.57 -19.00 4.35
CA SER I 407 48.02 -19.15 3.01
C SER I 407 47.64 -20.59 2.72
N LEU I 408 48.37 -21.56 3.28
CA LEU I 408 47.99 -22.95 3.11
C LEU I 408 46.64 -23.25 3.78
N SER I 409 46.42 -22.68 4.95
CA SER I 409 45.13 -22.83 5.62
C SER I 409 44.00 -22.22 4.80
N ALA I 410 44.24 -21.03 4.23
CA ALA I 410 43.24 -20.41 3.37
C ALA I 410 42.96 -21.27 2.14
N SER I 411 44.02 -21.84 1.54
CA SER I 411 43.83 -22.71 0.39
C SER I 411 42.99 -23.92 0.74
N ASN I 412 43.27 -24.55 1.89
CA ASN I 412 42.48 -25.71 2.30
C ASN I 412 41.02 -25.32 2.58
N ILE I 413 40.80 -24.17 3.20
CA ILE I 413 39.44 -23.73 3.49
C ILE I 413 38.66 -23.51 2.19
N VAL I 414 39.29 -22.83 1.22
CA VAL I 414 38.60 -22.56 -0.04
C VAL I 414 38.39 -23.86 -0.82
N LYS I 415 39.36 -24.78 -0.76
CA LYS I 415 39.23 -26.08 -1.39
C LYS I 415 38.04 -26.85 -0.81
N LYS I 416 37.94 -26.85 0.52
CA LYS I 416 36.84 -27.53 1.18
C LYS I 416 35.50 -26.91 0.80
N TYR I 417 35.46 -25.57 0.75
CA TYR I 417 34.23 -24.89 0.36
C TYR I 417 33.83 -25.33 -1.04
N PHE I 418 34.81 -25.39 -1.94
CA PHE I 418 34.52 -25.65 -3.35
C PHE I 418 34.09 -27.10 -3.53
N SER I 419 34.67 -28.01 -2.75
CA SER I 419 34.25 -29.41 -2.80
C SER I 419 32.83 -29.58 -2.28
N ASN I 420 32.48 -28.92 -1.17
CA ASN I 420 31.12 -29.04 -0.64
C ASN I 420 30.09 -28.47 -1.60
N ASN I 421 30.44 -27.43 -2.35
CA ASN I 421 29.49 -26.76 -3.23
C ASN I 421 29.78 -27.00 -4.70
N SER I 422 30.48 -28.09 -5.03
CA SER I 422 30.94 -28.31 -6.39
C SER I 422 29.78 -28.41 -7.38
N LYS I 423 28.69 -29.06 -6.99
CA LYS I 423 27.58 -29.26 -7.93
C LYS I 423 26.90 -27.94 -8.28
N GLY I 424 26.54 -27.15 -7.27
CA GLY I 424 25.96 -25.84 -7.53
C GLY I 424 26.93 -24.91 -8.23
N LEU I 425 28.22 -25.05 -7.95
CA LEU I 425 29.22 -24.21 -8.60
C LEU I 425 29.37 -24.57 -10.06
N LYS I 426 29.26 -25.84 -10.41
CA LYS I 426 29.32 -26.24 -11.81
C LYS I 426 28.07 -25.79 -12.56
N GLU I 427 26.90 -25.88 -11.91
CA GLU I 427 25.71 -25.31 -12.53
C GLU I 427 25.84 -23.80 -12.72
N LYS I 428 26.43 -23.11 -11.75
CA LYS I 428 26.66 -21.67 -11.88
C LYS I 428 27.58 -21.38 -13.06
N ILE I 429 28.66 -22.13 -13.18
CA ILE I 429 29.61 -21.92 -14.26
C ILE I 429 28.91 -22.11 -15.61
N ASP I 430 28.11 -23.16 -15.72
CA ASP I 430 27.35 -23.37 -16.95
C ASP I 430 26.37 -22.23 -17.22
N HIS I 431 25.67 -21.75 -16.17
CA HIS I 431 24.77 -20.62 -16.34
C HIS I 431 25.50 -19.41 -16.91
N TYR I 432 26.61 -19.02 -16.28
CA TYR I 432 27.29 -17.83 -16.78
C TYR I 432 27.94 -18.05 -18.12
N ARG I 433 28.27 -19.29 -18.47
CA ARG I 433 28.82 -19.53 -19.80
C ARG I 433 27.75 -19.39 -20.87
N LYS I 434 26.56 -19.94 -20.64
CA LYS I 434 25.48 -19.77 -21.63
C LYS I 434 25.00 -18.32 -21.73
N ASN I 435 24.95 -17.60 -20.61
CA ASN I 435 24.30 -16.30 -20.60
C ASN I 435 25.29 -15.14 -20.62
N ASN I 436 26.56 -15.40 -20.87
CA ASN I 436 27.59 -14.35 -20.94
C ASN I 436 27.63 -13.49 -19.67
N PHE I 437 27.57 -14.13 -18.51
CA PHE I 437 27.79 -13.42 -17.25
C PHE I 437 29.28 -13.43 -17.01
N ASN I 438 29.99 -12.42 -17.52
CA ASN I 438 31.45 -12.52 -17.58
C ASN I 438 32.10 -12.42 -16.21
N GLN I 439 31.67 -11.47 -15.37
CA GLN I 439 32.37 -11.25 -14.11
C GLN I 439 32.20 -12.42 -13.15
N GLU I 440 31.04 -13.06 -13.14
CA GLU I 440 30.81 -14.21 -12.27
C GLU I 440 31.74 -15.37 -12.62
N LEU I 441 31.78 -15.74 -13.90
CA LEU I 441 32.73 -16.75 -14.36
C LEU I 441 34.15 -16.36 -14.02
N TYR I 442 34.49 -15.09 -14.23
CA TYR I 442 35.83 -14.60 -13.91
C TYR I 442 36.14 -14.77 -12.44
N GLN I 443 35.19 -14.47 -11.56
CA GLN I 443 35.40 -14.62 -10.13
C GLN I 443 35.65 -16.07 -9.75
N ILE I 444 34.86 -16.98 -10.30
CA ILE I 444 35.04 -18.39 -9.95
C ILE I 444 36.40 -18.89 -10.43
N LEU I 445 36.76 -18.59 -11.69
CA LEU I 445 38.05 -19.07 -12.19
C LEU I 445 39.21 -18.39 -11.49
N LEU I 446 39.07 -17.13 -11.10
CA LEU I 446 40.14 -16.45 -10.40
C LEU I 446 40.33 -17.03 -9.00
N TYR I 447 39.25 -17.40 -8.32
CA TYR I 447 39.43 -18.08 -7.05
C TYR I 447 40.13 -19.43 -7.25
N MET I 448 39.76 -20.15 -8.31
CA MET I 448 40.42 -21.44 -8.56
C MET I 448 41.91 -21.25 -8.85
N VAL I 449 42.26 -20.19 -9.58
CA VAL I 449 43.66 -19.90 -9.85
C VAL I 449 44.40 -19.51 -8.58
N VAL I 450 43.81 -18.63 -7.77
CA VAL I 450 44.51 -18.06 -6.63
C VAL I 450 44.68 -19.11 -5.53
N PHE I 451 43.61 -19.85 -5.20
CA PHE I 451 43.66 -20.78 -4.08
C PHE I 451 43.95 -22.21 -4.50
N GLU I 452 44.48 -22.42 -5.71
CA GLU I 452 44.97 -23.72 -6.17
C GLU I 452 43.88 -24.79 -6.16
N ILE I 453 42.72 -24.45 -6.70
CA ILE I 453 41.63 -25.38 -6.82
C ILE I 453 41.80 -26.13 -8.13
N ASP I 454 42.11 -27.42 -8.05
CA ASP I 454 42.32 -28.25 -9.23
C ASP I 454 41.36 -29.44 -9.30
N ASP I 455 40.29 -29.43 -8.50
CA ASP I 455 39.35 -30.55 -8.45
C ASP I 455 37.97 -30.22 -9.01
N LEU I 456 37.65 -28.94 -9.20
CA LEU I 456 36.31 -28.57 -9.63
C LEU I 456 36.03 -29.04 -11.06
N LEU I 457 36.93 -28.72 -11.99
CA LEU I 457 36.74 -29.01 -13.40
C LEU I 457 37.86 -29.89 -13.90
N ASN I 458 37.51 -30.96 -14.61
CA ASN I 458 38.48 -31.82 -15.23
C ASN I 458 38.92 -31.23 -16.57
N GLN I 459 39.75 -31.99 -17.30
CA GLN I 459 40.31 -31.51 -18.56
C GLN I 459 39.22 -31.10 -19.54
N GLU I 460 38.15 -31.90 -19.62
CA GLU I 460 37.11 -31.67 -20.62
C GLU I 460 36.42 -30.33 -20.40
N GLU I 461 35.99 -30.04 -19.17
CA GLU I 461 35.32 -28.76 -18.91
C GLU I 461 36.27 -27.60 -19.09
N LEU I 462 37.54 -27.78 -18.71
CA LEU I 462 38.52 -26.72 -18.91
C LEU I 462 38.67 -26.38 -20.40
N LEU I 463 38.70 -27.40 -21.26
CA LEU I 463 38.75 -27.14 -22.69
C LEU I 463 37.44 -26.56 -23.22
N ASN I 464 36.32 -26.89 -22.58
CA ASN I 464 35.06 -26.23 -22.94
C ASN I 464 35.06 -24.76 -22.53
N LEU I 465 35.95 -24.35 -21.64
CA LEU I 465 36.08 -22.93 -21.33
C LEU I 465 36.63 -22.15 -22.52
N ILE I 466 37.52 -22.76 -23.30
CA ILE I 466 38.17 -22.05 -24.40
C ILE I 466 37.27 -22.11 -25.63
N ASP I 467 36.36 -21.15 -25.73
CA ASP I 467 35.42 -21.10 -26.84
C ASP I 467 34.92 -19.67 -26.99
N LEU I 468 34.06 -19.47 -27.98
CA LEU I 468 33.52 -18.15 -28.26
C LEU I 468 32.53 -17.71 -27.19
N ASN I 469 32.33 -16.40 -27.11
CA ASN I 469 31.50 -15.72 -26.11
C ASN I 469 32.10 -15.77 -24.71
N ILE I 470 33.37 -16.15 -24.58
CA ILE I 470 34.10 -16.04 -23.33
C ILE I 470 35.00 -14.81 -23.41
N ASP I 471 34.96 -13.99 -22.37
CA ASP I 471 35.79 -12.78 -22.35
C ASP I 471 37.27 -13.15 -22.27
N ASP I 472 38.12 -12.19 -22.62
CA ASP I 472 39.56 -12.43 -22.61
C ASP I 472 40.06 -12.86 -21.24
N TYR I 473 39.61 -12.17 -20.18
CA TYR I 473 40.11 -12.46 -18.84
C TYR I 473 39.78 -13.88 -18.40
N SER I 474 38.55 -14.33 -18.68
CA SER I 474 38.20 -15.71 -18.37
C SER I 474 38.99 -16.71 -19.22
N LEU I 475 39.23 -16.37 -20.50
CA LEU I 475 40.03 -17.24 -21.36
C LEU I 475 41.44 -17.39 -20.81
N ILE I 476 42.05 -16.28 -20.39
CA ILE I 476 43.35 -16.31 -19.73
C ILE I 476 43.31 -17.14 -18.46
N LEU I 477 42.28 -16.97 -17.64
CA LEU I 477 42.26 -17.69 -16.37
C LEU I 477 42.07 -19.19 -16.58
N GLY I 478 41.22 -19.58 -17.53
CA GLY I 478 41.07 -20.98 -17.85
C GLY I 478 42.34 -21.59 -18.43
N THR I 479 43.02 -20.85 -19.30
CA THR I 479 44.30 -21.33 -19.84
C THR I 479 45.32 -21.48 -18.72
N ILE I 480 45.33 -20.55 -17.77
CA ILE I 480 46.24 -20.64 -16.63
C ILE I 480 45.93 -21.88 -15.80
N LEU I 481 44.64 -22.13 -15.55
CA LEU I 481 44.24 -23.33 -14.83
C LEU I 481 44.72 -24.58 -15.54
N TYR I 482 44.67 -24.57 -16.86
CA TYR I 482 45.09 -25.74 -17.63
C TYR I 482 46.60 -25.92 -17.57
N LEU I 483 47.37 -24.83 -17.69
CA LEU I 483 48.82 -24.94 -17.61
C LEU I 483 49.30 -25.27 -16.20
N LYS I 484 48.53 -24.91 -15.18
CA LYS I 484 48.94 -25.21 -13.81
C LYS I 484 48.91 -26.70 -13.51
N ASN I 485 48.13 -27.48 -14.25
CA ASN I 485 48.04 -28.91 -14.05
C ASN I 485 49.05 -29.59 -14.98
N SER I 486 50.10 -30.16 -14.39
CA SER I 486 51.17 -30.77 -15.16
C SER I 486 50.77 -32.12 -15.77
N SER I 487 49.73 -32.77 -15.24
CA SER I 487 49.33 -34.06 -15.77
C SER I 487 48.82 -33.95 -17.21
N TYR I 488 48.01 -32.96 -17.50
CA TYR I 488 47.49 -32.77 -18.86
C TYR I 488 48.58 -32.30 -19.81
N LYS I 489 48.49 -32.77 -21.05
CA LYS I 489 49.41 -32.41 -22.12
C LYS I 489 48.81 -31.34 -23.02
N LEU I 490 49.69 -30.63 -23.70
CA LEU I 490 49.40 -29.31 -24.25
C LEU I 490 48.77 -29.35 -25.65
N GLU I 491 48.71 -30.52 -26.30
CA GLU I 491 48.16 -30.57 -27.65
C GLU I 491 46.69 -30.19 -27.69
N LYS I 492 45.91 -30.63 -26.71
CA LYS I 492 44.48 -30.35 -26.69
C LYS I 492 44.22 -28.86 -26.52
N LEU I 493 44.96 -28.20 -25.61
CA LEU I 493 44.86 -26.74 -25.49
C LEU I 493 45.28 -26.05 -26.77
N LEU I 494 46.36 -26.51 -27.39
CA LEU I 494 46.79 -25.87 -28.64
C LEU I 494 45.70 -25.96 -29.69
N LYS I 495 45.03 -27.12 -29.77
CA LYS I 495 43.93 -27.29 -30.71
C LYS I 495 42.77 -26.34 -30.39
N LYS I 496 42.40 -26.25 -29.11
CA LYS I 496 41.31 -25.36 -28.70
C LYS I 496 41.63 -23.90 -29.03
N ILE I 497 42.84 -23.47 -28.70
CA ILE I 497 43.24 -22.08 -28.91
C ILE I 497 43.31 -21.77 -30.40
N ASP I 498 43.86 -22.69 -31.19
CA ASP I 498 43.90 -22.51 -32.64
C ASP I 498 42.50 -22.38 -33.22
N GLN I 499 41.58 -23.26 -32.79
CA GLN I 499 40.21 -23.16 -33.28
C GLN I 499 39.59 -21.82 -32.93
N LEU I 500 39.81 -21.36 -31.69
CA LEU I 500 39.26 -20.07 -31.29
C LEU I 500 39.82 -18.95 -32.14
N PHE I 501 41.14 -18.95 -32.39
CA PHE I 501 41.76 -17.88 -33.15
C PHE I 501 41.25 -17.85 -34.60
N ILE I 502 41.16 -19.01 -35.24
CA ILE I 502 40.65 -19.06 -36.61
C ILE I 502 39.20 -18.62 -36.67
N ASN I 503 38.39 -19.09 -35.73
CA ASN I 503 36.98 -18.70 -35.74
C ASN I 503 36.81 -17.22 -35.50
N THR I 504 37.66 -16.62 -34.66
CA THR I 504 37.56 -15.19 -34.42
C THR I 504 37.95 -14.39 -35.66
N HIS I 505 39.06 -14.77 -36.30
CA HIS I 505 39.44 -14.12 -37.54
C HIS I 505 38.44 -14.34 -38.67
N ALA I 506 37.64 -15.41 -38.61
CA ALA I 506 36.67 -15.62 -39.67
C ALA I 506 35.56 -14.57 -39.69
N ASN I 507 35.37 -13.82 -38.61
CA ASN I 507 34.32 -12.81 -38.49
C ASN I 507 34.73 -11.45 -39.06
N TYR I 508 35.87 -11.39 -39.73
CA TYR I 508 36.59 -10.19 -40.11
C TYR I 508 37.03 -10.24 -41.56
N ASP I 509 37.28 -9.07 -42.13
CA ASP I 509 37.89 -9.01 -43.44
C ASP I 509 39.27 -9.66 -43.39
N VAL I 510 39.63 -10.36 -44.46
CA VAL I 510 40.87 -11.13 -44.46
C VAL I 510 42.11 -10.24 -44.42
N LYS I 511 41.96 -8.94 -44.63
CA LYS I 511 43.06 -7.99 -44.49
C LYS I 511 43.06 -7.32 -43.12
N THR I 512 42.21 -7.75 -42.20
CA THR I 512 42.19 -7.17 -40.86
C THR I 512 43.30 -7.81 -40.02
N SER I 513 44.10 -6.97 -39.39
CA SER I 513 45.19 -7.44 -38.54
C SER I 513 44.65 -8.12 -37.29
N ARG I 514 45.40 -9.11 -36.79
CA ARG I 514 44.90 -9.92 -35.68
C ARG I 514 44.73 -9.10 -34.42
N MET I 515 45.63 -8.15 -34.16
CA MET I 515 45.64 -7.46 -32.89
C MET I 515 44.73 -6.24 -32.88
N ALA I 516 44.04 -5.98 -33.98
CA ALA I 516 42.93 -5.05 -34.02
C ALA I 516 41.60 -5.75 -33.84
N GLU I 517 41.61 -7.05 -33.58
CA GLU I 517 40.40 -7.85 -33.56
C GLU I 517 39.99 -8.17 -32.12
N LYS I 518 38.88 -8.88 -31.99
CA LYS I 518 38.50 -9.44 -30.70
C LYS I 518 39.56 -10.43 -30.22
N LEU I 519 39.67 -10.54 -28.89
CA LEU I 519 40.62 -11.42 -28.21
C LEU I 519 42.07 -10.95 -28.38
N TRP I 520 42.28 -9.63 -28.44
CA TRP I 520 43.64 -9.12 -28.52
C TRP I 520 44.43 -9.44 -27.25
N LEU I 521 43.78 -9.40 -26.09
CA LEU I 521 44.49 -9.63 -24.84
C LEU I 521 44.85 -11.10 -24.66
N PHE I 522 43.94 -12.02 -25.01
CA PHE I 522 44.27 -13.44 -24.96
C PHE I 522 45.39 -13.74 -25.94
N ARG I 523 45.33 -13.13 -27.13
CA ARG I 523 46.36 -13.37 -28.14
C ARG I 523 47.71 -12.89 -27.64
N TYR I 524 47.75 -11.72 -26.99
CA TYR I 524 48.98 -11.24 -26.40
C TYR I 524 49.46 -12.18 -25.30
N PHE I 525 48.54 -12.69 -24.48
CA PHE I 525 48.94 -13.63 -23.45
C PHE I 525 49.66 -14.82 -24.10
N PHE I 526 49.02 -15.39 -25.13
CA PHE I 526 49.54 -16.58 -25.81
C PHE I 526 50.91 -16.32 -26.41
N TYR I 527 51.02 -15.24 -27.18
CA TYR I 527 52.26 -14.91 -27.87
C TYR I 527 53.36 -14.57 -26.89
N PHE I 528 53.03 -13.96 -25.76
CA PHE I 528 54.02 -13.67 -24.76
C PHE I 528 54.50 -14.95 -24.06
N LEU I 529 53.58 -15.88 -23.78
CA LEU I 529 53.99 -17.15 -23.19
C LEU I 529 54.89 -17.91 -24.15
N ASN I 530 54.49 -17.96 -25.43
CA ASN I 530 55.27 -18.68 -26.43
C ASN I 530 56.64 -18.05 -26.61
N CYS I 531 56.73 -16.72 -26.50
CA CYS I 531 58.00 -16.04 -26.62
C CYS I 531 58.97 -16.40 -25.48
N LYS I 532 58.45 -16.91 -24.36
CA LYS I 532 59.29 -17.31 -23.24
C LYS I 532 59.17 -18.80 -22.92
N ASN I 533 58.65 -19.59 -23.85
CA ASN I 533 58.74 -21.05 -23.83
C ASN I 533 58.02 -21.71 -22.65
N ILE I 534 57.03 -21.06 -22.03
CA ILE I 534 56.05 -21.81 -21.27
C ILE I 534 55.23 -22.69 -22.21
N PHE I 535 54.82 -22.11 -23.32
CA PHE I 535 54.22 -22.82 -24.44
C PHE I 535 55.36 -23.31 -25.31
N SER I 536 55.84 -24.52 -25.02
CA SER I 536 57.09 -25.00 -25.60
C SER I 536 57.04 -24.97 -27.11
N GLN I 537 58.10 -24.43 -27.72
CA GLN I 537 58.12 -24.28 -29.17
C GLN I 537 58.12 -25.63 -29.86
N LYS I 538 58.76 -26.63 -29.24
CA LYS I 538 58.78 -27.97 -29.79
C LYS I 538 57.38 -28.55 -29.91
N GLU I 539 56.54 -28.36 -28.88
CA GLU I 539 55.22 -28.95 -28.91
C GLU I 539 54.28 -28.16 -29.82
N ILE I 540 54.51 -26.87 -30.00
CA ILE I 540 53.78 -26.13 -31.02
C ILE I 540 54.15 -26.63 -32.42
N ASN I 541 55.43 -26.88 -32.65
CA ASN I 541 55.86 -27.49 -33.91
C ASN I 541 55.18 -28.84 -34.12
N SER I 542 55.11 -29.64 -33.07
CA SER I 542 54.45 -30.95 -33.18
C SER I 542 52.97 -30.79 -33.53
N TYR I 543 52.28 -29.88 -32.84
CA TYR I 543 50.86 -29.65 -33.13
C TYR I 543 50.66 -29.20 -34.57
N CYS I 544 51.47 -28.25 -35.02
CA CYS I 544 51.26 -27.69 -36.35
C CYS I 544 51.65 -28.68 -37.45
N GLN I 545 52.64 -29.54 -37.18
CA GLN I 545 52.89 -30.66 -38.07
C GLN I 545 51.67 -31.57 -38.13
N SER I 546 51.03 -31.80 -36.97
CA SER I 546 49.82 -32.62 -36.96
C SER I 546 48.69 -31.98 -37.76
N GLN I 547 48.67 -30.65 -37.83
CA GLN I 547 47.63 -29.95 -38.59
C GLN I 547 48.00 -29.72 -40.05
N ASN I 548 49.25 -30.04 -40.43
CA ASN I 548 49.72 -29.92 -41.81
C ASN I 548 49.80 -28.47 -42.27
N TYR I 549 50.23 -27.58 -41.41
CA TYR I 549 50.45 -26.20 -41.81
C TYR I 549 51.73 -26.08 -42.62
N ASN I 550 51.70 -25.24 -43.65
CA ASN I 550 52.88 -25.05 -44.49
C ASN I 550 53.86 -24.12 -43.82
N SER I 551 55.13 -24.51 -43.78
CA SER I 551 56.17 -23.67 -43.21
C SER I 551 56.45 -22.49 -44.15
N GLY I 552 57.39 -21.65 -43.75
CA GLY I 552 57.70 -20.49 -44.55
C GLY I 552 58.86 -19.72 -43.97
N GLN I 553 59.00 -18.48 -44.45
CA GLN I 553 60.13 -17.63 -44.09
C GLN I 553 60.15 -17.32 -42.61
N ASN I 554 58.98 -17.04 -42.02
CA ASN I 554 58.89 -16.76 -40.59
C ASN I 554 58.63 -17.99 -39.74
N GLY I 555 58.02 -19.02 -40.31
CA GLY I 555 57.67 -20.18 -39.51
C GLY I 555 56.48 -20.90 -40.12
N TYR I 556 55.61 -21.37 -39.23
CA TYR I 556 54.66 -22.42 -39.57
C TYR I 556 53.28 -21.88 -39.97
N GLN I 557 53.16 -20.58 -40.27
CA GLN I 557 52.00 -20.03 -40.97
C GLN I 557 50.69 -20.39 -40.29
N THR I 558 50.60 -20.12 -39.00
CA THR I 558 49.45 -20.46 -38.20
C THR I 558 49.06 -19.28 -37.33
N GLU I 559 47.83 -19.32 -36.80
CA GLU I 559 47.40 -18.29 -35.86
C GLU I 559 48.19 -18.32 -34.57
N LEU I 560 48.94 -19.40 -34.32
CA LEU I 560 49.70 -19.56 -33.11
C LEU I 560 51.13 -19.02 -33.23
N ASN I 561 51.52 -18.55 -34.40
CA ASN I 561 52.90 -18.10 -34.66
C ASN I 561 52.88 -16.58 -34.82
N TRP I 562 53.31 -15.87 -33.79
CA TRP I 562 53.38 -14.42 -33.85
C TRP I 562 54.35 -13.93 -34.91
N ASN I 563 55.39 -14.70 -35.22
CA ASN I 563 56.32 -14.30 -36.28
C ASN I 563 55.61 -14.15 -37.61
N TYR I 564 54.71 -15.08 -37.93
CA TYR I 564 53.94 -14.97 -39.16
C TYR I 564 52.75 -14.02 -39.02
N ILE I 565 52.12 -14.01 -37.85
CA ILE I 565 50.91 -13.22 -37.63
C ILE I 565 51.21 -11.73 -37.64
N LYS I 566 52.36 -11.31 -37.11
CA LYS I 566 52.63 -9.89 -36.96
C LYS I 566 52.71 -9.17 -38.30
N GLY I 567 52.91 -9.90 -39.40
CA GLY I 567 53.01 -9.30 -40.71
C GLY I 567 51.77 -9.35 -41.57
N GLN I 568 50.66 -9.89 -41.08
CA GLN I 568 49.44 -10.02 -41.84
C GLN I 568 48.48 -8.88 -41.55
N GLY I 569 47.81 -8.42 -42.59
CA GLY I 569 46.88 -7.31 -42.50
C GLY I 569 47.40 -6.10 -43.25
N LYS I 570 46.49 -5.27 -43.73
CA LYS I 570 46.90 -4.08 -44.46
C LYS I 570 47.49 -3.03 -43.53
N ASP I 571 46.82 -2.77 -42.41
CA ASP I 571 47.30 -1.80 -41.43
C ASP I 571 47.93 -2.55 -40.27
N LEU I 572 49.23 -2.34 -40.06
CA LEU I 572 49.99 -3.11 -39.07
C LEU I 572 50.38 -2.26 -37.87
N ARG I 573 49.73 -1.12 -37.68
CA ARG I 573 50.11 -0.22 -36.59
C ARG I 573 49.91 -0.85 -35.23
N ALA I 574 48.75 -1.48 -35.00
CA ALA I 574 48.53 -2.21 -33.76
C ALA I 574 49.49 -3.37 -33.63
N ASN I 575 49.72 -4.10 -34.72
CA ASN I 575 50.69 -5.19 -34.71
C ASN I 575 52.09 -4.69 -34.39
N ASN I 576 52.50 -3.58 -34.98
CA ASN I 576 53.83 -3.05 -34.66
C ASN I 576 53.92 -2.62 -33.20
N PHE I 577 52.87 -2.00 -32.67
CA PHE I 577 52.87 -1.59 -31.27
C PHE I 577 52.98 -2.80 -30.34
N PHE I 578 52.19 -3.84 -30.61
CA PHE I 578 52.22 -5.01 -29.74
C PHE I 578 53.49 -5.84 -29.95
N ASN I 579 54.07 -5.82 -31.15
CA ASN I 579 55.36 -6.47 -31.36
C ASN I 579 56.46 -5.76 -30.61
N GLU I 580 56.39 -4.42 -30.57
CA GLU I 580 57.33 -3.66 -29.75
C GLU I 580 57.19 -4.04 -28.28
N LEU I 581 55.95 -4.23 -27.81
CA LEU I 581 55.76 -4.69 -26.43
C LEU I 581 56.32 -6.10 -26.22
N ILE I 582 56.07 -7.00 -27.17
CA ILE I 582 56.49 -8.39 -27.01
C ILE I 582 58.01 -8.51 -26.98
N VAL I 583 58.68 -7.79 -27.89
CA VAL I 583 60.14 -7.89 -27.97
C VAL I 583 60.78 -7.40 -26.66
N LYS I 584 60.25 -6.34 -26.08
CA LYS I 584 60.80 -5.80 -24.85
C LYS I 584 60.37 -6.55 -23.61
N GLU I 585 59.69 -7.70 -23.77
CA GLU I 585 59.28 -8.54 -22.64
C GLU I 585 58.33 -7.81 -21.70
N VAL I 586 57.54 -6.88 -22.25
CA VAL I 586 56.49 -6.21 -21.50
C VAL I 586 55.31 -7.16 -21.38
N TRP I 587 55.01 -7.59 -20.16
CA TRP I 587 53.86 -8.44 -19.92
C TRP I 587 52.66 -7.61 -19.51
N LEU I 588 51.48 -8.04 -19.93
CA LEU I 588 50.23 -7.47 -19.47
C LEU I 588 49.51 -8.36 -18.48
N ILE I 589 49.94 -9.62 -18.36
CA ILE I 589 49.39 -10.58 -17.41
C ILE I 589 50.54 -11.05 -16.53
N SER I 590 50.40 -10.85 -15.22
CA SER I 590 51.40 -11.30 -14.27
C SER I 590 51.33 -12.81 -14.12
N CYS I 591 52.47 -13.47 -14.23
CA CYS I 591 52.56 -14.93 -14.10
C CYS I 591 53.03 -15.37 -12.73
N GLY I 592 53.07 -14.45 -11.76
CA GLY I 592 53.52 -14.77 -10.43
C GLY I 592 54.99 -14.44 -10.21
N GLU I 593 55.40 -14.57 -8.95
CA GLU I 593 56.78 -14.26 -8.59
C GLU I 593 57.77 -15.19 -9.27
N ASN I 594 57.42 -16.48 -9.37
CA ASN I 594 58.34 -17.48 -9.92
C ASN I 594 57.86 -18.02 -11.26
N GLU I 595 57.11 -17.24 -12.03
CA GLU I 595 56.76 -17.51 -13.41
C GLU I 595 55.91 -18.76 -13.59
N ASP I 596 55.45 -19.37 -12.50
CA ASP I 596 54.70 -20.61 -12.58
C ASP I 596 53.27 -20.44 -12.06
N PHE I 597 52.76 -19.20 -12.06
CA PHE I 597 51.35 -18.89 -11.94
C PHE I 597 50.81 -19.12 -10.52
N LYS I 598 51.65 -18.94 -9.51
CA LYS I 598 51.18 -18.97 -8.13
C LYS I 598 51.12 -17.56 -7.55
N TYR I 599 49.98 -17.25 -6.94
CA TYR I 599 49.65 -15.95 -6.39
C TYR I 599 49.43 -16.00 -4.89
N LEU I 600 49.78 -17.11 -4.25
CA LEU I 600 49.58 -17.27 -2.82
C LEU I 600 50.89 -16.91 -2.11
N ASN I 601 50.84 -15.85 -1.32
CA ASN I 601 52.04 -15.36 -0.64
C ASN I 601 51.87 -15.38 0.87
N SER K 2 -46.76 -24.85 3.61
CA SER K 2 -45.97 -24.38 4.73
C SER K 2 -44.47 -24.55 4.49
N MET K 3 -43.67 -23.76 5.21
CA MET K 3 -42.22 -23.88 5.13
C MET K 3 -41.77 -25.26 5.59
N LYS K 4 -42.26 -25.70 6.76
CA LYS K 4 -41.95 -27.03 7.27
C LYS K 4 -42.26 -28.10 6.24
N LYS K 5 -43.38 -27.96 5.54
CA LYS K 5 -43.83 -29.03 4.65
C LYS K 5 -43.03 -29.06 3.35
N GLU K 6 -42.59 -27.90 2.85
CA GLU K 6 -41.62 -27.90 1.75
C GLU K 6 -40.31 -28.56 2.16
N PHE K 7 -39.79 -28.20 3.34
CA PHE K 7 -38.58 -28.88 3.85
C PHE K 7 -38.78 -30.38 3.89
N THR K 8 -39.91 -30.82 4.42
CA THR K 8 -40.16 -32.24 4.60
C THR K 8 -40.24 -32.95 3.26
N GLU K 9 -40.92 -32.36 2.28
CA GLU K 9 -40.95 -32.94 0.95
C GLU K 9 -39.55 -33.11 0.39
N LEU K 10 -38.72 -32.06 0.50
CA LEU K 10 -37.38 -32.13 -0.06
C LEU K 10 -36.56 -33.22 0.63
N TYR K 11 -36.66 -33.32 1.95
CA TYR K 11 -35.84 -34.30 2.66
C TYR K 11 -36.33 -35.72 2.50
N ASP K 12 -37.64 -35.96 2.37
CA ASP K 12 -38.05 -37.32 2.03
C ASP K 12 -37.69 -37.67 0.59
N PHE K 13 -37.57 -36.69 -0.29
CA PHE K 13 -37.02 -37.01 -1.60
C PHE K 13 -35.55 -37.40 -1.48
N ILE K 14 -34.77 -36.60 -0.73
CA ILE K 14 -33.32 -36.76 -0.75
C ILE K 14 -32.89 -38.02 -0.01
N PHE K 15 -33.48 -38.29 1.16
CA PHE K 15 -32.98 -39.38 2.01
C PHE K 15 -33.56 -40.73 1.57
N ASP K 16 -33.18 -41.11 0.35
CA ASP K 16 -33.55 -42.38 -0.24
C ASP K 16 -32.27 -43.02 -0.76
N PRO K 17 -32.01 -44.29 -0.45
CA PRO K 17 -30.73 -44.90 -0.87
C PRO K 17 -30.49 -44.84 -2.36
N ILE K 18 -31.53 -45.08 -3.16
CA ILE K 18 -31.36 -45.05 -4.61
C ILE K 18 -31.06 -43.64 -5.08
N PHE K 19 -31.74 -42.64 -4.52
CA PHE K 19 -31.39 -41.26 -4.81
C PHE K 19 -29.96 -40.98 -4.41
N LEU K 20 -29.57 -41.42 -3.23
CA LEU K 20 -28.29 -41.06 -2.64
C LEU K 20 -27.11 -41.70 -3.38
N VAL K 21 -27.34 -42.76 -4.15
CA VAL K 21 -26.28 -43.30 -4.98
C VAL K 21 -26.41 -42.82 -6.43
N ARG K 22 -27.63 -42.71 -6.96
CA ARG K 22 -27.80 -42.37 -8.37
C ARG K 22 -27.37 -40.92 -8.65
N TYR K 23 -27.64 -40.00 -7.74
CA TYR K 23 -27.12 -38.64 -7.85
C TYR K 23 -26.12 -38.26 -6.77
N GLY K 24 -26.14 -38.94 -5.63
CA GLY K 24 -25.27 -38.56 -4.54
C GLY K 24 -23.81 -38.92 -4.71
N TYR K 25 -23.53 -40.07 -5.32
CA TYR K 25 -22.15 -40.55 -5.38
C TYR K 25 -21.26 -39.57 -6.13
N TYR K 26 -21.73 -39.06 -7.26
CA TYR K 26 -20.98 -38.11 -8.05
C TYR K 26 -21.43 -36.68 -7.84
N ASP K 27 -22.21 -36.43 -6.77
CA ASP K 27 -22.65 -35.10 -6.40
C ASP K 27 -23.43 -34.41 -7.52
N ARG K 28 -24.50 -35.05 -7.94
CA ARG K 28 -25.37 -34.52 -8.97
C ARG K 28 -26.62 -33.92 -8.35
N SER K 29 -27.15 -32.89 -9.02
CA SER K 29 -28.38 -32.23 -8.58
C SER K 29 -29.41 -32.27 -9.70
N ILE K 30 -30.67 -32.44 -9.33
CA ILE K 30 -31.78 -32.38 -10.25
C ILE K 30 -32.77 -31.34 -9.76
N LYS K 31 -33.44 -30.66 -10.69
CA LYS K 31 -34.33 -29.57 -10.33
C LYS K 31 -35.78 -30.00 -10.17
N ASN K 32 -36.14 -31.23 -10.52
CA ASN K 32 -37.52 -31.67 -10.46
C ASN K 32 -37.56 -33.15 -10.10
N LYS K 33 -38.54 -33.53 -9.28
CA LYS K 33 -38.64 -34.91 -8.85
C LYS K 33 -38.89 -35.86 -10.02
N LYS K 34 -39.57 -35.37 -11.06
CA LYS K 34 -39.87 -36.21 -12.21
C LYS K 34 -38.64 -36.53 -13.04
N MET K 35 -37.53 -35.84 -12.81
CA MET K 35 -36.28 -36.20 -13.45
C MET K 35 -35.76 -37.55 -12.95
N ASN K 36 -36.24 -37.99 -11.77
CA ASN K 36 -35.78 -39.21 -11.14
C ASN K 36 -36.57 -40.39 -11.72
N THR K 37 -36.31 -40.66 -12.99
CA THR K 37 -37.06 -41.66 -13.74
C THR K 37 -36.68 -43.07 -13.32
N ALA K 38 -37.60 -44.00 -13.57
CA ALA K 38 -37.41 -45.41 -13.24
C ALA K 38 -36.76 -46.20 -14.36
N LYS K 39 -35.96 -45.54 -15.19
CA LYS K 39 -35.26 -46.19 -16.29
C LYS K 39 -33.81 -45.72 -16.28
N VAL K 40 -32.96 -46.46 -16.99
CA VAL K 40 -31.56 -46.07 -17.15
C VAL K 40 -31.50 -44.88 -18.10
N GLU K 41 -30.88 -43.79 -17.66
CA GLU K 41 -30.67 -42.63 -18.49
C GLU K 41 -29.28 -42.71 -19.12
N LEU K 42 -29.23 -42.72 -20.45
CA LEU K 42 -27.94 -42.71 -21.13
C LEU K 42 -27.76 -41.53 -22.07
N ASP K 43 -28.72 -41.26 -22.96
CA ASP K 43 -28.46 -40.32 -24.05
C ASP K 43 -28.51 -38.88 -23.57
N ASN K 44 -29.30 -38.60 -22.54
CA ASN K 44 -29.42 -37.25 -22.01
C ASN K 44 -28.94 -37.22 -20.57
N GLU K 45 -28.84 -36.01 -20.04
CA GLU K 45 -28.55 -35.82 -18.63
C GLU K 45 -29.50 -34.81 -18.02
N PTR K 46 -30.26 -35.24 -17.03
CA PTR K 46 -31.10 -34.35 -16.26
C PTR K 46 -30.25 -33.66 -15.21
O PTR K 46 -30.44 -32.50 -14.87
CB PTR K 46 -32.24 -35.09 -15.58
CG PTR K 46 -33.13 -35.85 -16.53
CD1 PTR K 46 -33.87 -35.20 -17.50
CD2 PTR K 46 -33.23 -37.23 -16.45
CE1 PTR K 46 -34.68 -35.90 -18.37
CE2 PTR K 46 -34.04 -37.93 -17.31
CZ PTR K 46 -34.77 -37.27 -18.26
OH PTR K 46 -35.51 -37.97 -19.07
P PTR K 46 -37.03 -37.62 -19.47
O1P PTR K 46 -37.90 -37.42 -18.22
O2P PTR K 46 -37.05 -36.38 -20.37
O3P PTR K 46 -37.57 -38.77 -20.22
N GLY K 47 -29.28 -34.42 -14.70
CA GLY K 47 -28.49 -33.96 -13.59
C GLY K 47 -27.51 -32.84 -13.89
N LYS K 48 -27.10 -32.16 -12.83
CA LYS K 48 -26.10 -31.10 -12.90
C LYS K 48 -24.97 -31.51 -11.97
N SER K 49 -23.77 -31.64 -12.51
CA SER K 49 -22.62 -32.08 -11.74
C SER K 49 -21.39 -31.29 -12.16
N ASP K 50 -20.43 -31.16 -11.25
CA ASP K 50 -19.23 -30.39 -11.51
C ASP K 50 -17.95 -31.21 -11.43
N SER K 51 -18.03 -32.52 -11.23
CA SER K 51 -16.84 -33.31 -10.96
C SER K 51 -16.51 -34.30 -12.06
N PHE K 52 -17.42 -35.21 -12.39
CA PHE K 52 -17.10 -36.35 -13.24
C PHE K 52 -18.03 -36.41 -14.43
N TYR K 53 -17.49 -36.82 -15.58
CA TYR K 53 -18.26 -36.90 -16.81
C TYR K 53 -19.26 -38.04 -16.73
N PHE K 54 -20.56 -37.72 -16.83
CA PHE K 54 -21.58 -38.73 -16.66
C PHE K 54 -21.60 -39.73 -17.82
N LYS K 55 -21.29 -39.29 -19.03
CA LYS K 55 -21.35 -40.24 -20.13
C LYS K 55 -20.31 -41.35 -20.03
N VAL K 56 -19.33 -41.23 -19.15
CA VAL K 56 -18.37 -42.29 -18.88
C VAL K 56 -18.57 -42.88 -17.49
N PHE K 57 -18.68 -42.03 -16.48
CA PHE K 57 -18.77 -42.44 -15.08
C PHE K 57 -20.13 -42.02 -14.53
N ASN K 58 -20.95 -43.00 -14.17
CA ASN K 58 -22.26 -42.71 -13.61
C ASN K 58 -22.76 -43.93 -12.86
N MET K 59 -23.86 -43.75 -12.13
CA MET K 59 -24.44 -44.78 -11.29
C MET K 59 -25.78 -45.29 -11.82
N GLU K 60 -26.07 -45.05 -13.09
CA GLU K 60 -27.38 -45.40 -13.64
C GLU K 60 -27.62 -46.90 -13.64
N SER K 61 -26.62 -47.68 -14.04
CA SER K 61 -26.78 -49.13 -14.02
C SER K 61 -26.92 -49.66 -12.60
N PHE K 62 -26.11 -49.14 -11.67
CA PHE K 62 -26.25 -49.52 -10.27
C PHE K 62 -27.62 -49.15 -9.72
N ALA K 63 -28.11 -47.95 -10.03
CA ALA K 63 -29.41 -47.51 -9.54
C ALA K 63 -30.53 -48.38 -10.11
N ASP K 64 -30.42 -48.76 -11.39
CA ASP K 64 -31.37 -49.68 -11.98
C ASP K 64 -31.34 -51.04 -11.28
N TYR K 65 -30.15 -51.51 -10.93
CA TYR K 65 -30.03 -52.74 -10.17
C TYR K 65 -30.72 -52.63 -8.81
N LEU K 66 -30.49 -51.52 -8.11
CA LEU K 66 -31.08 -51.32 -6.79
C LEU K 66 -32.60 -51.24 -6.87
N ARG K 67 -33.12 -50.69 -7.96
CA ARG K 67 -34.55 -50.48 -8.11
C ARG K 67 -35.36 -51.77 -8.10
N SER K 68 -34.74 -52.91 -8.40
CA SER K 68 -35.45 -54.17 -8.44
C SER K 68 -34.94 -55.20 -7.45
N HIS K 69 -33.68 -55.13 -7.06
CA HIS K 69 -33.09 -56.08 -6.13
C HIS K 69 -32.62 -55.36 -4.88
N ASP K 70 -32.70 -56.04 -3.75
CA ASP K 70 -32.40 -55.47 -2.44
C ASP K 70 -31.05 -55.97 -1.95
N LEU K 71 -30.13 -55.04 -1.68
CA LEU K 71 -28.82 -55.38 -1.15
C LEU K 71 -28.70 -55.13 0.34
N LYS K 72 -29.82 -55.09 1.07
CA LYS K 72 -29.77 -55.02 2.52
C LYS K 72 -28.99 -56.18 3.12
N THR K 73 -29.12 -57.38 2.55
CA THR K 73 -28.53 -58.58 3.15
C THR K 73 -27.01 -58.50 3.24
N HIS K 74 -26.36 -57.76 2.35
CA HIS K 74 -24.91 -57.63 2.37
C HIS K 74 -24.42 -56.76 3.51
N PHE K 75 -25.33 -56.05 4.18
CA PHE K 75 -25.05 -54.93 5.07
C PHE K 75 -25.68 -55.14 6.43
N ASN K 76 -25.50 -56.35 6.97
CA ASN K 76 -25.99 -56.67 8.30
C ASN K 76 -24.88 -57.01 9.27
N GLY K 77 -23.68 -57.34 8.80
CA GLY K 77 -22.54 -57.59 9.66
C GLY K 77 -22.23 -56.38 10.53
N LYS K 78 -21.98 -56.61 11.82
CA LYS K 78 -21.84 -55.51 12.76
C LYS K 78 -20.65 -54.61 12.43
N LYS K 79 -19.48 -55.20 12.27
CA LYS K 79 -18.28 -54.43 11.98
C LYS K 79 -18.23 -54.10 10.50
N PRO K 80 -18.27 -52.82 10.13
CA PRO K 80 -18.19 -52.49 8.70
C PRO K 80 -16.81 -52.77 8.13
N LEU K 81 -16.78 -53.32 6.92
CA LEU K 81 -15.53 -53.65 6.28
C LEU K 81 -14.77 -52.39 5.89
N SER K 82 -13.47 -52.38 6.16
CA SER K 82 -12.62 -51.26 5.81
C SER K 82 -12.15 -51.36 4.36
N THR K 83 -12.21 -50.23 3.65
CA THR K 83 -11.85 -50.18 2.25
C THR K 83 -11.07 -48.91 1.94
N ASP K 84 -10.35 -48.94 0.85
CA ASP K 84 -9.61 -47.77 0.37
C ASP K 84 -10.43 -47.03 -0.67
N PRO K 85 -10.52 -45.71 -0.59
CA PRO K 85 -11.23 -44.93 -1.61
C PRO K 85 -10.32 -44.59 -2.79
N VAL K 86 -10.93 -44.04 -3.83
CA VAL K 86 -10.16 -43.47 -4.93
C VAL K 86 -9.74 -42.07 -4.53
N TYR K 87 -8.43 -41.86 -4.41
CA TYR K 87 -7.90 -40.54 -4.13
C TYR K 87 -7.84 -39.75 -5.44
N PHE K 88 -8.45 -38.57 -5.46
CA PHE K 88 -8.57 -37.81 -6.69
C PHE K 88 -8.38 -36.34 -6.34
N ASN K 89 -7.18 -35.82 -6.61
CA ASN K 89 -6.79 -34.48 -6.22
C ASN K 89 -7.16 -33.49 -7.32
N ILE K 90 -7.77 -32.38 -6.93
CA ILE K 90 -8.26 -31.38 -7.90
C ILE K 90 -7.69 -30.02 -7.50
N PRO K 91 -7.62 -29.09 -8.46
CA PRO K 91 -7.17 -27.73 -8.12
C PRO K 91 -8.15 -27.03 -7.18
N LYS K 92 -7.60 -26.35 -6.18
CA LYS K 92 -8.38 -25.42 -5.38
C LYS K 92 -8.43 -24.06 -6.04
N ASN K 93 -7.32 -23.66 -6.66
CA ASN K 93 -7.18 -22.46 -7.48
C ASN K 93 -5.98 -22.71 -8.39
N ILE K 94 -5.44 -21.65 -9.00
CA ILE K 94 -4.30 -21.83 -9.87
C ILE K 94 -3.05 -22.27 -9.11
N GLU K 95 -3.05 -22.14 -7.78
CA GLU K 95 -1.90 -22.56 -6.97
C GLU K 95 -2.19 -23.78 -6.11
N ALA K 96 -3.24 -23.76 -5.30
CA ALA K 96 -3.48 -24.73 -4.25
C ALA K 96 -4.23 -25.96 -4.78
N ARG K 97 -4.26 -27.00 -3.95
CA ARG K 97 -4.90 -28.27 -4.27
C ARG K 97 -5.98 -28.63 -3.26
N ARG K 98 -6.87 -29.52 -3.69
CA ARG K 98 -7.93 -30.02 -2.84
C ARG K 98 -8.14 -31.50 -3.11
N GLN K 99 -8.25 -32.28 -2.04
CA GLN K 99 -8.29 -33.74 -2.14
C GLN K 99 -9.73 -34.25 -2.07
N TYR K 100 -10.14 -34.99 -3.08
CA TYR K 100 -11.35 -35.80 -3.02
C TYR K 100 -10.99 -37.23 -2.69
N LYS K 101 -11.96 -37.94 -2.11
CA LYS K 101 -11.82 -39.35 -1.78
C LYS K 101 -13.14 -40.00 -2.15
N MET K 102 -13.17 -40.69 -3.28
CA MET K 102 -14.38 -41.34 -3.75
C MET K 102 -14.45 -42.72 -3.13
N PRO K 103 -15.36 -42.98 -2.19
CA PRO K 103 -15.31 -44.24 -1.45
C PRO K 103 -15.63 -45.44 -2.31
N ASN K 104 -15.02 -46.57 -1.96
CA ASN K 104 -15.47 -47.88 -2.40
C ASN K 104 -17.00 -47.93 -2.37
N LEU K 105 -17.59 -48.42 -3.46
CA LEU K 105 -19.04 -48.44 -3.59
C LEU K 105 -19.69 -49.25 -2.46
N TYR K 106 -19.02 -50.30 -2.00
CA TYR K 106 -19.52 -51.10 -0.89
C TYR K 106 -19.63 -50.27 0.39
N SER K 107 -18.57 -49.55 0.73
CA SER K 107 -18.58 -48.70 1.92
C SER K 107 -19.57 -47.55 1.77
N TYR K 108 -19.61 -46.94 0.57
CA TYR K 108 -20.62 -45.94 0.28
C TYR K 108 -22.01 -46.47 0.59
N MET K 109 -22.33 -47.66 0.12
CA MET K 109 -23.68 -48.18 0.29
C MET K 109 -23.97 -48.54 1.75
N ALA K 110 -22.96 -49.01 2.49
CA ALA K 110 -23.15 -49.23 3.92
C ALA K 110 -23.52 -47.92 4.62
N LEU K 111 -22.73 -46.87 4.40
CA LEU K 111 -23.06 -45.56 4.95
C LEU K 111 -24.43 -45.08 4.47
N ASN K 112 -24.73 -45.33 3.21
CA ASN K 112 -25.97 -44.87 2.59
C ASN K 112 -27.19 -45.46 3.29
N TYR K 113 -27.21 -46.78 3.45
CA TYR K 113 -28.34 -47.39 4.13
C TYR K 113 -28.39 -47.00 5.60
N TYR K 114 -27.24 -46.83 6.26
CA TYR K 114 -27.31 -46.43 7.65
C TYR K 114 -27.94 -45.04 7.78
N ILE K 115 -27.57 -44.13 6.89
CA ILE K 115 -28.08 -42.76 6.95
C ILE K 115 -29.55 -42.71 6.61
N CYS K 116 -29.99 -43.47 5.60
CA CYS K 116 -31.42 -43.49 5.29
C CYS K 116 -32.22 -44.23 6.36
N ASP K 117 -31.60 -45.14 7.09
CA ASP K 117 -32.30 -45.80 8.18
C ASP K 117 -32.46 -44.88 9.39
N ASN K 118 -31.56 -43.92 9.55
CA ASN K 118 -31.61 -42.97 10.65
C ASN K 118 -31.90 -41.55 10.14
N LYS K 119 -32.63 -41.44 9.03
CA LYS K 119 -32.87 -40.15 8.39
C LYS K 119 -33.51 -39.13 9.32
N LYS K 120 -34.29 -39.57 10.31
CA LYS K 120 -34.93 -38.61 11.20
C LYS K 120 -33.91 -37.86 12.06
N GLU K 121 -32.80 -38.53 12.43
CA GLU K 121 -31.68 -37.84 13.09
C GLU K 121 -31.25 -36.61 12.30
N PHE K 122 -31.29 -36.70 10.97
CA PHE K 122 -30.86 -35.61 10.12
C PHE K 122 -31.98 -34.61 9.89
N ILE K 123 -33.19 -35.12 9.64
CA ILE K 123 -34.28 -34.29 9.17
C ILE K 123 -34.82 -33.39 10.29
N GLU K 124 -34.91 -33.89 11.52
CA GLU K 124 -35.36 -33.03 12.61
C GLU K 124 -34.45 -31.81 12.77
N VAL K 125 -33.13 -32.05 12.73
CA VAL K 125 -32.18 -30.94 12.89
C VAL K 125 -32.24 -30.01 11.69
N PHE K 126 -32.26 -30.56 10.47
CA PHE K 126 -32.27 -29.70 9.28
C PHE K 126 -33.52 -28.83 9.24
N ILE K 127 -34.68 -29.41 9.56
CA ILE K 127 -35.93 -28.66 9.51
C ILE K 127 -36.01 -27.65 10.63
N ASP K 128 -35.45 -27.97 11.80
CA ASP K 128 -35.42 -27.00 12.89
C ASP K 128 -34.38 -25.90 12.69
N ASN K 129 -33.43 -26.09 11.77
CA ASN K 129 -32.34 -25.14 11.57
C ASN K 129 -32.82 -23.90 10.82
N LYS K 130 -32.27 -22.74 11.21
CA LYS K 130 -32.62 -21.49 10.55
C LYS K 130 -31.46 -20.75 9.90
N PHE K 131 -30.21 -21.09 10.22
CA PHE K 131 -29.08 -20.29 9.75
C PHE K 131 -28.43 -20.84 8.50
N SER K 132 -28.65 -22.09 8.14
CA SER K 132 -27.95 -22.75 7.05
C SER K 132 -28.64 -22.49 5.72
N THR K 133 -27.88 -21.96 4.77
CA THR K 133 -28.29 -21.94 3.38
C THR K 133 -27.66 -23.08 2.59
N SER K 134 -26.93 -23.97 3.27
CA SER K 134 -26.28 -25.12 2.64
C SER K 134 -27.03 -26.43 2.87
N LYS K 135 -28.09 -26.42 3.66
CA LYS K 135 -28.80 -27.63 4.03
C LYS K 135 -29.83 -28.07 2.99
N PHE K 136 -29.78 -27.48 1.79
CA PHE K 136 -30.59 -27.92 0.66
C PHE K 136 -29.78 -28.65 -0.40
N PHE K 137 -28.45 -28.55 -0.35
CA PHE K 137 -27.53 -29.24 -1.24
C PHE K 137 -27.86 -29.03 -2.72
N ASN K 138 -28.28 -27.81 -3.07
CA ASN K 138 -28.55 -27.40 -4.44
C ASN K 138 -29.56 -28.31 -5.13
N GLN K 139 -30.44 -28.92 -4.34
CA GLN K 139 -31.36 -29.92 -4.93
C GLN K 139 -32.71 -29.29 -5.25
N LEU K 140 -33.46 -29.91 -6.16
CA LEU K 140 -34.82 -29.44 -6.53
C LEU K 140 -34.86 -27.96 -6.88
N ASN K 141 -35.64 -27.19 -6.13
CA ASN K 141 -35.90 -25.78 -6.45
C ASN K 141 -35.20 -24.85 -5.47
N PHE K 142 -34.31 -25.37 -4.64
CA PHE K 142 -33.59 -24.54 -3.67
C PHE K 142 -32.24 -24.16 -4.27
N ASP K 143 -32.33 -23.36 -5.31
CA ASP K 143 -31.18 -22.93 -6.09
C ASP K 143 -30.60 -21.64 -5.52
N TYR K 144 -29.67 -21.03 -6.25
CA TYR K 144 -28.85 -19.96 -5.70
C TYR K 144 -29.65 -18.72 -5.30
N PRO K 145 -30.54 -18.17 -6.13
CA PRO K 145 -31.31 -16.99 -5.68
C PRO K 145 -32.16 -17.24 -4.44
N LYS K 146 -32.73 -18.43 -4.27
CA LYS K 146 -33.51 -18.70 -3.06
C LYS K 146 -32.63 -18.71 -1.81
N THR K 147 -31.45 -19.32 -1.90
CA THR K 147 -30.55 -19.32 -0.75
C THR K 147 -30.06 -17.92 -0.44
N GLN K 148 -29.84 -17.10 -1.48
CA GLN K 148 -29.47 -15.70 -1.23
C GLN K 148 -30.61 -14.93 -0.60
N GLU K 149 -31.85 -15.27 -0.95
CA GLU K 149 -33.02 -14.67 -0.31
C GLU K 149 -33.02 -14.98 1.18
N ILE K 150 -32.76 -16.24 1.54
CA ILE K 150 -32.70 -16.63 2.94
C ILE K 150 -31.58 -15.89 3.66
N THR K 151 -30.41 -15.81 3.03
CA THR K 151 -29.29 -15.10 3.63
C THR K 151 -29.64 -13.63 3.87
N GLN K 152 -30.25 -12.99 2.89
CA GLN K 152 -30.64 -11.58 3.03
C GLN K 152 -31.58 -11.40 4.20
N THR K 153 -32.56 -12.28 4.35
CA THR K 153 -33.44 -12.19 5.50
C THR K 153 -32.67 -12.34 6.81
N LEU K 154 -31.71 -13.27 6.85
CA LEU K 154 -30.95 -13.49 8.08
C LEU K 154 -30.06 -12.31 8.43
N LEU K 155 -29.64 -11.52 7.44
CA LEU K 155 -28.73 -10.41 7.71
C LEU K 155 -29.45 -9.10 8.04
N TYR K 156 -30.74 -9.14 8.34
CA TYR K 156 -31.47 -7.92 8.66
C TYR K 156 -31.01 -7.30 9.97
N GLY K 157 -31.13 -5.98 10.05
CA GLY K 157 -30.86 -5.25 11.27
C GLY K 157 -29.41 -4.92 11.52
N GLY K 158 -28.50 -5.37 10.67
CA GLY K 158 -27.08 -5.26 10.93
C GLY K 158 -26.45 -4.15 10.09
N ILE K 159 -25.70 -3.30 10.77
CA ILE K 159 -24.94 -2.25 10.09
C ILE K 159 -23.56 -2.73 9.67
N LYS K 160 -23.11 -3.87 10.18
CA LYS K 160 -21.81 -4.44 9.87
C LYS K 160 -21.98 -5.94 9.68
N LYS K 161 -21.10 -6.51 8.87
CA LYS K 161 -21.05 -7.95 8.67
C LYS K 161 -19.68 -8.45 9.05
N LEU K 162 -19.63 -9.50 9.86
CA LEU K 162 -18.39 -10.19 10.15
C LEU K 162 -18.37 -11.50 9.36
N HIS K 163 -17.30 -11.69 8.60
CA HIS K 163 -17.09 -12.90 7.81
C HIS K 163 -16.06 -13.78 8.49
N LEU K 164 -16.44 -15.03 8.77
CA LEU K 164 -15.52 -16.03 9.32
C LEU K 164 -15.54 -17.28 8.47
N ASP K 165 -14.38 -17.90 8.34
CA ASP K 165 -14.21 -19.16 7.65
C ASP K 165 -13.44 -20.13 8.52
N LEU K 166 -13.72 -21.42 8.34
CA LEU K 166 -12.94 -22.48 8.95
C LEU K 166 -11.90 -22.94 7.94
N SER K 167 -10.66 -23.09 8.38
CA SER K 167 -9.58 -23.46 7.48
C SER K 167 -9.53 -24.97 7.32
N ASN K 168 -9.48 -25.42 6.05
CA ASN K 168 -9.32 -26.84 5.71
C ASN K 168 -10.35 -27.71 6.42
N PHE K 169 -11.61 -27.26 6.36
CA PHE K 169 -12.63 -27.82 7.25
C PHE K 169 -12.89 -29.29 6.95
N TYR K 170 -13.19 -29.62 5.69
CA TYR K 170 -13.51 -31.00 5.33
C TYR K 170 -12.32 -31.91 5.51
N HIS K 171 -11.12 -31.42 5.18
CA HIS K 171 -9.95 -32.26 5.02
C HIS K 171 -9.16 -32.48 6.29
N THR K 172 -9.41 -31.70 7.35
CA THR K 172 -8.76 -31.90 8.62
C THR K 172 -9.75 -32.18 9.75
N LEU K 173 -11.04 -32.33 9.42
CA LEU K 173 -12.04 -32.59 10.44
C LEU K 173 -11.74 -33.88 11.18
N TYR K 174 -11.56 -33.78 12.49
CA TYR K 174 -11.38 -34.96 13.33
C TYR K 174 -12.70 -35.70 13.43
N THR K 175 -12.73 -36.95 12.93
CA THR K 175 -13.99 -37.67 12.80
C THR K 175 -14.57 -38.07 14.15
N HIS K 176 -13.72 -38.27 15.17
CA HIS K 176 -14.25 -38.54 16.50
C HIS K 176 -14.83 -37.30 17.17
N SER K 177 -14.65 -36.13 16.58
CA SER K 177 -15.34 -34.95 17.07
C SER K 177 -16.78 -34.86 16.58
N ILE K 178 -17.18 -35.72 15.64
CA ILE K 178 -18.57 -35.75 15.21
C ILE K 178 -19.50 -36.16 16.35
N PRO K 179 -19.25 -37.24 17.10
CA PRO K 179 -20.10 -37.51 18.28
C PRO K 179 -20.03 -36.42 19.33
N TRP K 180 -18.91 -35.70 19.45
CA TRP K 180 -18.87 -34.56 20.36
C TRP K 180 -19.88 -33.50 19.95
N MET K 181 -19.89 -33.14 18.67
CA MET K 181 -20.80 -32.11 18.19
C MET K 181 -22.25 -32.56 18.32
N ILE K 182 -22.52 -33.82 17.97
CA ILE K 182 -23.89 -34.32 18.02
C ILE K 182 -24.38 -34.50 19.45
N ASP K 183 -23.56 -35.09 20.32
CA ASP K 183 -24.01 -35.52 21.63
C ASP K 183 -23.41 -34.77 22.81
N GLY K 184 -22.40 -33.94 22.60
CA GLY K 184 -21.68 -33.34 23.69
C GLY K 184 -20.34 -34.02 23.89
N LYS K 185 -19.28 -33.22 24.03
CA LYS K 185 -17.94 -33.80 24.13
C LYS K 185 -17.77 -34.62 25.40
N SER K 186 -18.35 -34.18 26.50
CA SER K 186 -18.22 -34.87 27.78
C SER K 186 -19.06 -36.15 27.85
N ALA K 187 -19.73 -36.52 26.76
CA ALA K 187 -20.44 -37.78 26.67
C ALA K 187 -19.75 -38.76 25.74
N SER K 188 -18.64 -38.34 25.11
CA SER K 188 -17.82 -39.28 24.33
C SER K 188 -17.25 -40.36 25.24
N LYS K 189 -16.80 -39.98 26.42
CA LYS K 189 -16.35 -40.92 27.43
C LYS K 189 -17.57 -41.60 28.03
N GLN K 190 -17.58 -42.93 28.01
CA GLN K 190 -18.77 -43.71 28.38
C GLN K 190 -19.39 -43.30 29.71
N LYS K 193 -20.09 -46.22 23.09
CA LYS K 193 -20.45 -46.45 21.70
C LYS K 193 -21.87 -47.01 21.58
N LYS K 194 -22.11 -47.72 20.47
CA LYS K 194 -23.39 -48.34 20.11
C LYS K 194 -24.47 -47.31 19.79
N GLY K 195 -24.20 -46.02 19.91
CA GLY K 195 -25.17 -45.01 19.56
C GLY K 195 -25.13 -44.66 18.08
N PHE K 196 -26.01 -43.73 17.71
CA PHE K 196 -26.14 -43.37 16.30
C PHE K 196 -24.89 -42.66 15.80
N SER K 197 -24.41 -41.66 16.53
CA SER K 197 -23.30 -40.85 16.04
C SER K 197 -21.99 -41.62 16.04
N ASN K 198 -21.80 -42.51 17.02
CA ASN K 198 -20.60 -43.34 17.05
C ASN K 198 -20.56 -44.30 15.87
N THR K 199 -21.69 -44.95 15.56
CA THR K 199 -21.76 -45.82 14.40
C THR K 199 -21.55 -45.05 13.11
N LEU K 200 -22.10 -43.82 13.04
CA LEU K 200 -21.89 -42.99 11.87
C LEU K 200 -20.40 -42.69 11.67
N ASP K 201 -19.71 -42.32 12.75
CA ASP K 201 -18.28 -42.09 12.68
C ASP K 201 -17.53 -43.35 12.22
N THR K 202 -17.94 -44.51 12.73
CA THR K 202 -17.30 -45.76 12.34
C THR K 202 -17.47 -46.04 10.86
N LEU K 203 -18.66 -45.82 10.31
CA LEU K 203 -18.86 -46.05 8.88
C LEU K 203 -18.10 -45.04 8.03
N ILE K 204 -17.98 -43.79 8.48
CA ILE K 204 -17.17 -42.82 7.75
C ILE K 204 -15.72 -43.28 7.68
N THR K 205 -15.16 -43.67 8.83
CA THR K 205 -13.78 -44.11 8.82
C THR K 205 -13.61 -45.39 8.00
N ALA K 206 -14.62 -46.26 7.98
CA ALA K 206 -14.57 -47.41 7.10
C ALA K 206 -14.53 -46.99 5.63
N CYS K 207 -15.18 -45.88 5.30
CA CYS K 207 -15.09 -45.38 3.93
C CYS K 207 -13.69 -44.88 3.59
N GLN K 208 -12.90 -44.46 4.59
CA GLN K 208 -11.54 -44.00 4.29
C GLN K 208 -10.48 -44.84 4.99
N TYR K 209 -10.73 -46.15 5.14
CA TYR K 209 -9.75 -47.12 5.60
C TYR K 209 -9.33 -46.88 7.05
N ASP K 210 -10.32 -46.68 7.92
CA ASP K 210 -10.13 -46.38 9.34
C ASP K 210 -9.19 -45.20 9.57
N GLU K 211 -9.27 -44.21 8.71
CA GLU K 211 -8.49 -42.99 8.87
C GLU K 211 -9.41 -41.98 9.54
N THR K 212 -8.95 -41.36 10.61
CA THR K 212 -9.77 -40.45 11.37
C THR K 212 -9.50 -39.00 11.02
N HIS K 213 -8.61 -38.74 10.08
CA HIS K 213 -8.21 -37.40 9.70
C HIS K 213 -9.02 -37.00 8.47
N GLY K 214 -10.01 -36.12 8.67
CA GLY K 214 -10.81 -35.62 7.58
C GLY K 214 -11.99 -36.49 7.22
N ILE K 215 -12.82 -35.97 6.32
CA ILE K 215 -14.06 -36.58 5.87
C ILE K 215 -13.88 -36.92 4.39
N PRO K 216 -14.38 -38.07 3.89
CA PRO K 216 -14.22 -38.37 2.46
C PRO K 216 -15.02 -37.45 1.57
N THR K 217 -14.34 -36.51 0.93
CA THR K 217 -14.97 -35.39 0.25
C THR K 217 -15.24 -35.70 -1.21
N GLY K 218 -16.37 -35.19 -1.71
CA GLY K 218 -16.69 -35.29 -3.13
C GLY K 218 -18.00 -35.96 -3.43
N ASN K 219 -18.79 -36.26 -2.39
CA ASN K 219 -20.05 -36.97 -2.55
C ASN K 219 -21.08 -36.36 -1.62
N LEU K 220 -22.35 -36.73 -1.86
CA LEU K 220 -23.44 -36.08 -1.16
C LEU K 220 -23.59 -36.57 0.28
N LEU K 221 -23.25 -37.82 0.59
CA LEU K 221 -23.32 -38.28 1.97
C LEU K 221 -22.36 -37.50 2.86
N SER K 222 -21.17 -37.20 2.36
CA SER K 222 -20.25 -36.37 3.13
C SER K 222 -20.83 -34.99 3.39
N ARG K 223 -21.48 -34.41 2.37
CA ARG K 223 -22.12 -33.11 2.55
C ARG K 223 -23.23 -33.17 3.59
N ILE K 224 -24.01 -34.24 3.60
CA ILE K 224 -25.08 -34.39 4.58
C ILE K 224 -24.52 -34.53 5.99
N ILE K 225 -23.47 -35.34 6.17
CA ILE K 225 -22.87 -35.50 7.49
C ILE K 225 -22.25 -34.19 7.97
N THR K 226 -21.54 -33.49 7.09
CA THR K 226 -20.95 -32.21 7.43
C THR K 226 -22.04 -31.18 7.78
N GLU K 227 -23.17 -31.24 7.08
CA GLU K 227 -24.27 -30.34 7.38
C GLU K 227 -24.89 -30.65 8.74
N LEU K 228 -25.00 -31.93 9.10
CA LEU K 228 -25.46 -32.28 10.44
C LEU K 228 -24.52 -31.73 11.51
N TYR K 229 -23.22 -31.95 11.33
CA TYR K 229 -22.21 -31.41 12.23
C TYR K 229 -22.38 -29.90 12.38
N MET K 230 -22.51 -29.19 11.26
CA MET K 230 -22.55 -27.74 11.31
C MET K 230 -23.89 -27.24 11.85
N CYS K 231 -24.99 -27.96 11.62
CA CYS K 231 -26.26 -27.54 12.19
C CYS K 231 -26.29 -27.76 13.70
N HIS K 232 -25.51 -28.70 14.22
CA HIS K 232 -25.38 -28.80 15.66
C HIS K 232 -24.51 -27.68 16.22
N PHE K 233 -23.47 -27.31 15.48
CA PHE K 233 -22.75 -26.07 15.80
C PHE K 233 -23.70 -24.88 15.85
N ASP K 234 -24.59 -24.79 14.85
CA ASP K 234 -25.60 -23.72 14.81
C ASP K 234 -26.55 -23.80 15.99
N LYS K 235 -26.93 -25.01 16.40
CA LYS K 235 -27.80 -25.11 17.58
C LYS K 235 -27.11 -24.56 18.82
N GLN K 236 -25.82 -24.87 18.99
CA GLN K 236 -25.09 -24.29 20.11
C GLN K 236 -25.06 -22.76 20.03
N MET K 237 -24.82 -22.20 18.85
CA MET K 237 -24.77 -20.74 18.75
C MET K 237 -26.15 -20.10 18.90
N GLU K 238 -27.21 -20.80 18.51
CA GLU K 238 -28.56 -20.26 18.63
C GLU K 238 -29.04 -20.28 20.07
N TYR K 239 -28.66 -21.30 20.83
CA TYR K 239 -29.00 -21.32 22.25
C TYR K 239 -28.36 -20.15 23.00
N LYS K 240 -27.25 -19.63 22.49
CA LYS K 240 -26.65 -18.43 23.04
C LYS K 240 -27.21 -17.18 22.39
N LYS K 241 -28.28 -17.30 21.62
CA LYS K 241 -29.05 -16.18 21.08
C LYS K 241 -28.24 -15.35 20.08
N PHE K 242 -27.66 -16.02 19.09
CA PHE K 242 -27.04 -15.30 17.99
C PHE K 242 -27.71 -15.65 16.67
N VAL K 243 -27.63 -14.72 15.75
CA VAL K 243 -28.23 -14.83 14.42
C VAL K 243 -27.14 -14.62 13.39
N TYR K 244 -27.04 -15.53 12.44
CA TYR K 244 -26.07 -15.41 11.36
C TYR K 244 -26.51 -16.28 10.19
N SER K 245 -25.95 -16.14 9.09
CA SER K 245 -25.99 -16.95 7.87
C SER K 245 -24.77 -17.85 7.78
N ARG K 246 -24.90 -19.08 7.54
CA ARG K 246 -23.89 -20.02 7.21
C ARG K 246 -24.09 -20.77 5.91
N TYR K 247 -23.13 -20.67 5.04
CA TYR K 247 -23.00 -21.59 3.92
C TYR K 247 -21.82 -22.58 4.21
N VAL K 248 -22.11 -23.78 4.73
CA VAL K 248 -21.06 -24.81 5.03
C VAL K 248 -20.15 -24.31 6.15
N ASP K 249 -19.22 -23.40 5.84
CA ASP K 249 -18.26 -22.90 6.86
C ASP K 249 -18.10 -21.38 6.69
N ASP K 250 -18.84 -20.79 5.76
CA ASP K 250 -18.78 -19.31 5.55
C ASP K 250 -19.79 -18.64 6.48
N PHE K 251 -19.33 -18.03 7.58
CA PHE K 251 -20.23 -17.42 8.58
C PHE K 251 -20.39 -15.93 8.29
N ILE K 252 -21.63 -15.47 8.11
CA ILE K 252 -21.89 -14.01 7.90
C ILE K 252 -22.61 -13.49 9.14
N PHE K 253 -21.89 -12.83 10.05
CA PHE K 253 -22.51 -12.38 11.33
C PHE K 253 -23.02 -10.93 11.20
N PRO K 254 -24.35 -10.63 11.20
CA PRO K 254 -24.80 -9.24 11.19
C PRO K 254 -24.76 -8.61 12.58
N PHE K 255 -24.27 -7.39 12.69
CA PHE K 255 -24.14 -6.78 14.00
C PHE K 255 -24.04 -5.27 13.83
N THR K 256 -24.25 -4.56 14.95
CA THR K 256 -24.23 -3.10 14.94
C THR K 256 -23.19 -2.53 15.88
N PHE K 257 -23.12 -3.04 17.10
CA PHE K 257 -22.20 -2.57 18.12
C PHE K 257 -21.07 -3.58 18.30
N GLU K 258 -19.88 -3.06 18.62
CA GLU K 258 -18.70 -3.91 18.71
C GLU K 258 -18.80 -4.93 19.84
N ASN K 259 -19.61 -4.66 20.88
CA ASN K 259 -19.76 -5.65 21.94
C ASN K 259 -20.44 -6.91 21.42
N GLU K 260 -21.42 -6.77 20.52
CA GLU K 260 -22.04 -7.93 19.90
C GLU K 260 -21.02 -8.76 19.14
N LYS K 261 -20.19 -8.09 18.34
CA LYS K 261 -19.15 -8.77 17.57
C LYS K 261 -18.17 -9.49 18.48
N GLN K 262 -17.74 -8.83 19.55
CA GLN K 262 -16.76 -9.45 20.46
C GLN K 262 -17.35 -10.65 21.18
N GLU K 263 -18.59 -10.54 21.63
CA GLU K 263 -19.22 -11.68 22.32
C GLU K 263 -19.42 -12.85 21.37
N PHE K 264 -19.83 -12.56 20.13
CA PHE K 264 -19.93 -13.60 19.11
C PHE K 264 -18.58 -14.26 18.86
N LEU K 265 -17.53 -13.45 18.73
CA LEU K 265 -16.21 -14.01 18.46
C LEU K 265 -15.74 -14.89 19.62
N ASN K 266 -15.97 -14.46 20.86
CA ASN K 266 -15.59 -15.30 22.00
C ASN K 266 -16.34 -16.63 21.99
N GLU K 267 -17.66 -16.60 21.77
CA GLU K 267 -18.42 -17.84 21.76
C GLU K 267 -17.99 -18.77 20.63
N PHE K 268 -17.78 -18.19 19.45
CA PHE K 268 -17.40 -18.97 18.28
C PHE K 268 -16.01 -19.59 18.47
N ASN K 269 -15.07 -18.80 19.00
CA ASN K 269 -13.75 -19.32 19.35
C ASN K 269 -13.85 -20.45 20.35
N LEU K 270 -14.74 -20.32 21.32
CA LEU K 270 -14.88 -21.34 22.36
C LEU K 270 -15.35 -22.67 21.77
N ILE K 271 -16.38 -22.62 20.92
CA ILE K 271 -16.88 -23.86 20.32
C ILE K 271 -15.85 -24.45 19.36
N CYS K 272 -15.16 -23.61 18.60
CA CYS K 272 -14.12 -24.11 17.70
C CYS K 272 -13.00 -24.79 18.48
N ARG K 273 -12.60 -24.21 19.62
CA ARG K 273 -11.56 -24.83 20.44
C ARG K 273 -12.05 -26.13 21.05
N GLU K 274 -13.33 -26.19 21.44
CA GLU K 274 -13.86 -27.43 21.99
C GLU K 274 -13.86 -28.56 20.96
N ASN K 275 -14.07 -28.24 19.67
CA ASN K 275 -14.23 -29.28 18.67
C ASN K 275 -13.04 -29.40 17.72
N ASN K 276 -11.88 -28.84 18.08
CA ASN K 276 -10.68 -28.87 17.25
C ASN K 276 -10.93 -28.30 15.86
N LEU K 277 -11.67 -27.19 15.81
CA LEU K 277 -11.91 -26.46 14.58
C LEU K 277 -11.02 -25.22 14.57
N ILE K 278 -10.48 -24.88 13.41
CA ILE K 278 -9.53 -23.80 13.28
C ILE K 278 -10.09 -22.75 12.33
N ILE K 279 -10.12 -21.51 12.79
CA ILE K 279 -10.58 -20.40 11.97
C ILE K 279 -9.48 -20.00 10.98
N ASN K 280 -9.86 -19.74 9.74
CA ASN K 280 -8.94 -19.19 8.75
C ASN K 280 -8.87 -17.68 8.98
N ASP K 281 -7.87 -17.25 9.74
CA ASP K 281 -7.76 -15.84 10.14
C ASP K 281 -7.53 -14.91 8.96
N ASN K 282 -7.08 -15.44 7.82
CA ASN K 282 -6.88 -14.61 6.64
C ASN K 282 -8.20 -14.08 6.10
N LYS K 283 -9.25 -14.91 6.15
CA LYS K 283 -10.55 -14.58 5.59
C LYS K 283 -11.44 -13.78 6.55
N THR K 284 -10.97 -13.46 7.75
CA THR K 284 -11.77 -12.69 8.69
C THR K 284 -11.78 -11.23 8.28
N LYS K 285 -12.96 -10.66 8.13
CA LYS K 285 -13.10 -9.28 7.71
C LYS K 285 -14.45 -8.74 8.14
N VAL K 286 -14.47 -7.47 8.50
CA VAL K 286 -15.70 -6.74 8.78
C VAL K 286 -16.01 -5.85 7.59
N ASP K 287 -17.23 -5.92 7.10
CA ASP K 287 -17.71 -5.03 6.04
C ASP K 287 -18.68 -4.03 6.62
N ASN K 288 -18.45 -2.75 6.34
CA ASN K 288 -19.29 -1.67 6.82
C ASN K 288 -20.27 -1.28 5.73
N PHE K 289 -21.48 -0.92 6.13
CA PHE K 289 -22.43 -0.37 5.18
C PHE K 289 -22.04 1.06 4.84
N PRO K 290 -22.12 1.46 3.55
CA PRO K 290 -22.66 0.68 2.42
C PRO K 290 -21.84 -0.56 2.04
N PHE K 291 -22.54 -1.68 1.89
CA PHE K 291 -21.89 -2.97 1.74
C PHE K 291 -21.41 -3.17 0.31
N VAL K 292 -20.24 -3.78 0.18
CA VAL K 292 -19.71 -4.17 -1.12
C VAL K 292 -20.37 -5.47 -1.56
N ASP K 293 -20.71 -5.55 -2.85
CA ASP K 293 -21.22 -6.80 -3.43
C ASP K 293 -20.54 -6.97 -4.79
N LYS K 294 -19.59 -7.90 -4.86
CA LYS K 294 -18.83 -8.13 -6.07
C LYS K 294 -19.39 -9.24 -6.94
N SER K 295 -20.48 -9.89 -6.54
CA SER K 295 -20.96 -11.07 -7.23
C SER K 295 -22.25 -10.83 -8.01
N SER K 296 -22.56 -9.57 -8.31
CA SER K 296 -23.69 -9.29 -9.19
C SER K 296 -23.44 -9.88 -10.57
N LYS K 297 -24.39 -10.69 -11.03
CA LYS K 297 -24.30 -11.38 -12.31
C LYS K 297 -25.20 -10.77 -13.37
N SER K 298 -25.75 -9.57 -13.13
CA SER K 298 -26.76 -9.01 -14.01
C SER K 298 -26.18 -8.65 -15.38
N ASP K 299 -25.03 -7.96 -15.39
CA ASP K 299 -24.36 -7.65 -16.65
C ASP K 299 -23.98 -8.91 -17.40
N ILE K 300 -23.55 -9.95 -16.68
CA ILE K 300 -23.13 -11.19 -17.32
C ILE K 300 -24.30 -11.84 -18.04
N PHE K 301 -25.45 -12.01 -17.37
CA PHE K 301 -26.50 -12.73 -18.08
C PHE K 301 -27.22 -11.84 -19.07
N SER K 302 -26.95 -10.53 -19.07
CA SER K 302 -27.51 -9.62 -20.04
C SER K 302 -26.46 -9.14 -21.05
N PHE K 303 -25.41 -9.93 -21.29
CA PHE K 303 -24.44 -9.53 -22.29
C PHE K 303 -25.05 -9.47 -23.69
N PHE K 304 -25.96 -10.40 -24.00
CA PHE K 304 -26.43 -10.71 -25.34
C PHE K 304 -27.79 -10.12 -25.68
N GLU K 305 -28.19 -9.04 -25.00
CA GLU K 305 -29.55 -8.53 -25.16
C GLU K 305 -29.79 -8.04 -26.58
N ASN K 306 -28.80 -7.39 -27.17
CA ASN K 306 -28.94 -6.65 -28.42
C ASN K 306 -28.39 -7.41 -29.63
N ILE K 307 -28.24 -8.72 -29.52
CA ILE K 307 -27.90 -9.58 -30.64
C ILE K 307 -29.11 -10.44 -30.96
N THR K 308 -29.35 -10.68 -32.25
CA THR K 308 -30.50 -11.46 -32.69
C THR K 308 -30.03 -12.48 -33.72
N SER K 309 -30.93 -13.39 -34.08
CA SER K 309 -30.63 -14.34 -35.14
C SER K 309 -30.49 -13.66 -36.50
N THR K 310 -30.96 -12.43 -36.64
CA THR K 310 -30.72 -11.68 -37.87
C THR K 310 -29.31 -11.13 -37.94
N ASN K 311 -28.59 -11.08 -36.82
CA ASN K 311 -27.19 -10.71 -36.86
C ASN K 311 -26.37 -11.76 -37.59
N SER K 312 -25.31 -11.31 -38.24
CA SER K 312 -24.46 -12.21 -39.01
C SER K 312 -23.74 -13.21 -38.10
N ASN K 313 -23.30 -14.31 -38.69
CA ASN K 313 -22.57 -15.31 -37.93
C ASN K 313 -21.25 -14.75 -37.42
N ASP K 314 -20.63 -13.83 -38.17
CA ASP K 314 -19.39 -13.21 -37.74
C ASP K 314 -19.59 -12.38 -36.49
N LYS K 315 -20.70 -11.64 -36.41
CA LYS K 315 -20.97 -10.88 -35.20
C LYS K 315 -21.24 -11.79 -34.02
N TRP K 316 -21.92 -12.92 -34.26
CA TRP K 316 -22.11 -13.90 -33.18
C TRP K 316 -20.76 -14.42 -32.68
N ILE K 317 -19.85 -14.72 -33.61
CA ILE K 317 -18.54 -15.23 -33.22
C ILE K 317 -17.79 -14.22 -32.37
N LYS K 318 -17.73 -12.98 -32.85
CA LYS K 318 -17.00 -11.94 -32.13
C LYS K 318 -17.66 -11.61 -30.79
N GLU K 319 -18.98 -11.63 -30.75
CA GLU K 319 -19.71 -11.36 -29.52
C GLU K 319 -19.44 -12.45 -28.48
N ILE K 320 -19.42 -13.71 -28.90
CA ILE K 320 -19.11 -14.80 -27.98
C ILE K 320 -17.67 -14.69 -27.47
N SER K 321 -16.74 -14.34 -28.35
CA SER K 321 -15.35 -14.17 -27.93
C SER K 321 -15.23 -13.05 -26.88
N ASN K 322 -15.84 -11.90 -27.15
CA ASN K 322 -15.83 -10.81 -26.19
C ASN K 322 -16.51 -11.23 -24.89
N PHE K 323 -17.54 -12.06 -24.99
CA PHE K 323 -18.22 -12.54 -23.79
C PHE K 323 -17.27 -13.34 -22.92
N ILE K 324 -16.50 -14.24 -23.52
CA ILE K 324 -15.55 -15.05 -22.75
C ILE K 324 -14.53 -14.15 -22.08
N ASP K 325 -13.98 -13.19 -22.82
CA ASP K 325 -13.00 -12.28 -22.20
C ASP K 325 -13.63 -11.51 -21.05
N TYR K 326 -14.87 -11.05 -21.23
CA TYR K 326 -15.53 -10.26 -20.21
C TYR K 326 -15.77 -11.06 -18.94
N CYS K 327 -16.21 -12.31 -19.06
CA CYS K 327 -16.43 -13.11 -17.85
C CYS K 327 -15.13 -13.51 -17.18
N VAL K 328 -14.07 -13.76 -17.96
CA VAL K 328 -12.78 -14.05 -17.33
C VAL K 328 -12.30 -12.85 -16.55
N ASN K 329 -12.48 -11.65 -17.10
CA ASN K 329 -12.12 -10.43 -16.36
C ASN K 329 -12.98 -10.26 -15.11
N GLU K 330 -14.28 -10.56 -15.23
CA GLU K 330 -15.16 -10.49 -14.07
C GLU K 330 -14.68 -11.40 -12.95
N GLU K 331 -14.30 -12.64 -13.30
CA GLU K 331 -13.79 -13.56 -12.29
C GLU K 331 -12.47 -13.07 -11.72
N HIS K 332 -11.61 -12.46 -12.54
CA HIS K 332 -10.38 -11.89 -12.00
C HIS K 332 -10.68 -10.80 -10.99
N LEU K 333 -11.73 -10.01 -11.22
CA LEU K 333 -12.07 -8.91 -10.34
C LEU K 333 -12.78 -9.35 -9.07
N GLY K 334 -13.09 -10.64 -8.92
CA GLY K 334 -13.73 -11.14 -7.72
C GLY K 334 -15.17 -11.58 -7.87
N ASN K 335 -15.71 -11.59 -9.09
CA ASN K 335 -17.07 -12.07 -9.35
C ASN K 335 -17.03 -13.58 -9.36
N LYS K 336 -17.39 -14.19 -8.24
CA LYS K 336 -17.26 -15.63 -8.08
C LYS K 336 -18.27 -16.37 -8.94
N GLY K 337 -17.79 -17.36 -9.69
CA GLY K 337 -18.63 -18.15 -10.56
C GLY K 337 -18.90 -17.56 -11.93
N ALA K 338 -18.22 -16.46 -12.28
CA ALA K 338 -18.44 -15.84 -13.59
C ALA K 338 -17.99 -16.74 -14.73
N ILE K 339 -16.83 -17.40 -14.56
CA ILE K 339 -16.35 -18.31 -15.59
C ILE K 339 -17.31 -19.48 -15.75
N LYS K 340 -17.84 -20.00 -14.63
CA LYS K 340 -18.86 -21.03 -14.72
C LYS K 340 -20.05 -20.56 -15.55
N CYS K 341 -20.40 -19.28 -15.45
CA CYS K 341 -21.56 -18.75 -16.14
C CYS K 341 -21.42 -18.74 -17.66
N ILE K 342 -20.19 -18.76 -18.19
CA ILE K 342 -20.00 -18.60 -19.63
C ILE K 342 -20.80 -19.64 -20.42
N PHE K 343 -20.65 -20.91 -20.06
CA PHE K 343 -21.23 -21.98 -20.87
C PHE K 343 -22.76 -22.01 -20.79
N PRO K 344 -23.39 -22.03 -19.62
CA PRO K 344 -24.86 -22.04 -19.59
C PRO K 344 -25.48 -20.86 -20.29
N VAL K 345 -24.93 -19.65 -20.14
CA VAL K 345 -25.61 -18.51 -20.71
C VAL K 345 -25.37 -18.43 -22.21
N ILE K 346 -24.23 -18.91 -22.71
CA ILE K 346 -24.07 -19.00 -24.16
C ILE K 346 -25.09 -19.97 -24.73
N THR K 347 -25.24 -21.13 -24.09
CA THR K 347 -26.20 -22.12 -24.56
C THR K 347 -27.63 -21.59 -24.52
N ASN K 348 -27.99 -20.91 -23.42
CA ASN K 348 -29.34 -20.39 -23.30
C ASN K 348 -29.59 -19.22 -24.24
N THR K 349 -28.57 -18.40 -24.52
CA THR K 349 -28.72 -17.36 -25.51
C THR K 349 -28.92 -17.93 -26.90
N LEU K 350 -28.18 -18.97 -27.24
CA LEU K 350 -28.33 -19.61 -28.54
C LEU K 350 -29.72 -20.20 -28.68
N LYS K 351 -30.22 -20.81 -27.61
CA LYS K 351 -31.58 -21.36 -27.63
C LYS K 351 -32.63 -20.26 -27.70
N GLN K 352 -32.46 -19.19 -26.92
CA GLN K 352 -33.50 -18.17 -26.80
C GLN K 352 -33.53 -17.23 -28.00
N LYS K 353 -32.37 -16.85 -28.52
CA LYS K 353 -32.32 -16.08 -29.77
C LYS K 353 -32.85 -16.90 -30.93
N LYS K 354 -32.99 -18.21 -30.75
CA LYS K 354 -33.63 -19.09 -31.72
C LYS K 354 -32.80 -19.16 -32.99
N VAL K 355 -31.49 -19.35 -32.82
CA VAL K 355 -30.57 -19.44 -33.95
C VAL K 355 -30.71 -20.81 -34.58
N ASP K 356 -30.72 -20.85 -35.91
CA ASP K 356 -30.98 -22.08 -36.65
C ASP K 356 -29.76 -23.01 -36.54
N THR K 357 -30.02 -24.31 -36.75
CA THR K 357 -29.00 -25.34 -36.52
C THR K 357 -27.80 -25.14 -37.44
N LYS K 358 -28.06 -24.86 -38.71
CA LYS K 358 -26.99 -24.60 -39.67
C LYS K 358 -26.24 -23.30 -39.35
N ASN K 359 -26.93 -22.31 -38.79
CA ASN K 359 -26.22 -21.12 -38.33
C ASN K 359 -25.30 -21.43 -37.15
N ILE K 360 -25.75 -22.30 -36.23
CA ILE K 360 -24.91 -22.71 -35.10
C ILE K 360 -23.70 -23.48 -35.59
N ASP K 361 -23.91 -24.39 -36.54
CA ASP K 361 -22.81 -25.08 -37.18
C ASP K 361 -21.79 -24.10 -37.77
N ASN K 362 -22.27 -23.07 -38.46
CA ASN K 362 -21.35 -22.08 -39.01
C ASN K 362 -20.64 -21.30 -37.92
N ILE K 363 -21.34 -20.92 -36.86
CA ILE K 363 -20.72 -20.14 -35.79
C ILE K 363 -19.56 -20.90 -35.16
N PHE K 364 -19.79 -22.17 -34.80
CA PHE K 364 -18.76 -22.87 -34.05
C PHE K 364 -17.80 -23.67 -34.92
N SER K 365 -18.07 -23.85 -36.21
CA SER K 365 -17.15 -24.60 -37.05
C SER K 365 -16.30 -23.71 -37.96
N LYS K 366 -16.55 -22.41 -38.00
CA LYS K 366 -15.86 -21.54 -38.93
C LYS K 366 -14.43 -21.28 -38.48
N ARG K 367 -13.49 -21.50 -39.38
CA ARG K 367 -12.10 -21.10 -39.21
C ARG K 367 -11.84 -19.88 -40.08
N ASN K 368 -11.60 -18.74 -39.44
CA ASN K 368 -11.25 -17.53 -40.18
C ASN K 368 -9.90 -17.75 -40.86
N MET K 369 -9.85 -17.47 -42.16
CA MET K 369 -8.69 -17.87 -42.96
C MET K 369 -7.46 -17.04 -42.61
N VAL K 370 -7.63 -15.73 -42.44
CA VAL K 370 -6.49 -14.87 -42.12
C VAL K 370 -5.97 -15.14 -40.71
N THR K 371 -6.87 -15.20 -39.75
CA THR K 371 -6.49 -15.24 -38.34
C THR K 371 -6.41 -16.64 -37.75
N ASN K 372 -6.87 -17.66 -38.47
CA ASN K 372 -6.92 -19.04 -37.99
C ASN K 372 -7.75 -19.18 -36.72
N PHE K 373 -8.65 -18.25 -36.45
CA PHE K 373 -9.41 -18.24 -35.22
C PHE K 373 -10.69 -19.05 -35.37
N ASN K 374 -10.99 -19.84 -34.34
CA ASN K 374 -12.21 -20.61 -34.23
C ASN K 374 -12.67 -20.51 -32.79
N VAL K 375 -13.97 -20.30 -32.58
CA VAL K 375 -14.45 -19.94 -31.25
C VAL K 375 -14.59 -21.17 -30.34
N PHE K 376 -14.92 -22.34 -30.91
CA PHE K 376 -14.81 -23.60 -30.17
C PHE K 376 -13.40 -23.84 -29.66
N GLU K 377 -12.37 -23.53 -30.45
CA GLU K 377 -11.02 -23.74 -29.95
C GLU K 377 -10.73 -22.81 -28.76
N LYS K 378 -11.22 -21.56 -28.81
CA LYS K 378 -11.04 -20.65 -27.70
C LYS K 378 -11.74 -21.17 -26.45
N ILE K 379 -12.94 -21.71 -26.59
CA ILE K 379 -13.67 -22.21 -25.43
C ILE K 379 -13.00 -23.46 -24.87
N LEU K 380 -12.50 -24.33 -25.74
CA LEU K 380 -11.73 -25.49 -25.31
C LEU K 380 -10.48 -25.09 -24.53
N ASP K 381 -9.76 -24.09 -25.02
CA ASP K 381 -8.56 -23.63 -24.33
C ASP K 381 -8.90 -22.99 -22.99
N LEU K 382 -10.01 -22.24 -22.93
CA LEU K 382 -10.51 -21.75 -21.66
C LEU K 382 -10.76 -22.89 -20.68
N SER K 383 -11.41 -23.97 -21.15
CA SER K 383 -11.70 -25.10 -20.27
C SER K 383 -10.41 -25.76 -19.80
N LEU K 384 -9.42 -25.88 -20.68
CA LEU K 384 -8.15 -26.46 -20.27
C LEU K 384 -7.39 -25.56 -19.31
N LYS K 385 -7.75 -24.27 -19.23
CA LYS K 385 -7.15 -23.41 -18.22
C LYS K 385 -7.56 -23.79 -16.79
N ASP K 386 -8.67 -24.48 -16.59
CA ASP K 386 -9.09 -24.90 -15.25
C ASP K 386 -9.83 -26.23 -15.37
N SER K 387 -9.25 -27.30 -14.82
CA SER K 387 -9.80 -28.63 -14.99
C SER K 387 -11.13 -28.83 -14.27
N ARG K 388 -11.50 -27.92 -13.36
CA ARG K 388 -12.83 -27.99 -12.75
C ARG K 388 -13.92 -27.63 -13.75
N LEU K 389 -13.56 -27.15 -14.93
CA LEU K 389 -14.48 -26.75 -15.97
C LEU K 389 -14.75 -27.87 -16.98
N THR K 390 -14.19 -29.06 -16.77
CA THR K 390 -14.29 -30.13 -17.75
C THR K 390 -15.74 -30.51 -18.03
N ASN K 391 -16.52 -30.70 -16.96
CA ASN K 391 -17.91 -31.10 -17.11
C ASN K 391 -18.73 -30.01 -17.78
N LYS K 392 -18.51 -28.75 -17.40
CA LYS K 392 -19.26 -27.67 -18.02
C LYS K 392 -18.93 -27.54 -19.49
N PHE K 393 -17.66 -27.70 -19.86
CA PHE K 393 -17.29 -27.66 -21.27
C PHE K 393 -17.92 -28.80 -22.05
N LEU K 394 -17.90 -30.01 -21.50
CA LEU K 394 -18.46 -31.14 -22.25
C LEU K 394 -19.98 -31.07 -22.34
N THR K 395 -20.63 -30.55 -21.29
CA THR K 395 -22.06 -30.30 -21.36
C THR K 395 -22.39 -29.24 -22.40
N PHE K 396 -21.58 -28.21 -22.48
CA PHE K 396 -21.79 -27.14 -23.48
C PHE K 396 -21.64 -27.74 -24.88
N PHE K 397 -20.61 -28.59 -25.08
CA PHE K 397 -20.44 -29.23 -26.37
C PHE K 397 -21.64 -30.11 -26.69
N GLU K 398 -22.12 -30.87 -25.71
CA GLU K 398 -23.29 -31.70 -25.93
C GLU K 398 -24.49 -30.87 -26.37
N ASN K 399 -24.70 -29.72 -25.71
CA ASN K 399 -25.84 -28.87 -26.01
C ASN K 399 -25.76 -28.30 -27.43
N ILE K 400 -24.61 -27.72 -27.80
CA ILE K 400 -24.55 -27.12 -29.13
C ILE K 400 -24.51 -28.20 -30.21
N ASN K 401 -23.97 -29.37 -29.89
CA ASN K 401 -24.04 -30.49 -30.83
C ASN K 401 -25.49 -30.88 -31.07
N GLU K 402 -26.31 -30.89 -30.02
CA GLU K 402 -27.74 -31.04 -30.20
C GLU K 402 -28.33 -29.88 -30.99
N PHE K 403 -27.84 -28.65 -30.77
CA PHE K 403 -28.29 -27.48 -31.51
C PHE K 403 -27.91 -27.52 -32.99
N GLY K 404 -27.04 -28.43 -33.40
CA GLY K 404 -26.74 -28.54 -34.82
C GLY K 404 -25.27 -28.53 -35.16
N PHE K 405 -24.41 -28.21 -34.18
CA PHE K 405 -22.98 -28.23 -34.42
C PHE K 405 -22.49 -29.66 -34.60
N SER K 406 -21.90 -29.93 -35.76
CA SER K 406 -21.50 -31.29 -36.12
C SER K 406 -20.43 -31.82 -35.18
N SER K 407 -20.54 -33.12 -34.85
CA SER K 407 -19.57 -33.75 -33.97
C SER K 407 -18.25 -34.04 -34.68
N LEU K 408 -18.30 -34.34 -35.98
CA LEU K 408 -17.06 -34.52 -36.74
C LEU K 408 -16.27 -33.23 -36.82
N SER K 409 -16.96 -32.10 -37.02
CA SER K 409 -16.28 -30.81 -37.02
C SER K 409 -15.64 -30.52 -35.67
N ALA K 410 -16.35 -30.80 -34.57
CA ALA K 410 -15.78 -30.63 -33.25
C ALA K 410 -14.56 -31.51 -33.04
N SER K 411 -14.64 -32.76 -33.50
CA SER K 411 -13.50 -33.67 -33.38
C SER K 411 -12.30 -33.14 -34.14
N ASN K 412 -12.50 -32.64 -35.36
CA ASN K 412 -11.38 -32.09 -36.13
C ASN K 412 -10.82 -30.85 -35.46
N ILE K 413 -11.67 -29.99 -34.90
CA ILE K 413 -11.18 -28.79 -34.23
C ILE K 413 -10.34 -29.15 -33.02
N VAL K 414 -10.80 -30.10 -32.21
CA VAL K 414 -10.05 -30.50 -31.02
C VAL K 414 -8.77 -31.20 -31.41
N LYS K 415 -8.81 -32.01 -32.48
CA LYS K 415 -7.62 -32.67 -33.00
C LYS K 415 -6.58 -31.65 -33.44
N LYS K 416 -7.02 -30.62 -34.16
CA LYS K 416 -6.11 -29.58 -34.62
C LYS K 416 -5.52 -28.83 -33.44
N TYR K 417 -6.34 -28.53 -32.43
CA TYR K 417 -5.86 -27.85 -31.25
C TYR K 417 -4.76 -28.68 -30.59
N PHE K 418 -5.01 -29.98 -30.48
CA PHE K 418 -4.12 -30.86 -29.75
C PHE K 418 -2.81 -31.04 -30.51
N SER K 419 -2.88 -31.08 -31.84
CA SER K 419 -1.67 -31.15 -32.66
C SER K 419 -0.84 -29.88 -32.55
N ASN K 420 -1.49 -28.70 -32.57
CA ASN K 420 -0.73 -27.46 -32.44
C ASN K 420 -0.07 -27.32 -31.08
N ASN K 421 -0.69 -27.85 -30.04
CA ASN K 421 -0.18 -27.70 -28.68
C ASN K 421 0.35 -29.02 -28.10
N SER K 422 0.74 -29.95 -28.97
CA SER K 422 1.13 -31.28 -28.51
C SER K 422 2.32 -31.25 -27.56
N LYS K 423 3.31 -30.40 -27.83
CA LYS K 423 4.51 -30.38 -27.00
C LYS K 423 4.22 -29.89 -25.59
N GLY K 424 3.54 -28.74 -25.48
CA GLY K 424 3.15 -28.26 -24.17
C GLY K 424 2.19 -29.18 -23.46
N LEU K 425 1.33 -29.86 -24.22
CA LEU K 425 0.39 -30.78 -23.62
C LEU K 425 1.09 -32.03 -23.09
N LYS K 426 2.14 -32.49 -23.76
CA LYS K 426 2.90 -33.62 -23.25
C LYS K 426 3.71 -33.23 -22.02
N GLU K 427 4.26 -32.02 -21.99
CA GLU K 427 4.91 -31.54 -20.78
C GLU K 427 3.89 -31.42 -19.63
N LYS K 428 2.68 -30.95 -19.93
CA LYS K 428 1.64 -30.87 -18.91
C LYS K 428 1.30 -32.26 -18.36
N ILE K 429 1.15 -33.24 -19.26
CA ILE K 429 0.81 -34.59 -18.83
C ILE K 429 1.90 -35.14 -17.91
N ASP K 430 3.16 -34.92 -18.29
CA ASP K 430 4.27 -35.35 -17.45
C ASP K 430 4.25 -34.63 -16.09
N HIS K 431 3.98 -33.32 -16.09
CA HIS K 431 3.88 -32.58 -14.84
C HIS K 431 2.84 -33.20 -13.91
N TYR K 432 1.62 -33.39 -14.43
CA TYR K 432 0.58 -33.92 -13.55
C TYR K 432 0.83 -35.37 -13.17
N ARG K 433 1.57 -36.12 -13.98
CA ARG K 433 1.88 -37.49 -13.60
C ARG K 433 2.90 -37.52 -12.46
N LYS K 434 3.94 -36.68 -12.52
CA LYS K 434 4.91 -36.64 -11.43
C LYS K 434 4.30 -36.07 -10.14
N ASN K 435 3.43 -35.07 -10.26
CA ASN K 435 2.98 -34.34 -9.08
C ASN K 435 1.59 -34.73 -8.61
N ASN K 436 1.03 -35.83 -9.14
CA ASN K 436 -0.29 -36.31 -8.75
C ASN K 436 -1.38 -35.24 -8.88
N PHE K 437 -1.37 -34.51 -9.99
CA PHE K 437 -2.46 -33.59 -10.30
C PHE K 437 -3.51 -34.41 -11.03
N ASN K 438 -4.44 -35.02 -10.28
CA ASN K 438 -5.29 -36.04 -10.87
C ASN K 438 -6.31 -35.47 -11.85
N GLN K 439 -6.98 -34.36 -11.49
CA GLN K 439 -8.07 -33.87 -12.34
C GLN K 439 -7.56 -33.34 -13.67
N GLU K 440 -6.38 -32.71 -13.69
CA GLU K 440 -5.81 -32.20 -14.93
C GLU K 440 -5.51 -33.32 -15.92
N LEU K 441 -4.81 -34.36 -15.44
CA LEU K 441 -4.57 -35.53 -16.27
C LEU K 441 -5.87 -36.15 -16.74
N TYR K 442 -6.85 -36.24 -15.83
CA TYR K 442 -8.16 -36.78 -16.18
C TYR K 442 -8.82 -35.97 -17.28
N GLN K 443 -8.74 -34.64 -17.20
CA GLN K 443 -9.34 -33.79 -18.22
C GLN K 443 -8.69 -34.01 -19.58
N ILE K 444 -7.35 -34.09 -19.61
CA ILE K 444 -6.68 -34.28 -20.90
C ILE K 444 -7.05 -35.64 -21.50
N LEU K 445 -6.99 -36.70 -20.69
CA LEU K 445 -7.31 -38.03 -21.23
C LEU K 445 -8.78 -38.14 -21.61
N LEU K 446 -9.67 -37.48 -20.86
CA LEU K 446 -11.08 -37.53 -21.21
C LEU K 446 -11.36 -36.79 -22.50
N TYR K 447 -10.68 -35.66 -22.75
CA TYR K 447 -10.83 -35.04 -24.06
C TYR K 447 -10.32 -35.95 -25.16
N MET K 448 -9.20 -36.62 -24.94
CA MET K 448 -8.69 -37.53 -25.96
C MET K 448 -9.65 -38.68 -26.22
N VAL K 449 -10.30 -39.20 -25.17
CA VAL K 449 -11.29 -40.25 -25.34
C VAL K 449 -12.52 -39.73 -26.09
N VAL K 450 -13.02 -38.57 -25.70
CA VAL K 450 -14.30 -38.08 -26.24
C VAL K 450 -14.14 -37.64 -27.69
N PHE K 451 -13.09 -36.87 -28.00
CA PHE K 451 -12.93 -36.32 -29.34
C PHE K 451 -12.01 -37.14 -30.24
N GLU K 452 -11.76 -38.40 -29.87
CA GLU K 452 -11.05 -39.35 -30.74
C GLU K 452 -9.65 -38.86 -31.09
N ILE K 453 -8.91 -38.41 -30.09
CA ILE K 453 -7.52 -37.98 -30.26
C ILE K 453 -6.64 -39.21 -30.10
N ASP K 454 -6.03 -39.65 -31.20
CA ASP K 454 -5.15 -40.81 -31.18
C ASP K 454 -3.73 -40.50 -31.62
N ASP K 455 -3.35 -39.23 -31.67
CA ASP K 455 -2.03 -38.82 -32.14
C ASP K 455 -1.14 -38.24 -31.05
N LEU K 456 -1.71 -37.88 -29.90
CA LEU K 456 -0.91 -37.21 -28.87
C LEU K 456 0.12 -38.16 -28.27
N LEU K 457 -0.31 -39.34 -27.85
CA LEU K 457 0.55 -40.29 -27.15
C LEU K 457 0.60 -41.59 -27.93
N ASN K 458 1.81 -42.10 -28.14
CA ASN K 458 1.99 -43.40 -28.78
C ASN K 458 1.84 -44.51 -27.74
N GLN K 459 2.08 -45.75 -28.18
CA GLN K 459 1.88 -46.91 -27.32
C GLN K 459 2.71 -46.80 -26.03
N GLU K 460 3.94 -46.33 -26.15
CA GLU K 460 4.86 -46.31 -25.00
C GLU K 460 4.33 -45.39 -23.90
N GLU K 461 3.95 -44.15 -24.24
CA GLU K 461 3.44 -43.24 -23.23
C GLU K 461 2.11 -43.74 -22.65
N LEU K 462 1.27 -44.34 -23.49
CA LEU K 462 0.02 -44.90 -22.98
C LEU K 462 0.27 -45.98 -21.94
N LEU K 463 1.27 -46.84 -22.19
CA LEU K 463 1.62 -47.84 -21.18
C LEU K 463 2.28 -47.23 -19.96
N ASN K 464 2.97 -46.10 -20.13
CA ASN K 464 3.47 -45.38 -18.97
C ASN K 464 2.36 -44.75 -18.14
N LEU K 465 1.17 -44.60 -18.72
CA LEU K 465 0.03 -44.15 -17.93
C LEU K 465 -0.39 -45.19 -16.89
N ILE K 466 -0.25 -46.47 -17.21
CA ILE K 466 -0.71 -47.52 -16.32
C ILE K 466 0.38 -47.82 -15.30
N ASP K 467 0.38 -47.08 -14.20
CA ASP K 467 1.38 -47.24 -13.16
C ASP K 467 0.82 -46.70 -11.85
N LEU K 468 1.62 -46.78 -10.81
CA LEU K 468 1.21 -46.34 -9.48
C LEU K 468 1.14 -44.82 -9.42
N ASN K 469 0.38 -44.32 -8.45
CA ASN K 469 0.08 -42.91 -8.22
C ASN K 469 -0.82 -42.31 -9.31
N ILE K 470 -1.43 -43.14 -10.14
CA ILE K 470 -2.47 -42.70 -11.06
C ILE K 470 -3.82 -43.08 -10.49
N ASP K 471 -4.75 -42.12 -10.48
CA ASP K 471 -6.08 -42.38 -9.95
C ASP K 471 -6.82 -43.39 -10.83
N ASP K 472 -7.88 -43.98 -10.27
CA ASP K 472 -8.64 -44.98 -11.00
C ASP K 472 -9.21 -44.42 -12.29
N TYR K 473 -9.78 -43.21 -12.24
CA TYR K 473 -10.44 -42.65 -13.42
C TYR K 473 -9.45 -42.43 -14.56
N SER K 474 -8.25 -41.94 -14.26
CA SER K 474 -7.24 -41.78 -15.30
C SER K 474 -6.76 -43.14 -15.81
N LEU K 475 -6.64 -44.14 -14.92
CA LEU K 475 -6.26 -45.48 -15.36
C LEU K 475 -7.28 -46.06 -16.32
N ILE K 476 -8.57 -45.90 -16.00
CA ILE K 476 -9.64 -46.29 -16.90
C ILE K 476 -9.56 -45.56 -18.22
N LEU K 477 -9.32 -44.25 -18.19
CA LEU K 477 -9.33 -43.49 -19.43
C LEU K 477 -8.14 -43.85 -20.31
N GLY K 478 -6.96 -44.07 -19.71
CA GLY K 478 -5.81 -44.51 -20.48
C GLY K 478 -6.01 -45.90 -21.05
N THR K 479 -6.60 -46.81 -20.28
CA THR K 479 -6.91 -48.14 -20.80
C THR K 479 -7.90 -48.06 -21.95
N ILE K 480 -8.88 -47.17 -21.85
CA ILE K 480 -9.85 -46.97 -22.93
C ILE K 480 -9.15 -46.45 -24.18
N LEU K 481 -8.26 -45.47 -24.01
CA LEU K 481 -7.48 -44.97 -25.13
C LEU K 481 -6.69 -46.09 -25.80
N TYR K 482 -6.15 -47.00 -25.00
CA TYR K 482 -5.36 -48.08 -25.56
C TYR K 482 -6.24 -49.08 -26.29
N LEU K 483 -7.41 -49.44 -25.74
CA LEU K 483 -8.31 -50.35 -26.43
C LEU K 483 -8.93 -49.74 -27.67
N LYS K 484 -9.07 -48.41 -27.71
CA LYS K 484 -9.67 -47.77 -28.88
C LYS K 484 -8.79 -47.88 -30.11
N ASN K 485 -7.48 -48.08 -29.93
CA ASN K 485 -6.55 -48.20 -31.04
C ASN K 485 -6.40 -49.68 -31.38
N SER K 486 -6.93 -50.07 -32.54
CA SER K 486 -6.91 -51.48 -32.93
C SER K 486 -5.55 -51.96 -33.40
N SER K 487 -4.65 -51.04 -33.77
CA SER K 487 -3.33 -51.45 -34.23
C SER K 487 -2.53 -52.12 -33.13
N TYR K 488 -2.54 -51.56 -31.92
CA TYR K 488 -1.81 -52.15 -30.81
C TYR K 488 -2.45 -53.44 -30.32
N LYS K 489 -1.61 -54.38 -29.91
CA LYS K 489 -2.01 -55.67 -29.39
C LYS K 489 -1.99 -55.67 -27.86
N LEU K 490 -2.77 -56.58 -27.29
CA LEU K 490 -3.22 -56.49 -25.92
C LEU K 490 -2.26 -57.06 -24.89
N GLU K 491 -1.20 -57.76 -25.33
CA GLU K 491 -0.29 -58.39 -24.37
C GLU K 491 0.42 -57.36 -23.50
N LYS K 492 0.84 -56.24 -24.11
CA LYS K 492 1.56 -55.22 -23.35
C LYS K 492 0.68 -54.58 -22.28
N LEU K 493 -0.57 -54.28 -22.63
CA LEU K 493 -1.52 -53.79 -21.62
C LEU K 493 -1.75 -54.83 -20.54
N LEU K 494 -1.91 -56.10 -20.91
CA LEU K 494 -2.13 -57.12 -19.89
C LEU K 494 -0.95 -57.18 -18.93
N LYS K 495 0.26 -57.05 -19.46
CA LYS K 495 1.46 -57.03 -18.61
C LYS K 495 1.46 -55.82 -17.68
N LYS K 496 1.15 -54.64 -18.21
CA LYS K 496 1.11 -53.43 -17.39
C LYS K 496 0.07 -53.54 -16.28
N ILE K 497 -1.13 -54.02 -16.62
CA ILE K 497 -2.22 -54.11 -15.66
C ILE K 497 -1.90 -55.15 -14.59
N ASP K 498 -1.35 -56.29 -15.00
CA ASP K 498 -0.93 -57.31 -14.05
C ASP K 498 0.11 -56.77 -13.08
N GLN K 499 1.11 -56.06 -13.60
CA GLN K 499 2.13 -55.49 -12.73
C GLN K 499 1.51 -54.52 -11.73
N LEU K 500 0.59 -53.67 -12.20
CA LEU K 500 -0.07 -52.73 -11.31
C LEU K 500 -0.85 -53.45 -10.22
N PHE K 501 -1.58 -54.49 -10.59
CA PHE K 501 -2.40 -55.22 -9.61
C PHE K 501 -1.54 -55.90 -8.56
N ILE K 502 -0.46 -56.57 -8.98
CA ILE K 502 0.43 -57.23 -8.03
C ILE K 502 1.10 -56.21 -7.11
N ASN K 503 1.57 -55.11 -7.68
CA ASN K 503 2.23 -54.09 -6.86
C ASN K 503 1.27 -53.47 -5.86
N THR K 504 0.00 -53.30 -6.25
CA THR K 504 -0.98 -52.73 -5.33
C THR K 504 -1.27 -53.70 -4.20
N HIS K 505 -1.50 -54.97 -4.52
CA HIS K 505 -1.69 -55.96 -3.47
C HIS K 505 -0.46 -56.16 -2.59
N ALA K 506 0.73 -55.84 -3.08
CA ALA K 506 1.91 -56.00 -2.24
C ALA K 506 1.94 -55.04 -1.05
N ASN K 507 1.15 -53.97 -1.07
CA ASN K 507 1.12 -52.97 -0.01
C ASN K 507 0.18 -53.34 1.13
N TYR K 508 -0.34 -54.56 1.12
CA TYR K 508 -1.46 -55.03 1.94
C TYR K 508 -1.13 -56.36 2.57
N ASP K 509 -1.86 -56.68 3.64
CA ASP K 509 -1.77 -58.01 4.22
C ASP K 509 -2.26 -59.03 3.19
N VAL K 510 -1.61 -60.19 3.17
CA VAL K 510 -1.91 -61.19 2.15
C VAL K 510 -3.31 -61.76 2.28
N LYS K 511 -3.99 -61.53 3.40
CA LYS K 511 -5.37 -61.93 3.57
C LYS K 511 -6.35 -60.80 3.27
N THR K 512 -5.87 -59.68 2.75
CA THR K 512 -6.75 -58.58 2.39
C THR K 512 -7.37 -58.85 1.02
N SER K 513 -8.70 -58.74 0.94
CA SER K 513 -9.40 -58.96 -0.30
C SER K 513 -9.10 -57.86 -1.32
N ARG K 514 -9.13 -58.22 -2.60
CA ARG K 514 -8.71 -57.29 -3.64
C ARG K 514 -9.63 -56.08 -3.73
N MET K 515 -10.92 -56.27 -3.54
CA MET K 515 -11.88 -55.22 -3.79
C MET K 515 -12.09 -54.34 -2.57
N ALA K 516 -11.40 -54.61 -1.48
CA ALA K 516 -11.28 -53.69 -0.36
C ALA K 516 -10.02 -52.84 -0.46
N GLU K 517 -9.28 -52.95 -1.54
CA GLU K 517 -7.97 -52.32 -1.66
C GLU K 517 -8.05 -51.10 -2.56
N LYS K 518 -6.92 -50.44 -2.74
CA LYS K 518 -6.80 -49.38 -3.74
C LYS K 518 -7.02 -49.96 -5.13
N LEU K 519 -7.53 -49.12 -6.02
CA LEU K 519 -7.83 -49.46 -7.41
C LEU K 519 -9.01 -50.42 -7.54
N TRP K 520 -9.99 -50.31 -6.64
CA TRP K 520 -11.18 -51.15 -6.74
C TRP K 520 -11.96 -50.84 -8.02
N LEU K 521 -12.01 -49.56 -8.42
CA LEU K 521 -12.81 -49.18 -9.58
C LEU K 521 -12.14 -49.63 -10.88
N PHE K 522 -10.82 -49.48 -10.99
CA PHE K 522 -10.11 -49.99 -12.15
C PHE K 522 -10.26 -51.51 -12.23
N ARG K 523 -10.16 -52.18 -11.08
CA ARG K 523 -10.28 -53.63 -11.06
C ARG K 523 -11.66 -54.06 -11.53
N TYR K 524 -12.70 -53.35 -11.08
CA TYR K 524 -14.04 -53.64 -11.56
C TYR K 524 -14.17 -53.38 -13.05
N PHE K 525 -13.54 -52.30 -13.54
CA PHE K 525 -13.58 -52.05 -14.98
C PHE K 525 -13.01 -53.25 -15.72
N PHE K 526 -11.82 -53.70 -15.29
CA PHE K 526 -11.12 -54.80 -15.95
C PHE K 526 -11.94 -56.08 -15.92
N TYR K 527 -12.42 -56.45 -14.75
CA TYR K 527 -13.17 -57.70 -14.58
C TYR K 527 -14.49 -57.65 -15.34
N PHE K 528 -15.11 -56.46 -15.42
CA PHE K 528 -16.34 -56.35 -16.19
C PHE K 528 -16.06 -56.45 -17.69
N LEU K 529 -14.96 -55.85 -18.16
CA LEU K 529 -14.62 -55.99 -19.58
C LEU K 529 -14.33 -57.44 -19.91
N ASN K 530 -13.55 -58.11 -19.06
CA ASN K 530 -13.18 -59.50 -19.28
C ASN K 530 -14.41 -60.40 -19.25
N CYS K 531 -15.39 -60.07 -18.40
CA CYS K 531 -16.63 -60.85 -18.33
C CYS K 531 -17.44 -60.74 -19.62
N LYS K 532 -17.20 -59.72 -20.44
CA LYS K 532 -17.91 -59.57 -21.70
C LYS K 532 -17.00 -59.59 -22.91
N ASN K 533 -15.77 -60.09 -22.74
CA ASN K 533 -14.87 -60.47 -23.83
C ASN K 533 -14.42 -59.31 -24.71
N ILE K 534 -14.45 -58.06 -24.22
CA ILE K 534 -13.62 -57.04 -24.84
C ILE K 534 -12.15 -57.37 -24.60
N PHE K 535 -11.84 -57.77 -23.37
CA PHE K 535 -10.54 -58.32 -23.00
C PHE K 535 -10.63 -59.81 -23.29
N SER K 536 -10.25 -60.20 -24.51
CA SER K 536 -10.52 -61.54 -24.99
C SER K 536 -9.92 -62.59 -24.08
N GLN K 537 -10.73 -63.60 -23.73
CA GLN K 537 -10.29 -64.62 -22.79
C GLN K 537 -9.12 -65.42 -23.37
N LYS K 538 -9.12 -65.63 -24.69
CA LYS K 538 -8.03 -66.34 -25.34
C LYS K 538 -6.69 -65.63 -25.15
N GLU K 539 -6.69 -64.30 -25.29
CA GLU K 539 -5.43 -63.58 -25.19
C GLU K 539 -4.98 -63.43 -23.72
N ILE K 540 -5.92 -63.42 -22.78
CA ILE K 540 -5.55 -63.49 -21.38
C ILE K 540 -4.92 -64.86 -21.06
N ASN K 541 -5.48 -65.93 -21.61
CA ASN K 541 -4.87 -67.25 -21.47
C ASN K 541 -3.47 -67.26 -22.06
N SER K 542 -3.29 -66.64 -23.23
CA SER K 542 -1.97 -66.58 -23.84
C SER K 542 -0.98 -65.82 -22.95
N TYR K 543 -1.39 -64.66 -22.43
CA TYR K 543 -0.53 -63.88 -21.56
C TYR K 543 -0.13 -64.68 -20.32
N CYS K 544 -1.11 -65.32 -19.68
CA CYS K 544 -0.83 -66.00 -18.43
C CYS K 544 -0.01 -67.27 -18.66
N GLN K 545 -0.18 -67.94 -19.80
CA GLN K 545 0.74 -68.99 -20.19
C GLN K 545 2.15 -68.43 -20.34
N SER K 546 2.27 -67.24 -20.93
CA SER K 546 3.58 -66.61 -21.05
C SER K 546 4.20 -66.30 -19.70
N GLN K 547 3.37 -66.03 -18.69
CA GLN K 547 3.86 -65.72 -17.35
C GLN K 547 4.03 -66.97 -16.49
N ASN K 548 3.59 -68.13 -16.96
CA ASN K 548 3.74 -69.41 -16.26
C ASN K 548 2.92 -69.46 -14.97
N TYR K 549 1.70 -68.91 -15.02
CA TYR K 549 0.81 -69.04 -13.86
C TYR K 549 0.22 -70.44 -13.81
N ASN K 550 0.08 -70.97 -12.59
CA ASN K 550 -0.47 -72.30 -12.42
C ASN K 550 -1.99 -72.26 -12.52
N SER K 551 -2.56 -73.16 -13.31
CA SER K 551 -3.99 -73.25 -13.44
C SER K 551 -4.60 -73.82 -12.16
N GLY K 552 -5.91 -73.97 -12.15
CA GLY K 552 -6.57 -74.49 -10.97
C GLY K 552 -8.06 -74.68 -11.21
N GLN K 553 -8.77 -74.82 -10.08
CA GLN K 553 -10.20 -75.12 -10.12
C GLN K 553 -10.99 -73.99 -10.76
N ASN K 554 -10.64 -72.73 -10.46
CA ASN K 554 -11.33 -71.59 -11.05
C ASN K 554 -10.68 -71.10 -12.32
N GLY K 555 -9.38 -71.33 -12.50
CA GLY K 555 -8.70 -70.80 -13.66
C GLY K 555 -7.22 -70.60 -13.37
N TYR K 556 -6.69 -69.50 -13.90
CA TYR K 556 -5.26 -69.35 -14.08
C TYR K 556 -4.57 -68.62 -12.93
N GLN K 557 -5.23 -68.45 -11.79
CA GLN K 557 -4.58 -68.06 -10.53
C GLN K 557 -3.75 -66.78 -10.68
N THR K 558 -4.38 -65.75 -11.21
CA THR K 558 -3.71 -64.48 -11.47
C THR K 558 -4.58 -63.33 -10.98
N GLU K 559 -3.97 -62.16 -10.85
CA GLU K 559 -4.73 -60.97 -10.50
C GLU K 559 -5.71 -60.57 -11.58
N LEU K 560 -5.58 -61.13 -12.77
CA LEU K 560 -6.44 -60.81 -13.89
C LEU K 560 -7.67 -61.71 -13.99
N ASN K 561 -7.78 -62.70 -13.12
CA ASN K 561 -8.86 -63.69 -13.17
C ASN K 561 -9.78 -63.46 -11.98
N TRP K 562 -10.94 -62.84 -12.24
CA TRP K 562 -11.91 -62.60 -11.18
C TRP K 562 -12.45 -63.89 -10.59
N ASN K 563 -12.49 -64.97 -11.36
CA ASN K 563 -12.96 -66.24 -10.81
C ASN K 563 -12.08 -66.70 -9.66
N TYR K 564 -10.76 -66.54 -9.79
CA TYR K 564 -9.86 -66.90 -8.71
C TYR K 564 -9.77 -65.79 -7.66
N ILE K 565 -9.83 -64.53 -8.09
CA ILE K 565 -9.66 -63.40 -7.18
C ILE K 565 -10.83 -63.26 -6.22
N LYS K 566 -12.05 -63.56 -6.67
CA LYS K 566 -13.21 -63.30 -5.84
C LYS K 566 -13.22 -64.14 -4.57
N GLY K 567 -12.45 -65.23 -4.53
CA GLY K 567 -12.40 -66.10 -3.38
C GLY K 567 -11.24 -65.90 -2.44
N GLN K 568 -10.35 -64.95 -2.70
CA GLN K 568 -9.19 -64.72 -1.87
C GLN K 568 -9.43 -63.61 -0.86
N GLY K 569 -8.90 -63.81 0.34
CA GLY K 569 -9.06 -62.87 1.44
C GLY K 569 -9.91 -63.48 2.54
N LYS K 570 -9.68 -63.04 3.76
CA LYS K 570 -10.45 -63.56 4.90
C LYS K 570 -11.89 -63.05 4.87
N ASP K 571 -12.06 -61.75 4.66
CA ASP K 571 -13.38 -61.14 4.61
C ASP K 571 -13.74 -60.90 3.15
N LEU K 572 -14.80 -61.55 2.67
CA LEU K 572 -15.17 -61.53 1.27
C LEU K 572 -16.43 -60.73 1.02
N ARG K 573 -16.85 -59.90 1.98
CA ARG K 573 -18.11 -59.17 1.86
C ARG K 573 -18.08 -58.21 0.67
N ALA K 574 -17.00 -57.42 0.54
CA ALA K 574 -16.87 -56.55 -0.62
C ALA K 574 -16.77 -57.36 -1.91
N ASN K 575 -16.02 -58.46 -1.87
CA ASN K 575 -15.93 -59.34 -3.04
C ASN K 575 -17.28 -59.92 -3.41
N ASN K 576 -18.07 -60.36 -2.42
CA ASN K 576 -19.39 -60.89 -2.73
C ASN K 576 -20.30 -59.81 -3.32
N PHE K 577 -20.22 -58.59 -2.77
CA PHE K 577 -21.04 -57.49 -3.30
C PHE K 577 -20.66 -57.18 -4.74
N PHE K 578 -19.36 -57.08 -5.03
CA PHE K 578 -18.95 -56.76 -6.39
C PHE K 578 -19.14 -57.93 -7.34
N ASN K 579 -19.07 -59.17 -6.85
CA ASN K 579 -19.39 -60.32 -7.69
C ASN K 579 -20.86 -60.34 -8.04
N GLU K 580 -21.72 -59.96 -7.09
CA GLU K 580 -23.13 -59.82 -7.38
C GLU K 580 -23.37 -58.76 -8.45
N LEU K 581 -22.62 -57.66 -8.39
CA LEU K 581 -22.73 -56.65 -9.45
C LEU K 581 -22.23 -57.18 -10.79
N ILE K 582 -21.12 -57.91 -10.79
CA ILE K 582 -20.53 -58.38 -12.04
C ILE K 582 -21.44 -59.40 -12.71
N VAL K 583 -22.01 -60.33 -11.94
CA VAL K 583 -22.86 -61.36 -12.52
C VAL K 583 -24.09 -60.75 -13.18
N LYS K 584 -24.67 -59.75 -12.55
CA LYS K 584 -25.86 -59.10 -13.09
C LYS K 584 -25.56 -58.08 -14.18
N GLU K 585 -24.31 -58.02 -14.66
CA GLU K 585 -23.92 -57.13 -15.76
C GLU K 585 -24.15 -55.67 -15.41
N VAL K 586 -24.04 -55.33 -14.13
CA VAL K 586 -24.10 -53.95 -13.69
C VAL K 586 -22.76 -53.30 -13.98
N TRP K 587 -22.75 -52.33 -14.88
CA TRP K 587 -21.54 -51.59 -15.19
C TRP K 587 -21.47 -50.31 -14.37
N LEU K 588 -20.26 -49.93 -13.98
CA LEU K 588 -20.01 -48.64 -13.37
C LEU K 588 -19.34 -47.66 -14.32
N ILE K 589 -18.83 -48.14 -15.44
CA ILE K 589 -18.22 -47.32 -16.47
C ILE K 589 -18.99 -47.56 -17.76
N SER K 590 -19.53 -46.48 -18.33
CA SER K 590 -20.24 -46.56 -19.59
C SER K 590 -19.26 -46.74 -20.73
N CYS K 591 -19.52 -47.73 -21.58
CA CYS K 591 -18.67 -48.03 -22.72
C CYS K 591 -19.22 -47.47 -24.02
N GLY K 592 -20.22 -46.58 -23.94
CA GLY K 592 -20.82 -46.00 -25.12
C GLY K 592 -22.05 -46.74 -25.59
N GLU K 593 -22.73 -46.14 -26.57
CA GLU K 593 -23.96 -46.72 -27.08
C GLU K 593 -23.72 -48.08 -27.73
N ASN K 594 -22.62 -48.22 -28.46
CA ASN K 594 -22.33 -49.43 -29.21
C ASN K 594 -21.16 -50.21 -28.63
N GLU K 595 -20.89 -50.07 -27.34
CA GLU K 595 -19.95 -50.90 -26.59
C GLU K 595 -18.51 -50.75 -27.06
N ASP K 596 -18.22 -49.80 -27.95
CA ASP K 596 -16.89 -49.64 -28.52
C ASP K 596 -16.29 -48.30 -28.14
N PHE K 597 -16.76 -47.68 -27.06
CA PHE K 597 -16.11 -46.59 -26.36
C PHE K 597 -16.16 -45.28 -27.15
N LYS K 598 -17.21 -45.05 -27.93
CA LYS K 598 -17.42 -43.77 -28.57
C LYS K 598 -18.53 -42.99 -27.89
N TYR K 599 -18.24 -41.74 -27.57
CA TYR K 599 -19.09 -40.82 -26.82
C TYR K 599 -19.50 -39.63 -27.65
N LEU K 600 -19.24 -39.64 -28.96
CA LEU K 600 -19.55 -38.54 -29.84
C LEU K 600 -20.91 -38.80 -30.48
N ASN K 601 -21.89 -37.96 -30.17
CA ASN K 601 -23.24 -38.16 -30.68
C ASN K 601 -23.71 -36.97 -31.51
#